data_2MRK
#
_entry.id   2MRK
#
loop_
_entity.id
_entity.type
_entity.pdbx_description
1 polymer 'Tyrosine-protein kinase Fyn'
2 polymer 'C-terminal Tyrosine-protein kinase Fyn'
#
loop_
_entity_poly.entity_id
_entity_poly.type
_entity_poly.pdbx_seq_one_letter_code
_entity_poly.pdbx_strand_id
1 'polypeptide(L)'
;WYFGKLGRKDAERQLLSFGNPRGTFLIRESETTKGAYSLSIRDWDDMKGDHVKHYKIRKLDNGGYYITTRAQFETLQQLV
QHYSERAAGLCCRLVVPCHK
;
A
2 'polypeptide(L)' EPQ(PTR)QPGENL B
#
# COMPACT_ATOMS: atom_id res chain seq x y z
N TRP A 1 0.08 -4.14 -10.21
CA TRP A 1 0.15 -3.70 -8.80
C TRP A 1 -0.44 -4.74 -7.85
N TYR A 2 -1.77 -4.85 -7.82
CA TYR A 2 -2.43 -5.82 -6.96
C TYR A 2 -2.34 -7.22 -7.55
N PHE A 3 -2.27 -8.22 -6.70
CA PHE A 3 -2.18 -9.60 -7.14
C PHE A 3 -3.55 -10.27 -7.11
N GLY A 4 -4.45 -9.69 -6.35
CA GLY A 4 -5.78 -10.21 -6.22
C GLY A 4 -6.43 -9.73 -4.95
N LYS A 5 -7.04 -10.63 -4.22
CA LYS A 5 -7.70 -10.28 -2.97
C LYS A 5 -6.94 -10.85 -1.78
N LEU A 6 -5.69 -10.45 -1.68
CA LEU A 6 -4.80 -10.89 -0.62
C LEU A 6 -4.06 -9.69 -0.06
N GLY A 7 -3.75 -9.70 1.23
CA GLY A 7 -3.06 -8.56 1.79
C GLY A 7 -2.64 -8.72 3.24
N ARG A 8 -3.19 -9.71 3.95
CA ARG A 8 -2.84 -9.89 5.35
C ARG A 8 -1.74 -10.93 5.52
N LYS A 9 -2.08 -12.18 5.33
CA LYS A 9 -1.12 -13.28 5.51
C LYS A 9 -0.42 -13.57 4.20
N ASP A 10 -1.21 -13.81 3.19
CA ASP A 10 -0.75 -14.12 1.85
C ASP A 10 0.24 -13.10 1.36
N ALA A 11 -0.13 -11.85 1.48
CA ALA A 11 0.71 -10.75 1.04
C ALA A 11 2.00 -10.64 1.85
N GLU A 12 1.85 -10.65 3.17
CA GLU A 12 3.01 -10.54 4.07
C GLU A 12 3.96 -11.70 3.87
N ARG A 13 3.45 -12.84 3.43
CA ARG A 13 4.29 -14.00 3.21
C ARG A 13 4.98 -13.95 1.85
N GLN A 14 4.26 -13.49 0.82
CA GLN A 14 4.83 -13.43 -0.52
C GLN A 14 5.75 -12.23 -0.67
N LEU A 15 5.52 -11.22 0.16
CA LEU A 15 6.33 -10.00 0.14
C LEU A 15 7.75 -10.29 0.63
N LEU A 16 7.89 -11.34 1.42
CA LEU A 16 9.18 -11.71 1.96
C LEU A 16 9.58 -13.11 1.47
N SER A 17 8.83 -13.63 0.49
CA SER A 17 9.09 -14.96 -0.04
C SER A 17 10.34 -14.99 -0.93
N PHE A 18 10.27 -14.30 -2.06
CA PHE A 18 11.38 -14.29 -3.02
C PHE A 18 12.46 -13.29 -2.62
N GLY A 19 12.08 -12.28 -1.87
CA GLY A 19 13.05 -11.29 -1.44
C GLY A 19 12.95 -10.04 -2.27
N ASN A 20 11.72 -9.75 -2.68
CA ASN A 20 11.41 -8.59 -3.49
C ASN A 20 11.70 -7.32 -2.71
N PRO A 21 12.54 -6.43 -3.27
CA PRO A 21 12.93 -5.17 -2.62
C PRO A 21 11.78 -4.18 -2.46
N ARG A 22 12.12 -2.99 -1.98
CA ARG A 22 11.13 -1.94 -1.77
C ARG A 22 10.49 -1.57 -3.10
N GLY A 23 9.24 -1.18 -3.05
CA GLY A 23 8.53 -0.81 -4.26
C GLY A 23 7.47 -1.83 -4.58
N THR A 24 7.58 -3.01 -3.97
CA THR A 24 6.62 -4.08 -4.19
C THR A 24 5.43 -3.85 -3.28
N PHE A 25 4.53 -3.03 -3.76
CA PHE A 25 3.36 -2.65 -3.00
C PHE A 25 2.11 -3.15 -3.71
N LEU A 26 1.21 -3.75 -2.95
CA LEU A 26 -0.02 -4.29 -3.53
C LEU A 26 -1.26 -3.78 -2.80
N ILE A 27 -2.38 -3.81 -3.50
CA ILE A 27 -3.65 -3.39 -2.95
C ILE A 27 -4.50 -4.62 -2.68
N ARG A 28 -5.28 -4.57 -1.62
CA ARG A 28 -6.14 -5.68 -1.23
C ARG A 28 -7.45 -5.14 -0.67
N GLU A 29 -8.20 -6.02 -0.03
CA GLU A 29 -9.46 -5.65 0.57
C GLU A 29 -9.32 -5.68 2.08
N SER A 30 -9.89 -4.70 2.76
CA SER A 30 -9.82 -4.65 4.21
C SER A 30 -10.76 -5.70 4.78
N GLU A 31 -10.34 -6.33 5.87
CA GLU A 31 -11.14 -7.36 6.51
C GLU A 31 -12.01 -6.75 7.59
N THR A 32 -11.67 -5.54 8.01
CA THR A 32 -12.42 -4.84 9.03
C THR A 32 -13.23 -3.68 8.46
N THR A 33 -12.84 -3.17 7.30
CA THR A 33 -13.54 -2.06 6.68
C THR A 33 -13.80 -2.33 5.20
N LYS A 34 -15.00 -2.82 4.88
CA LYS A 34 -15.34 -3.08 3.49
C LYS A 34 -15.53 -1.77 2.74
N GLY A 35 -15.21 -1.77 1.45
CA GLY A 35 -15.32 -0.57 0.66
C GLY A 35 -14.02 0.21 0.65
N ALA A 36 -13.20 -0.05 1.67
CA ALA A 36 -11.91 0.57 1.83
C ALA A 36 -10.85 -0.51 1.79
N TYR A 37 -9.59 -0.12 1.90
CA TYR A 37 -8.51 -1.10 1.87
C TYR A 37 -7.34 -0.66 2.71
N SER A 38 -6.26 -1.42 2.63
CA SER A 38 -5.07 -1.14 3.37
C SER A 38 -3.86 -1.47 2.52
N LEU A 39 -2.98 -0.50 2.33
CA LEU A 39 -1.79 -0.68 1.50
C LEU A 39 -0.82 -1.63 2.18
N SER A 40 -0.38 -2.63 1.44
CA SER A 40 0.57 -3.58 1.96
C SER A 40 1.93 -3.34 1.30
N ILE A 41 2.77 -2.58 1.98
CA ILE A 41 4.07 -2.23 1.46
C ILE A 41 5.18 -2.90 2.24
N ARG A 42 6.24 -3.30 1.54
CA ARG A 42 7.37 -3.91 2.20
C ARG A 42 8.24 -2.79 2.75
N ASP A 43 7.86 -2.33 3.93
CA ASP A 43 8.54 -1.24 4.61
C ASP A 43 9.07 -1.73 5.93
N TRP A 44 10.29 -1.35 6.25
CA TRP A 44 10.91 -1.79 7.48
C TRP A 44 11.49 -0.64 8.29
N ASP A 45 12.27 -0.99 9.29
CA ASP A 45 12.91 -0.04 10.18
C ASP A 45 14.37 0.17 9.80
N ASP A 46 14.81 -0.56 8.78
CA ASP A 46 16.17 -0.48 8.26
C ASP A 46 17.16 -1.24 9.15
N MET A 47 16.65 -1.98 10.15
CA MET A 47 17.52 -2.74 11.04
C MET A 47 17.31 -4.21 10.74
N LYS A 48 16.08 -4.52 10.39
CA LYS A 48 15.70 -5.87 10.05
C LYS A 48 15.88 -6.06 8.55
N GLY A 49 15.58 -5.00 7.81
CA GLY A 49 15.70 -5.05 6.36
C GLY A 49 14.74 -6.05 5.73
N ASP A 50 13.62 -6.26 6.42
CA ASP A 50 12.59 -7.20 5.98
C ASP A 50 11.36 -7.04 6.85
N HIS A 51 10.32 -6.41 6.31
CA HIS A 51 9.09 -6.23 7.06
C HIS A 51 8.00 -5.70 6.15
N VAL A 52 6.76 -5.80 6.61
CA VAL A 52 5.61 -5.32 5.85
C VAL A 52 4.78 -4.40 6.72
N LYS A 53 4.36 -3.28 6.16
CA LYS A 53 3.55 -2.32 6.89
C LYS A 53 2.19 -2.18 6.23
N HIS A 54 1.15 -2.01 7.04
CA HIS A 54 -0.20 -1.89 6.52
C HIS A 54 -0.76 -0.49 6.74
N TYR A 55 -0.92 0.24 5.65
CA TYR A 55 -1.45 1.60 5.70
C TYR A 55 -2.96 1.57 5.52
N LYS A 56 -3.70 1.83 6.58
CA LYS A 56 -5.16 1.83 6.52
C LYS A 56 -5.64 3.05 5.75
N ILE A 57 -6.39 2.80 4.70
CA ILE A 57 -6.91 3.86 3.85
C ILE A 57 -8.42 4.07 4.07
N ARG A 58 -8.91 5.20 3.58
CA ARG A 58 -10.31 5.54 3.68
C ARG A 58 -10.85 5.93 2.30
N LYS A 59 -12.09 5.55 2.02
CA LYS A 59 -12.70 5.85 0.75
C LYS A 59 -13.24 7.28 0.74
N LEU A 60 -13.10 7.96 -0.38
CA LEU A 60 -13.57 9.32 -0.52
C LEU A 60 -15.09 9.36 -0.58
N ASP A 61 -15.66 10.44 -0.08
CA ASP A 61 -17.10 10.61 -0.06
C ASP A 61 -17.64 10.80 -1.48
N ASN A 62 -16.80 11.33 -2.35
CA ASN A 62 -17.20 11.58 -3.73
C ASN A 62 -16.95 10.34 -4.61
N GLY A 63 -16.61 9.24 -3.97
CA GLY A 63 -16.36 8.01 -4.71
C GLY A 63 -14.95 7.94 -5.25
N GLY A 64 -13.98 7.90 -4.35
CA GLY A 64 -12.60 7.83 -4.76
C GLY A 64 -11.73 7.24 -3.67
N TYR A 65 -10.42 7.29 -3.87
CA TYR A 65 -9.47 6.73 -2.92
C TYR A 65 -8.33 7.72 -2.69
N TYR A 66 -7.84 7.80 -1.47
CA TYR A 66 -6.76 8.71 -1.15
C TYR A 66 -6.00 8.25 0.09
N ILE A 67 -4.68 8.20 -0.01
CA ILE A 67 -3.86 7.81 1.13
C ILE A 67 -3.58 9.04 1.97
N THR A 68 -3.51 10.18 1.29
CA THR A 68 -3.26 11.45 1.93
C THR A 68 -4.17 12.51 1.31
N THR A 69 -4.36 13.61 2.01
CA THR A 69 -5.20 14.69 1.51
C THR A 69 -4.43 15.52 0.49
N ARG A 70 -3.19 15.17 0.28
CA ARG A 70 -2.33 15.86 -0.67
C ARG A 70 -2.36 15.18 -2.03
N ALA A 71 -3.04 14.03 -2.09
CA ALA A 71 -3.15 13.27 -3.33
C ALA A 71 -4.34 12.34 -3.28
N GLN A 72 -5.44 12.77 -3.88
CA GLN A 72 -6.66 11.98 -3.91
C GLN A 72 -7.06 11.67 -5.35
N PHE A 73 -7.57 10.46 -5.56
CA PHE A 73 -7.98 10.01 -6.88
C PHE A 73 -9.34 9.33 -6.81
N GLU A 74 -9.80 8.87 -7.96
CA GLU A 74 -11.09 8.22 -8.06
C GLU A 74 -10.96 6.71 -8.24
N THR A 75 -9.85 6.27 -8.81
CA THR A 75 -9.63 4.85 -9.04
C THR A 75 -8.29 4.41 -8.46
N LEU A 76 -8.14 3.11 -8.28
CA LEU A 76 -6.92 2.55 -7.74
C LEU A 76 -5.78 2.65 -8.75
N GLN A 77 -6.09 2.36 -10.02
CA GLN A 77 -5.08 2.40 -11.07
C GLN A 77 -4.50 3.81 -11.21
N GLN A 78 -5.34 4.82 -11.10
CA GLN A 78 -4.89 6.20 -11.22
C GLN A 78 -4.00 6.56 -10.03
N LEU A 79 -4.38 6.05 -8.86
CA LEU A 79 -3.63 6.29 -7.63
C LEU A 79 -2.24 5.67 -7.75
N VAL A 80 -2.20 4.41 -8.18
CA VAL A 80 -0.94 3.69 -8.33
C VAL A 80 -0.01 4.40 -9.31
N GLN A 81 -0.58 4.86 -10.41
CA GLN A 81 0.19 5.55 -11.45
C GLN A 81 0.88 6.80 -10.92
N HIS A 82 0.21 7.51 -10.04
CA HIS A 82 0.78 8.74 -9.47
C HIS A 82 1.89 8.42 -8.46
N TYR A 83 1.71 7.37 -7.69
CA TYR A 83 2.68 6.99 -6.69
C TYR A 83 3.81 6.18 -7.32
N SER A 84 3.66 5.89 -8.60
CA SER A 84 4.66 5.13 -9.34
C SER A 84 5.74 6.08 -9.85
N GLU A 85 5.48 7.38 -9.70
CA GLU A 85 6.43 8.40 -10.12
C GLU A 85 7.26 8.85 -8.93
N ARG A 86 6.60 8.98 -7.79
CA ARG A 86 7.24 9.42 -6.56
C ARG A 86 6.34 9.15 -5.37
N ALA A 87 6.80 9.54 -4.19
CA ALA A 87 6.05 9.35 -2.97
C ALA A 87 5.23 10.58 -2.66
N ALA A 88 3.92 10.44 -2.70
CA ALA A 88 3.04 11.57 -2.44
C ALA A 88 2.61 11.63 -0.98
N GLY A 89 2.94 10.57 -0.24
CA GLY A 89 2.59 10.52 1.16
C GLY A 89 2.86 9.15 1.78
N LEU A 90 3.90 8.48 1.29
CA LEU A 90 4.26 7.17 1.80
C LEU A 90 5.76 7.12 2.06
N CYS A 91 6.21 6.07 2.74
CA CYS A 91 7.62 5.91 3.04
C CYS A 91 8.43 5.62 1.78
N CYS A 92 7.77 5.05 0.76
CA CYS A 92 8.42 4.73 -0.49
C CYS A 92 7.45 4.84 -1.65
N ARG A 93 7.98 5.02 -2.86
CA ARG A 93 7.14 5.13 -4.05
C ARG A 93 6.84 3.74 -4.62
N LEU A 94 5.82 3.67 -5.47
CA LEU A 94 5.40 2.41 -6.07
C LEU A 94 6.15 2.13 -7.37
N VAL A 95 7.34 1.57 -7.24
CA VAL A 95 8.17 1.26 -8.40
C VAL A 95 8.51 -0.23 -8.46
N VAL A 96 7.61 -1.01 -9.04
CA VAL A 96 7.82 -2.44 -9.17
C VAL A 96 6.99 -2.99 -10.34
N PRO A 97 7.59 -3.90 -11.10
CA PRO A 97 6.92 -4.54 -12.24
C PRO A 97 5.86 -5.53 -11.78
N CYS A 98 6.28 -6.76 -11.54
CA CYS A 98 5.40 -7.83 -11.08
C CYS A 98 6.21 -8.88 -10.35
N HIS A 99 5.54 -9.75 -9.61
CA HIS A 99 6.21 -10.80 -8.88
C HIS A 99 5.26 -11.96 -8.62
N LYS A 100 4.70 -12.49 -9.69
CA LYS A 100 3.76 -13.59 -9.60
C LYS A 100 4.51 -14.92 -9.56
N GLU B 1 -6.88 -5.53 18.03
CA GLU B 1 -6.78 -4.39 17.09
C GLU B 1 -5.79 -4.71 15.97
N PRO B 2 -6.20 -4.49 14.71
CA PRO B 2 -5.34 -4.76 13.54
C PRO B 2 -4.06 -3.93 13.56
N GLN B 3 -3.02 -4.44 12.92
CA GLN B 3 -1.75 -3.74 12.88
C GLN B 3 -1.72 -2.72 11.76
N PTR B 4 -2.33 -1.60 12.03
CA PTR B 4 -2.38 -0.48 11.10
C PTR B 4 -1.37 0.58 11.49
O PTR B 4 -1.45 1.13 12.59
CB PTR B 4 -3.79 0.11 11.05
CG PTR B 4 -4.78 -0.72 10.28
CD1 PTR B 4 -4.44 -1.34 9.09
CD2 PTR B 4 -6.09 -0.87 10.75
CE1 PTR B 4 -5.36 -2.09 8.38
CE2 PTR B 4 -7.01 -1.62 10.05
CZ PTR B 4 -6.65 -2.22 8.86
OH PTR B 4 -7.58 -2.95 8.15
P PTR B 4 -7.39 -4.52 7.90
O1P PTR B 4 -5.98 -4.95 7.85
O2P PTR B 4 -8.21 -5.04 6.79
O3P PTR B 4 -7.98 -5.21 9.20
H PTR B 4 -2.77 -1.51 12.91
HA PTR B 4 -2.12 -0.87 10.12
HB2 PTR B 4 -4.15 0.23 12.06
HB3 PTR B 4 -3.74 1.09 10.57
HD1 PTR B 4 -3.44 -1.24 8.71
HD2 PTR B 4 -6.37 -0.39 11.68
HE1 PTR B 4 -5.08 -2.57 7.45
HE2 PTR B 4 -8.02 -1.73 10.43
N GLN B 5 -0.42 0.86 10.60
CA GLN B 5 0.60 1.85 10.87
C GLN B 5 0.84 2.73 9.65
N PRO B 6 0.12 3.86 9.55
CA PRO B 6 0.26 4.79 8.43
C PRO B 6 1.47 5.70 8.58
N GLY B 7 2.34 5.69 7.58
CA GLY B 7 3.53 6.52 7.61
C GLY B 7 3.54 7.53 6.48
N GLU B 8 3.15 8.76 6.78
CA GLU B 8 3.12 9.83 5.79
C GLU B 8 4.46 10.54 5.72
N ASN B 9 4.59 11.49 4.80
CA ASN B 9 5.81 12.24 4.62
C ASN B 9 5.51 13.73 4.65
N LEU B 10 4.88 14.16 5.73
CA LEU B 10 4.52 15.55 5.92
C LEU B 10 5.64 16.29 6.65
N TRP A 1 0.24 -4.01 -9.92
CA TRP A 1 0.25 -3.64 -8.48
C TRP A 1 -0.36 -4.75 -7.63
N TYR A 2 -1.70 -4.83 -7.59
CA TYR A 2 -2.36 -5.85 -6.79
C TYR A 2 -2.28 -7.21 -7.46
N PHE A 3 -2.29 -8.26 -6.64
CA PHE A 3 -2.22 -9.63 -7.14
C PHE A 3 -3.56 -10.34 -7.01
N GLY A 4 -4.50 -9.66 -6.40
CA GLY A 4 -5.82 -10.21 -6.20
C GLY A 4 -6.43 -9.69 -4.93
N LYS A 5 -6.98 -10.59 -4.14
CA LYS A 5 -7.59 -10.20 -2.87
C LYS A 5 -6.75 -10.74 -1.72
N LEU A 6 -5.53 -10.25 -1.63
CA LEU A 6 -4.58 -10.66 -0.61
C LEU A 6 -3.83 -9.44 -0.11
N GLY A 7 -3.49 -9.44 1.17
CA GLY A 7 -2.80 -8.31 1.73
C GLY A 7 -2.54 -8.43 3.22
N ARG A 8 -2.74 -9.61 3.76
CA ARG A 8 -2.53 -9.83 5.18
C ARG A 8 -1.56 -10.97 5.40
N LYS A 9 -2.06 -12.19 5.43
CA LYS A 9 -1.23 -13.37 5.65
C LYS A 9 -0.49 -13.72 4.38
N ASP A 10 -1.26 -13.78 3.33
CA ASP A 10 -0.81 -14.09 1.99
C ASP A 10 0.25 -13.11 1.54
N ALA A 11 -0.06 -11.85 1.70
CA ALA A 11 0.84 -10.78 1.29
C ALA A 11 2.12 -10.78 2.13
N GLU A 12 1.98 -10.76 3.45
CA GLU A 12 3.13 -10.74 4.33
C GLU A 12 4.03 -11.94 4.11
N ARG A 13 3.47 -13.02 3.62
CA ARG A 13 4.24 -14.22 3.37
C ARG A 13 4.94 -14.15 2.00
N GLN A 14 4.24 -13.64 1.00
CA GLN A 14 4.81 -13.54 -0.35
C GLN A 14 5.73 -12.34 -0.51
N LEU A 15 5.46 -11.29 0.26
CA LEU A 15 6.24 -10.07 0.21
C LEU A 15 7.68 -10.31 0.67
N LEU A 16 7.90 -11.44 1.29
CA LEU A 16 9.22 -11.81 1.77
C LEU A 16 9.61 -13.19 1.25
N SER A 17 8.83 -13.70 0.28
CA SER A 17 9.07 -15.03 -0.29
C SER A 17 10.19 -15.06 -1.33
N PHE A 18 10.03 -14.30 -2.39
CA PHE A 18 11.00 -14.29 -3.50
C PHE A 18 12.18 -13.36 -3.23
N GLY A 19 12.09 -12.58 -2.16
CA GLY A 19 13.17 -11.67 -1.85
C GLY A 19 13.10 -10.41 -2.66
N ASN A 20 11.88 -9.90 -2.78
CA ASN A 20 11.60 -8.69 -3.52
C ASN A 20 11.98 -7.46 -2.71
N PRO A 21 12.62 -6.48 -3.35
CA PRO A 21 13.05 -5.25 -2.68
C PRO A 21 11.90 -4.28 -2.40
N ARG A 22 12.24 -3.08 -1.94
CA ARG A 22 11.22 -2.08 -1.65
C ARG A 22 10.58 -1.63 -2.96
N GLY A 23 9.32 -1.23 -2.88
CA GLY A 23 8.61 -0.83 -4.06
C GLY A 23 7.53 -1.84 -4.42
N THR A 24 7.60 -3.00 -3.81
CA THR A 24 6.64 -4.06 -4.05
C THR A 24 5.43 -3.82 -3.17
N PHE A 25 4.54 -2.99 -3.66
CA PHE A 25 3.36 -2.62 -2.91
C PHE A 25 2.12 -3.11 -3.65
N LEU A 26 1.17 -3.65 -2.91
CA LEU A 26 -0.04 -4.18 -3.51
C LEU A 26 -1.29 -3.72 -2.77
N ILE A 27 -2.40 -3.70 -3.48
CA ILE A 27 -3.68 -3.29 -2.91
C ILE A 27 -4.52 -4.52 -2.65
N ARG A 28 -5.32 -4.46 -1.59
CA ARG A 28 -6.19 -5.56 -1.21
C ARG A 28 -7.48 -5.02 -0.62
N GLU A 29 -8.20 -5.86 0.10
CA GLU A 29 -9.42 -5.45 0.74
C GLU A 29 -9.19 -5.39 2.25
N SER A 30 -9.73 -4.38 2.90
CA SER A 30 -9.59 -4.26 4.33
C SER A 30 -10.42 -5.34 5.02
N GLU A 31 -9.86 -5.95 6.06
CA GLU A 31 -10.54 -7.01 6.78
C GLU A 31 -11.52 -6.42 7.78
N THR A 32 -11.25 -5.19 8.20
CA THR A 32 -12.08 -4.52 9.18
C THR A 32 -13.01 -3.47 8.55
N THR A 33 -12.77 -3.13 7.30
CA THR A 33 -13.60 -2.13 6.63
C THR A 33 -13.81 -2.44 5.14
N LYS A 34 -14.99 -2.94 4.81
CA LYS A 34 -15.33 -3.23 3.43
C LYS A 34 -15.54 -1.92 2.67
N GLY A 35 -15.21 -1.91 1.39
CA GLY A 35 -15.34 -0.71 0.60
C GLY A 35 -14.08 0.11 0.63
N ALA A 36 -13.30 -0.10 1.69
CA ALA A 36 -12.03 0.56 1.90
C ALA A 36 -10.93 -0.49 1.85
N TYR A 37 -9.69 -0.08 1.94
CA TYR A 37 -8.60 -1.03 1.89
C TYR A 37 -7.41 -0.56 2.71
N SER A 38 -6.35 -1.34 2.66
CA SER A 38 -5.14 -1.03 3.38
C SER A 38 -3.94 -1.35 2.51
N LEU A 39 -3.03 -0.40 2.39
CA LEU A 39 -1.86 -0.58 1.57
C LEU A 39 -0.87 -1.54 2.22
N SER A 40 -0.48 -2.55 1.47
CA SER A 40 0.48 -3.53 1.95
C SER A 40 1.81 -3.27 1.28
N ILE A 41 2.68 -2.54 1.97
CA ILE A 41 3.98 -2.19 1.42
C ILE A 41 5.10 -2.98 2.05
N ARG A 42 6.06 -3.37 1.22
CA ARG A 42 7.23 -4.08 1.70
C ARG A 42 8.25 -3.07 2.19
N ASP A 43 8.02 -2.61 3.39
CA ASP A 43 8.87 -1.61 4.03
C ASP A 43 9.29 -2.14 5.37
N TRP A 44 10.51 -1.84 5.76
CA TRP A 44 11.03 -2.35 7.02
C TRP A 44 11.48 -1.25 7.97
N ASP A 45 12.19 -1.70 8.99
CA ASP A 45 12.72 -0.84 10.04
C ASP A 45 14.17 -0.50 9.79
N ASP A 46 14.72 -1.05 8.71
CA ASP A 46 16.11 -0.82 8.31
C ASP A 46 17.10 -1.51 9.25
N MET A 47 16.59 -2.36 10.15
CA MET A 47 17.45 -3.07 11.07
C MET A 47 17.55 -4.52 10.64
N LYS A 48 16.41 -5.08 10.30
CA LYS A 48 16.35 -6.46 9.85
C LYS A 48 16.33 -6.52 8.32
N GLY A 49 15.95 -5.41 7.70
CA GLY A 49 15.90 -5.34 6.25
C GLY A 49 14.91 -6.34 5.66
N ASP A 50 13.74 -6.42 6.28
CA ASP A 50 12.70 -7.35 5.85
C ASP A 50 11.47 -7.17 6.74
N HIS A 51 10.42 -6.57 6.20
CA HIS A 51 9.19 -6.34 6.97
C HIS A 51 8.08 -5.90 6.03
N VAL A 52 6.86 -5.88 6.54
CA VAL A 52 5.69 -5.47 5.78
C VAL A 52 4.84 -4.55 6.64
N LYS A 53 4.42 -3.43 6.08
CA LYS A 53 3.60 -2.47 6.81
C LYS A 53 2.23 -2.33 6.15
N HIS A 54 1.24 -1.94 6.94
CA HIS A 54 -0.11 -1.79 6.44
C HIS A 54 -0.68 -0.42 6.75
N TYR A 55 -0.94 0.35 5.71
CA TYR A 55 -1.50 1.68 5.86
C TYR A 55 -2.99 1.66 5.56
N LYS A 56 -3.80 1.93 6.57
CA LYS A 56 -5.25 1.96 6.42
C LYS A 56 -5.68 3.14 5.57
N ILE A 57 -6.45 2.86 4.53
CA ILE A 57 -6.92 3.89 3.63
C ILE A 57 -8.42 4.12 3.83
N ARG A 58 -8.88 5.30 3.44
CA ARG A 58 -10.27 5.64 3.55
C ARG A 58 -10.86 5.97 2.19
N LYS A 59 -12.09 5.54 1.98
CA LYS A 59 -12.77 5.79 0.72
C LYS A 59 -13.43 7.17 0.75
N LEU A 60 -13.30 7.90 -0.33
CA LEU A 60 -13.86 9.23 -0.43
C LEU A 60 -15.37 9.18 -0.57
N ASP A 61 -16.04 10.16 0.01
CA ASP A 61 -17.49 10.23 -0.05
C ASP A 61 -17.94 10.56 -1.48
N ASN A 62 -17.05 11.19 -2.24
CA ASN A 62 -17.37 11.54 -3.62
C ASN A 62 -17.03 10.40 -4.57
N GLY A 63 -16.73 9.24 -4.00
CA GLY A 63 -16.41 8.08 -4.81
C GLY A 63 -14.98 8.07 -5.29
N GLY A 64 -14.05 7.94 -4.36
CA GLY A 64 -12.65 7.92 -4.72
C GLY A 64 -11.79 7.29 -3.66
N TYR A 65 -10.50 7.24 -3.90
CA TYR A 65 -9.55 6.67 -2.95
C TYR A 65 -8.42 7.65 -2.72
N TYR A 66 -7.96 7.73 -1.49
CA TYR A 66 -6.88 8.64 -1.15
C TYR A 66 -6.15 8.20 0.10
N ILE A 67 -4.83 8.29 0.06
CA ILE A 67 -4.00 7.94 1.20
C ILE A 67 -3.75 9.19 2.02
N THR A 68 -4.11 10.32 1.42
CA THR A 68 -3.96 11.62 2.03
C THR A 68 -4.74 12.64 1.21
N THR A 69 -5.09 13.74 1.84
CA THR A 69 -5.82 14.80 1.16
C THR A 69 -4.94 15.50 0.13
N ARG A 70 -3.65 15.22 0.22
CA ARG A 70 -2.67 15.79 -0.70
C ARG A 70 -2.54 14.92 -1.95
N ALA A 71 -3.33 13.86 -2.00
CA ALA A 71 -3.31 12.93 -3.13
C ALA A 71 -4.56 12.07 -3.15
N GLN A 72 -5.58 12.56 -3.82
CA GLN A 72 -6.85 11.84 -3.91
C GLN A 72 -7.22 11.57 -5.35
N PHE A 73 -7.73 10.37 -5.59
CA PHE A 73 -8.11 9.95 -6.93
C PHE A 73 -9.46 9.25 -6.90
N GLU A 74 -9.92 8.82 -8.06
CA GLU A 74 -11.20 8.14 -8.17
C GLU A 74 -11.02 6.65 -8.40
N THR A 75 -9.87 6.26 -8.94
CA THR A 75 -9.60 4.85 -9.22
C THR A 75 -8.28 4.41 -8.56
N LEU A 76 -8.15 3.12 -8.33
CA LEU A 76 -6.97 2.56 -7.70
C LEU A 76 -5.76 2.64 -8.63
N GLN A 77 -5.98 2.32 -9.89
CA GLN A 77 -4.91 2.33 -10.88
C GLN A 77 -4.29 3.73 -11.00
N GLN A 78 -5.12 4.76 -10.96
CA GLN A 78 -4.63 6.13 -11.07
C GLN A 78 -3.83 6.49 -9.83
N LEU A 79 -4.30 6.03 -8.68
CA LEU A 79 -3.62 6.27 -7.41
C LEU A 79 -2.22 5.66 -7.46
N VAL A 80 -2.16 4.41 -7.91
CA VAL A 80 -0.89 3.69 -8.01
C VAL A 80 0.06 4.37 -9.00
N GLN A 81 -0.49 4.82 -10.12
CA GLN A 81 0.30 5.48 -11.15
C GLN A 81 0.95 6.76 -10.64
N HIS A 82 0.25 7.47 -9.75
CA HIS A 82 0.77 8.70 -9.20
C HIS A 82 1.88 8.41 -8.19
N TYR A 83 1.67 7.42 -7.34
CA TYR A 83 2.65 7.06 -6.33
C TYR A 83 3.80 6.29 -6.95
N SER A 84 3.69 5.98 -8.23
CA SER A 84 4.74 5.26 -8.95
C SER A 84 5.84 6.23 -9.35
N GLU A 85 5.49 7.52 -9.40
CA GLU A 85 6.43 8.55 -9.79
C GLU A 85 7.21 9.02 -8.57
N ARG A 86 6.52 9.11 -7.44
CA ARG A 86 7.14 9.55 -6.20
C ARG A 86 6.24 9.23 -5.01
N ALA A 87 6.72 9.55 -3.81
CA ALA A 87 5.97 9.30 -2.59
C ALA A 87 5.18 10.55 -2.22
N ALA A 88 3.88 10.42 -2.14
CA ALA A 88 3.02 11.55 -1.80
C ALA A 88 2.64 11.53 -0.32
N GLY A 89 2.96 10.43 0.37
CA GLY A 89 2.63 10.32 1.78
C GLY A 89 2.95 8.95 2.34
N LEU A 90 3.96 8.30 1.78
CA LEU A 90 4.37 6.97 2.21
C LEU A 90 5.89 6.92 2.37
N CYS A 91 6.40 5.77 2.78
CA CYS A 91 7.83 5.59 2.98
C CYS A 91 8.58 5.59 1.65
N CYS A 92 7.93 5.05 0.62
CA CYS A 92 8.54 4.97 -0.69
C CYS A 92 7.49 5.01 -1.78
N ARG A 93 7.94 5.14 -3.02
CA ARG A 93 7.03 5.18 -4.15
C ARG A 93 6.75 3.77 -4.64
N LEU A 94 5.73 3.64 -5.45
CA LEU A 94 5.31 2.35 -5.98
C LEU A 94 6.10 2.03 -7.25
N VAL A 95 7.32 1.56 -7.05
CA VAL A 95 8.19 1.21 -8.17
C VAL A 95 8.46 -0.30 -8.20
N VAL A 96 7.63 -1.01 -8.93
CA VAL A 96 7.77 -2.46 -9.06
C VAL A 96 6.91 -2.98 -10.22
N PRO A 97 7.45 -3.94 -10.98
CA PRO A 97 6.74 -4.55 -12.10
C PRO A 97 5.69 -5.56 -11.59
N CYS A 98 6.10 -6.82 -11.48
CA CYS A 98 5.22 -7.88 -11.01
C CYS A 98 6.06 -9.06 -10.55
N HIS A 99 5.58 -9.80 -9.56
CA HIS A 99 6.33 -10.95 -9.07
C HIS A 99 5.38 -12.06 -8.65
N LYS A 100 4.91 -12.81 -9.64
CA LYS A 100 4.00 -13.91 -9.41
C LYS A 100 4.78 -15.18 -9.12
N GLU B 1 4.92 -3.35 15.74
CA GLU B 1 3.61 -2.67 15.67
C GLU B 1 3.48 -1.92 14.35
N PRO B 2 2.44 -2.24 13.57
CA PRO B 2 2.19 -1.58 12.28
C PRO B 2 1.54 -0.22 12.43
N GLN B 3 1.90 0.70 11.55
CA GLN B 3 1.32 2.02 11.58
C GLN B 3 0.12 2.06 10.66
N PTR B 4 -1.00 1.63 11.21
CA PTR B 4 -2.26 1.58 10.47
C PTR B 4 -2.84 2.99 10.25
O PTR B 4 -4.00 3.26 10.56
CB PTR B 4 -3.26 0.72 11.25
CG PTR B 4 -4.21 -0.10 10.40
CD1 PTR B 4 -3.76 -0.78 9.27
CD2 PTR B 4 -5.57 -0.18 10.71
CE1 PTR B 4 -4.63 -1.51 8.49
CE2 PTR B 4 -6.44 -0.91 9.94
CZ PTR B 4 -5.96 -1.59 8.82
OH PTR B 4 -6.85 -2.32 8.05
P PTR B 4 -6.80 -3.91 8.04
O1P PTR B 4 -7.45 -4.55 9.20
O2P PTR B 4 -5.46 -4.46 7.74
O3P PTR B 4 -7.70 -4.35 6.79
H PTR B 4 -0.97 1.30 12.13
HA PTR B 4 -2.08 1.12 9.51
HB2 PTR B 4 -2.72 0.02 11.88
HB3 PTR B 4 -3.86 1.36 11.89
HD1 PTR B 4 -2.72 -0.72 9.01
HD2 PTR B 4 -5.93 0.34 11.59
HE1 PTR B 4 -4.26 -2.03 7.62
HE2 PTR B 4 -7.48 -0.97 10.21
N GLN B 5 -2.02 3.88 9.69
CA GLN B 5 -2.41 5.25 9.42
C GLN B 5 -1.31 5.96 8.62
N PRO B 6 -1.61 6.46 7.41
CA PRO B 6 -0.65 7.17 6.59
C PRO B 6 -0.55 8.64 6.96
N GLY B 7 0.22 9.41 6.20
CA GLY B 7 0.37 10.83 6.47
C GLY B 7 -0.82 11.62 5.98
N GLU B 8 -1.67 12.08 6.90
CA GLU B 8 -2.85 12.85 6.54
C GLU B 8 -2.79 14.27 7.09
N ASN B 9 -3.53 15.16 6.46
CA ASN B 9 -3.58 16.56 6.85
C ASN B 9 -5.01 17.10 6.66
N LEU B 10 -5.18 18.41 6.80
CA LEU B 10 -6.48 19.02 6.63
C LEU B 10 -6.32 20.45 6.16
N TRP A 1 -0.21 -4.21 -10.22
CA TRP A 1 -0.03 -3.71 -8.85
C TRP A 1 -0.61 -4.69 -7.82
N TYR A 2 -1.91 -4.94 -7.88
CA TYR A 2 -2.53 -5.87 -6.96
C TYR A 2 -2.44 -7.29 -7.49
N PHE A 3 -2.25 -8.24 -6.58
CA PHE A 3 -2.14 -9.64 -6.95
C PHE A 3 -3.51 -10.31 -6.90
N GLY A 4 -4.43 -9.68 -6.20
CA GLY A 4 -5.77 -10.20 -6.08
C GLY A 4 -6.46 -9.64 -4.87
N LYS A 5 -6.99 -10.51 -4.03
CA LYS A 5 -7.67 -10.08 -2.83
C LYS A 5 -6.93 -10.58 -1.60
N LEU A 6 -5.68 -10.18 -1.51
CA LEU A 6 -4.80 -10.55 -0.41
C LEU A 6 -4.02 -9.33 0.05
N GLY A 7 -3.65 -9.28 1.32
CA GLY A 7 -2.94 -8.13 1.82
C GLY A 7 -2.74 -8.13 3.33
N ARG A 8 -2.98 -9.25 3.96
CA ARG A 8 -2.84 -9.36 5.39
C ARG A 8 -1.77 -10.37 5.76
N LYS A 9 -2.09 -11.65 5.62
CA LYS A 9 -1.16 -12.72 5.93
C LYS A 9 -0.45 -13.13 4.66
N ASP A 10 -1.28 -13.38 3.67
CA ASP A 10 -0.89 -13.79 2.35
C ASP A 10 0.15 -12.87 1.76
N ALA A 11 -0.16 -11.60 1.80
CA ALA A 11 0.73 -10.59 1.26
C ALA A 11 2.02 -10.50 2.04
N GLU A 12 1.91 -10.48 3.37
CA GLU A 12 3.08 -10.37 4.21
C GLU A 12 3.99 -11.60 4.04
N ARG A 13 3.40 -12.75 3.73
CA ARG A 13 4.18 -13.96 3.55
C ARG A 13 4.86 -13.97 2.18
N GLN A 14 4.17 -13.50 1.15
CA GLN A 14 4.72 -13.48 -0.20
C GLN A 14 5.67 -12.29 -0.39
N LEU A 15 5.42 -11.21 0.35
CA LEU A 15 6.25 -10.01 0.27
C LEU A 15 7.65 -10.28 0.79
N LEU A 16 7.78 -11.32 1.60
CA LEU A 16 9.07 -11.69 2.16
C LEU A 16 9.45 -13.09 1.68
N SER A 17 8.74 -13.59 0.68
CA SER A 17 9.00 -14.92 0.14
C SER A 17 10.25 -14.96 -0.73
N PHE A 18 10.15 -14.41 -1.93
CA PHE A 18 11.24 -14.42 -2.90
C PHE A 18 12.34 -13.41 -2.55
N GLY A 19 12.02 -12.47 -1.67
CA GLY A 19 13.01 -11.47 -1.28
C GLY A 19 12.94 -10.27 -2.17
N ASN A 20 11.74 -9.97 -2.61
CA ASN A 20 11.47 -8.83 -3.48
C ASN A 20 11.78 -7.51 -2.77
N PRO A 21 12.53 -6.62 -3.43
CA PRO A 21 12.93 -5.33 -2.85
C PRO A 21 11.76 -4.35 -2.74
N ARG A 22 12.09 -3.12 -2.34
CA ARG A 22 11.10 -2.07 -2.18
C ARG A 22 10.42 -1.76 -3.50
N GLY A 23 9.19 -1.30 -3.43
CA GLY A 23 8.44 -0.99 -4.62
C GLY A 23 7.39 -2.03 -4.90
N THR A 24 7.52 -3.18 -4.22
CA THR A 24 6.57 -4.25 -4.39
C THR A 24 5.38 -3.97 -3.49
N PHE A 25 4.52 -3.11 -3.97
CA PHE A 25 3.37 -2.67 -3.23
C PHE A 25 2.10 -3.16 -3.90
N LEU A 26 1.20 -3.77 -3.13
CA LEU A 26 -0.02 -4.31 -3.69
C LEU A 26 -1.25 -3.83 -2.92
N ILE A 27 -2.37 -3.79 -3.63
CA ILE A 27 -3.63 -3.36 -3.04
C ILE A 27 -4.46 -4.58 -2.67
N ARG A 28 -5.33 -4.42 -1.69
CA ARG A 28 -6.19 -5.49 -1.23
C ARG A 28 -7.50 -4.94 -0.71
N GLU A 29 -8.22 -5.76 0.02
CA GLU A 29 -9.47 -5.35 0.63
C GLU A 29 -9.29 -5.37 2.14
N SER A 30 -9.91 -4.43 2.83
CA SER A 30 -9.82 -4.40 4.27
C SER A 30 -10.67 -5.52 4.83
N GLU A 31 -10.10 -6.29 5.76
CA GLU A 31 -10.81 -7.43 6.33
C GLU A 31 -11.71 -7.00 7.47
N THR A 32 -11.67 -5.72 7.81
CA THR A 32 -12.50 -5.18 8.87
C THR A 32 -13.17 -3.89 8.44
N THR A 33 -13.01 -3.53 7.18
CA THR A 33 -13.59 -2.32 6.65
C THR A 33 -13.97 -2.48 5.17
N LYS A 34 -15.20 -2.91 4.92
CA LYS A 34 -15.66 -3.10 3.55
C LYS A 34 -15.81 -1.75 2.85
N GLY A 35 -15.46 -1.71 1.57
CA GLY A 35 -15.55 -0.48 0.81
C GLY A 35 -14.25 0.30 0.85
N ALA A 36 -13.38 -0.08 1.78
CA ALA A 36 -12.09 0.56 1.95
C ALA A 36 -11.00 -0.49 1.88
N TYR A 37 -9.75 -0.06 1.83
CA TYR A 37 -8.64 -0.98 1.75
C TYR A 37 -7.43 -0.44 2.50
N SER A 38 -6.32 -1.13 2.36
CA SER A 38 -5.09 -0.75 3.00
C SER A 38 -3.92 -1.18 2.13
N LEU A 39 -2.97 -0.28 1.92
CA LEU A 39 -1.82 -0.57 1.09
C LEU A 39 -0.83 -1.47 1.84
N SER A 40 -0.40 -2.54 1.18
CA SER A 40 0.54 -3.47 1.75
C SER A 40 1.90 -3.28 1.08
N ILE A 41 2.81 -2.64 1.79
CA ILE A 41 4.14 -2.37 1.24
C ILE A 41 5.23 -3.01 2.07
N ARG A 42 6.31 -3.39 1.42
CA ARG A 42 7.43 -3.97 2.12
C ARG A 42 8.30 -2.85 2.67
N ASP A 43 7.91 -2.37 3.84
CA ASP A 43 8.61 -1.29 4.51
C ASP A 43 9.13 -1.76 5.85
N TRP A 44 10.34 -1.36 6.19
CA TRP A 44 10.95 -1.78 7.44
C TRP A 44 11.70 -0.65 8.11
N ASP A 45 12.49 -1.02 9.10
CA ASP A 45 13.29 -0.08 9.88
C ASP A 45 14.72 -0.01 9.36
N ASP A 46 15.02 -0.88 8.40
CA ASP A 46 16.35 -0.96 7.78
C ASP A 46 17.35 -1.63 8.71
N MET A 47 16.87 -2.26 9.77
CA MET A 47 17.76 -2.95 10.69
C MET A 47 17.60 -4.44 10.48
N LYS A 48 16.35 -4.83 10.26
CA LYS A 48 16.02 -6.21 10.00
C LYS A 48 15.92 -6.43 8.50
N GLY A 49 15.60 -5.36 7.78
CA GLY A 49 15.49 -5.42 6.33
C GLY A 49 14.43 -6.39 5.86
N ASP A 50 13.36 -6.51 6.62
CA ASP A 50 12.27 -7.42 6.30
C ASP A 50 11.05 -7.10 7.14
N HIS A 51 10.05 -6.46 6.53
CA HIS A 51 8.83 -6.10 7.23
C HIS A 51 7.80 -5.59 6.24
N VAL A 52 6.55 -5.54 6.66
CA VAL A 52 5.47 -5.05 5.81
C VAL A 52 4.61 -4.04 6.56
N LYS A 53 4.41 -2.88 5.95
CA LYS A 53 3.60 -1.83 6.55
C LYS A 53 2.22 -1.85 5.93
N HIS A 54 1.24 -1.34 6.65
CA HIS A 54 -0.13 -1.34 6.15
C HIS A 54 -0.75 0.04 6.27
N TYR A 55 -1.00 0.67 5.15
CA TYR A 55 -1.57 2.01 5.15
C TYR A 55 -3.09 1.95 5.19
N LYS A 56 -3.66 2.22 6.35
CA LYS A 56 -5.10 2.23 6.53
C LYS A 56 -5.71 3.34 5.68
N ILE A 57 -6.41 2.94 4.64
CA ILE A 57 -7.01 3.89 3.72
C ILE A 57 -8.51 4.07 3.97
N ARG A 58 -9.02 5.19 3.51
CA ARG A 58 -10.43 5.53 3.66
C ARG A 58 -11.01 5.89 2.29
N LYS A 59 -12.22 5.43 2.02
CA LYS A 59 -12.87 5.74 0.76
C LYS A 59 -13.44 7.14 0.81
N LEU A 60 -13.30 7.87 -0.29
CA LEU A 60 -13.80 9.23 -0.36
C LEU A 60 -15.31 9.24 -0.49
N ASP A 61 -15.93 10.28 0.05
CA ASP A 61 -17.39 10.39 0.00
C ASP A 61 -17.87 10.55 -1.43
N ASN A 62 -16.96 10.89 -2.33
CA ASN A 62 -17.31 11.06 -3.74
C ASN A 62 -17.16 9.75 -4.50
N GLY A 63 -16.60 8.74 -3.83
CA GLY A 63 -16.42 7.45 -4.47
C GLY A 63 -14.97 7.14 -4.77
N GLY A 64 -14.11 8.12 -4.60
CA GLY A 64 -12.70 7.93 -4.87
C GLY A 64 -11.94 7.32 -3.71
N TYR A 65 -10.62 7.33 -3.80
CA TYR A 65 -9.76 6.75 -2.78
C TYR A 65 -8.57 7.65 -2.53
N TYR A 66 -8.02 7.61 -1.32
CA TYR A 66 -6.86 8.44 -0.98
C TYR A 66 -6.13 7.90 0.25
N ILE A 67 -4.81 7.98 0.20
CA ILE A 67 -3.97 7.51 1.31
C ILE A 67 -3.71 8.67 2.26
N THR A 68 -3.83 9.86 1.72
CA THR A 68 -3.62 11.09 2.46
C THR A 68 -4.37 12.21 1.75
N THR A 69 -4.58 13.31 2.44
CA THR A 69 -5.31 14.44 1.88
C THR A 69 -4.47 15.23 0.88
N ARG A 70 -3.23 14.82 0.73
CA ARG A 70 -2.31 15.47 -0.20
C ARG A 70 -2.30 14.77 -1.55
N ALA A 71 -3.11 13.72 -1.67
CA ALA A 71 -3.20 12.96 -2.91
C ALA A 71 -4.43 12.06 -2.92
N GLN A 72 -5.46 12.52 -3.63
CA GLN A 72 -6.70 11.78 -3.73
C GLN A 72 -7.02 11.49 -5.19
N PHE A 73 -7.59 10.33 -5.45
CA PHE A 73 -7.94 9.92 -6.80
C PHE A 73 -9.31 9.26 -6.84
N GLU A 74 -9.77 8.94 -8.03
CA GLU A 74 -11.07 8.32 -8.22
C GLU A 74 -10.96 6.83 -8.52
N THR A 75 -9.78 6.40 -8.97
CA THR A 75 -9.55 5.00 -9.29
C THR A 75 -8.25 4.51 -8.68
N LEU A 76 -8.15 3.21 -8.46
CA LEU A 76 -6.97 2.60 -7.86
C LEU A 76 -5.77 2.70 -8.82
N GLN A 77 -6.01 2.41 -10.09
CA GLN A 77 -4.96 2.46 -11.11
C GLN A 77 -4.30 3.84 -11.15
N GLN A 78 -5.11 4.89 -11.12
CA GLN A 78 -4.58 6.25 -11.17
C GLN A 78 -3.78 6.55 -9.91
N LEU A 79 -4.26 6.05 -8.78
CA LEU A 79 -3.59 6.26 -7.50
C LEU A 79 -2.22 5.60 -7.53
N VAL A 80 -2.18 4.35 -8.00
CA VAL A 80 -0.94 3.60 -8.10
C VAL A 80 0.07 4.31 -9.00
N GLN A 81 -0.42 4.77 -10.15
CA GLN A 81 0.43 5.44 -11.13
C GLN A 81 1.09 6.70 -10.56
N HIS A 82 0.33 7.51 -9.85
CA HIS A 82 0.87 8.74 -9.26
C HIS A 82 1.97 8.43 -8.25
N TYR A 83 1.79 7.36 -7.49
CA TYR A 83 2.78 6.98 -6.49
C TYR A 83 3.93 6.22 -7.13
N SER A 84 3.78 5.89 -8.41
CA SER A 84 4.80 5.21 -9.15
C SER A 84 5.83 6.22 -9.64
N GLU A 85 5.42 7.48 -9.62
CA GLU A 85 6.28 8.57 -10.06
C GLU A 85 7.17 9.03 -8.92
N ARG A 86 6.59 9.09 -7.72
CA ARG A 86 7.31 9.54 -6.54
C ARG A 86 6.47 9.24 -5.29
N ALA A 87 6.98 9.67 -4.15
CA ALA A 87 6.29 9.46 -2.89
C ALA A 87 5.47 10.69 -2.54
N ALA A 88 4.15 10.52 -2.51
CA ALA A 88 3.26 11.63 -2.18
C ALA A 88 2.86 11.62 -0.72
N GLY A 89 3.42 10.69 0.04
CA GLY A 89 3.11 10.60 1.46
C GLY A 89 3.25 9.20 2.00
N LEU A 90 4.16 8.42 1.43
CA LEU A 90 4.39 7.05 1.87
C LEU A 90 5.86 6.85 2.19
N CYS A 91 6.20 5.68 2.68
CA CYS A 91 7.58 5.37 3.02
C CYS A 91 8.45 5.34 1.77
N CYS A 92 7.86 4.88 0.66
CA CYS A 92 8.57 4.78 -0.61
C CYS A 92 7.59 4.91 -1.77
N ARG A 93 8.13 5.03 -2.98
CA ARG A 93 7.32 5.14 -4.18
C ARG A 93 7.05 3.76 -4.77
N LEU A 94 6.00 3.65 -5.57
CA LEU A 94 5.60 2.39 -6.20
C LEU A 94 6.40 2.15 -7.49
N VAL A 95 7.62 1.67 -7.34
CA VAL A 95 8.46 1.41 -8.50
C VAL A 95 8.77 -0.07 -8.68
N VAL A 96 7.78 -0.81 -9.20
CA VAL A 96 7.95 -2.23 -9.46
C VAL A 96 6.88 -2.72 -10.46
N PRO A 97 7.28 -3.66 -11.32
CA PRO A 97 6.39 -4.25 -12.32
C PRO A 97 5.42 -5.26 -11.72
N CYS A 98 5.94 -6.43 -11.34
CA CYS A 98 5.15 -7.49 -10.74
C CYS A 98 6.08 -8.59 -10.24
N HIS A 99 5.65 -9.33 -9.23
CA HIS A 99 6.46 -10.41 -8.67
C HIS A 99 5.59 -11.60 -8.30
N LYS A 100 5.15 -12.35 -9.30
CA LYS A 100 4.32 -13.52 -9.06
C LYS A 100 5.19 -14.72 -8.71
N GLU B 1 0.60 -5.28 17.11
CA GLU B 1 -0.29 -4.30 16.46
C GLU B 1 0.22 -3.96 15.07
N PRO B 2 -0.67 -3.96 14.06
CA PRO B 2 -0.30 -3.63 12.69
C PRO B 2 0.11 -2.16 12.55
N GLN B 3 1.00 -1.88 11.63
CA GLN B 3 1.47 -0.51 11.40
C GLN B 3 0.53 0.23 10.46
N PTR B 4 -0.68 0.50 10.95
CA PTR B 4 -1.69 1.20 10.16
C PTR B 4 -1.48 2.70 10.23
O PTR B 4 -2.22 3.42 10.90
CB PTR B 4 -3.10 0.83 10.65
CG PTR B 4 -3.72 -0.37 9.95
CD1 PTR B 4 -3.68 -0.49 8.56
CD2 PTR B 4 -4.37 -1.36 10.66
CE1 PTR B 4 -4.26 -1.55 7.91
CE2 PTR B 4 -4.95 -2.45 10.02
CZ PTR B 4 -4.89 -2.53 8.64
OH PTR B 4 -5.47 -3.61 7.99
P PTR B 4 -7.06 -3.69 7.76
O1P PTR B 4 -7.85 -3.11 8.86
O2P PTR B 4 -7.54 -5.01 7.32
O3P PTR B 4 -7.35 -2.75 6.51
H PTR B 4 -0.89 0.23 11.86
HA PTR B 4 -1.58 0.88 9.13
HB2 PTR B 4 -3.05 0.60 11.70
HB3 PTR B 4 -3.75 1.67 10.50
HD1 PTR B 4 -3.19 0.28 7.98
HD2 PTR B 4 -4.42 -1.29 11.74
HE1 PTR B 4 -4.22 -1.63 6.84
HE2 PTR B 4 -5.45 -3.21 10.60
N GLN B 5 -0.45 3.21 9.54
CA GLN B 5 -0.14 4.63 9.53
C GLN B 5 0.69 4.99 8.30
N PRO B 6 0.21 5.95 7.48
CA PRO B 6 0.93 6.37 6.28
C PRO B 6 2.23 7.13 6.60
N GLY B 7 2.13 8.45 6.70
CA GLY B 7 3.28 9.27 7.01
C GLY B 7 2.87 10.70 7.30
N GLU B 8 3.47 11.28 8.33
CA GLU B 8 3.15 12.65 8.70
C GLU B 8 4.41 13.41 9.11
N ASN B 9 4.26 14.71 9.28
CA ASN B 9 5.36 15.57 9.66
C ASN B 9 5.45 15.69 11.18
N LEU B 10 6.63 15.95 11.68
CA LEU B 10 6.86 16.09 13.11
C LEU B 10 6.92 17.57 13.49
N TRP A 1 0.35 -4.10 -9.77
CA TRP A 1 0.26 -3.65 -8.38
C TRP A 1 -0.42 -4.73 -7.51
N TYR A 2 -1.72 -4.92 -7.66
CA TYR A 2 -2.44 -5.91 -6.87
C TYR A 2 -2.35 -7.29 -7.53
N PHE A 3 -2.29 -8.33 -6.70
CA PHE A 3 -2.22 -9.70 -7.19
C PHE A 3 -3.60 -10.34 -7.20
N GLY A 4 -4.50 -9.76 -6.42
CA GLY A 4 -5.85 -10.27 -6.33
C GLY A 4 -6.51 -9.80 -5.05
N LYS A 5 -7.02 -10.72 -4.28
CA LYS A 5 -7.68 -10.38 -3.02
C LYS A 5 -6.86 -10.91 -1.85
N LEU A 6 -5.72 -10.28 -1.61
CA LEU A 6 -4.81 -10.66 -0.54
C LEU A 6 -4.06 -9.44 -0.07
N GLY A 7 -3.72 -9.39 1.21
CA GLY A 7 -3.04 -8.24 1.74
C GLY A 7 -2.74 -8.33 3.21
N ARG A 8 -2.86 -9.50 3.77
CA ARG A 8 -2.63 -9.69 5.18
C ARG A 8 -1.59 -10.77 5.43
N LYS A 9 -2.04 -12.01 5.46
CA LYS A 9 -1.15 -13.13 5.71
C LYS A 9 -0.43 -13.50 4.43
N ASP A 10 -1.23 -13.60 3.40
CA ASP A 10 -0.81 -13.92 2.06
C ASP A 10 0.22 -12.93 1.56
N ALA A 11 -0.13 -11.67 1.69
CA ALA A 11 0.72 -10.59 1.23
C ALA A 11 2.02 -10.52 2.01
N GLU A 12 1.92 -10.54 3.33
CA GLU A 12 3.10 -10.46 4.18
C GLU A 12 4.02 -11.65 3.95
N ARG A 13 3.44 -12.80 3.63
CA ARG A 13 4.23 -13.99 3.39
C ARG A 13 4.90 -13.96 2.02
N GLN A 14 4.18 -13.43 1.02
CA GLN A 14 4.72 -13.37 -0.35
C GLN A 14 5.66 -12.18 -0.53
N LEU A 15 5.44 -11.13 0.25
CA LEU A 15 6.27 -9.93 0.18
C LEU A 15 7.68 -10.23 0.67
N LEU A 16 7.82 -11.31 1.42
CA LEU A 16 9.11 -11.72 1.93
C LEU A 16 9.48 -13.10 1.38
N SER A 17 8.72 -13.55 0.37
CA SER A 17 8.92 -14.86 -0.24
C SER A 17 10.13 -14.89 -1.18
N PHE A 18 10.09 -14.08 -2.23
CA PHE A 18 11.17 -14.05 -3.22
C PHE A 18 12.26 -13.05 -2.85
N GLY A 19 11.95 -12.16 -1.93
CA GLY A 19 12.92 -11.17 -1.52
C GLY A 19 12.81 -9.91 -2.34
N ASN A 20 11.60 -9.68 -2.84
CA ASN A 20 11.28 -8.52 -3.64
C ASN A 20 11.59 -7.24 -2.86
N PRO A 21 12.38 -6.34 -3.44
CA PRO A 21 12.79 -5.09 -2.79
C PRO A 21 11.64 -4.12 -2.60
N ARG A 22 11.97 -2.95 -2.06
CA ARG A 22 11.00 -1.91 -1.83
C ARG A 22 10.34 -1.50 -3.14
N GLY A 23 9.09 -1.13 -3.05
CA GLY A 23 8.34 -0.75 -4.24
C GLY A 23 7.28 -1.77 -4.56
N THR A 24 7.40 -2.96 -3.95
CA THR A 24 6.44 -4.02 -4.17
C THR A 24 5.27 -3.80 -3.24
N PHE A 25 4.37 -2.96 -3.70
CA PHE A 25 3.21 -2.58 -2.93
C PHE A 25 1.95 -3.06 -3.63
N LEU A 26 1.07 -3.74 -2.89
CA LEU A 26 -0.15 -4.28 -3.48
C LEU A 26 -1.39 -3.80 -2.74
N ILE A 27 -2.50 -3.81 -3.47
CA ILE A 27 -3.78 -3.39 -2.92
C ILE A 27 -4.64 -4.61 -2.63
N ARG A 28 -5.54 -4.47 -1.66
CA ARG A 28 -6.44 -5.54 -1.27
C ARG A 28 -7.72 -4.96 -0.70
N GLU A 29 -8.39 -5.74 0.14
CA GLU A 29 -9.60 -5.30 0.80
C GLU A 29 -9.39 -5.40 2.30
N SER A 30 -9.92 -4.44 3.05
CA SER A 30 -9.76 -4.46 4.49
C SER A 30 -10.67 -5.54 5.10
N GLU A 31 -10.13 -6.30 6.02
CA GLU A 31 -10.87 -7.39 6.65
C GLU A 31 -11.75 -6.86 7.78
N THR A 32 -11.48 -5.64 8.22
CA THR A 32 -12.24 -5.04 9.30
C THR A 32 -13.01 -3.82 8.80
N THR A 33 -12.90 -3.50 7.53
CA THR A 33 -13.58 -2.35 6.94
C THR A 33 -13.87 -2.57 5.46
N LYS A 34 -15.11 -2.91 5.13
CA LYS A 34 -15.48 -3.14 3.74
C LYS A 34 -15.68 -1.80 3.03
N GLY A 35 -15.26 -1.74 1.77
CA GLY A 35 -15.37 -0.51 1.01
C GLY A 35 -14.09 0.30 1.08
N ALA A 36 -13.22 -0.11 2.00
CA ALA A 36 -11.94 0.53 2.21
C ALA A 36 -10.86 -0.52 2.13
N TYR A 37 -9.61 -0.11 2.05
CA TYR A 37 -8.53 -1.08 1.97
C TYR A 37 -7.30 -0.61 2.73
N SER A 38 -6.25 -1.41 2.65
CA SER A 38 -5.02 -1.12 3.35
C SER A 38 -3.84 -1.40 2.44
N LEU A 39 -2.97 -0.42 2.28
CA LEU A 39 -1.81 -0.57 1.43
C LEU A 39 -0.79 -1.49 2.08
N SER A 40 -0.52 -2.61 1.42
CA SER A 40 0.44 -3.57 1.91
C SER A 40 1.80 -3.29 1.29
N ILE A 41 2.64 -2.58 2.03
CA ILE A 41 3.96 -2.20 1.53
C ILE A 41 5.08 -2.90 2.28
N ARG A 42 6.09 -3.33 1.54
CA ARG A 42 7.24 -3.98 2.16
C ARG A 42 8.17 -2.90 2.70
N ASP A 43 7.88 -2.46 3.91
CA ASP A 43 8.66 -1.42 4.55
C ASP A 43 9.17 -1.91 5.89
N TRP A 44 10.41 -1.59 6.18
CA TRP A 44 11.02 -2.03 7.43
C TRP A 44 11.65 -0.87 8.19
N ASP A 45 12.44 -1.24 9.18
CA ASP A 45 13.14 -0.30 10.04
C ASP A 45 14.58 -0.09 9.58
N ASP A 46 14.97 -0.84 8.54
CA ASP A 46 16.31 -0.78 7.98
C ASP A 46 17.33 -1.47 8.89
N MET A 47 16.84 -2.11 9.94
CA MET A 47 17.73 -2.79 10.87
C MET A 47 17.69 -4.28 10.59
N LYS A 48 16.49 -4.77 10.29
CA LYS A 48 16.30 -6.17 9.97
C LYS A 48 16.22 -6.35 8.46
N GLY A 49 15.79 -5.29 7.78
CA GLY A 49 15.67 -5.33 6.32
C GLY A 49 14.67 -6.34 5.83
N ASP A 50 13.54 -6.45 6.51
CA ASP A 50 12.49 -7.39 6.13
C ASP A 50 11.24 -7.17 6.98
N HIS A 51 10.24 -6.52 6.41
CA HIS A 51 8.99 -6.25 7.13
C HIS A 51 7.94 -5.74 6.16
N VAL A 52 6.69 -5.71 6.63
CA VAL A 52 5.57 -5.24 5.83
C VAL A 52 4.68 -4.35 6.68
N LYS A 53 4.21 -3.25 6.10
CA LYS A 53 3.35 -2.32 6.81
C LYS A 53 1.98 -2.30 6.15
N HIS A 54 0.96 -1.86 6.88
CA HIS A 54 -0.39 -1.81 6.34
C HIS A 54 -1.01 -0.43 6.53
N TYR A 55 -0.87 0.41 5.52
CA TYR A 55 -1.42 1.76 5.57
C TYR A 55 -2.92 1.73 5.29
N LYS A 56 -3.71 1.98 6.33
CA LYS A 56 -5.15 1.96 6.21
C LYS A 56 -5.61 3.16 5.40
N ILE A 57 -6.36 2.87 4.35
CA ILE A 57 -6.87 3.90 3.46
C ILE A 57 -8.36 4.10 3.62
N ARG A 58 -8.79 5.33 3.47
CA ARG A 58 -10.18 5.69 3.58
C ARG A 58 -10.76 5.95 2.20
N LYS A 59 -11.96 5.45 1.96
CA LYS A 59 -12.60 5.65 0.67
C LYS A 59 -13.36 6.96 0.65
N LEU A 60 -13.17 7.73 -0.41
CA LEU A 60 -13.81 9.02 -0.54
C LEU A 60 -15.30 8.86 -0.77
N ASP A 61 -16.08 9.75 -0.17
CA ASP A 61 -17.54 9.71 -0.31
C ASP A 61 -17.93 10.06 -1.74
N ASN A 62 -17.04 10.75 -2.45
CA ASN A 62 -17.32 11.13 -3.83
C ASN A 62 -17.00 9.99 -4.80
N GLY A 63 -16.59 8.85 -4.24
CA GLY A 63 -16.28 7.70 -5.08
C GLY A 63 -14.83 7.67 -5.48
N GLY A 64 -13.94 7.59 -4.51
CA GLY A 64 -12.52 7.56 -4.80
C GLY A 64 -11.71 6.99 -3.66
N TYR A 65 -10.39 7.00 -3.80
CA TYR A 65 -9.50 6.48 -2.77
C TYR A 65 -8.36 7.46 -2.56
N TYR A 66 -7.84 7.51 -1.34
CA TYR A 66 -6.74 8.41 -1.03
C TYR A 66 -6.03 8.02 0.26
N ILE A 67 -4.71 8.14 0.25
CA ILE A 67 -3.90 7.84 1.42
C ILE A 67 -3.65 9.13 2.19
N THR A 68 -3.89 10.23 1.51
CA THR A 68 -3.72 11.55 2.07
C THR A 68 -4.58 12.54 1.31
N THR A 69 -4.79 13.71 1.88
CA THR A 69 -5.59 14.74 1.26
C THR A 69 -4.77 15.55 0.26
N ARG A 70 -3.49 15.22 0.15
CA ARG A 70 -2.60 15.90 -0.78
C ARG A 70 -2.62 15.17 -2.12
N ALA A 71 -3.18 13.98 -2.14
CA ALA A 71 -3.25 13.17 -3.34
C ALA A 71 -4.42 12.21 -3.27
N GLN A 72 -5.49 12.54 -3.99
CA GLN A 72 -6.68 11.72 -4.02
C GLN A 72 -7.08 11.41 -5.46
N PHE A 73 -7.62 10.23 -5.68
CA PHE A 73 -8.03 9.80 -7.00
C PHE A 73 -9.34 9.05 -6.91
N GLU A 74 -9.85 8.64 -8.05
CA GLU A 74 -11.11 7.92 -8.11
C GLU A 74 -10.89 6.45 -8.42
N THR A 75 -9.73 6.13 -8.96
CA THR A 75 -9.40 4.76 -9.33
C THR A 75 -8.09 4.33 -8.69
N LEU A 76 -7.97 3.04 -8.43
CA LEU A 76 -6.77 2.49 -7.82
C LEU A 76 -5.57 2.62 -8.75
N GLN A 77 -5.77 2.34 -10.03
CA GLN A 77 -4.69 2.41 -11.01
C GLN A 77 -4.10 3.82 -11.09
N GLN A 78 -4.98 4.82 -11.09
CA GLN A 78 -4.52 6.20 -11.17
C GLN A 78 -3.72 6.56 -9.93
N LEU A 79 -4.17 6.04 -8.79
CA LEU A 79 -3.49 6.28 -7.53
C LEU A 79 -2.09 5.66 -7.59
N VAL A 80 -2.03 4.41 -8.07
CA VAL A 80 -0.77 3.70 -8.17
C VAL A 80 0.18 4.42 -9.12
N GLN A 81 -0.37 4.92 -10.23
CA GLN A 81 0.41 5.63 -11.24
C GLN A 81 1.09 6.86 -10.65
N HIS A 82 0.33 7.65 -9.88
CA HIS A 82 0.87 8.87 -9.27
C HIS A 82 1.93 8.54 -8.23
N TYR A 83 1.70 7.48 -7.46
CA TYR A 83 2.65 7.10 -6.42
C TYR A 83 3.81 6.31 -7.02
N SER A 84 3.70 5.98 -8.29
CA SER A 84 4.74 5.25 -8.98
C SER A 84 5.83 6.23 -9.43
N GLU A 85 5.42 7.47 -9.64
CA GLU A 85 6.33 8.52 -10.08
C GLU A 85 7.18 8.98 -8.91
N ARG A 86 6.56 9.07 -7.75
CA ARG A 86 7.23 9.49 -6.54
C ARG A 86 6.35 9.21 -5.33
N ALA A 87 6.84 9.56 -4.15
CA ALA A 87 6.09 9.33 -2.94
C ALA A 87 5.32 10.59 -2.55
N ALA A 88 4.00 10.48 -2.50
CA ALA A 88 3.16 11.60 -2.15
C ALA A 88 2.90 11.65 -0.65
N GLY A 89 3.46 10.69 0.08
CA GLY A 89 3.28 10.66 1.51
C GLY A 89 3.53 9.28 2.12
N LEU A 90 4.34 8.47 1.46
CA LEU A 90 4.64 7.13 1.96
C LEU A 90 6.14 6.98 2.13
N CYS A 91 6.56 5.88 2.75
CA CYS A 91 7.97 5.62 2.95
C CYS A 91 8.72 5.56 1.63
N CYS A 92 8.07 5.00 0.61
CA CYS A 92 8.68 4.88 -0.70
C CYS A 92 7.61 4.96 -1.78
N ARG A 93 8.06 5.10 -3.02
CA ARG A 93 7.16 5.18 -4.16
C ARG A 93 6.81 3.78 -4.64
N LEU A 94 5.77 3.69 -5.45
CA LEU A 94 5.31 2.41 -5.97
C LEU A 94 6.04 2.04 -7.25
N VAL A 95 7.28 1.61 -7.10
CA VAL A 95 8.10 1.24 -8.25
C VAL A 95 8.37 -0.27 -8.26
N VAL A 96 7.57 -1.00 -9.02
CA VAL A 96 7.72 -2.44 -9.13
C VAL A 96 6.92 -2.97 -10.32
N PRO A 97 7.50 -3.91 -11.07
CA PRO A 97 6.83 -4.54 -12.22
C PRO A 97 5.74 -5.51 -11.78
N CYS A 98 6.13 -6.75 -11.52
CA CYS A 98 5.20 -7.79 -11.09
C CYS A 98 5.97 -9.09 -10.89
N HIS A 99 5.70 -9.79 -9.81
CA HIS A 99 6.38 -11.05 -9.52
C HIS A 99 5.37 -12.13 -9.17
N LYS A 100 4.65 -12.60 -10.16
CA LYS A 100 3.65 -13.63 -9.97
C LYS A 100 4.27 -15.01 -10.16
N GLU B 1 -2.70 -5.11 18.34
CA GLU B 1 -2.77 -3.80 17.64
C GLU B 1 -2.22 -3.92 16.23
N PRO B 2 -3.06 -3.67 15.21
CA PRO B 2 -2.63 -3.74 13.82
C PRO B 2 -1.77 -2.55 13.44
N GLN B 3 -0.81 -2.77 12.55
CA GLN B 3 0.08 -1.71 12.10
C GLN B 3 -0.60 -0.85 11.06
N PTR B 4 -1.60 -0.13 11.52
CA PTR B 4 -2.39 0.76 10.66
C PTR B 4 -1.87 2.19 10.75
O PTR B 4 -2.24 2.95 11.64
CB PTR B 4 -3.86 0.72 11.10
CG PTR B 4 -4.76 -0.22 10.33
CD1 PTR B 4 -4.34 -0.89 9.17
CD2 PTR B 4 -6.06 -0.43 10.75
CE1 PTR B 4 -5.19 -1.72 8.47
CE2 PTR B 4 -6.93 -1.27 10.06
CZ PTR B 4 -6.49 -1.91 8.92
OH PTR B 4 -7.36 -2.71 8.22
P PTR B 4 -7.08 -4.29 8.03
O1P PTR B 4 -5.65 -4.62 7.87
O2P PTR B 4 -7.95 -4.93 7.02
O3P PTR B 4 -7.51 -4.95 9.42
H PTR B 4 -1.81 -0.17 12.48
HA PTR B 4 -2.30 0.42 9.65
HB2 PTR B 4 -3.90 0.44 12.14
HB3 PTR B 4 -4.27 1.71 11.00
HD1 PTR B 4 -3.32 -0.75 8.83
HD2 PTR B 4 -6.41 0.07 11.64
HE1 PTR B 4 -4.85 -2.23 7.58
HE2 PTR B 4 -7.94 -1.42 10.41
N GLN B 5 -1.01 2.56 9.82
CA GLN B 5 -0.44 3.90 9.79
C GLN B 5 -0.97 4.69 8.59
N PRO B 6 -1.00 6.02 8.68
CA PRO B 6 -1.47 6.88 7.60
C PRO B 6 -0.33 7.34 6.67
N GLY B 7 -0.64 8.27 5.78
CA GLY B 7 0.36 8.78 4.86
C GLY B 7 0.62 10.26 5.06
N GLU B 8 1.16 10.61 6.22
CA GLU B 8 1.45 12.00 6.54
C GLU B 8 2.75 12.46 5.89
N ASN B 9 2.81 13.74 5.52
CA ASN B 9 4.00 14.32 4.90
C ASN B 9 3.84 15.83 4.75
N LEU B 10 4.89 16.56 5.06
CA LEU B 10 4.87 18.01 4.97
C LEU B 10 6.21 18.52 4.46
N TRP A 1 0.16 -4.15 -10.18
CA TRP A 1 0.25 -3.69 -8.78
C TRP A 1 -0.36 -4.71 -7.82
N TYR A 2 -1.69 -4.88 -7.86
CA TYR A 2 -2.35 -5.83 -6.99
C TYR A 2 -2.29 -7.22 -7.62
N PHE A 3 -2.14 -8.23 -6.77
CA PHE A 3 -2.08 -9.61 -7.24
C PHE A 3 -3.46 -10.24 -7.16
N GLY A 4 -4.32 -9.65 -6.34
CA GLY A 4 -5.65 -10.14 -6.19
C GLY A 4 -6.23 -9.66 -4.87
N LYS A 5 -7.07 -10.47 -4.27
CA LYS A 5 -7.67 -10.10 -3.01
C LYS A 5 -6.84 -10.68 -1.86
N LEU A 6 -5.67 -10.09 -1.67
CA LEU A 6 -4.76 -10.53 -0.63
C LEU A 6 -4.00 -9.33 -0.09
N GLY A 7 -3.67 -9.36 1.20
CA GLY A 7 -2.96 -8.25 1.80
C GLY A 7 -2.68 -8.44 3.28
N ARG A 8 -3.34 -9.41 3.89
CA ARG A 8 -3.16 -9.66 5.31
C ARG A 8 -2.14 -10.76 5.57
N LYS A 9 -2.47 -11.99 5.20
CA LYS A 9 -1.59 -13.13 5.44
C LYS A 9 -0.78 -13.44 4.20
N ASP A 10 -1.51 -13.67 3.13
CA ASP A 10 -0.93 -14.00 1.83
C ASP A 10 0.11 -12.99 1.39
N ALA A 11 -0.19 -11.72 1.59
CA ALA A 11 0.71 -10.66 1.17
C ALA A 11 1.99 -10.65 1.98
N GLU A 12 1.86 -10.69 3.30
CA GLU A 12 3.03 -10.66 4.16
C GLU A 12 3.91 -11.87 3.92
N ARG A 13 3.29 -13.00 3.62
CA ARG A 13 4.03 -14.23 3.38
C ARG A 13 4.75 -14.17 2.04
N GLN A 14 4.12 -13.56 1.03
CA GLN A 14 4.72 -13.48 -0.31
C GLN A 14 5.68 -12.31 -0.42
N LEU A 15 5.39 -11.23 0.32
CA LEU A 15 6.22 -10.03 0.31
C LEU A 15 7.62 -10.32 0.85
N LEU A 16 7.73 -11.37 1.64
CA LEU A 16 9.00 -11.76 2.21
C LEU A 16 9.43 -13.12 1.66
N SER A 17 8.73 -13.59 0.63
CA SER A 17 9.03 -14.89 0.03
C SER A 17 10.20 -14.82 -0.95
N PHE A 18 9.99 -14.15 -2.08
CA PHE A 18 11.00 -14.07 -3.13
C PHE A 18 12.08 -13.05 -2.82
N GLY A 19 11.85 -12.21 -1.82
CA GLY A 19 12.83 -11.21 -1.45
C GLY A 19 12.73 -9.99 -2.32
N ASN A 20 11.49 -9.67 -2.67
CA ASN A 20 11.18 -8.52 -3.50
C ASN A 20 11.56 -7.22 -2.80
N PRO A 21 12.37 -6.38 -3.45
CA PRO A 21 12.86 -5.12 -2.88
C PRO A 21 11.74 -4.09 -2.66
N ARG A 22 12.14 -2.89 -2.23
CA ARG A 22 11.19 -1.82 -1.97
C ARG A 22 10.50 -1.42 -3.27
N GLY A 23 9.20 -1.20 -3.18
CA GLY A 23 8.44 -0.84 -4.35
C GLY A 23 7.36 -1.84 -4.62
N THR A 24 7.49 -3.03 -4.02
CA THR A 24 6.52 -4.08 -4.21
C THR A 24 5.34 -3.84 -3.30
N PHE A 25 4.46 -3.01 -3.77
CA PHE A 25 3.29 -2.62 -3.01
C PHE A 25 2.03 -3.09 -3.73
N LEU A 26 1.08 -3.66 -2.99
CA LEU A 26 -0.14 -4.17 -3.61
C LEU A 26 -1.38 -3.67 -2.87
N ILE A 27 -2.52 -3.77 -3.56
CA ILE A 27 -3.80 -3.33 -3.02
C ILE A 27 -4.68 -4.55 -2.76
N ARG A 28 -5.55 -4.44 -1.75
CA ARG A 28 -6.45 -5.52 -1.40
C ARG A 28 -7.74 -4.94 -0.83
N GLU A 29 -8.45 -5.73 -0.04
CA GLU A 29 -9.68 -5.28 0.60
C GLU A 29 -9.52 -5.44 2.11
N SER A 30 -10.14 -4.56 2.87
CA SER A 30 -10.05 -4.62 4.32
C SER A 30 -10.92 -5.75 4.86
N GLU A 31 -10.47 -6.37 5.95
CA GLU A 31 -11.20 -7.46 6.56
C GLU A 31 -12.18 -6.96 7.61
N THR A 32 -12.04 -5.69 7.98
CA THR A 32 -12.91 -5.10 8.98
C THR A 32 -13.60 -3.84 8.45
N THR A 33 -13.13 -3.34 7.32
CA THR A 33 -13.71 -2.14 6.73
C THR A 33 -14.03 -2.35 5.25
N LYS A 34 -15.23 -2.83 4.95
CA LYS A 34 -15.60 -3.05 3.57
C LYS A 34 -15.76 -1.72 2.83
N GLY A 35 -15.44 -1.72 1.56
CA GLY A 35 -15.53 -0.52 0.77
C GLY A 35 -14.21 0.23 0.77
N ALA A 36 -13.38 -0.08 1.76
CA ALA A 36 -12.07 0.53 1.93
C ALA A 36 -11.01 -0.55 1.92
N TYR A 37 -9.74 -0.14 1.96
CA TYR A 37 -8.65 -1.08 1.95
C TYR A 37 -7.44 -0.54 2.69
N SER A 38 -6.31 -1.19 2.52
CA SER A 38 -5.09 -0.79 3.15
C SER A 38 -3.91 -1.13 2.26
N LEU A 39 -2.93 -0.24 2.21
CA LEU A 39 -1.76 -0.45 1.38
C LEU A 39 -0.80 -1.43 2.03
N SER A 40 -0.47 -2.49 1.30
CA SER A 40 0.47 -3.49 1.79
C SER A 40 1.83 -3.22 1.15
N ILE A 41 2.69 -2.55 1.91
CA ILE A 41 4.01 -2.18 1.42
C ILE A 41 5.12 -2.94 2.14
N ARG A 42 6.08 -3.43 1.38
CA ARG A 42 7.22 -4.12 1.97
C ARG A 42 8.23 -3.09 2.44
N ASP A 43 7.98 -2.56 3.61
CA ASP A 43 8.82 -1.54 4.20
C ASP A 43 9.29 -2.01 5.56
N TRP A 44 10.47 -1.60 5.94
CA TRP A 44 11.03 -2.03 7.19
C TRP A 44 11.50 -0.86 8.06
N ASP A 45 12.27 -1.22 9.06
CA ASP A 45 12.83 -0.29 10.02
C ASP A 45 14.28 0.05 9.69
N ASP A 46 14.81 -0.61 8.66
CA ASP A 46 16.18 -0.42 8.19
C ASP A 46 17.19 -1.08 9.14
N MET A 47 16.70 -1.88 10.09
CA MET A 47 17.59 -2.55 11.02
C MET A 47 17.62 -4.03 10.69
N LYS A 48 16.44 -4.55 10.40
CA LYS A 48 16.30 -5.95 10.04
C LYS A 48 16.27 -6.12 8.53
N GLY A 49 15.88 -5.06 7.83
CA GLY A 49 15.82 -5.07 6.38
C GLY A 49 14.87 -6.12 5.85
N ASP A 50 13.69 -6.21 6.48
CA ASP A 50 12.66 -7.17 6.10
C ASP A 50 11.43 -7.02 6.99
N HIS A 51 10.38 -6.42 6.44
CA HIS A 51 9.13 -6.23 7.18
C HIS A 51 8.03 -5.83 6.21
N VAL A 52 6.80 -5.78 6.70
CA VAL A 52 5.66 -5.41 5.88
C VAL A 52 4.75 -4.48 6.68
N LYS A 53 4.49 -3.30 6.15
CA LYS A 53 3.66 -2.34 6.83
C LYS A 53 2.31 -2.22 6.13
N HIS A 54 1.30 -1.81 6.87
CA HIS A 54 -0.03 -1.66 6.33
C HIS A 54 -0.59 -0.27 6.57
N TYR A 55 -0.83 0.46 5.50
CA TYR A 55 -1.36 1.81 5.60
C TYR A 55 -2.86 1.79 5.37
N LYS A 56 -3.63 1.99 6.44
CA LYS A 56 -5.08 2.00 6.36
C LYS A 56 -5.56 3.12 5.45
N ILE A 57 -6.44 2.80 4.54
CA ILE A 57 -6.96 3.77 3.61
C ILE A 57 -8.47 3.95 3.79
N ARG A 58 -8.95 5.14 3.49
CA ARG A 58 -10.36 5.45 3.62
C ARG A 58 -10.93 5.82 2.25
N LYS A 59 -12.17 5.41 2.01
CA LYS A 59 -12.85 5.70 0.76
C LYS A 59 -13.42 7.11 0.78
N LEU A 60 -13.22 7.83 -0.31
CA LEU A 60 -13.70 9.19 -0.43
C LEU A 60 -15.21 9.23 -0.56
N ASP A 61 -15.80 10.34 -0.16
CA ASP A 61 -17.23 10.51 -0.24
C ASP A 61 -17.65 10.52 -1.70
N ASN A 62 -16.78 11.03 -2.55
CA ASN A 62 -17.07 11.10 -3.99
C ASN A 62 -16.82 9.77 -4.67
N GLY A 63 -16.55 8.74 -3.88
CA GLY A 63 -16.31 7.42 -4.44
C GLY A 63 -14.90 7.28 -4.95
N GLY A 64 -13.96 7.77 -4.17
CA GLY A 64 -12.57 7.71 -4.56
C GLY A 64 -11.71 7.07 -3.48
N TYR A 65 -10.41 7.11 -3.68
CA TYR A 65 -9.47 6.53 -2.73
C TYR A 65 -8.31 7.49 -2.50
N TYR A 66 -7.82 7.55 -1.27
CA TYR A 66 -6.72 8.44 -0.94
C TYR A 66 -5.99 7.98 0.31
N ILE A 67 -4.67 8.09 0.29
CA ILE A 67 -3.84 7.73 1.43
C ILE A 67 -3.56 8.98 2.25
N THR A 68 -3.58 10.11 1.55
CA THR A 68 -3.33 11.40 2.15
C THR A 68 -4.24 12.42 1.48
N THR A 69 -4.50 13.52 2.17
CA THR A 69 -5.37 14.56 1.62
C THR A 69 -4.65 15.38 0.55
N ARG A 70 -3.38 15.08 0.36
CA ARG A 70 -2.56 15.77 -0.63
C ARG A 70 -2.66 15.08 -1.98
N ALA A 71 -3.18 13.86 -1.97
CA ALA A 71 -3.31 13.08 -3.20
C ALA A 71 -4.50 12.12 -3.11
N GLN A 72 -5.56 12.46 -3.81
CA GLN A 72 -6.77 11.65 -3.83
C GLN A 72 -7.18 11.37 -5.26
N PHE A 73 -7.66 10.16 -5.52
CA PHE A 73 -8.07 9.77 -6.85
C PHE A 73 -9.41 9.05 -6.80
N GLU A 74 -9.94 8.71 -7.96
CA GLU A 74 -11.23 8.03 -8.04
C GLU A 74 -11.04 6.55 -8.38
N THR A 75 -9.87 6.21 -8.91
CA THR A 75 -9.58 4.82 -9.27
C THR A 75 -8.26 4.39 -8.64
N LEU A 76 -8.09 3.08 -8.49
CA LEU A 76 -6.88 2.53 -7.90
C LEU A 76 -5.70 2.63 -8.85
N GLN A 77 -5.93 2.31 -10.12
CA GLN A 77 -4.90 2.36 -11.14
C GLN A 77 -4.29 3.75 -11.24
N GLN A 78 -5.13 4.76 -11.19
CA GLN A 78 -4.65 6.14 -11.27
C GLN A 78 -3.84 6.49 -10.04
N LEU A 79 -4.29 6.02 -8.89
CA LEU A 79 -3.60 6.27 -7.63
C LEU A 79 -2.20 5.66 -7.70
N VAL A 80 -2.13 4.42 -8.16
CA VAL A 80 -0.86 3.70 -8.27
C VAL A 80 0.09 4.42 -9.22
N GLN A 81 -0.44 4.89 -10.33
CA GLN A 81 0.36 5.59 -11.34
C GLN A 81 0.99 6.86 -10.80
N HIS A 82 0.26 7.59 -9.97
CA HIS A 82 0.77 8.83 -9.38
C HIS A 82 1.81 8.52 -8.30
N TYR A 83 1.56 7.51 -7.49
CA TYR A 83 2.47 7.14 -6.43
C TYR A 83 3.65 6.35 -7.00
N SER A 84 3.57 6.05 -8.28
CA SER A 84 4.62 5.32 -8.97
C SER A 84 5.74 6.28 -9.35
N GLU A 85 5.40 7.56 -9.43
CA GLU A 85 6.37 8.57 -9.79
C GLU A 85 7.20 8.96 -8.58
N ARG A 86 6.54 9.06 -7.43
CA ARG A 86 7.19 9.43 -6.19
C ARG A 86 6.27 9.16 -5.01
N ALA A 87 6.75 9.46 -3.82
CA ALA A 87 5.97 9.23 -2.61
C ALA A 87 5.17 10.48 -2.29
N ALA A 88 3.85 10.37 -2.38
CA ALA A 88 2.98 11.52 -2.11
C ALA A 88 2.57 11.58 -0.64
N GLY A 89 3.00 10.59 0.12
CA GLY A 89 2.69 10.56 1.54
C GLY A 89 3.01 9.22 2.17
N LEU A 90 4.01 8.54 1.64
CA LEU A 90 4.41 7.25 2.16
C LEU A 90 5.91 7.24 2.39
N CYS A 91 6.45 6.11 2.77
CA CYS A 91 7.88 6.00 3.00
C CYS A 91 8.61 5.80 1.68
N CYS A 92 7.95 5.16 0.73
CA CYS A 92 8.55 4.91 -0.58
C CYS A 92 7.50 5.02 -1.68
N ARG A 93 7.96 5.10 -2.93
CA ARG A 93 7.06 5.20 -4.06
C ARG A 93 6.71 3.81 -4.59
N LEU A 94 5.61 3.73 -5.33
CA LEU A 94 5.13 2.46 -5.87
C LEU A 94 5.85 2.11 -7.17
N VAL A 95 7.04 1.55 -7.05
CA VAL A 95 7.84 1.17 -8.21
C VAL A 95 8.14 -0.32 -8.23
N VAL A 96 7.41 -1.06 -9.04
CA VAL A 96 7.61 -2.50 -9.14
C VAL A 96 6.87 -3.06 -10.35
N PRO A 97 7.54 -3.96 -11.08
CA PRO A 97 6.93 -4.61 -12.24
C PRO A 97 5.86 -5.62 -11.83
N CYS A 98 6.31 -6.79 -11.41
CA CYS A 98 5.43 -7.86 -10.96
C CYS A 98 6.28 -8.99 -10.39
N HIS A 99 5.75 -9.70 -9.41
CA HIS A 99 6.49 -10.80 -8.80
C HIS A 99 5.54 -11.89 -8.35
N LYS A 100 5.10 -12.71 -9.28
CA LYS A 100 4.18 -13.79 -8.99
C LYS A 100 4.96 -15.04 -8.62
N GLU B 1 0.16 -0.60 19.61
CA GLU B 1 -0.51 0.07 18.48
C GLU B 1 -0.11 -0.58 17.17
N PRO B 2 -1.04 -1.27 16.49
CA PRO B 2 -0.76 -1.94 15.23
C PRO B 2 -0.34 -0.97 14.14
N GLN B 3 0.48 -1.43 13.22
CA GLN B 3 0.94 -0.59 12.13
C GLN B 3 -0.14 -0.51 11.05
N PTR B 4 -1.11 0.34 11.32
CA PTR B 4 -2.22 0.54 10.40
C PTR B 4 -2.41 2.03 10.11
O PTR B 4 -3.53 2.50 9.88
CB PTR B 4 -3.51 -0.05 10.99
CG PTR B 4 -4.15 -1.12 10.13
CD1 PTR B 4 -4.03 -1.11 8.75
CD2 PTR B 4 -4.90 -2.14 10.72
CE1 PTR B 4 -4.62 -2.08 7.97
CE2 PTR B 4 -5.49 -3.13 9.95
CZ PTR B 4 -5.34 -3.09 8.57
OH PTR B 4 -5.94 -4.06 7.78
P PTR B 4 -7.46 -3.89 7.29
O1P PTR B 4 -8.08 -5.15 6.83
O2P PTR B 4 -7.66 -2.78 6.35
O3P PTR B 4 -8.29 -3.50 8.58
H PTR B 4 -1.09 0.82 12.17
HA PTR B 4 -1.99 0.03 9.48
HB2 PTR B 4 -3.28 -0.48 11.95
HB3 PTR B 4 -4.23 0.75 11.13
HD1 PTR B 4 -3.45 -0.32 8.28
HD2 PTR B 4 -5.01 -2.16 11.79
HE1 PTR B 4 -4.51 -2.05 6.90
HE2 PTR B 4 -6.07 -3.90 10.41
N GLN B 5 -1.31 2.77 10.11
CA GLN B 5 -1.36 4.21 9.85
C GLN B 5 -0.17 4.66 9.02
N PRO B 6 -0.38 5.58 8.06
CA PRO B 6 0.69 6.11 7.21
C PRO B 6 1.73 6.88 8.01
N GLY B 7 2.97 6.83 7.57
CA GLY B 7 4.04 7.53 8.24
C GLY B 7 4.41 8.82 7.54
N GLU B 8 3.48 9.77 7.50
CA GLU B 8 3.72 11.05 6.86
C GLU B 8 4.60 11.90 7.76
N ASN B 9 5.90 11.62 7.73
CA ASN B 9 6.87 12.34 8.55
C ASN B 9 8.20 12.41 7.84
N LEU B 10 8.73 11.25 7.45
CA LEU B 10 9.99 11.18 6.74
C LEU B 10 9.85 10.31 5.51
N TRP A 1 0.68 -3.98 -9.85
CA TRP A 1 0.53 -3.54 -8.44
C TRP A 1 -0.08 -4.65 -7.58
N TYR A 2 -1.41 -4.75 -7.55
CA TYR A 2 -2.06 -5.77 -6.74
C TYR A 2 -2.05 -7.13 -7.44
N PHE A 3 -2.02 -8.18 -6.65
CA PHE A 3 -2.02 -9.54 -7.17
C PHE A 3 -3.43 -10.12 -7.11
N GLY A 4 -4.20 -9.65 -6.15
CA GLY A 4 -5.56 -10.11 -5.99
C GLY A 4 -6.12 -9.66 -4.66
N LYS A 5 -6.82 -10.56 -4.00
CA LYS A 5 -7.41 -10.26 -2.71
C LYS A 5 -6.54 -10.82 -1.60
N LEU A 6 -5.42 -10.15 -1.35
CA LEU A 6 -4.49 -10.58 -0.32
C LEU A 6 -3.74 -9.36 0.21
N GLY A 7 -3.42 -9.37 1.49
CA GLY A 7 -2.76 -8.22 2.08
C GLY A 7 -2.29 -8.42 3.51
N ARG A 8 -2.72 -9.48 4.17
CA ARG A 8 -2.32 -9.69 5.55
C ARG A 8 -1.37 -10.86 5.71
N LYS A 9 -1.89 -12.07 5.64
CA LYS A 9 -1.08 -13.27 5.81
C LYS A 9 -0.38 -13.60 4.50
N ASP A 10 -1.18 -13.70 3.49
CA ASP A 10 -0.76 -14.00 2.13
C ASP A 10 0.27 -13.01 1.63
N ALA A 11 -0.04 -11.74 1.83
CA ALA A 11 0.85 -10.68 1.39
C ALA A 11 2.16 -10.69 2.14
N GLU A 12 2.09 -10.69 3.47
CA GLU A 12 3.28 -10.69 4.29
C GLU A 12 4.15 -11.92 4.03
N ARG A 13 3.53 -13.01 3.59
CA ARG A 13 4.27 -14.21 3.31
C ARG A 13 4.94 -14.14 1.93
N GLN A 14 4.24 -13.55 0.96
CA GLN A 14 4.78 -13.46 -0.41
C GLN A 14 5.69 -12.23 -0.58
N LEU A 15 5.42 -11.19 0.19
CA LEU A 15 6.19 -9.95 0.13
C LEU A 15 7.63 -10.18 0.58
N LEU A 16 7.85 -11.28 1.27
CA LEU A 16 9.18 -11.63 1.75
C LEU A 16 9.57 -13.01 1.23
N SER A 17 8.81 -13.50 0.25
CA SER A 17 9.07 -14.82 -0.33
C SER A 17 10.30 -14.84 -1.23
N PHE A 18 10.22 -14.13 -2.35
CA PHE A 18 11.30 -14.10 -3.33
C PHE A 18 12.42 -13.16 -2.91
N GLY A 19 12.15 -12.29 -1.95
CA GLY A 19 13.16 -11.35 -1.49
C GLY A 19 13.06 -10.03 -2.22
N ASN A 20 11.85 -9.73 -2.67
CA ASN A 20 11.56 -8.50 -3.39
C ASN A 20 11.82 -7.29 -2.51
N PRO A 21 12.52 -6.27 -3.06
CA PRO A 21 12.86 -5.06 -2.32
C PRO A 21 11.69 -4.08 -2.22
N ARG A 22 11.99 -2.86 -1.78
CA ARG A 22 10.98 -1.82 -1.65
C ARG A 22 10.39 -1.49 -3.02
N GLY A 23 9.16 -1.03 -3.03
CA GLY A 23 8.49 -0.71 -4.27
C GLY A 23 7.48 -1.77 -4.64
N THR A 24 7.55 -2.90 -3.94
CA THR A 24 6.62 -4.00 -4.16
C THR A 24 5.43 -3.82 -3.26
N PHE A 25 4.50 -3.03 -3.73
CA PHE A 25 3.32 -2.70 -2.97
C PHE A 25 2.08 -3.22 -3.67
N LEU A 26 1.12 -3.71 -2.90
CA LEU A 26 -0.10 -4.25 -3.48
C LEU A 26 -1.33 -3.75 -2.74
N ILE A 27 -2.47 -3.86 -3.40
CA ILE A 27 -3.74 -3.42 -2.85
C ILE A 27 -4.61 -4.62 -2.48
N ARG A 28 -5.32 -4.50 -1.36
CA ARG A 28 -6.19 -5.56 -0.89
C ARG A 28 -7.39 -4.95 -0.18
N GLU A 29 -8.49 -5.66 -0.15
CA GLU A 29 -9.68 -5.19 0.50
C GLU A 29 -9.55 -5.36 2.00
N SER A 30 -9.93 -4.34 2.73
CA SER A 30 -9.84 -4.39 4.18
C SER A 30 -10.76 -5.48 4.71
N GLU A 31 -10.22 -6.34 5.56
CA GLU A 31 -10.99 -7.46 6.10
C GLU A 31 -11.85 -7.05 7.28
N THR A 32 -11.84 -5.76 7.59
CA THR A 32 -12.62 -5.22 8.69
C THR A 32 -13.29 -3.92 8.28
N THR A 33 -13.10 -3.53 7.03
CA THR A 33 -13.69 -2.30 6.52
C THR A 33 -14.00 -2.45 5.03
N LYS A 34 -15.14 -3.05 4.73
CA LYS A 34 -15.52 -3.23 3.34
C LYS A 34 -15.75 -1.88 2.67
N GLY A 35 -15.41 -1.80 1.40
CA GLY A 35 -15.54 -0.56 0.67
C GLY A 35 -14.24 0.22 0.67
N ALA A 36 -13.42 -0.03 1.69
CA ALA A 36 -12.14 0.61 1.86
C ALA A 36 -11.06 -0.45 1.78
N TYR A 37 -9.81 -0.05 1.79
CA TYR A 37 -8.73 -1.02 1.72
C TYR A 37 -7.52 -0.56 2.51
N SER A 38 -6.44 -1.30 2.38
CA SER A 38 -5.22 -0.99 3.09
C SER A 38 -4.03 -1.17 2.15
N LEU A 39 -3.06 -0.28 2.27
CA LEU A 39 -1.88 -0.35 1.44
C LEU A 39 -0.84 -1.28 2.07
N SER A 40 -0.59 -2.39 1.40
CA SER A 40 0.38 -3.35 1.89
C SER A 40 1.71 -3.09 1.18
N ILE A 41 2.59 -2.38 1.87
CA ILE A 41 3.88 -2.02 1.31
C ILE A 41 5.02 -2.78 1.96
N ARG A 42 5.96 -3.20 1.13
CA ARG A 42 7.14 -3.90 1.61
C ARG A 42 8.15 -2.87 2.09
N ASP A 43 7.95 -2.43 3.32
CA ASP A 43 8.79 -1.43 3.93
C ASP A 43 9.22 -1.92 5.29
N TRP A 44 10.43 -1.59 5.69
CA TRP A 44 10.94 -2.06 6.95
C TRP A 44 11.33 -0.93 7.89
N ASP A 45 12.01 -1.33 8.95
CA ASP A 45 12.50 -0.45 10.00
C ASP A 45 13.95 -0.04 9.75
N ASP A 46 14.55 -0.62 8.72
CA ASP A 46 15.93 -0.34 8.32
C ASP A 46 16.94 -1.06 9.22
N MET A 47 16.46 -1.93 10.11
CA MET A 47 17.36 -2.66 11.00
C MET A 47 17.40 -4.11 10.59
N LYS A 48 16.22 -4.66 10.37
CA LYS A 48 16.08 -6.05 9.97
C LYS A 48 16.14 -6.17 8.45
N GLY A 49 15.87 -5.05 7.77
CA GLY A 49 15.89 -5.03 6.32
C GLY A 49 14.94 -6.04 5.70
N ASP A 50 13.74 -6.11 6.26
CA ASP A 50 12.72 -7.04 5.80
C ASP A 50 11.48 -6.91 6.68
N HIS A 51 10.42 -6.31 6.14
CA HIS A 51 9.19 -6.11 6.88
C HIS A 51 8.07 -5.68 5.94
N VAL A 52 6.84 -5.65 6.45
CA VAL A 52 5.69 -5.25 5.67
C VAL A 52 4.83 -4.31 6.50
N LYS A 53 4.50 -3.16 5.94
CA LYS A 53 3.70 -2.18 6.64
C LYS A 53 2.32 -2.09 6.00
N HIS A 54 1.34 -1.68 6.78
CA HIS A 54 -0.04 -1.58 6.30
C HIS A 54 -0.62 -0.21 6.61
N TYR A 55 -0.89 0.57 5.57
CA TYR A 55 -1.47 1.89 5.75
C TYR A 55 -2.98 1.80 5.59
N LYS A 56 -3.72 2.39 6.53
CA LYS A 56 -5.18 2.36 6.49
C LYS A 56 -5.71 3.41 5.53
N ILE A 57 -6.46 2.98 4.55
CA ILE A 57 -7.01 3.90 3.57
C ILE A 57 -8.51 4.10 3.80
N ARG A 58 -8.99 5.26 3.44
CA ARG A 58 -10.40 5.58 3.60
C ARG A 58 -11.02 5.95 2.26
N LYS A 59 -12.26 5.56 2.07
CA LYS A 59 -12.98 5.86 0.85
C LYS A 59 -13.46 7.30 0.87
N LEU A 60 -13.28 7.99 -0.24
CA LEU A 60 -13.69 9.36 -0.35
C LEU A 60 -15.20 9.47 -0.47
N ASP A 61 -15.76 10.52 0.12
CA ASP A 61 -17.19 10.74 0.09
C ASP A 61 -17.65 11.09 -1.31
N ASN A 62 -16.74 11.63 -2.12
CA ASN A 62 -17.08 12.00 -3.49
C ASN A 62 -16.90 10.82 -4.44
N GLY A 63 -16.66 9.64 -3.88
CA GLY A 63 -16.51 8.45 -4.68
C GLY A 63 -15.10 8.28 -5.19
N GLY A 64 -14.16 8.08 -4.27
CA GLY A 64 -12.78 7.90 -4.66
C GLY A 64 -11.94 7.27 -3.56
N TYR A 65 -10.63 7.27 -3.76
CA TYR A 65 -9.70 6.69 -2.79
C TYR A 65 -8.51 7.62 -2.60
N TYR A 66 -7.90 7.56 -1.42
CA TYR A 66 -6.75 8.41 -1.12
C TYR A 66 -5.99 7.91 0.10
N ILE A 67 -4.66 8.01 0.06
CA ILE A 67 -3.83 7.59 1.17
C ILE A 67 -3.48 8.81 2.03
N THR A 68 -3.67 9.97 1.43
CA THR A 68 -3.40 11.24 2.09
C THR A 68 -4.20 12.34 1.38
N THR A 69 -4.37 13.46 2.04
CA THR A 69 -5.14 14.57 1.48
C THR A 69 -4.35 15.32 0.40
N ARG A 70 -3.11 14.92 0.22
CA ARG A 70 -2.24 15.55 -0.77
C ARG A 70 -2.41 14.88 -2.13
N ALA A 71 -3.02 13.70 -2.12
CA ALA A 71 -3.23 12.96 -3.35
C ALA A 71 -4.46 12.05 -3.25
N GLN A 72 -5.53 12.45 -3.93
CA GLN A 72 -6.75 11.68 -3.93
C GLN A 72 -7.20 11.41 -5.36
N PHE A 73 -7.70 10.21 -5.59
CA PHE A 73 -8.15 9.80 -6.92
C PHE A 73 -9.48 9.08 -6.82
N GLU A 74 -9.91 8.50 -7.93
CA GLU A 74 -11.16 7.77 -7.98
C GLU A 74 -10.94 6.32 -8.39
N THR A 75 -9.76 6.05 -8.93
CA THR A 75 -9.42 4.70 -9.36
C THR A 75 -8.11 4.26 -8.72
N LEU A 76 -7.93 2.96 -8.56
CA LEU A 76 -6.74 2.42 -7.96
C LEU A 76 -5.53 2.52 -8.89
N GLN A 77 -5.76 2.29 -10.18
CA GLN A 77 -4.69 2.35 -11.17
C GLN A 77 -4.08 3.74 -11.24
N GLN A 78 -4.92 4.77 -11.18
CA GLN A 78 -4.45 6.14 -11.24
C GLN A 78 -3.67 6.48 -9.98
N LEU A 79 -4.14 5.97 -8.86
CA LEU A 79 -3.49 6.19 -7.58
C LEU A 79 -2.08 5.57 -7.62
N VAL A 80 -2.02 4.34 -8.10
CA VAL A 80 -0.75 3.62 -8.19
C VAL A 80 0.23 4.34 -9.10
N GLN A 81 -0.26 4.87 -10.21
CA GLN A 81 0.56 5.56 -11.18
C GLN A 81 1.18 6.84 -10.60
N HIS A 82 0.42 7.54 -9.78
CA HIS A 82 0.91 8.78 -9.17
C HIS A 82 1.88 8.49 -8.04
N TYR A 83 1.74 7.34 -7.41
CA TYR A 83 2.64 6.99 -6.33
C TYR A 83 3.80 6.17 -6.88
N SER A 84 3.80 6.01 -8.20
CA SER A 84 4.82 5.25 -8.89
C SER A 84 5.94 6.20 -9.30
N GLU A 85 5.55 7.43 -9.59
CA GLU A 85 6.49 8.46 -10.01
C GLU A 85 7.29 8.97 -8.83
N ARG A 86 6.64 9.06 -7.68
CA ARG A 86 7.28 9.56 -6.46
C ARG A 86 6.42 9.21 -5.26
N ALA A 87 6.86 9.66 -4.09
CA ALA A 87 6.14 9.42 -2.86
C ALA A 87 5.29 10.62 -2.50
N ALA A 88 3.99 10.47 -2.57
CA ALA A 88 3.07 11.57 -2.28
C ALA A 88 2.56 11.48 -0.84
N GLY A 89 3.24 10.68 -0.02
CA GLY A 89 2.84 10.53 1.38
C GLY A 89 3.10 9.15 1.93
N LEU A 90 4.08 8.45 1.36
CA LEU A 90 4.42 7.11 1.81
C LEU A 90 5.91 7.04 2.08
N CYS A 91 6.38 5.93 2.64
CA CYS A 91 7.78 5.76 2.94
C CYS A 91 8.59 5.50 1.65
N CYS A 92 7.92 5.00 0.62
CA CYS A 92 8.58 4.72 -0.64
C CYS A 92 7.58 4.80 -1.78
N ARG A 93 8.07 4.97 -3.00
CA ARG A 93 7.21 5.03 -4.18
C ARG A 93 6.99 3.64 -4.75
N LEU A 94 6.00 3.53 -5.61
CA LEU A 94 5.64 2.26 -6.23
C LEU A 94 6.45 2.03 -7.50
N VAL A 95 7.67 1.55 -7.32
CA VAL A 95 8.56 1.31 -8.45
C VAL A 95 8.77 -0.17 -8.71
N VAL A 96 7.68 -0.92 -8.86
CA VAL A 96 7.77 -2.34 -9.13
C VAL A 96 6.49 -2.83 -9.83
N PRO A 97 6.66 -3.81 -10.73
CA PRO A 97 5.55 -4.40 -11.48
C PRO A 97 4.75 -5.40 -10.64
N CYS A 98 5.13 -6.67 -10.70
CA CYS A 98 4.47 -7.73 -9.95
C CYS A 98 5.19 -9.06 -10.17
N HIS A 99 5.81 -9.58 -9.12
CA HIS A 99 6.54 -10.84 -9.21
C HIS A 99 5.67 -11.99 -8.72
N LYS A 100 5.18 -12.79 -9.67
CA LYS A 100 4.34 -13.94 -9.37
C LYS A 100 5.19 -15.18 -9.17
N GLU B 1 0.85 -3.02 17.19
CA GLU B 1 0.06 -2.01 16.45
C GLU B 1 0.78 -1.61 15.17
N PRO B 2 0.19 -1.92 14.01
CA PRO B 2 0.79 -1.59 12.71
C PRO B 2 0.71 -0.10 12.39
N GLN B 3 1.56 0.35 11.48
CA GLN B 3 1.57 1.75 11.08
C GLN B 3 0.46 2.01 10.07
N PTR B 4 -0.75 2.00 10.57
CA PTR B 4 -1.95 2.21 9.76
C PTR B 4 -2.15 3.69 9.42
O PTR B 4 -3.27 4.16 9.33
CB PTR B 4 -3.19 1.70 10.51
CG PTR B 4 -3.78 0.39 9.98
CD1 PTR B 4 -3.72 0.07 8.62
CD2 PTR B 4 -4.42 -0.50 10.83
CE1 PTR B 4 -4.28 -1.11 8.15
CE2 PTR B 4 -4.97 -1.68 10.36
CZ PTR B 4 -4.90 -1.98 9.02
OH PTR B 4 -5.45 -3.15 8.53
P PTR B 4 -7.04 -3.28 8.24
O1P PTR B 4 -7.53 -4.68 8.24
O2P PTR B 4 -7.52 -2.48 7.09
O3P PTR B 4 -7.75 -2.61 9.52
H PTR B 4 -0.86 1.84 11.54
HA PTR B 4 -1.83 1.65 8.85
HB2 PTR B 4 -2.93 1.53 11.54
HB3 PTR B 4 -3.96 2.45 10.46
HD1 PTR B 4 -3.23 0.74 7.95
HD2 PTR B 4 -4.46 -0.27 11.89
HE1 PTR B 4 -4.22 -1.34 7.10
HE2 PTR B 4 -5.46 -2.37 11.04
N GLN B 5 -1.04 4.41 9.20
CA GLN B 5 -1.10 5.83 8.88
C GLN B 5 -0.04 6.20 7.84
N PRO B 6 -0.30 7.21 6.99
CA PRO B 6 0.64 7.66 5.96
C PRO B 6 1.83 8.43 6.54
N GLY B 7 2.71 8.89 5.67
CA GLY B 7 3.89 9.62 6.11
C GLY B 7 3.87 11.07 5.69
N GLU B 8 4.89 11.81 6.13
CA GLU B 8 4.99 13.22 5.81
C GLU B 8 6.11 13.46 4.80
N ASN B 9 6.04 14.60 4.12
CA ASN B 9 7.05 14.97 3.13
C ASN B 9 7.99 16.02 3.72
N LEU B 10 8.07 16.04 5.04
CA LEU B 10 8.92 16.98 5.75
C LEU B 10 9.27 16.42 7.13
N TRP A 1 0.21 -4.08 -10.06
CA TRP A 1 0.23 -3.62 -8.65
C TRP A 1 -0.38 -4.69 -7.72
N TYR A 2 -1.71 -4.81 -7.71
CA TYR A 2 -2.37 -5.79 -6.86
C TYR A 2 -2.25 -7.18 -7.47
N PHE A 3 -2.29 -8.20 -6.60
CA PHE A 3 -2.18 -9.59 -7.06
C PHE A 3 -3.51 -10.33 -6.95
N GLY A 4 -4.51 -9.65 -6.41
CA GLY A 4 -5.81 -10.26 -6.25
C GLY A 4 -6.51 -9.76 -5.01
N LYS A 5 -6.84 -10.67 -4.13
CA LYS A 5 -7.51 -10.33 -2.88
C LYS A 5 -6.69 -10.83 -1.70
N LEU A 6 -5.53 -10.23 -1.53
CA LEU A 6 -4.61 -10.60 -0.46
C LEU A 6 -3.90 -9.37 0.05
N GLY A 7 -3.50 -9.37 1.31
CA GLY A 7 -2.85 -8.20 1.85
C GLY A 7 -2.51 -8.32 3.32
N ARG A 8 -3.11 -9.28 4.00
CA ARG A 8 -2.87 -9.47 5.42
C ARG A 8 -1.79 -10.53 5.64
N LYS A 9 -2.17 -11.79 5.58
CA LYS A 9 -1.23 -12.89 5.80
C LYS A 9 -0.48 -13.21 4.52
N ASP A 10 -1.25 -13.51 3.49
CA ASP A 10 -0.74 -13.86 2.16
C ASP A 10 0.30 -12.87 1.70
N ALA A 11 -0.05 -11.61 1.79
CA ALA A 11 0.85 -10.55 1.36
C ALA A 11 2.11 -10.51 2.20
N GLU A 12 1.96 -10.53 3.51
CA GLU A 12 3.10 -10.49 4.42
C GLU A 12 4.01 -11.69 4.21
N ARG A 13 3.44 -12.80 3.75
CA ARG A 13 4.23 -14.00 3.51
C ARG A 13 4.92 -13.96 2.15
N GLN A 14 4.21 -13.48 1.12
CA GLN A 14 4.77 -13.43 -0.23
C GLN A 14 5.71 -12.24 -0.41
N LEU A 15 5.49 -11.19 0.36
CA LEU A 15 6.31 -9.99 0.29
C LEU A 15 7.73 -10.26 0.77
N LEU A 16 7.89 -11.38 1.47
CA LEU A 16 9.18 -11.77 1.99
C LEU A 16 9.55 -13.18 1.48
N SER A 17 8.77 -13.67 0.52
CA SER A 17 9.00 -14.99 -0.05
C SER A 17 10.19 -15.02 -1.01
N PHE A 18 10.08 -14.30 -2.10
CA PHE A 18 11.13 -14.29 -3.13
C PHE A 18 12.26 -13.31 -2.79
N GLY A 19 12.01 -12.41 -1.85
CA GLY A 19 13.03 -11.46 -1.46
C GLY A 19 12.93 -10.19 -2.29
N ASN A 20 11.70 -9.81 -2.58
CA ASN A 20 11.43 -8.63 -3.37
C ASN A 20 11.71 -7.36 -2.57
N PRO A 21 12.49 -6.44 -3.14
CA PRO A 21 12.86 -5.18 -2.48
C PRO A 21 11.72 -4.18 -2.39
N ARG A 22 12.05 -2.93 -2.06
CA ARG A 22 11.05 -1.89 -1.94
C ARG A 22 10.41 -1.60 -3.29
N GLY A 23 9.15 -1.19 -3.27
CA GLY A 23 8.45 -0.89 -4.50
C GLY A 23 7.40 -1.94 -4.79
N THR A 24 7.50 -3.07 -4.09
CA THR A 24 6.56 -4.14 -4.28
C THR A 24 5.39 -3.92 -3.35
N PHE A 25 4.49 -3.07 -3.79
CA PHE A 25 3.33 -2.69 -3.01
C PHE A 25 2.07 -3.16 -3.72
N LEU A 26 1.11 -3.65 -2.95
CA LEU A 26 -0.13 -4.15 -3.53
C LEU A 26 -1.35 -3.69 -2.73
N ILE A 27 -2.50 -3.72 -3.40
CA ILE A 27 -3.75 -3.31 -2.80
C ILE A 27 -4.55 -4.55 -2.41
N ARG A 28 -5.29 -4.44 -1.30
CA ARG A 28 -6.09 -5.55 -0.82
C ARG A 28 -7.44 -5.07 -0.33
N GLU A 29 -8.14 -5.92 0.39
CA GLU A 29 -9.44 -5.58 0.95
C GLU A 29 -9.33 -5.54 2.47
N SER A 30 -10.09 -4.66 3.10
CA SER A 30 -10.07 -4.54 4.55
C SER A 30 -10.85 -5.70 5.19
N GLU A 31 -10.41 -6.13 6.36
CA GLU A 31 -11.06 -7.23 7.06
C GLU A 31 -12.16 -6.72 8.00
N THR A 32 -12.26 -5.40 8.14
CA THR A 32 -13.25 -4.82 9.01
C THR A 32 -13.88 -3.56 8.42
N THR A 33 -13.51 -3.25 7.18
CA THR A 33 -14.05 -2.07 6.53
C THR A 33 -14.30 -2.31 5.05
N LYS A 34 -15.47 -2.86 4.72
CA LYS A 34 -15.80 -3.09 3.33
C LYS A 34 -16.00 -1.75 2.61
N GLY A 35 -15.38 -1.62 1.46
CA GLY A 35 -15.46 -0.39 0.71
C GLY A 35 -14.16 0.37 0.82
N ALA A 36 -13.37 0.02 1.82
CA ALA A 36 -12.07 0.62 2.06
C ALA A 36 -11.00 -0.45 2.05
N TYR A 37 -9.75 -0.05 2.11
CA TYR A 37 -8.65 -1.00 2.12
C TYR A 37 -7.44 -0.43 2.84
N SER A 38 -6.33 -1.14 2.75
CA SER A 38 -5.09 -0.73 3.37
C SER A 38 -3.94 -1.10 2.45
N LEU A 39 -2.97 -0.22 2.35
CA LEU A 39 -1.82 -0.45 1.48
C LEU A 39 -0.85 -1.44 2.13
N SER A 40 -0.50 -2.46 1.36
CA SER A 40 0.46 -3.46 1.82
C SER A 40 1.79 -3.19 1.15
N ILE A 41 2.65 -2.46 1.85
CA ILE A 41 3.94 -2.09 1.32
C ILE A 41 5.07 -2.85 1.97
N ARG A 42 6.05 -3.26 1.16
CA ARG A 42 7.21 -3.95 1.66
C ARG A 42 8.20 -2.91 2.18
N ASP A 43 8.01 -2.53 3.43
CA ASP A 43 8.85 -1.54 4.07
C ASP A 43 9.27 -2.09 5.41
N TRP A 44 10.46 -1.73 5.84
CA TRP A 44 11.00 -2.23 7.07
C TRP A 44 11.37 -1.14 8.06
N ASP A 45 12.15 -1.53 9.04
CA ASP A 45 12.62 -0.66 10.10
C ASP A 45 14.02 -0.16 9.81
N ASP A 46 14.59 -0.64 8.71
CA ASP A 46 15.94 -0.26 8.26
C ASP A 46 17.02 -0.90 9.13
N MET A 47 16.64 -1.87 9.96
CA MET A 47 17.60 -2.55 10.82
C MET A 47 17.77 -3.97 10.34
N LYS A 48 16.65 -4.61 10.04
CA LYS A 48 16.66 -5.99 9.56
C LYS A 48 16.60 -6.05 8.05
N GLY A 49 16.07 -4.99 7.43
CA GLY A 49 15.96 -4.95 5.98
C GLY A 49 15.04 -6.02 5.45
N ASP A 50 13.89 -6.19 6.10
CA ASP A 50 12.90 -7.19 5.74
C ASP A 50 11.68 -7.10 6.65
N HIS A 51 10.63 -6.45 6.17
CA HIS A 51 9.41 -6.30 6.94
C HIS A 51 8.29 -5.84 6.02
N VAL A 52 7.07 -5.79 6.54
CA VAL A 52 5.90 -5.35 5.79
C VAL A 52 5.09 -4.38 6.63
N LYS A 53 4.59 -3.34 6.00
CA LYS A 53 3.80 -2.33 6.70
C LYS A 53 2.44 -2.16 6.04
N HIS A 54 1.45 -1.78 6.84
CA HIS A 54 0.10 -1.59 6.33
C HIS A 54 -0.43 -0.21 6.67
N TYR A 55 -0.84 0.53 5.64
CA TYR A 55 -1.39 1.87 5.80
C TYR A 55 -2.88 1.84 5.51
N LYS A 56 -3.69 2.19 6.51
CA LYS A 56 -5.15 2.20 6.35
C LYS A 56 -5.58 3.32 5.40
N ILE A 57 -6.50 2.99 4.50
CA ILE A 57 -6.99 3.98 3.54
C ILE A 57 -8.49 4.19 3.73
N ARG A 58 -8.96 5.38 3.33
CA ARG A 58 -10.35 5.74 3.44
C ARG A 58 -10.93 6.05 2.07
N LYS A 59 -12.15 5.57 1.83
CA LYS A 59 -12.81 5.82 0.56
C LYS A 59 -13.40 7.22 0.57
N LEU A 60 -13.17 7.98 -0.49
CA LEU A 60 -13.68 9.32 -0.59
C LEU A 60 -15.18 9.32 -0.69
N ASP A 61 -15.83 10.26 -0.02
CA ASP A 61 -17.28 10.37 -0.01
C ASP A 61 -17.81 10.64 -1.42
N ASN A 62 -16.98 11.25 -2.25
CA ASN A 62 -17.38 11.57 -3.61
C ASN A 62 -17.13 10.39 -4.55
N GLY A 63 -16.60 9.30 -4.01
CA GLY A 63 -16.33 8.13 -4.81
C GLY A 63 -14.91 8.09 -5.33
N GLY A 64 -13.96 8.01 -4.43
CA GLY A 64 -12.56 7.95 -4.81
C GLY A 64 -11.72 7.28 -3.76
N TYR A 65 -10.41 7.26 -3.95
CA TYR A 65 -9.51 6.64 -3.01
C TYR A 65 -8.33 7.57 -2.73
N TYR A 66 -7.87 7.59 -1.49
CA TYR A 66 -6.76 8.45 -1.11
C TYR A 66 -6.11 7.98 0.19
N ILE A 67 -4.80 8.15 0.26
CA ILE A 67 -4.04 7.79 1.45
C ILE A 67 -3.85 9.03 2.31
N THR A 68 -3.96 10.18 1.65
CA THR A 68 -3.83 11.45 2.30
C THR A 68 -4.62 12.49 1.51
N THR A 69 -4.96 13.59 2.15
CA THR A 69 -5.73 14.64 1.51
C THR A 69 -4.84 15.49 0.62
N ARG A 70 -3.58 15.11 0.52
CA ARG A 70 -2.61 15.81 -0.31
C ARG A 70 -2.50 15.16 -1.68
N ALA A 71 -3.25 14.06 -1.85
CA ALA A 71 -3.26 13.32 -3.11
C ALA A 71 -4.40 12.32 -3.11
N GLN A 72 -5.47 12.67 -3.81
CA GLN A 72 -6.64 11.81 -3.90
C GLN A 72 -7.01 11.54 -5.35
N PHE A 73 -7.50 10.35 -5.61
CA PHE A 73 -7.89 9.96 -6.96
C PHE A 73 -9.24 9.25 -6.94
N GLU A 74 -9.67 8.80 -8.10
CA GLU A 74 -10.97 8.12 -8.22
C GLU A 74 -10.78 6.65 -8.53
N THR A 75 -9.64 6.28 -9.09
CA THR A 75 -9.37 4.90 -9.43
C THR A 75 -8.06 4.45 -8.82
N LEU A 76 -7.97 3.16 -8.51
CA LEU A 76 -6.78 2.58 -7.91
C LEU A 76 -5.58 2.67 -8.85
N GLN A 77 -5.80 2.39 -10.13
CA GLN A 77 -4.73 2.43 -11.11
C GLN A 77 -4.09 3.81 -11.19
N GLN A 78 -4.92 4.85 -11.16
CA GLN A 78 -4.42 6.21 -11.25
C GLN A 78 -3.63 6.55 -9.98
N LEU A 79 -4.14 6.08 -8.86
CA LEU A 79 -3.46 6.30 -7.58
C LEU A 79 -2.08 5.65 -7.61
N VAL A 80 -2.05 4.40 -8.07
CA VAL A 80 -0.80 3.65 -8.18
C VAL A 80 0.20 4.36 -9.08
N GLN A 81 -0.29 4.91 -10.18
CA GLN A 81 0.55 5.62 -11.13
C GLN A 81 1.21 6.85 -10.53
N HIS A 82 0.44 7.63 -9.77
CA HIS A 82 0.97 8.84 -9.14
C HIS A 82 1.91 8.50 -8.00
N TYR A 83 1.70 7.35 -7.38
CA TYR A 83 2.56 6.94 -6.29
C TYR A 83 3.68 6.07 -6.83
N SER A 84 3.69 5.89 -8.14
CA SER A 84 4.71 5.09 -8.81
C SER A 84 5.87 6.00 -9.20
N GLU A 85 5.52 7.21 -9.61
CA GLU A 85 6.52 8.18 -10.02
C GLU A 85 7.32 8.66 -8.81
N ARG A 86 6.63 8.81 -7.69
CA ARG A 86 7.25 9.25 -6.46
C ARG A 86 6.35 8.94 -5.27
N ALA A 87 6.78 9.36 -4.09
CA ALA A 87 6.03 9.12 -2.89
C ALA A 87 5.25 10.37 -2.51
N ALA A 88 3.94 10.23 -2.41
CA ALA A 88 3.09 11.36 -2.06
C ALA A 88 2.55 11.24 -0.64
N GLY A 89 3.36 10.67 0.25
CA GLY A 89 2.94 10.51 1.63
C GLY A 89 3.29 9.14 2.19
N LEU A 90 4.14 8.40 1.49
CA LEU A 90 4.54 7.07 1.94
C LEU A 90 6.05 7.01 2.09
N CYS A 91 6.56 5.89 2.57
CA CYS A 91 7.98 5.73 2.77
C CYS A 91 8.71 5.58 1.43
N CYS A 92 8.02 5.03 0.43
CA CYS A 92 8.62 4.84 -0.88
C CYS A 92 7.56 4.85 -1.97
N ARG A 93 8.00 4.92 -3.22
CA ARG A 93 7.09 4.93 -4.34
C ARG A 93 6.86 3.52 -4.88
N LEU A 94 5.83 3.39 -5.69
CA LEU A 94 5.44 2.12 -6.26
C LEU A 94 6.21 1.86 -7.56
N VAL A 95 7.50 1.60 -7.41
CA VAL A 95 8.37 1.34 -8.56
C VAL A 95 8.64 -0.14 -8.75
N VAL A 96 7.63 -0.86 -9.22
CA VAL A 96 7.75 -2.29 -9.48
C VAL A 96 6.60 -2.77 -10.36
N PRO A 97 6.89 -3.71 -11.26
CA PRO A 97 5.89 -4.28 -12.17
C PRO A 97 4.99 -5.28 -11.44
N CYS A 98 5.56 -6.43 -11.10
CA CYS A 98 4.84 -7.49 -10.41
C CYS A 98 5.83 -8.58 -10.03
N HIS A 99 5.35 -9.60 -9.33
CA HIS A 99 6.20 -10.70 -8.91
C HIS A 99 5.38 -11.94 -8.61
N LYS A 100 5.03 -12.65 -9.67
CA LYS A 100 4.25 -13.86 -9.55
C LYS A 100 5.19 -15.07 -9.59
N GLU B 1 1.74 -1.39 17.19
CA GLU B 1 0.44 -1.12 16.52
C GLU B 1 0.67 -0.67 15.08
N PRO B 2 -0.07 -1.26 14.13
CA PRO B 2 0.04 -0.92 12.71
C PRO B 2 -0.37 0.52 12.43
N GLN B 3 0.16 1.10 11.36
CA GLN B 3 -0.16 2.47 10.98
C GLN B 3 -1.52 2.53 10.30
N PTR B 4 -2.56 2.30 11.08
CA PTR B 4 -3.93 2.29 10.58
C PTR B 4 -4.57 3.68 10.69
O PTR B 4 -5.73 3.81 11.07
CB PTR B 4 -4.76 1.28 11.36
CG PTR B 4 -5.16 0.06 10.56
CD1 PTR B 4 -4.27 -0.57 9.70
CD2 PTR B 4 -6.44 -0.45 10.66
CE1 PTR B 4 -4.66 -1.68 8.96
CE2 PTR B 4 -6.83 -1.56 9.94
CZ PTR B 4 -5.93 -2.18 9.09
OH PTR B 4 -6.32 -3.29 8.36
P PTR B 4 -7.78 -3.39 7.71
O1P PTR B 4 -7.90 -2.74 6.40
O2P PTR B 4 -8.88 -3.07 8.63
O3P PTR B 4 -7.98 -4.95 7.41
H PTR B 4 -2.39 2.12 12.03
HA PTR B 4 -3.91 2.01 9.54
HB2 PTR B 4 -4.19 0.93 12.21
HB3 PTR B 4 -5.66 1.76 11.71
HD1 PTR B 4 -3.27 -0.18 9.60
HD2 PTR B 4 -7.15 0.02 11.33
HE1 PTR B 4 -3.94 -2.16 8.30
HE2 PTR B 4 -7.83 -1.94 10.04
N GLN B 5 -3.81 4.71 10.35
CA GLN B 5 -4.31 6.08 10.42
C GLN B 5 -3.88 6.86 9.18
N PRO B 6 -4.83 7.20 8.31
CA PRO B 6 -4.55 7.96 7.08
C PRO B 6 -4.40 9.45 7.34
N GLY B 7 -4.03 10.18 6.30
CA GLY B 7 -3.85 11.62 6.42
C GLY B 7 -5.18 12.35 6.52
N GLU B 8 -5.40 13.01 7.65
CA GLU B 8 -6.64 13.75 7.89
C GLU B 8 -6.57 15.15 7.30
N ASN B 9 -7.60 15.94 7.54
CA ASN B 9 -7.69 17.31 7.05
C ASN B 9 -8.90 17.99 7.66
N LEU B 10 -8.87 19.31 7.79
CA LEU B 10 -9.98 20.04 8.36
C LEU B 10 -10.71 20.82 7.28
N TRP A 1 -0.78 -4.42 -10.57
CA TRP A 1 -0.53 -3.90 -9.21
C TRP A 1 -1.06 -4.85 -8.15
N TYR A 2 -2.37 -5.05 -8.10
CA TYR A 2 -2.95 -5.96 -7.14
C TYR A 2 -2.98 -7.38 -7.69
N PHE A 3 -2.74 -8.34 -6.81
CA PHE A 3 -2.73 -9.75 -7.21
C PHE A 3 -4.15 -10.29 -7.29
N GLY A 4 -4.99 -9.82 -6.40
CA GLY A 4 -6.37 -10.24 -6.36
C GLY A 4 -7.02 -9.84 -5.06
N LYS A 5 -7.06 -10.77 -4.11
CA LYS A 5 -7.64 -10.50 -2.82
C LYS A 5 -6.82 -11.15 -1.71
N LEU A 6 -5.64 -10.59 -1.47
CA LEU A 6 -4.73 -11.06 -0.45
C LEU A 6 -4.04 -9.85 0.15
N GLY A 7 -3.59 -9.94 1.40
CA GLY A 7 -2.96 -8.78 2.00
C GLY A 7 -2.56 -8.94 3.45
N ARG A 8 -3.03 -9.99 4.11
CA ARG A 8 -2.70 -10.19 5.52
C ARG A 8 -1.57 -11.18 5.73
N LYS A 9 -1.82 -12.44 5.40
CA LYS A 9 -0.81 -13.48 5.58
C LYS A 9 -0.10 -13.74 4.28
N ASP A 10 -0.90 -13.98 3.27
CA ASP A 10 -0.45 -14.25 1.90
C ASP A 10 0.50 -13.18 1.41
N ALA A 11 0.08 -11.96 1.56
CA ALA A 11 0.88 -10.82 1.12
C ALA A 11 2.18 -10.71 1.90
N GLU A 12 2.05 -10.68 3.22
CA GLU A 12 3.20 -10.56 4.11
C GLU A 12 4.19 -11.71 3.89
N ARG A 13 3.67 -12.88 3.53
CA ARG A 13 4.52 -14.05 3.32
C ARG A 13 5.23 -13.97 1.97
N GLN A 14 4.53 -13.51 0.93
CA GLN A 14 5.13 -13.44 -0.41
C GLN A 14 6.02 -12.21 -0.57
N LEU A 15 5.77 -11.20 0.25
CA LEU A 15 6.56 -9.97 0.21
C LEU A 15 7.96 -10.20 0.77
N LEU A 16 8.13 -11.27 1.53
CA LEU A 16 9.42 -11.59 2.12
C LEU A 16 9.91 -12.96 1.67
N SER A 17 9.17 -13.58 0.76
CA SER A 17 9.50 -14.91 0.26
C SER A 17 10.87 -14.98 -0.40
N PHE A 18 11.04 -14.23 -1.48
CA PHE A 18 12.30 -14.23 -2.23
C PHE A 18 13.18 -13.05 -1.84
N GLY A 19 12.62 -12.11 -1.09
CA GLY A 19 13.37 -10.94 -0.69
C GLY A 19 13.42 -9.93 -1.80
N ASN A 20 12.24 -9.53 -2.27
CA ASN A 20 12.12 -8.56 -3.35
C ASN A 20 12.54 -7.17 -2.86
N PRO A 21 12.87 -6.27 -3.79
CA PRO A 21 13.27 -4.91 -3.44
C PRO A 21 12.09 -4.01 -3.12
N ARG A 22 12.37 -2.75 -2.81
CA ARG A 22 11.31 -1.79 -2.51
C ARG A 22 10.50 -1.50 -3.76
N GLY A 23 9.22 -1.22 -3.58
CA GLY A 23 8.37 -0.95 -4.71
C GLY A 23 7.30 -2.01 -4.86
N THR A 24 7.62 -3.22 -4.41
CA THR A 24 6.69 -4.33 -4.47
C THR A 24 5.52 -4.09 -3.53
N PHE A 25 4.34 -3.94 -4.11
CA PHE A 25 3.13 -3.69 -3.36
C PHE A 25 1.95 -4.46 -3.94
N LEU A 26 0.82 -4.39 -3.26
CA LEU A 26 -0.40 -5.03 -3.68
C LEU A 26 -1.60 -4.44 -2.94
N ILE A 27 -2.78 -4.62 -3.49
CA ILE A 27 -4.00 -4.10 -2.88
C ILE A 27 -4.88 -5.24 -2.39
N ARG A 28 -5.49 -5.05 -1.22
CA ARG A 28 -6.38 -6.05 -0.65
C ARG A 28 -7.66 -5.40 -0.17
N GLU A 29 -8.68 -6.22 0.04
CA GLU A 29 -9.97 -5.73 0.51
C GLU A 29 -10.00 -5.75 2.04
N SER A 30 -10.28 -4.60 2.64
CA SER A 30 -10.32 -4.49 4.09
C SER A 30 -11.44 -5.34 4.69
N GLU A 31 -11.18 -5.90 5.86
CA GLU A 31 -12.16 -6.74 6.53
C GLU A 31 -12.83 -6.00 7.68
N THR A 32 -12.29 -4.84 8.01
CA THR A 32 -12.83 -4.03 9.09
C THR A 32 -13.35 -2.69 8.59
N THR A 33 -13.17 -2.42 7.30
CA THR A 33 -13.64 -1.17 6.72
C THR A 33 -14.02 -1.36 5.25
N LYS A 34 -15.30 -1.57 5.00
CA LYS A 34 -15.77 -1.76 3.63
C LYS A 34 -15.59 -0.47 2.83
N GLY A 35 -15.36 -0.63 1.53
CA GLY A 35 -15.16 0.52 0.66
C GLY A 35 -13.75 1.09 0.77
N ALA A 36 -12.98 0.53 1.69
CA ALA A 36 -11.61 0.96 1.93
C ALA A 36 -10.67 -0.22 1.78
N TYR A 37 -9.38 0.05 1.82
CA TYR A 37 -8.38 -0.99 1.70
C TYR A 37 -7.08 -0.55 2.37
N SER A 38 -6.07 -1.40 2.30
CA SER A 38 -4.79 -1.10 2.89
C SER A 38 -3.68 -1.42 1.91
N LEU A 39 -2.71 -0.53 1.82
CA LEU A 39 -1.59 -0.72 0.92
C LEU A 39 -0.51 -1.56 1.57
N SER A 40 -0.22 -2.70 0.97
CA SER A 40 0.80 -3.60 1.48
C SER A 40 2.10 -3.41 0.72
N ILE A 41 3.01 -2.64 1.30
CA ILE A 41 4.30 -2.38 0.67
C ILE A 41 5.43 -2.92 1.52
N ARG A 42 6.57 -3.17 0.90
CA ARG A 42 7.73 -3.68 1.63
C ARG A 42 8.38 -2.53 2.39
N ASP A 43 7.95 -2.36 3.62
CA ASP A 43 8.46 -1.31 4.48
C ASP A 43 8.90 -1.95 5.79
N TRP A 44 10.18 -1.85 6.09
CA TRP A 44 10.71 -2.46 7.29
C TRP A 44 11.01 -1.45 8.40
N ASP A 45 11.83 -1.87 9.34
CA ASP A 45 12.22 -1.05 10.48
C ASP A 45 13.62 -0.48 10.30
N ASP A 46 14.26 -0.87 9.19
CA ASP A 46 15.61 -0.42 8.84
C ASP A 46 16.68 -1.05 9.75
N MET A 47 16.32 -2.14 10.43
CA MET A 47 17.27 -2.82 11.30
C MET A 47 17.47 -4.24 10.80
N LYS A 48 16.37 -4.87 10.46
CA LYS A 48 16.40 -6.24 9.98
C LYS A 48 16.37 -6.27 8.45
N GLY A 49 15.95 -5.15 7.86
CA GLY A 49 15.88 -5.06 6.41
C GLY A 49 14.98 -6.11 5.79
N ASP A 50 13.77 -6.20 6.33
CA ASP A 50 12.77 -7.16 5.86
C ASP A 50 11.52 -7.07 6.72
N HIS A 51 10.46 -6.48 6.15
CA HIS A 51 9.19 -6.34 6.86
C HIS A 51 8.16 -5.77 5.88
N VAL A 52 6.95 -5.53 6.38
CA VAL A 52 5.89 -5.00 5.56
C VAL A 52 4.91 -4.21 6.42
N LYS A 53 4.47 -3.06 5.91
CA LYS A 53 3.53 -2.22 6.64
C LYS A 53 2.18 -2.20 5.92
N HIS A 54 1.15 -1.77 6.61
CA HIS A 54 -0.19 -1.73 6.04
C HIS A 54 -0.80 -0.34 6.20
N TYR A 55 -0.73 0.45 5.14
CA TYR A 55 -1.27 1.80 5.16
C TYR A 55 -2.77 1.78 4.93
N LYS A 56 -3.52 2.17 5.95
CA LYS A 56 -4.97 2.20 5.87
C LYS A 56 -5.43 3.34 5.00
N ILE A 57 -6.14 2.99 3.94
CA ILE A 57 -6.67 3.99 3.02
C ILE A 57 -8.13 4.28 3.35
N ARG A 58 -8.53 5.53 3.19
CA ARG A 58 -9.90 5.93 3.49
C ARG A 58 -10.69 6.16 2.21
N LYS A 59 -11.94 5.75 2.23
CA LYS A 59 -12.83 5.93 1.10
C LYS A 59 -13.30 7.37 1.06
N LEU A 60 -13.13 8.00 -0.10
CA LEU A 60 -13.53 9.39 -0.26
C LEU A 60 -15.04 9.49 -0.31
N ASP A 61 -15.53 10.61 0.19
CA ASP A 61 -16.95 10.88 0.22
C ASP A 61 -17.53 10.89 -1.19
N ASN A 62 -16.69 11.18 -2.16
CA ASN A 62 -17.12 11.22 -3.56
C ASN A 62 -17.02 9.84 -4.20
N GLY A 63 -16.58 8.86 -3.42
CA GLY A 63 -16.46 7.50 -3.93
C GLY A 63 -15.04 7.12 -4.29
N GLY A 64 -14.14 8.08 -4.25
CA GLY A 64 -12.74 7.83 -4.58
C GLY A 64 -11.95 7.25 -3.43
N TYR A 65 -10.63 7.31 -3.54
CA TYR A 65 -9.73 6.78 -2.50
C TYR A 65 -8.55 7.72 -2.32
N TYR A 66 -7.99 7.75 -1.11
CA TYR A 66 -6.86 8.61 -0.82
C TYR A 66 -6.15 8.20 0.47
N ILE A 67 -4.84 8.43 0.51
CA ILE A 67 -4.04 8.11 1.69
C ILE A 67 -3.72 9.39 2.44
N THR A 68 -3.81 10.50 1.73
CA THR A 68 -3.54 11.81 2.28
C THR A 68 -4.36 12.85 1.54
N THR A 69 -4.51 14.03 2.13
CA THR A 69 -5.26 15.09 1.51
C THR A 69 -4.45 15.76 0.40
N ARG A 70 -3.19 15.37 0.31
CA ARG A 70 -2.28 15.92 -0.70
C ARG A 70 -2.31 15.05 -1.95
N ALA A 71 -3.00 13.92 -1.87
CA ALA A 71 -3.10 13.00 -2.99
C ALA A 71 -4.38 12.18 -2.92
N GLN A 72 -5.36 12.55 -3.73
CA GLN A 72 -6.63 11.86 -3.76
C GLN A 72 -7.04 11.55 -5.19
N PHE A 73 -7.66 10.39 -5.38
CA PHE A 73 -8.10 9.94 -6.68
C PHE A 73 -9.45 9.27 -6.57
N GLU A 74 -9.95 8.77 -7.69
CA GLU A 74 -11.23 8.10 -7.72
C GLU A 74 -11.09 6.63 -8.07
N THR A 75 -9.97 6.28 -8.68
CA THR A 75 -9.73 4.90 -9.09
C THR A 75 -8.45 4.38 -8.48
N LEU A 76 -8.34 3.05 -8.42
CA LEU A 76 -7.17 2.40 -7.87
C LEU A 76 -5.99 2.53 -8.82
N GLN A 77 -6.27 2.42 -10.11
CA GLN A 77 -5.25 2.50 -11.14
C GLN A 77 -4.55 3.86 -11.14
N GLN A 78 -5.34 4.93 -11.00
CA GLN A 78 -4.78 6.27 -10.98
C GLN A 78 -3.91 6.47 -9.76
N LEU A 79 -4.35 5.92 -8.63
CA LEU A 79 -3.59 6.02 -7.39
C LEU A 79 -2.22 5.37 -7.57
N VAL A 80 -2.20 4.17 -8.14
CA VAL A 80 -0.96 3.44 -8.36
C VAL A 80 -0.04 4.20 -9.32
N GLN A 81 -0.62 4.69 -10.40
CA GLN A 81 0.12 5.42 -11.42
C GLN A 81 0.81 6.66 -10.87
N HIS A 82 0.10 7.41 -10.02
CA HIS A 82 0.67 8.62 -9.45
C HIS A 82 1.73 8.31 -8.40
N TYR A 83 1.49 7.30 -7.57
CA TYR A 83 2.45 6.95 -6.53
C TYR A 83 3.67 6.27 -7.16
N SER A 84 3.56 5.98 -8.44
CA SER A 84 4.65 5.36 -9.18
C SER A 84 5.64 6.44 -9.63
N GLU A 85 5.16 7.68 -9.67
CA GLU A 85 5.97 8.81 -10.07
C GLU A 85 6.85 9.26 -8.91
N ARG A 86 6.27 9.25 -7.71
CA ARG A 86 6.97 9.66 -6.51
C ARG A 86 6.18 9.24 -5.28
N ALA A 87 6.73 9.52 -4.12
CA ALA A 87 6.07 9.18 -2.87
C ALA A 87 5.17 10.32 -2.44
N ALA A 88 3.87 10.10 -2.52
CA ALA A 88 2.90 11.12 -2.17
C ALA A 88 2.35 10.90 -0.77
N GLY A 89 3.22 10.61 0.18
CA GLY A 89 2.80 10.43 1.55
C GLY A 89 3.05 9.04 2.08
N LEU A 90 4.00 8.35 1.48
CA LEU A 90 4.34 6.99 1.89
C LEU A 90 5.83 6.87 2.15
N CYS A 91 6.24 5.78 2.79
CA CYS A 91 7.64 5.55 3.10
C CYS A 91 8.44 5.39 1.82
N CYS A 92 7.81 4.82 0.80
CA CYS A 92 8.43 4.59 -0.48
C CYS A 92 7.40 4.76 -1.59
N ARG A 93 7.87 4.98 -2.82
CA ARG A 93 6.97 5.12 -3.95
C ARG A 93 6.64 3.75 -4.52
N LEU A 94 5.74 3.72 -5.49
CA LEU A 94 5.31 2.47 -6.10
C LEU A 94 6.10 2.19 -7.38
N VAL A 95 7.29 1.66 -7.23
CA VAL A 95 8.15 1.34 -8.37
C VAL A 95 8.54 -0.14 -8.35
N VAL A 96 7.79 -0.94 -9.07
CA VAL A 96 8.05 -2.36 -9.14
C VAL A 96 7.85 -2.87 -10.58
N PRO A 97 8.84 -3.61 -11.09
CA PRO A 97 8.82 -4.13 -12.47
C PRO A 97 7.70 -5.12 -12.75
N CYS A 98 7.82 -6.33 -12.21
CA CYS A 98 6.81 -7.36 -12.44
C CYS A 98 6.39 -8.00 -11.12
N HIS A 99 5.33 -8.79 -11.18
CA HIS A 99 4.81 -9.47 -10.01
C HIS A 99 4.71 -10.97 -10.27
N LYS A 100 4.57 -11.76 -9.21
CA LYS A 100 4.48 -13.20 -9.36
C LYS A 100 3.02 -13.65 -9.40
N GLU B 1 -3.30 -4.09 17.75
CA GLU B 1 -3.31 -2.90 16.88
C GLU B 1 -2.43 -3.13 15.66
N PRO B 2 -3.01 -3.02 14.46
CA PRO B 2 -2.26 -3.19 13.21
C PRO B 2 -1.37 -1.98 12.90
N GLN B 3 -0.82 -1.95 11.69
CA GLN B 3 0.06 -0.86 11.27
C GLN B 3 -0.71 0.18 10.47
N PTR B 4 -2.01 0.21 10.69
CA PTR B 4 -2.89 1.14 10.01
C PTR B 4 -2.63 2.59 10.46
O PTR B 4 -3.41 3.15 11.23
CB PTR B 4 -4.37 0.79 10.29
CG PTR B 4 -4.87 -0.49 9.64
CD1 PTR B 4 -4.09 -1.22 8.75
CD2 PTR B 4 -6.15 -0.97 9.93
CE1 PTR B 4 -4.56 -2.39 8.17
CE2 PTR B 4 -6.62 -2.13 9.35
CZ PTR B 4 -5.83 -2.84 8.48
OH PTR B 4 -6.30 -4.01 7.91
P PTR B 4 -7.28 -4.00 6.64
O1P PTR B 4 -6.98 -5.04 5.66
O2P PTR B 4 -7.51 -2.66 6.05
O3P PTR B 4 -8.73 -4.40 7.21
H PTR B 4 -2.38 -0.41 11.34
HA PTR B 4 -2.71 1.08 8.94
HB2 PTR B 4 -4.49 0.68 11.35
HB3 PTR B 4 -4.99 1.60 9.95
HD1 PTR B 4 -3.09 -0.87 8.52
HD2 PTR B 4 -6.76 -0.41 10.61
HE1 PTR B 4 -3.94 -2.94 7.49
HE2 PTR B 4 -7.62 -2.47 9.60
N GLN B 5 -1.54 3.17 9.99
CA GLN B 5 -1.19 4.55 10.37
C GLN B 5 -0.37 5.26 9.28
N PRO B 6 -1.02 5.74 8.22
CA PRO B 6 -0.37 6.46 7.14
C PRO B 6 -0.50 7.97 7.30
N GLY B 7 0.18 8.74 6.45
CA GLY B 7 0.09 10.19 6.53
C GLY B 7 1.43 10.87 6.37
N GLU B 8 1.41 12.03 5.70
CA GLU B 8 2.62 12.81 5.48
C GLU B 8 2.25 14.26 5.17
N ASN B 9 2.79 15.18 5.94
CA ASN B 9 2.53 16.60 5.75
C ASN B 9 3.80 17.30 5.29
N LEU B 10 3.66 18.27 4.41
CA LEU B 10 4.79 19.03 3.89
C LEU B 10 4.55 20.52 4.06
N TRP A 1 -0.75 -4.38 -10.75
CA TRP A 1 -0.46 -3.92 -9.38
C TRP A 1 -0.86 -4.99 -8.36
N TYR A 2 -2.16 -5.20 -8.19
CA TYR A 2 -2.63 -6.20 -7.26
C TYR A 2 -2.59 -7.58 -7.91
N PHE A 3 -2.48 -8.61 -7.10
CA PHE A 3 -2.45 -9.98 -7.60
C PHE A 3 -3.83 -10.61 -7.51
N GLY A 4 -4.55 -10.21 -6.48
CA GLY A 4 -5.89 -10.71 -6.24
C GLY A 4 -6.39 -10.21 -4.92
N LYS A 5 -7.04 -11.06 -4.15
CA LYS A 5 -7.54 -10.67 -2.86
C LYS A 5 -6.70 -11.30 -1.75
N LEU A 6 -5.63 -10.60 -1.39
CA LEU A 6 -4.70 -11.05 -0.36
C LEU A 6 -4.03 -9.82 0.24
N GLY A 7 -3.60 -9.92 1.48
CA GLY A 7 -3.00 -8.78 2.12
C GLY A 7 -2.65 -8.97 3.58
N ARG A 8 -2.99 -10.12 4.14
CA ARG A 8 -2.71 -10.36 5.55
C ARG A 8 -1.51 -11.29 5.72
N LYS A 9 -1.72 -12.56 5.43
CA LYS A 9 -0.66 -13.56 5.57
C LYS A 9 0.04 -13.77 4.25
N ASP A 10 -0.78 -14.00 3.25
CA ASP A 10 -0.36 -14.22 1.87
C ASP A 10 0.57 -13.13 1.39
N ALA A 11 0.17 -11.92 1.65
CA ALA A 11 0.93 -10.75 1.24
C ALA A 11 2.26 -10.68 1.99
N GLU A 12 2.20 -10.82 3.29
CA GLU A 12 3.40 -10.76 4.12
C GLU A 12 4.36 -11.91 3.81
N ARG A 13 3.81 -13.06 3.46
CA ARG A 13 4.64 -14.22 3.16
C ARG A 13 5.34 -14.05 1.80
N GLN A 14 4.65 -13.46 0.83
CA GLN A 14 5.23 -13.26 -0.49
C GLN A 14 6.16 -12.05 -0.50
N LEU A 15 5.87 -11.07 0.36
CA LEU A 15 6.67 -9.86 0.44
C LEU A 15 8.06 -10.14 1.01
N LEU A 16 8.21 -11.28 1.68
CA LEU A 16 9.48 -11.64 2.28
C LEU A 16 9.93 -13.03 1.84
N SER A 17 9.25 -13.58 0.84
CA SER A 17 9.58 -14.92 0.35
C SER A 17 10.83 -14.93 -0.52
N PHE A 18 10.71 -14.35 -1.72
CA PHE A 18 11.81 -14.34 -2.68
C PHE A 18 12.91 -13.34 -2.30
N GLY A 19 12.55 -12.32 -1.55
CA GLY A 19 13.54 -11.33 -1.16
C GLY A 19 13.55 -10.18 -2.14
N ASN A 20 12.36 -9.79 -2.55
CA ASN A 20 12.15 -8.71 -3.49
C ASN A 20 12.45 -7.36 -2.82
N PRO A 21 12.95 -6.38 -3.58
CA PRO A 21 13.29 -5.06 -3.04
C PRO A 21 12.06 -4.19 -2.76
N ARG A 22 12.33 -2.94 -2.35
CA ARG A 22 11.27 -2.01 -2.06
C ARG A 22 10.55 -1.61 -3.34
N GLY A 23 9.26 -1.38 -3.24
CA GLY A 23 8.48 -1.02 -4.42
C GLY A 23 7.39 -2.02 -4.66
N THR A 24 7.63 -3.25 -4.23
CA THR A 24 6.65 -4.32 -4.38
C THR A 24 5.44 -4.03 -3.50
N PHE A 25 4.29 -3.86 -4.15
CA PHE A 25 3.06 -3.55 -3.46
C PHE A 25 1.90 -4.39 -4.00
N LEU A 26 0.80 -4.37 -3.28
CA LEU A 26 -0.39 -5.10 -3.68
C LEU A 26 -1.61 -4.47 -3.03
N ILE A 27 -2.77 -4.61 -3.67
CA ILE A 27 -4.00 -4.06 -3.14
C ILE A 27 -4.96 -5.17 -2.72
N ARG A 28 -5.50 -5.03 -1.52
CA ARG A 28 -6.43 -6.01 -0.98
C ARG A 28 -7.73 -5.32 -0.58
N GLU A 29 -8.56 -6.02 0.17
CA GLU A 29 -9.83 -5.46 0.64
C GLU A 29 -9.81 -5.40 2.17
N SER A 30 -10.16 -4.25 2.73
CA SER A 30 -10.16 -4.08 4.19
C SER A 30 -11.24 -4.94 4.82
N GLU A 31 -10.95 -5.44 6.02
CA GLU A 31 -11.88 -6.31 6.73
C GLU A 31 -12.88 -5.52 7.57
N THR A 32 -12.38 -4.55 8.33
CA THR A 32 -13.23 -3.77 9.21
C THR A 32 -13.72 -2.48 8.56
N THR A 33 -13.28 -2.21 7.35
CA THR A 33 -13.67 -0.99 6.65
C THR A 33 -14.07 -1.29 5.21
N LYS A 34 -15.32 -1.05 4.89
CA LYS A 34 -15.81 -1.28 3.54
C LYS A 34 -15.56 -0.03 2.68
N GLY A 35 -15.32 -0.24 1.41
CA GLY A 35 -15.05 0.88 0.52
C GLY A 35 -13.63 1.38 0.69
N ALA A 36 -12.90 0.73 1.58
CA ALA A 36 -11.52 1.08 1.84
C ALA A 36 -10.65 -0.17 1.77
N TYR A 37 -9.36 0.03 1.68
CA TYR A 37 -8.43 -1.09 1.62
C TYR A 37 -7.15 -0.74 2.35
N SER A 38 -6.18 -1.62 2.25
CA SER A 38 -4.91 -1.44 2.90
C SER A 38 -3.79 -1.67 1.91
N LEU A 39 -2.84 -0.76 1.88
CA LEU A 39 -1.71 -0.86 0.98
C LEU A 39 -0.59 -1.67 1.63
N SER A 40 -0.26 -2.79 1.03
CA SER A 40 0.78 -3.65 1.55
C SER A 40 2.09 -3.43 0.78
N ILE A 41 2.98 -2.65 1.36
CA ILE A 41 4.26 -2.36 0.74
C ILE A 41 5.39 -2.91 1.59
N ARG A 42 6.48 -3.30 0.94
CA ARG A 42 7.62 -3.84 1.66
C ARG A 42 8.41 -2.72 2.32
N ASP A 43 8.22 -2.58 3.62
CA ASP A 43 8.89 -1.56 4.40
C ASP A 43 9.36 -2.17 5.71
N TRP A 44 10.63 -2.02 6.03
CA TRP A 44 11.15 -2.57 7.26
C TRP A 44 11.39 -1.50 8.30
N ASP A 45 12.03 -1.90 9.39
CA ASP A 45 12.31 -1.00 10.48
C ASP A 45 13.79 -0.62 10.51
N ASP A 46 14.44 -0.85 9.36
CA ASP A 46 15.85 -0.52 9.14
C ASP A 46 16.80 -1.32 10.03
N MET A 47 16.27 -2.25 10.83
CA MET A 47 17.11 -3.05 11.71
C MET A 47 17.14 -4.49 11.27
N LYS A 48 15.98 -4.97 10.83
CA LYS A 48 15.85 -6.34 10.37
C LYS A 48 16.19 -6.43 8.88
N GLY A 49 16.00 -5.33 8.17
CA GLY A 49 16.29 -5.32 6.74
C GLY A 49 15.39 -6.27 5.97
N ASP A 50 14.17 -6.41 6.47
CA ASP A 50 13.16 -7.30 5.87
C ASP A 50 11.87 -7.22 6.68
N HIS A 51 10.82 -6.66 6.06
CA HIS A 51 9.52 -6.52 6.72
C HIS A 51 8.51 -5.94 5.74
N VAL A 52 7.27 -5.80 6.19
CA VAL A 52 6.20 -5.26 5.36
C VAL A 52 5.25 -4.44 6.22
N LYS A 53 4.80 -3.31 5.70
CA LYS A 53 3.89 -2.44 6.43
C LYS A 53 2.54 -2.40 5.72
N HIS A 54 1.48 -2.23 6.49
CA HIS A 54 0.13 -2.19 5.95
C HIS A 54 -0.51 -0.83 6.20
N TYR A 55 -0.55 0.01 5.17
CA TYR A 55 -1.15 1.32 5.28
C TYR A 55 -2.65 1.21 5.11
N LYS A 56 -3.39 2.18 5.62
CA LYS A 56 -4.84 2.15 5.52
C LYS A 56 -5.33 3.29 4.64
N ILE A 57 -6.15 2.95 3.66
CA ILE A 57 -6.71 3.93 2.76
C ILE A 57 -8.08 4.37 3.28
N ARG A 58 -8.50 5.56 2.89
CA ARG A 58 -9.79 6.06 3.32
C ARG A 58 -10.68 6.38 2.12
N LYS A 59 -11.96 6.10 2.26
CA LYS A 59 -12.92 6.36 1.21
C LYS A 59 -13.26 7.84 1.20
N LEU A 60 -13.24 8.45 0.02
CA LEU A 60 -13.55 9.86 -0.11
C LEU A 60 -15.04 10.08 -0.01
N ASP A 61 -15.42 11.33 0.26
CA ASP A 61 -16.82 11.68 0.40
C ASP A 61 -17.54 11.57 -0.94
N ASN A 62 -16.77 11.50 -2.02
CA ASN A 62 -17.37 11.38 -3.34
C ASN A 62 -17.27 9.94 -3.84
N GLY A 63 -16.66 9.07 -3.05
CA GLY A 63 -16.55 7.67 -3.43
C GLY A 63 -15.14 7.29 -3.87
N GLY A 64 -14.25 8.27 -3.94
CA GLY A 64 -12.89 7.99 -4.35
C GLY A 64 -12.05 7.38 -3.25
N TYR A 65 -10.75 7.32 -3.48
CA TYR A 65 -9.80 6.74 -2.52
C TYR A 65 -8.61 7.68 -2.34
N TYR A 66 -8.11 7.79 -1.12
CA TYR A 66 -6.97 8.66 -0.85
C TYR A 66 -6.25 8.26 0.43
N ILE A 67 -4.96 8.57 0.49
CA ILE A 67 -4.13 8.27 1.66
C ILE A 67 -3.66 9.57 2.31
N THR A 68 -4.06 10.68 1.70
CA THR A 68 -3.69 12.00 2.17
C THR A 68 -4.56 13.04 1.48
N THR A 69 -4.72 14.20 2.09
CA THR A 69 -5.54 15.27 1.53
C THR A 69 -4.80 16.00 0.42
N ARG A 70 -3.54 15.64 0.21
CA ARG A 70 -2.73 16.26 -0.83
C ARG A 70 -2.71 15.41 -2.10
N ALA A 71 -3.34 14.24 -2.02
CA ALA A 71 -3.40 13.34 -3.16
C ALA A 71 -4.62 12.42 -3.04
N GLN A 72 -5.60 12.65 -3.89
CA GLN A 72 -6.82 11.86 -3.87
C GLN A 72 -7.25 11.50 -5.28
N PHE A 73 -7.80 10.29 -5.44
CA PHE A 73 -8.23 9.81 -6.74
C PHE A 73 -9.58 9.13 -6.63
N GLU A 74 -10.11 8.68 -7.74
CA GLU A 74 -11.39 8.01 -7.76
C GLU A 74 -11.25 6.54 -8.14
N THR A 75 -10.11 6.18 -8.71
CA THR A 75 -9.87 4.80 -9.12
C THR A 75 -8.56 4.28 -8.55
N LEU A 76 -8.45 2.97 -8.43
CA LEU A 76 -7.26 2.31 -7.91
C LEU A 76 -6.10 2.42 -8.88
N GLN A 77 -6.38 2.19 -10.15
CA GLN A 77 -5.37 2.24 -11.19
C GLN A 77 -4.70 3.60 -11.27
N GLN A 78 -5.49 4.66 -11.21
CA GLN A 78 -4.96 6.01 -11.29
C GLN A 78 -4.13 6.34 -10.06
N LEU A 79 -4.55 5.82 -8.91
CA LEU A 79 -3.82 6.03 -7.67
C LEU A 79 -2.43 5.42 -7.77
N VAL A 80 -2.38 4.18 -8.24
CA VAL A 80 -1.12 3.46 -8.41
C VAL A 80 -0.20 4.20 -9.37
N GLN A 81 -0.77 4.65 -10.48
CA GLN A 81 -0.02 5.37 -11.51
C GLN A 81 0.67 6.61 -10.96
N HIS A 82 -0.05 7.38 -10.16
CA HIS A 82 0.52 8.61 -9.58
C HIS A 82 1.58 8.30 -8.54
N TYR A 83 1.34 7.29 -7.71
CA TYR A 83 2.29 6.94 -6.67
C TYR A 83 3.50 6.23 -7.26
N SER A 84 3.43 5.93 -8.55
CA SER A 84 4.53 5.29 -9.25
C SER A 84 5.52 6.35 -9.71
N GLU A 85 5.04 7.59 -9.81
CA GLU A 85 5.86 8.70 -10.23
C GLU A 85 6.73 9.17 -9.08
N ARG A 86 6.16 9.12 -7.89
CA ARG A 86 6.85 9.52 -6.67
C ARG A 86 6.01 9.18 -5.46
N ALA A 87 6.53 9.49 -4.29
CA ALA A 87 5.83 9.22 -3.05
C ALA A 87 5.00 10.42 -2.65
N ALA A 88 3.68 10.25 -2.65
CA ALA A 88 2.78 11.33 -2.30
C ALA A 88 2.23 11.16 -0.90
N GLY A 89 3.11 10.91 0.05
CA GLY A 89 2.71 10.75 1.43
C GLY A 89 2.90 9.34 1.93
N LEU A 90 3.90 8.66 1.40
CA LEU A 90 4.19 7.28 1.80
C LEU A 90 5.67 7.14 2.10
N CYS A 91 6.04 6.06 2.78
CA CYS A 91 7.44 5.82 3.09
C CYS A 91 8.21 5.52 1.81
N CYS A 92 7.52 4.89 0.86
CA CYS A 92 8.12 4.53 -0.41
C CYS A 92 7.11 4.70 -1.52
N ARG A 93 7.60 4.95 -2.73
CA ARG A 93 6.72 5.10 -3.87
C ARG A 93 6.37 3.74 -4.43
N LEU A 94 5.52 3.72 -5.43
CA LEU A 94 5.08 2.45 -6.02
C LEU A 94 5.87 2.15 -7.29
N VAL A 95 7.08 1.61 -7.13
CA VAL A 95 7.93 1.28 -8.27
C VAL A 95 8.41 -0.17 -8.18
N VAL A 96 7.87 -1.01 -9.04
CA VAL A 96 8.26 -2.40 -9.07
C VAL A 96 8.02 -2.98 -10.46
N PRO A 97 9.05 -3.63 -11.03
CA PRO A 97 8.98 -4.23 -12.36
C PRO A 97 8.10 -5.47 -12.41
N CYS A 98 8.69 -6.63 -12.12
CA CYS A 98 7.96 -7.89 -12.15
C CYS A 98 7.06 -8.04 -10.93
N HIS A 99 6.01 -8.85 -11.08
CA HIS A 99 5.06 -9.08 -10.00
C HIS A 99 4.96 -10.56 -9.70
N LYS A 100 4.23 -10.91 -8.64
CA LYS A 100 4.06 -12.31 -8.26
C LYS A 100 2.93 -12.96 -9.04
N GLU B 1 1.54 -3.31 16.22
CA GLU B 1 0.35 -2.68 15.58
C GLU B 1 0.69 -2.27 14.15
N PRO B 2 -0.19 -2.57 13.19
CA PRO B 2 0.01 -2.21 11.79
C PRO B 2 0.01 -0.70 11.60
N GLN B 3 0.80 -0.22 10.66
CA GLN B 3 0.89 1.20 10.39
C GLN B 3 -0.27 1.67 9.52
N PTR B 4 -1.43 1.74 10.12
CA PTR B 4 -2.64 2.17 9.43
C PTR B 4 -2.61 3.69 9.30
O PTR B 4 -3.26 4.42 10.06
CB PTR B 4 -3.90 1.71 10.18
CG PTR B 4 -4.49 0.40 9.69
CD1 PTR B 4 -3.78 -0.46 8.85
CD2 PTR B 4 -5.78 0.02 10.06
CE1 PTR B 4 -4.34 -1.66 8.41
CE2 PTR B 4 -6.34 -1.17 9.62
CZ PTR B 4 -5.61 -2.01 8.79
OH PTR B 4 -6.17 -3.20 8.36
P PTR B 4 -7.56 -3.23 7.55
O1P PTR B 4 -8.07 -4.58 7.25
O2P PTR B 4 -7.59 -2.32 6.39
O3P PTR B 4 -8.64 -2.62 8.56
H PTR B 4 -1.49 1.48 11.07
HA PTR B 4 -2.63 1.75 8.44
HB2 PTR B 4 -3.66 1.59 11.23
HB3 PTR B 4 -4.66 2.48 10.08
HD1 PTR B 4 -2.78 -0.19 8.55
HD2 PTR B 4 -6.34 0.68 10.70
HE1 PTR B 4 -3.76 -2.31 7.77
HE2 PTR B 4 -7.33 -1.44 9.93
N GLN B 5 -1.82 4.16 8.34
CA GLN B 5 -1.65 5.59 8.06
C GLN B 5 -2.99 6.30 7.83
N PRO B 6 -3.15 7.51 8.40
CA PRO B 6 -4.36 8.31 8.23
C PRO B 6 -4.35 9.12 6.94
N GLY B 7 -5.45 9.81 6.67
CA GLY B 7 -5.54 10.61 5.46
C GLY B 7 -5.44 12.09 5.74
N GLU B 8 -5.75 12.46 6.98
CA GLU B 8 -5.69 13.84 7.41
C GLU B 8 -4.27 14.39 7.28
N ASN B 9 -4.13 15.59 6.74
CA ASN B 9 -2.82 16.22 6.55
C ASN B 9 -2.96 17.73 6.51
N LEU B 10 -3.79 18.21 5.61
CA LEU B 10 -4.01 19.65 5.46
C LEU B 10 -5.38 20.02 5.99
N TRP A 1 0.30 -4.14 -10.00
CA TRP A 1 0.35 -3.76 -8.57
C TRP A 1 -0.31 -4.82 -7.70
N TYR A 2 -1.64 -4.90 -7.73
CA TYR A 2 -2.36 -5.87 -6.92
C TYR A 2 -2.33 -7.24 -7.59
N PHE A 3 -2.45 -8.30 -6.78
CA PHE A 3 -2.43 -9.66 -7.28
C PHE A 3 -3.77 -10.35 -7.05
N GLY A 4 -4.77 -9.55 -6.69
CA GLY A 4 -6.10 -10.08 -6.44
C GLY A 4 -6.67 -9.50 -5.16
N LYS A 5 -7.01 -10.37 -4.23
CA LYS A 5 -7.54 -9.95 -2.96
C LYS A 5 -6.77 -10.62 -1.83
N LEU A 6 -5.58 -10.09 -1.57
CA LEU A 6 -4.70 -10.62 -0.54
C LEU A 6 -3.92 -9.44 0.04
N GLY A 7 -3.65 -9.48 1.34
CA GLY A 7 -2.94 -8.37 1.94
C GLY A 7 -2.58 -8.58 3.41
N ARG A 8 -3.10 -9.63 4.02
CA ARG A 8 -2.81 -9.88 5.42
C ARG A 8 -1.74 -10.96 5.58
N LYS A 9 -2.16 -12.21 5.43
CA LYS A 9 -1.26 -13.35 5.58
C LYS A 9 -0.50 -13.59 4.30
N ASP A 10 -1.27 -13.74 3.24
CA ASP A 10 -0.78 -13.99 1.90
C ASP A 10 0.24 -12.97 1.47
N ALA A 11 -0.12 -11.72 1.62
CA ALA A 11 0.73 -10.62 1.21
C ALA A 11 2.03 -10.58 2.00
N GLU A 12 1.90 -10.57 3.32
CA GLU A 12 3.06 -10.51 4.19
C GLU A 12 3.98 -11.70 3.96
N ARG A 13 3.41 -12.83 3.55
CA ARG A 13 4.20 -14.01 3.29
C ARG A 13 4.89 -13.95 1.93
N GLN A 14 4.20 -13.41 0.93
CA GLN A 14 4.76 -13.34 -0.42
C GLN A 14 5.70 -12.15 -0.57
N LEU A 15 5.46 -11.10 0.21
CA LEU A 15 6.29 -9.90 0.16
C LEU A 15 7.70 -10.19 0.66
N LEU A 16 7.85 -11.30 1.36
CA LEU A 16 9.14 -11.71 1.90
C LEU A 16 9.50 -13.10 1.39
N SER A 17 8.76 -13.59 0.39
CA SER A 17 8.97 -14.91 -0.18
C SER A 17 10.14 -14.97 -1.16
N PHE A 18 10.01 -14.25 -2.28
CA PHE A 18 11.04 -14.26 -3.32
C PHE A 18 12.18 -13.32 -3.03
N GLY A 19 12.02 -12.48 -2.01
CA GLY A 19 13.08 -11.54 -1.65
C GLY A 19 12.97 -10.27 -2.45
N ASN A 20 11.74 -9.94 -2.80
CA ASN A 20 11.44 -8.75 -3.57
C ASN A 20 11.77 -7.50 -2.75
N PRO A 21 12.41 -6.51 -3.37
CA PRO A 21 12.81 -5.27 -2.69
C PRO A 21 11.67 -4.27 -2.55
N ARG A 22 12.00 -3.07 -2.10
CA ARG A 22 11.03 -2.01 -1.94
C ARG A 22 10.42 -1.67 -3.29
N GLY A 23 9.16 -1.25 -3.27
CA GLY A 23 8.48 -0.93 -4.50
C GLY A 23 7.43 -1.97 -4.80
N THR A 24 7.51 -3.09 -4.10
CA THR A 24 6.55 -4.18 -4.29
C THR A 24 5.38 -3.92 -3.37
N PHE A 25 4.47 -3.12 -3.85
CA PHE A 25 3.31 -2.72 -3.09
C PHE A 25 2.05 -3.20 -3.77
N LEU A 26 1.10 -3.70 -3.00
CA LEU A 26 -0.13 -4.20 -3.56
C LEU A 26 -1.34 -3.69 -2.79
N ILE A 27 -2.46 -3.59 -3.48
CA ILE A 27 -3.69 -3.12 -2.88
C ILE A 27 -4.58 -4.30 -2.53
N ARG A 28 -5.08 -4.29 -1.31
CA ARG A 28 -5.95 -5.33 -0.82
C ARG A 28 -7.08 -4.72 -0.03
N GLU A 29 -8.17 -5.45 0.11
CA GLU A 29 -9.31 -4.97 0.83
C GLU A 29 -9.06 -5.10 2.31
N SER A 30 -9.68 -4.23 3.08
CA SER A 30 -9.52 -4.26 4.51
C SER A 30 -10.39 -5.37 5.10
N GLU A 31 -9.81 -6.14 6.02
CA GLU A 31 -10.52 -7.24 6.64
C GLU A 31 -11.25 -6.76 7.88
N THR A 32 -11.13 -5.47 8.14
CA THR A 32 -11.75 -4.86 9.29
C THR A 32 -12.63 -3.67 8.87
N THR A 33 -12.67 -3.38 7.58
CA THR A 33 -13.46 -2.28 7.07
C THR A 33 -13.83 -2.51 5.61
N LYS A 34 -15.01 -3.07 5.39
CA LYS A 34 -15.49 -3.34 4.05
C LYS A 34 -15.76 -2.03 3.31
N GLY A 35 -15.52 -2.01 2.01
CA GLY A 35 -15.73 -0.80 1.23
C GLY A 35 -14.48 0.06 1.19
N ALA A 36 -13.51 -0.31 2.01
CA ALA A 36 -12.25 0.39 2.08
C ALA A 36 -11.13 -0.64 1.91
N TYR A 37 -9.90 -0.20 1.94
CA TYR A 37 -8.80 -1.13 1.77
C TYR A 37 -7.59 -0.69 2.57
N SER A 38 -6.51 -1.46 2.47
CA SER A 38 -5.30 -1.19 3.19
C SER A 38 -4.10 -1.43 2.30
N LEU A 39 -3.22 -0.46 2.22
CA LEU A 39 -2.03 -0.58 1.40
C LEU A 39 -1.00 -1.48 2.07
N SER A 40 -0.58 -2.50 1.36
CA SER A 40 0.42 -3.42 1.87
C SER A 40 1.76 -3.15 1.21
N ILE A 41 2.65 -2.52 1.94
CA ILE A 41 3.96 -2.16 1.41
C ILE A 41 5.08 -2.83 2.20
N ARG A 42 6.11 -3.30 1.49
CA ARG A 42 7.24 -3.92 2.15
C ARG A 42 8.13 -2.82 2.72
N ASP A 43 7.86 -2.42 3.95
CA ASP A 43 8.62 -1.38 4.61
C ASP A 43 9.15 -1.90 5.93
N TRP A 44 10.35 -1.46 6.28
CA TRP A 44 10.97 -1.91 7.52
C TRP A 44 11.62 -0.76 8.28
N ASP A 45 12.39 -1.14 9.28
CA ASP A 45 13.09 -0.19 10.14
C ASP A 45 14.54 -0.01 9.69
N ASP A 46 14.91 -0.74 8.64
CA ASP A 46 16.25 -0.70 8.05
C ASP A 46 17.27 -1.46 8.91
N MET A 47 16.80 -2.09 9.98
CA MET A 47 17.69 -2.83 10.85
C MET A 47 17.63 -4.31 10.51
N LYS A 48 16.41 -4.78 10.31
CA LYS A 48 16.20 -6.18 9.94
C LYS A 48 16.09 -6.30 8.43
N GLY A 49 15.64 -5.23 7.80
CA GLY A 49 15.51 -5.21 6.36
C GLY A 49 14.53 -6.24 5.83
N ASP A 50 13.42 -6.43 6.54
CA ASP A 50 12.41 -7.41 6.14
C ASP A 50 11.15 -7.27 7.00
N HIS A 51 10.13 -6.64 6.44
CA HIS A 51 8.86 -6.46 7.15
C HIS A 51 7.83 -5.84 6.20
N VAL A 52 6.56 -5.84 6.63
CA VAL A 52 5.48 -5.29 5.82
C VAL A 52 4.63 -4.34 6.66
N LYS A 53 4.25 -3.21 6.05
CA LYS A 53 3.43 -2.21 6.71
C LYS A 53 2.05 -2.18 6.07
N HIS A 54 1.06 -1.69 6.81
CA HIS A 54 -0.30 -1.64 6.30
C HIS A 54 -0.91 -0.27 6.52
N TYR A 55 -1.21 0.43 5.43
CA TYR A 55 -1.79 1.76 5.51
C TYR A 55 -3.30 1.70 5.34
N LYS A 56 -4.04 2.07 6.37
CA LYS A 56 -5.50 2.07 6.31
C LYS A 56 -5.98 3.25 5.49
N ILE A 57 -6.69 2.95 4.41
CA ILE A 57 -7.20 3.97 3.53
C ILE A 57 -8.71 4.11 3.69
N ARG A 58 -9.21 5.31 3.45
CA ARG A 58 -10.63 5.59 3.56
C ARG A 58 -11.21 5.98 2.21
N LYS A 59 -12.41 5.49 1.93
CA LYS A 59 -13.08 5.80 0.68
C LYS A 59 -13.67 7.21 0.79
N LEU A 60 -13.43 8.02 -0.22
CA LEU A 60 -13.93 9.39 -0.22
C LEU A 60 -15.41 9.41 -0.52
N ASP A 61 -16.09 10.40 0.03
CA ASP A 61 -17.52 10.56 -0.21
C ASP A 61 -17.77 10.69 -1.69
N ASN A 62 -16.79 11.25 -2.37
CA ASN A 62 -16.85 11.48 -3.81
C ASN A 62 -16.88 10.15 -4.56
N GLY A 63 -16.42 9.09 -3.91
CA GLY A 63 -16.40 7.79 -4.53
C GLY A 63 -14.99 7.31 -4.80
N GLY A 64 -14.03 8.21 -4.64
CA GLY A 64 -12.64 7.88 -4.89
C GLY A 64 -11.93 7.40 -3.64
N TYR A 65 -10.61 7.33 -3.71
CA TYR A 65 -9.81 6.88 -2.58
C TYR A 65 -8.62 7.82 -2.37
N TYR A 66 -8.06 7.82 -1.16
CA TYR A 66 -6.94 8.68 -0.86
C TYR A 66 -6.19 8.21 0.39
N ILE A 67 -4.88 8.45 0.39
CA ILE A 67 -4.03 8.10 1.52
C ILE A 67 -3.72 9.36 2.30
N THR A 68 -3.80 10.48 1.58
CA THR A 68 -3.54 11.78 2.14
C THR A 68 -4.43 12.80 1.45
N THR A 69 -4.69 13.92 2.10
CA THR A 69 -5.54 14.95 1.52
C THR A 69 -4.80 15.69 0.41
N ARG A 70 -3.52 15.40 0.28
CA ARG A 70 -2.69 16.03 -0.73
C ARG A 70 -2.69 15.20 -2.01
N ALA A 71 -3.27 14.01 -1.94
CA ALA A 71 -3.31 13.12 -3.09
C ALA A 71 -4.54 12.22 -3.03
N GLN A 72 -5.54 12.55 -3.84
CA GLN A 72 -6.77 11.78 -3.91
C GLN A 72 -7.08 11.42 -5.35
N PHE A 73 -7.61 10.23 -5.55
CA PHE A 73 -7.91 9.74 -6.88
C PHE A 73 -9.30 9.10 -6.91
N GLU A 74 -9.73 8.73 -8.11
CA GLU A 74 -11.03 8.11 -8.29
C GLU A 74 -10.90 6.59 -8.43
N THR A 75 -9.72 6.14 -8.85
CA THR A 75 -9.47 4.72 -9.03
C THR A 75 -8.13 4.34 -8.41
N LEU A 76 -7.90 3.04 -8.25
CA LEU A 76 -6.67 2.55 -7.68
C LEU A 76 -5.54 2.61 -8.70
N GLN A 77 -5.85 2.27 -9.94
CA GLN A 77 -4.86 2.28 -11.00
C GLN A 77 -4.26 3.68 -11.18
N GLN A 78 -5.11 4.70 -11.11
CA GLN A 78 -4.64 6.06 -11.26
C GLN A 78 -3.78 6.46 -10.05
N LEU A 79 -4.18 5.99 -8.88
CA LEU A 79 -3.45 6.26 -7.65
C LEU A 79 -2.05 5.65 -7.72
N VAL A 80 -2.01 4.39 -8.13
CA VAL A 80 -0.76 3.64 -8.25
C VAL A 80 0.20 4.32 -9.23
N GLN A 81 -0.35 4.78 -10.34
CA GLN A 81 0.44 5.45 -11.38
C GLN A 81 1.13 6.70 -10.84
N HIS A 82 0.44 7.47 -10.01
CA HIS A 82 1.02 8.69 -9.45
C HIS A 82 2.11 8.37 -8.44
N TYR A 83 1.89 7.34 -7.63
CA TYR A 83 2.87 6.95 -6.63
C TYR A 83 3.99 6.16 -7.26
N SER A 84 3.83 5.86 -8.54
CA SER A 84 4.82 5.11 -9.31
C SER A 84 5.93 6.06 -9.75
N GLU A 85 5.59 7.34 -9.84
CA GLU A 85 6.53 8.36 -10.25
C GLU A 85 7.35 8.85 -9.05
N ARG A 86 6.70 8.92 -7.89
CA ARG A 86 7.36 9.37 -6.67
C ARG A 86 6.46 9.11 -5.47
N ALA A 87 6.95 9.44 -4.30
CA ALA A 87 6.22 9.24 -3.06
C ALA A 87 5.45 10.51 -2.71
N ALA A 88 4.15 10.37 -2.52
CA ALA A 88 3.31 11.50 -2.20
C ALA A 88 2.75 11.41 -0.77
N GLY A 89 3.51 10.78 0.12
CA GLY A 89 3.07 10.63 1.49
C GLY A 89 3.17 9.20 1.99
N LEU A 90 4.11 8.45 1.45
CA LEU A 90 4.32 7.06 1.85
C LEU A 90 5.79 6.82 2.15
N CYS A 91 6.10 5.63 2.65
CA CYS A 91 7.48 5.28 2.97
C CYS A 91 8.34 5.25 1.71
N CYS A 92 7.75 4.83 0.61
CA CYS A 92 8.46 4.74 -0.65
C CYS A 92 7.49 4.82 -1.81
N ARG A 93 8.03 4.91 -3.02
CA ARG A 93 7.22 5.01 -4.22
C ARG A 93 7.00 3.62 -4.84
N LEU A 94 5.99 3.53 -5.70
CA LEU A 94 5.64 2.27 -6.35
C LEU A 94 6.45 2.10 -7.63
N VAL A 95 7.66 1.58 -7.50
CA VAL A 95 8.55 1.40 -8.64
C VAL A 95 8.53 -0.03 -9.21
N VAL A 96 7.86 -0.95 -8.53
CA VAL A 96 7.82 -2.33 -9.01
C VAL A 96 6.51 -2.62 -9.75
N PRO A 97 6.61 -3.43 -10.80
CA PRO A 97 5.47 -3.81 -11.63
C PRO A 97 4.57 -4.86 -10.96
N CYS A 98 5.03 -6.10 -10.98
CA CYS A 98 4.29 -7.21 -10.38
C CYS A 98 5.15 -8.47 -10.36
N HIS A 99 5.51 -8.92 -9.16
CA HIS A 99 6.34 -10.10 -9.01
C HIS A 99 5.47 -11.33 -8.73
N LYS A 100 5.20 -12.10 -9.78
CA LYS A 100 4.38 -13.30 -9.65
C LYS A 100 5.27 -14.50 -9.36
N GLU B 1 -3.19 -2.19 19.03
CA GLU B 1 -3.26 -1.23 17.90
C GLU B 1 -2.20 -1.58 16.86
N PRO B 2 -2.62 -1.87 15.62
CA PRO B 2 -1.70 -2.21 14.52
C PRO B 2 -1.09 -0.97 13.87
N GLN B 3 0.01 -1.18 13.14
CA GLN B 3 0.67 -0.09 12.44
C GLN B 3 -0.10 0.25 11.17
N PTR B 4 -1.27 0.85 11.36
CA PTR B 4 -2.16 1.21 10.27
C PTR B 4 -1.99 2.67 9.85
O PTR B 4 -2.77 3.19 9.05
CB PTR B 4 -3.61 1.00 10.74
CG PTR B 4 -4.40 -0.05 9.97
CD1 PTR B 4 -4.05 -0.47 8.70
CD2 PTR B 4 -5.54 -0.61 10.55
CE1 PTR B 4 -4.81 -1.40 8.01
CE2 PTR B 4 -6.29 -1.54 9.88
CZ PTR B 4 -5.93 -1.94 8.61
OH PTR B 4 -6.72 -2.84 7.94
P PTR B 4 -6.56 -4.40 8.21
O1P PTR B 4 -5.17 -4.84 8.26
O2P PTR B 4 -7.44 -5.25 7.38
O3P PTR B 4 -7.10 -4.60 9.70
H PTR B 4 -1.55 1.03 12.29
HA PTR B 4 -1.95 0.56 9.44
HB2 PTR B 4 -3.61 0.72 11.78
HB3 PTR B 4 -4.13 1.94 10.64
HD1 PTR B 4 -3.17 -0.06 8.23
HD2 PTR B 4 -5.82 -0.29 11.54
HE1 PTR B 4 -4.52 -1.72 7.03
HE2 PTR B 4 -7.18 -1.96 10.36
N GLN B 5 -0.97 3.35 10.38
CA GLN B 5 -0.76 4.77 10.05
C GLN B 5 0.37 4.96 9.05
N PRO B 6 0.19 5.89 8.08
CA PRO B 6 1.19 6.19 7.07
C PRO B 6 2.24 7.20 7.56
N GLY B 7 3.18 7.57 6.70
CA GLY B 7 4.22 8.50 7.08
C GLY B 7 4.26 9.72 6.17
N GLU B 8 5.42 10.38 6.14
CA GLU B 8 5.60 11.57 5.31
C GLU B 8 6.92 11.49 4.56
N ASN B 9 7.03 12.24 3.47
CA ASN B 9 8.25 12.26 2.66
C ASN B 9 9.20 13.33 3.18
N LEU B 10 10.35 12.91 3.67
CA LEU B 10 11.35 13.84 4.19
C LEU B 10 12.60 13.80 3.32
N TRP A 1 -0.07 -4.14 -9.99
CA TRP A 1 0.00 -3.72 -8.57
C TRP A 1 -0.57 -4.81 -7.67
N TYR A 2 -1.88 -4.91 -7.59
CA TYR A 2 -2.51 -5.92 -6.76
C TYR A 2 -2.46 -7.28 -7.45
N PHE A 3 -2.36 -8.34 -6.67
CA PHE A 3 -2.31 -9.69 -7.21
C PHE A 3 -3.69 -10.33 -7.18
N GLY A 4 -4.56 -9.76 -6.36
CA GLY A 4 -5.91 -10.26 -6.23
C GLY A 4 -6.53 -9.84 -4.92
N LYS A 5 -7.04 -10.80 -4.17
CA LYS A 5 -7.66 -10.52 -2.88
C LYS A 5 -6.76 -10.98 -1.74
N LEU A 6 -5.61 -10.34 -1.63
CA LEU A 6 -4.64 -10.68 -0.60
C LEU A 6 -3.93 -9.43 -0.13
N GLY A 7 -3.54 -9.41 1.13
CA GLY A 7 -2.87 -8.25 1.69
C GLY A 7 -2.52 -8.37 3.15
N ARG A 8 -2.81 -9.51 3.75
CA ARG A 8 -2.51 -9.70 5.16
C ARG A 8 -1.50 -10.83 5.34
N LYS A 9 -2.00 -12.05 5.36
CA LYS A 9 -1.16 -13.23 5.56
C LYS A 9 -0.41 -13.56 4.28
N ASP A 10 -1.20 -13.70 3.25
CA ASP A 10 -0.76 -14.02 1.90
C ASP A 10 0.27 -13.02 1.41
N ALA A 11 -0.07 -11.77 1.56
CA ALA A 11 0.79 -10.68 1.11
C ALA A 11 2.09 -10.64 1.89
N GLU A 12 2.00 -10.68 3.21
CA GLU A 12 3.19 -10.62 4.05
C GLU A 12 4.09 -11.83 3.81
N ARG A 13 3.48 -12.96 3.48
CA ARG A 13 4.27 -14.16 3.24
C ARG A 13 4.99 -14.06 1.88
N GLN A 14 4.31 -13.52 0.88
CA GLN A 14 4.90 -13.38 -0.46
C GLN A 14 5.83 -12.19 -0.54
N LEU A 15 5.55 -11.16 0.25
CA LEU A 15 6.36 -9.96 0.28
C LEU A 15 7.76 -10.23 0.80
N LEU A 16 7.88 -11.34 1.54
CA LEU A 16 9.17 -11.74 2.10
C LEU A 16 9.55 -13.12 1.54
N SER A 17 8.87 -13.53 0.49
CA SER A 17 9.14 -14.83 -0.14
C SER A 17 10.40 -14.83 -0.99
N PHE A 18 10.30 -14.24 -2.18
CA PHE A 18 11.39 -14.20 -3.14
C PHE A 18 12.47 -13.19 -2.78
N GLY A 19 12.20 -12.35 -1.79
CA GLY A 19 13.18 -11.36 -1.37
C GLY A 19 13.12 -10.13 -2.24
N ASN A 20 11.90 -9.74 -2.59
CA ASN A 20 11.65 -8.58 -3.43
C ASN A 20 11.95 -7.30 -2.65
N PRO A 21 12.63 -6.35 -3.31
CA PRO A 21 13.00 -5.07 -2.68
C PRO A 21 11.82 -4.14 -2.48
N ARG A 22 12.11 -2.96 -1.95
CA ARG A 22 11.08 -1.96 -1.72
C ARG A 22 10.51 -1.49 -3.04
N GLY A 23 9.24 -1.16 -3.04
CA GLY A 23 8.57 -0.75 -4.26
C GLY A 23 7.51 -1.75 -4.65
N THR A 24 7.55 -2.90 -4.00
CA THR A 24 6.59 -3.96 -4.26
C THR A 24 5.40 -3.76 -3.35
N PHE A 25 4.51 -2.90 -3.78
CA PHE A 25 3.35 -2.55 -3.01
C PHE A 25 2.09 -3.04 -3.73
N LEU A 26 1.16 -3.60 -2.98
CA LEU A 26 -0.06 -4.13 -3.57
C LEU A 26 -1.30 -3.68 -2.81
N ILE A 27 -2.42 -3.69 -3.51
CA ILE A 27 -3.70 -3.29 -2.94
C ILE A 27 -4.48 -4.53 -2.52
N ARG A 28 -5.18 -4.44 -1.41
CA ARG A 28 -5.97 -5.56 -0.91
C ARG A 28 -7.29 -5.07 -0.37
N GLU A 29 -7.98 -5.92 0.36
CA GLU A 29 -9.25 -5.57 0.96
C GLU A 29 -9.11 -5.54 2.47
N SER A 30 -9.75 -4.58 3.11
CA SER A 30 -9.71 -4.50 4.57
C SER A 30 -10.54 -5.62 5.16
N GLU A 31 -9.98 -6.35 6.10
CA GLU A 31 -10.66 -7.48 6.72
C GLU A 31 -11.55 -7.05 7.87
N THR A 32 -11.70 -5.74 8.04
CA THR A 32 -12.54 -5.22 9.10
C THR A 32 -13.21 -3.92 8.64
N THR A 33 -13.12 -3.66 7.35
CA THR A 33 -13.70 -2.46 6.78
C THR A 33 -14.07 -2.66 5.32
N LYS A 34 -15.33 -2.97 5.06
CA LYS A 34 -15.78 -3.16 3.69
C LYS A 34 -15.91 -1.82 2.98
N GLY A 35 -15.57 -1.79 1.71
CA GLY A 35 -15.65 -0.55 0.95
C GLY A 35 -14.36 0.25 1.03
N ALA A 36 -13.47 -0.18 1.91
CA ALA A 36 -12.19 0.47 2.11
C ALA A 36 -11.09 -0.57 2.01
N TYR A 37 -9.87 -0.13 1.87
CA TYR A 37 -8.76 -1.05 1.76
C TYR A 37 -7.53 -0.52 2.47
N SER A 38 -6.41 -1.20 2.28
CA SER A 38 -5.17 -0.80 2.92
C SER A 38 -4.00 -1.13 2.00
N LEU A 39 -2.95 -0.32 2.10
CA LEU A 39 -1.77 -0.50 1.29
C LEU A 39 -0.79 -1.47 1.95
N SER A 40 -0.45 -2.52 1.24
CA SER A 40 0.51 -3.50 1.75
C SER A 40 1.86 -3.19 1.12
N ILE A 41 2.69 -2.47 1.85
CA ILE A 41 3.98 -2.07 1.35
C ILE A 41 5.13 -2.82 2.01
N ARG A 42 6.11 -3.20 1.19
CA ARG A 42 7.29 -3.89 1.68
C ARG A 42 8.29 -2.84 2.15
N ASP A 43 8.13 -2.44 3.39
CA ASP A 43 9.00 -1.43 4.00
C ASP A 43 9.43 -1.92 5.36
N TRP A 44 10.61 -1.56 5.78
CA TRP A 44 11.11 -2.02 7.06
C TRP A 44 11.61 -0.89 7.95
N ASP A 45 12.31 -1.28 8.99
CA ASP A 45 12.88 -0.38 9.99
C ASP A 45 14.36 -0.12 9.74
N ASP A 46 14.89 -0.77 8.71
CA ASP A 46 16.31 -0.64 8.32
C ASP A 46 17.24 -1.38 9.29
N MET A 47 16.68 -2.22 10.16
CA MET A 47 17.49 -2.98 11.09
C MET A 47 17.27 -4.45 10.83
N LYS A 48 16.05 -4.76 10.45
CA LYS A 48 15.65 -6.11 10.13
C LYS A 48 15.91 -6.38 8.65
N GLY A 49 15.77 -5.33 7.85
CA GLY A 49 15.97 -5.45 6.41
C GLY A 49 14.97 -6.39 5.77
N ASP A 50 13.80 -6.48 6.38
CA ASP A 50 12.73 -7.35 5.90
C ASP A 50 11.50 -7.17 6.77
N HIS A 51 10.52 -6.42 6.29
CA HIS A 51 9.29 -6.17 7.04
C HIS A 51 8.19 -5.72 6.10
N VAL A 52 6.96 -5.66 6.60
CA VAL A 52 5.82 -5.23 5.81
C VAL A 52 5.00 -4.21 6.58
N LYS A 53 4.64 -3.12 5.93
CA LYS A 53 3.86 -2.06 6.56
C LYS A 53 2.44 -2.06 5.99
N HIS A 54 1.48 -1.63 6.80
CA HIS A 54 0.09 -1.59 6.38
C HIS A 54 -0.52 -0.23 6.64
N TYR A 55 -0.88 0.46 5.56
CA TYR A 55 -1.48 1.79 5.65
C TYR A 55 -2.97 1.71 5.33
N LYS A 56 -3.80 2.25 6.20
CA LYS A 56 -5.25 2.22 5.98
C LYS A 56 -5.65 3.32 5.02
N ILE A 57 -6.67 3.04 4.23
CA ILE A 57 -7.18 3.99 3.26
C ILE A 57 -8.68 4.22 3.46
N ARG A 58 -9.13 5.43 3.21
CA ARG A 58 -10.53 5.76 3.35
C ARG A 58 -11.17 6.01 2.00
N LYS A 59 -12.44 5.62 1.87
CA LYS A 59 -13.18 5.81 0.64
C LYS A 59 -13.72 7.23 0.57
N LEU A 60 -13.53 7.87 -0.57
CA LEU A 60 -14.00 9.23 -0.78
C LEU A 60 -15.51 9.25 -0.97
N ASP A 61 -16.14 10.30 -0.49
CA ASP A 61 -17.58 10.44 -0.61
C ASP A 61 -17.99 10.67 -2.06
N ASN A 62 -17.06 11.17 -2.87
CA ASN A 62 -17.35 11.43 -4.27
C ASN A 62 -17.04 10.21 -5.13
N GLY A 63 -16.78 9.08 -4.47
CA GLY A 63 -16.49 7.86 -5.19
C GLY A 63 -15.04 7.77 -5.61
N GLY A 64 -14.16 7.74 -4.62
CA GLY A 64 -12.74 7.66 -4.90
C GLY A 64 -11.97 7.10 -3.74
N TYR A 65 -10.65 7.14 -3.84
CA TYR A 65 -9.78 6.62 -2.78
C TYR A 65 -8.59 7.54 -2.59
N TYR A 66 -8.07 7.57 -1.38
CA TYR A 66 -6.92 8.41 -1.06
C TYR A 66 -6.19 7.88 0.16
N ILE A 67 -4.86 7.92 0.11
CA ILE A 67 -4.05 7.46 1.22
C ILE A 67 -3.81 8.61 2.17
N THR A 68 -3.79 9.81 1.61
CA THR A 68 -3.57 11.02 2.35
C THR A 68 -4.28 12.17 1.64
N THR A 69 -4.47 13.30 2.31
CA THR A 69 -5.15 14.43 1.70
C THR A 69 -4.21 15.20 0.77
N ARG A 70 -3.01 14.67 0.57
CA ARG A 70 -2.03 15.30 -0.30
C ARG A 70 -2.25 14.84 -1.74
N ALA A 71 -3.08 13.82 -1.89
CA ALA A 71 -3.35 13.24 -3.20
C ALA A 71 -4.56 12.31 -3.15
N GLN A 72 -5.59 12.64 -3.92
CA GLN A 72 -6.80 11.83 -3.95
C GLN A 72 -7.23 11.56 -5.38
N PHE A 73 -7.72 10.36 -5.63
CA PHE A 73 -8.17 9.95 -6.95
C PHE A 73 -9.47 9.18 -6.86
N GLU A 74 -10.00 8.77 -8.00
CA GLU A 74 -11.25 8.02 -8.03
C GLU A 74 -11.02 6.57 -8.46
N THR A 75 -9.88 6.32 -9.06
CA THR A 75 -9.56 4.97 -9.52
C THR A 75 -8.26 4.49 -8.88
N LEU A 76 -8.19 3.20 -8.62
CA LEU A 76 -7.01 2.60 -8.01
C LEU A 76 -5.78 2.70 -8.91
N GLN A 77 -5.97 2.44 -10.19
CA GLN A 77 -4.87 2.49 -11.15
C GLN A 77 -4.24 3.88 -11.21
N GLN A 78 -5.09 4.91 -11.27
CA GLN A 78 -4.59 6.28 -11.33
C GLN A 78 -3.84 6.62 -10.05
N LEU A 79 -4.35 6.11 -8.93
CA LEU A 79 -3.72 6.33 -7.64
C LEU A 79 -2.32 5.70 -7.63
N VAL A 80 -2.25 4.44 -8.06
CA VAL A 80 -0.99 3.70 -8.09
C VAL A 80 0.03 4.40 -8.98
N GLN A 81 -0.43 4.89 -10.13
CA GLN A 81 0.44 5.57 -11.08
C GLN A 81 1.08 6.82 -10.48
N HIS A 82 0.31 7.57 -9.70
CA HIS A 82 0.80 8.79 -9.08
C HIS A 82 1.76 8.49 -7.93
N TYR A 83 1.60 7.35 -7.30
CA TYR A 83 2.47 6.98 -6.20
C TYR A 83 3.62 6.12 -6.73
N SER A 84 3.63 5.95 -8.05
CA SER A 84 4.66 5.18 -8.71
C SER A 84 5.78 6.09 -9.15
N GLU A 85 5.41 7.32 -9.48
CA GLU A 85 6.37 8.33 -9.91
C GLU A 85 7.17 8.83 -8.73
N ARG A 86 6.50 8.94 -7.59
CA ARG A 86 7.14 9.40 -6.37
C ARG A 86 6.25 9.08 -5.17
N ALA A 87 6.72 9.46 -4.00
CA ALA A 87 5.97 9.21 -2.78
C ALA A 87 5.16 10.46 -2.42
N ALA A 88 3.86 10.33 -2.43
CA ALA A 88 2.98 11.45 -2.12
C ALA A 88 2.53 11.43 -0.66
N GLY A 89 3.17 10.60 0.14
CA GLY A 89 2.80 10.51 1.55
C GLY A 89 3.04 9.14 2.13
N LEU A 90 4.03 8.43 1.60
CA LEU A 90 4.35 7.09 2.10
C LEU A 90 5.84 6.99 2.37
N CYS A 91 6.27 5.84 2.87
CA CYS A 91 7.69 5.63 3.17
C CYS A 91 8.48 5.54 1.88
N CYS A 92 7.85 5.08 0.81
CA CYS A 92 8.52 4.96 -0.47
C CYS A 92 7.51 5.00 -1.61
N ARG A 93 8.00 5.03 -2.84
CA ARG A 93 7.14 5.08 -4.01
C ARG A 93 6.93 3.68 -4.59
N LEU A 94 5.90 3.56 -5.42
CA LEU A 94 5.55 2.29 -6.04
C LEU A 94 6.36 2.09 -7.32
N VAL A 95 7.61 1.70 -7.16
CA VAL A 95 8.51 1.51 -8.30
C VAL A 95 8.81 0.03 -8.57
N VAL A 96 7.78 -0.77 -8.78
CA VAL A 96 7.95 -2.18 -9.07
C VAL A 96 6.78 -2.69 -9.91
N PRO A 97 7.07 -3.63 -10.83
CA PRO A 97 6.06 -4.21 -11.72
C PRO A 97 5.16 -5.20 -11.01
N CYS A 98 5.64 -6.41 -10.82
CA CYS A 98 4.90 -7.47 -10.15
C CYS A 98 5.84 -8.61 -9.83
N HIS A 99 5.35 -9.66 -9.20
CA HIS A 99 6.18 -10.80 -8.85
C HIS A 99 5.36 -12.07 -8.66
N LYS A 100 5.04 -12.71 -9.76
CA LYS A 100 4.28 -13.95 -9.72
C LYS A 100 5.24 -15.13 -9.63
N GLU B 1 -11.16 0.32 16.51
CA GLU B 1 -10.66 0.90 15.25
C GLU B 1 -9.26 0.36 14.94
N PRO B 2 -9.03 -0.06 13.69
CA PRO B 2 -7.72 -0.58 13.27
C PRO B 2 -6.63 0.47 13.42
N GLN B 3 -5.52 0.07 14.01
CA GLN B 3 -4.41 0.98 14.26
C GLN B 3 -3.38 0.95 13.14
N PTR B 4 -3.72 1.57 12.03
CA PTR B 4 -2.80 1.67 10.90
C PTR B 4 -2.16 3.06 10.92
O PTR B 4 -2.88 4.06 10.82
CB PTR B 4 -3.54 1.49 9.56
CG PTR B 4 -4.05 0.09 9.27
CD1 PTR B 4 -4.86 -0.60 10.16
CD2 PTR B 4 -3.75 -0.52 8.06
CE1 PTR B 4 -5.36 -1.85 9.86
CE2 PTR B 4 -4.22 -1.78 7.76
CZ PTR B 4 -5.03 -2.45 8.66
OH PTR B 4 -5.54 -3.69 8.34
P PTR B 4 -7.10 -3.91 8.03
O1P PTR B 4 -7.55 -3.31 6.76
O2P PTR B 4 -7.98 -3.61 9.17
O3P PTR B 4 -7.25 -5.48 7.80
H PTR B 4 -4.60 2.00 11.96
HA PTR B 4 -2.03 0.92 11.00
HB2 PTR B 4 -4.39 2.15 9.55
HB3 PTR B 4 -2.88 1.77 8.77
HD1 PTR B 4 -5.11 -0.13 11.11
HD2 PTR B 4 -3.11 -0.01 7.35
HE1 PTR B 4 -5.99 -2.37 10.57
HE2 PTR B 4 -3.98 -2.24 6.81
N GLN B 5 -0.84 3.12 11.06
CA GLN B 5 -0.16 4.42 11.11
C GLN B 5 0.51 4.75 9.78
N PRO B 6 -0.09 5.63 8.97
CA PRO B 6 0.47 6.05 7.69
C PRO B 6 1.36 7.28 7.84
N GLY B 7 2.46 7.30 7.10
CA GLY B 7 3.38 8.41 7.15
C GLY B 7 4.74 8.06 6.60
N GLU B 8 5.70 8.95 6.79
CA GLU B 8 7.06 8.73 6.30
C GLU B 8 7.99 8.37 7.47
N ASN B 9 8.98 7.54 7.20
CA ASN B 9 9.92 7.10 8.22
C ASN B 9 11.11 8.07 8.31
N LEU B 10 11.54 8.35 9.54
CA LEU B 10 12.65 9.25 9.77
C LEU B 10 13.88 8.49 10.27
N TRP A 1 -0.76 -4.48 -10.42
CA TRP A 1 -0.46 -4.06 -9.04
C TRP A 1 -0.94 -5.11 -8.05
N TYR A 2 -2.24 -5.33 -7.99
CA TYR A 2 -2.80 -6.32 -7.09
C TYR A 2 -2.92 -7.68 -7.78
N PHE A 3 -2.75 -8.76 -7.01
CA PHE A 3 -2.85 -10.11 -7.57
C PHE A 3 -4.24 -10.66 -7.34
N GLY A 4 -4.85 -10.22 -6.25
CA GLY A 4 -6.16 -10.65 -5.89
C GLY A 4 -6.55 -10.08 -4.55
N LYS A 5 -7.32 -10.82 -3.80
CA LYS A 5 -7.73 -10.36 -2.48
C LYS A 5 -6.86 -11.00 -1.40
N LEU A 6 -5.66 -10.48 -1.27
CA LEU A 6 -4.69 -10.95 -0.29
C LEU A 6 -4.00 -9.75 0.34
N GLY A 7 -3.58 -9.88 1.60
CA GLY A 7 -2.96 -8.75 2.26
C GLY A 7 -2.56 -9.00 3.71
N ARG A 8 -3.02 -10.10 4.29
CA ARG A 8 -2.69 -10.39 5.68
C ARG A 8 -1.49 -11.33 5.79
N LYS A 9 -1.72 -12.60 5.48
CA LYS A 9 -0.66 -13.60 5.56
C LYS A 9 0.00 -13.77 4.21
N ASP A 10 -0.84 -13.99 3.22
CA ASP A 10 -0.43 -14.19 1.83
C ASP A 10 0.51 -13.10 1.37
N ALA A 11 0.11 -11.88 1.63
CA ALA A 11 0.89 -10.71 1.23
C ALA A 11 2.23 -10.65 1.95
N GLU A 12 2.17 -10.74 3.27
CA GLU A 12 3.37 -10.69 4.09
C GLU A 12 4.32 -11.81 3.76
N ARG A 13 3.76 -12.99 3.52
CA ARG A 13 4.57 -14.16 3.22
C ARG A 13 5.27 -14.03 1.87
N GLN A 14 4.57 -13.50 0.86
CA GLN A 14 5.16 -13.35 -0.45
C GLN A 14 6.14 -12.19 -0.48
N LEU A 15 5.91 -11.21 0.39
CA LEU A 15 6.77 -10.04 0.46
C LEU A 15 8.14 -10.40 1.04
N LEU A 16 8.17 -11.49 1.81
CA LEU A 16 9.41 -11.95 2.43
C LEU A 16 9.79 -13.34 1.92
N SER A 17 9.12 -13.79 0.86
CA SER A 17 9.40 -15.11 0.29
C SER A 17 10.68 -15.12 -0.55
N PHE A 18 10.64 -14.44 -1.69
CA PHE A 18 11.79 -14.40 -2.59
C PHE A 18 12.76 -13.31 -2.20
N GLY A 19 12.29 -12.35 -1.41
CA GLY A 19 13.14 -11.25 -0.99
C GLY A 19 13.24 -10.21 -2.08
N ASN A 20 12.16 -9.49 -2.26
CA ASN A 20 12.08 -8.45 -3.27
C ASN A 20 12.44 -7.10 -2.66
N PRO A 21 12.84 -6.13 -3.49
CA PRO A 21 13.21 -4.81 -3.01
C PRO A 21 11.99 -3.94 -2.75
N ARG A 22 12.22 -2.73 -2.29
CA ARG A 22 11.13 -1.80 -2.02
C ARG A 22 10.49 -1.39 -3.33
N GLY A 23 9.17 -1.35 -3.33
CA GLY A 23 8.45 -1.03 -4.54
C GLY A 23 7.35 -2.04 -4.76
N THR A 24 7.61 -3.26 -4.31
CA THR A 24 6.65 -4.34 -4.42
C THR A 24 5.46 -4.05 -3.52
N PHE A 25 4.28 -3.96 -4.13
CA PHE A 25 3.07 -3.65 -3.38
C PHE A 25 1.88 -4.43 -3.94
N LEU A 26 0.78 -4.37 -3.23
CA LEU A 26 -0.45 -5.04 -3.63
C LEU A 26 -1.64 -4.39 -2.94
N ILE A 27 -2.83 -4.57 -3.50
CA ILE A 27 -4.03 -3.99 -2.94
C ILE A 27 -4.97 -5.10 -2.46
N ARG A 28 -5.43 -4.96 -1.23
CA ARG A 28 -6.33 -5.94 -0.64
C ARG A 28 -7.62 -5.27 -0.20
N GLU A 29 -8.60 -6.07 0.18
CA GLU A 29 -9.87 -5.54 0.63
C GLU A 29 -9.89 -5.45 2.14
N SER A 30 -10.19 -4.27 2.67
CA SER A 30 -10.24 -4.07 4.10
C SER A 30 -11.38 -4.90 4.71
N GLU A 31 -11.12 -5.50 5.85
CA GLU A 31 -12.11 -6.34 6.51
C GLU A 31 -12.98 -5.52 7.46
N THR A 32 -12.39 -4.50 8.07
CA THR A 32 -13.11 -3.67 9.01
C THR A 32 -13.70 -2.43 8.37
N THR A 33 -13.30 -2.13 7.15
CA THR A 33 -13.80 -0.95 6.46
C THR A 33 -14.12 -1.22 5.01
N LYS A 34 -15.39 -1.48 4.72
CA LYS A 34 -15.82 -1.74 3.36
C LYS A 34 -15.68 -0.46 2.52
N GLY A 35 -15.26 -0.63 1.29
CA GLY A 35 -15.07 0.51 0.41
C GLY A 35 -13.67 1.07 0.53
N ALA A 36 -12.94 0.61 1.53
CA ALA A 36 -11.58 1.06 1.77
C ALA A 36 -10.62 -0.12 1.61
N TYR A 37 -9.33 0.14 1.66
CA TYR A 37 -8.35 -0.92 1.52
C TYR A 37 -7.05 -0.56 2.22
N SER A 38 -6.11 -1.48 2.21
CA SER A 38 -4.83 -1.28 2.85
C SER A 38 -3.69 -1.60 1.88
N LEU A 39 -2.73 -0.69 1.81
CA LEU A 39 -1.59 -0.85 0.94
C LEU A 39 -0.50 -1.66 1.63
N SER A 40 -0.12 -2.77 0.99
CA SER A 40 0.92 -3.63 1.53
C SER A 40 2.20 -3.45 0.73
N ILE A 41 3.08 -2.60 1.22
CA ILE A 41 4.35 -2.32 0.55
C ILE A 41 5.52 -2.89 1.34
N ARG A 42 6.61 -3.16 0.63
CA ARG A 42 7.81 -3.66 1.28
C ARG A 42 8.47 -2.53 2.04
N ASP A 43 8.20 -2.46 3.32
CA ASP A 43 8.75 -1.43 4.16
C ASP A 43 9.11 -2.05 5.50
N TRP A 44 10.29 -1.75 5.99
CA TRP A 44 10.73 -2.33 7.24
C TRP A 44 11.06 -1.27 8.29
N ASP A 45 11.77 -1.71 9.31
CA ASP A 45 12.20 -0.88 10.42
C ASP A 45 13.64 -0.44 10.26
N ASP A 46 14.28 -0.94 9.20
CA ASP A 46 15.67 -0.63 8.87
C ASP A 46 16.65 -1.32 9.83
N MET A 47 16.15 -2.28 10.60
CA MET A 47 17.01 -2.98 11.54
C MET A 47 17.20 -4.41 11.08
N LYS A 48 16.09 -5.05 10.78
CA LYS A 48 16.11 -6.43 10.34
C LYS A 48 16.25 -6.49 8.82
N GLY A 49 15.89 -5.38 8.18
CA GLY A 49 15.98 -5.29 6.72
C GLY A 49 15.12 -6.32 6.03
N ASP A 50 13.91 -6.48 6.53
CA ASP A 50 12.95 -7.45 5.99
C ASP A 50 11.63 -7.34 6.76
N HIS A 51 10.67 -6.64 6.18
CA HIS A 51 9.37 -6.47 6.81
C HIS A 51 8.38 -5.91 5.80
N VAL A 52 7.16 -5.68 6.25
CA VAL A 52 6.11 -5.14 5.41
C VAL A 52 5.15 -4.30 6.24
N LYS A 53 4.74 -3.17 5.70
CA LYS A 53 3.82 -2.28 6.40
C LYS A 53 2.46 -2.27 5.71
N HIS A 54 1.41 -2.12 6.49
CA HIS A 54 0.05 -2.08 5.97
C HIS A 54 -0.54 -0.69 6.15
N TYR A 55 -0.58 0.08 5.08
CA TYR A 55 -1.11 1.43 5.11
C TYR A 55 -2.60 1.43 4.82
N LYS A 56 -3.40 1.73 5.83
CA LYS A 56 -4.84 1.77 5.66
C LYS A 56 -5.26 3.05 4.93
N ILE A 57 -6.03 2.87 3.87
CA ILE A 57 -6.51 3.98 3.08
C ILE A 57 -7.98 4.27 3.39
N ARG A 58 -8.38 5.51 3.21
CA ARG A 58 -9.75 5.91 3.51
C ARG A 58 -10.55 6.18 2.23
N LYS A 59 -11.81 5.78 2.26
CA LYS A 59 -12.71 5.99 1.13
C LYS A 59 -13.19 7.43 1.13
N LEU A 60 -13.19 8.07 -0.02
CA LEU A 60 -13.62 9.45 -0.13
C LEU A 60 -15.12 9.56 -0.08
N ASP A 61 -15.60 10.77 0.15
CA ASP A 61 -17.02 11.02 0.23
C ASP A 61 -17.67 10.81 -1.13
N ASN A 62 -16.87 10.98 -2.18
CA ASN A 62 -17.37 10.81 -3.54
C ASN A 62 -17.24 9.35 -3.97
N GLY A 63 -16.64 8.54 -3.10
CA GLY A 63 -16.45 7.15 -3.40
C GLY A 63 -15.06 6.88 -3.95
N GLY A 64 -14.21 7.89 -3.89
CA GLY A 64 -12.86 7.75 -4.36
C GLY A 64 -11.94 7.19 -3.30
N TYR A 65 -10.64 7.27 -3.55
CA TYR A 65 -9.65 6.75 -2.63
C TYR A 65 -8.50 7.73 -2.49
N TYR A 66 -7.96 7.86 -1.28
CA TYR A 66 -6.86 8.77 -1.03
C TYR A 66 -6.11 8.40 0.24
N ILE A 67 -4.83 8.70 0.26
CA ILE A 67 -3.99 8.42 1.42
C ILE A 67 -3.71 9.72 2.17
N THR A 68 -3.87 10.82 1.46
CA THR A 68 -3.64 12.14 2.02
C THR A 68 -4.49 13.15 1.25
N THR A 69 -4.67 14.33 1.81
CA THR A 69 -5.47 15.36 1.16
C THR A 69 -4.72 15.95 -0.03
N ARG A 70 -3.42 15.67 -0.10
CA ARG A 70 -2.58 16.16 -1.17
C ARG A 70 -2.57 15.20 -2.36
N ALA A 71 -3.26 14.08 -2.21
CA ALA A 71 -3.32 13.08 -3.26
C ALA A 71 -4.60 12.27 -3.16
N GLN A 72 -5.60 12.67 -3.91
CA GLN A 72 -6.89 11.99 -3.91
C GLN A 72 -7.32 11.64 -5.32
N PHE A 73 -7.87 10.45 -5.47
CA PHE A 73 -8.32 9.97 -6.78
C PHE A 73 -9.64 9.24 -6.64
N GLU A 74 -10.16 8.75 -7.76
CA GLU A 74 -11.43 8.05 -7.75
C GLU A 74 -11.25 6.58 -8.10
N THR A 75 -10.09 6.23 -8.66
CA THR A 75 -9.83 4.86 -9.05
C THR A 75 -8.52 4.38 -8.45
N LEU A 76 -8.40 3.06 -8.30
CA LEU A 76 -7.21 2.44 -7.73
C LEU A 76 -6.02 2.59 -8.68
N GLN A 77 -6.28 2.37 -9.96
CA GLN A 77 -5.24 2.45 -10.98
C GLN A 77 -4.60 3.85 -11.01
N GLN A 78 -5.43 4.88 -10.88
CA GLN A 78 -4.94 6.26 -10.91
C GLN A 78 -4.06 6.53 -9.70
N LEU A 79 -4.46 6.01 -8.55
CA LEU A 79 -3.70 6.18 -7.33
C LEU A 79 -2.31 5.57 -7.50
N VAL A 80 -2.28 4.35 -8.05
CA VAL A 80 -1.03 3.64 -8.29
C VAL A 80 -0.14 4.42 -9.26
N GLN A 81 -0.76 4.94 -10.32
CA GLN A 81 -0.04 5.70 -11.34
C GLN A 81 0.66 6.93 -10.77
N HIS A 82 -0.04 7.67 -9.93
CA HIS A 82 0.52 8.88 -9.35
C HIS A 82 1.59 8.56 -8.32
N TYR A 83 1.36 7.54 -7.50
CA TYR A 83 2.32 7.18 -6.48
C TYR A 83 3.50 6.43 -7.09
N SER A 84 3.38 6.13 -8.37
CA SER A 84 4.43 5.45 -9.10
C SER A 84 5.48 6.46 -9.55
N GLU A 85 5.06 7.70 -9.70
CA GLU A 85 5.95 8.77 -10.14
C GLU A 85 6.83 9.22 -8.99
N ARG A 86 6.25 9.23 -7.79
CA ARG A 86 6.97 9.64 -6.59
C ARG A 86 6.16 9.30 -5.34
N ALA A 87 6.72 9.60 -4.20
CA ALA A 87 6.07 9.31 -2.93
C ALA A 87 5.24 10.51 -2.50
N ALA A 88 3.95 10.29 -2.36
CA ALA A 88 3.05 11.37 -1.96
C ALA A 88 2.56 11.17 -0.53
N GLY A 89 3.47 10.81 0.37
CA GLY A 89 3.11 10.63 1.76
C GLY A 89 3.33 9.22 2.25
N LEU A 90 4.18 8.49 1.57
CA LEU A 90 4.48 7.12 1.93
C LEU A 90 5.98 6.95 2.14
N CYS A 91 6.38 5.81 2.68
CA CYS A 91 7.79 5.54 2.93
C CYS A 91 8.58 5.53 1.63
N CYS A 92 7.95 5.01 0.57
CA CYS A 92 8.58 4.93 -0.74
C CYS A 92 7.53 5.03 -1.83
N ARG A 93 7.96 5.29 -3.06
CA ARG A 93 7.03 5.38 -4.17
C ARG A 93 6.64 3.98 -4.65
N LEU A 94 5.69 3.91 -5.54
CA LEU A 94 5.20 2.65 -6.08
C LEU A 94 5.94 2.28 -7.36
N VAL A 95 7.10 1.65 -7.22
CA VAL A 95 7.89 1.26 -8.37
C VAL A 95 8.30 -0.20 -8.31
N VAL A 96 7.74 -0.99 -9.21
CA VAL A 96 8.06 -2.41 -9.27
C VAL A 96 7.75 -2.94 -10.67
N PRO A 97 8.75 -3.54 -11.32
CA PRO A 97 8.63 -4.09 -12.67
C PRO A 97 7.81 -5.37 -12.74
N CYS A 98 8.40 -6.48 -12.32
CA CYS A 98 7.74 -7.77 -12.36
C CYS A 98 7.11 -8.10 -11.02
N HIS A 99 6.20 -9.06 -11.01
CA HIS A 99 5.52 -9.46 -9.80
C HIS A 99 4.97 -10.86 -9.96
N LYS A 100 4.29 -11.35 -8.94
CA LYS A 100 3.71 -12.67 -8.98
C LYS A 100 2.20 -12.55 -9.20
N GLU B 1 3.77 0.77 16.24
CA GLU B 1 2.30 0.80 16.01
C GLU B 1 2.02 0.68 14.52
N PRO B 2 1.01 -0.13 14.15
CA PRO B 2 0.64 -0.32 12.74
C PRO B 2 0.15 0.99 12.12
N GLN B 3 0.68 1.30 10.95
CA GLN B 3 0.33 2.52 10.24
C GLN B 3 -1.01 2.39 9.53
N PTR B 4 -2.08 2.19 10.30
CA PTR B 4 -3.41 2.07 9.73
C PTR B 4 -4.03 3.47 9.52
O PTR B 4 -5.24 3.60 9.35
CB PTR B 4 -4.32 1.23 10.65
CG PTR B 4 -4.87 -0.03 9.98
CD1 PTR B 4 -4.04 -0.93 9.34
CD2 PTR B 4 -6.23 -0.32 10.04
CE1 PTR B 4 -4.53 -2.10 8.77
CE2 PTR B 4 -6.74 -1.47 9.46
CZ PTR B 4 -5.89 -2.36 8.83
OH PTR B 4 -6.39 -3.54 8.27
P PTR B 4 -7.58 -3.51 7.18
O1P PTR B 4 -8.04 -2.16 6.83
O2P PTR B 4 -8.68 -4.46 7.46
O3P PTR B 4 -6.90 -4.07 5.85
H PTR B 4 -1.95 2.12 11.27
HA PTR B 4 -3.33 1.59 8.77
HB2 PTR B 4 -3.75 0.93 11.51
HB3 PTR B 4 -5.16 1.83 10.96
HD1 PTR B 4 -2.98 -0.72 9.29
HD2 PTR B 4 -6.90 0.37 10.53
HE1 PTR B 4 -3.87 -2.77 8.27
HE2 PTR B 4 -7.80 -1.68 9.51
N GLN B 5 -3.18 4.49 9.58
CA GLN B 5 -3.58 5.88 9.38
C GLN B 5 -2.35 6.73 9.04
N PRO B 6 -1.99 6.83 7.76
CA PRO B 6 -0.85 7.61 7.31
C PRO B 6 -1.22 9.09 7.11
N GLY B 7 -0.34 9.83 6.41
CA GLY B 7 -0.59 11.24 6.17
C GLY B 7 0.44 12.14 6.82
N GLU B 8 0.81 13.20 6.12
CA GLU B 8 1.80 14.15 6.63
C GLU B 8 1.10 15.45 7.04
N ASN B 9 1.84 16.35 7.68
CA ASN B 9 1.26 17.62 8.12
C ASN B 9 1.59 18.75 7.16
N LEU B 10 2.87 18.88 6.84
CA LEU B 10 3.32 19.92 5.95
C LEU B 10 4.55 19.47 5.19
N TRP A 1 -0.85 -4.34 -10.66
CA TRP A 1 -0.52 -3.83 -9.30
C TRP A 1 -0.93 -4.84 -8.24
N TYR A 2 -2.22 -5.15 -8.18
CA TYR A 2 -2.73 -6.09 -7.19
C TYR A 2 -2.83 -7.50 -7.80
N PHE A 3 -2.78 -8.51 -6.95
CA PHE A 3 -2.89 -9.90 -7.40
C PHE A 3 -4.35 -10.29 -7.48
N GLY A 4 -5.06 -9.99 -6.41
CA GLY A 4 -6.48 -10.30 -6.34
C GLY A 4 -7.05 -9.85 -5.02
N LYS A 5 -7.17 -10.77 -4.08
CA LYS A 5 -7.70 -10.44 -2.76
C LYS A 5 -6.85 -11.09 -1.68
N LEU A 6 -5.74 -10.45 -1.37
CA LEU A 6 -4.81 -10.92 -0.35
C LEU A 6 -4.12 -9.72 0.26
N GLY A 7 -3.68 -9.85 1.50
CA GLY A 7 -3.05 -8.72 2.16
C GLY A 7 -2.63 -8.99 3.59
N ARG A 8 -3.13 -10.07 4.19
CA ARG A 8 -2.78 -10.37 5.57
C ARG A 8 -1.52 -11.22 5.67
N LYS A 9 -1.66 -12.49 5.35
CA LYS A 9 -0.55 -13.43 5.43
C LYS A 9 0.06 -13.63 4.06
N ASP A 10 -0.83 -13.88 3.11
CA ASP A 10 -0.48 -14.09 1.72
C ASP A 10 0.44 -13.01 1.20
N ALA A 11 0.08 -11.81 1.52
CA ALA A 11 0.85 -10.64 1.09
C ALA A 11 2.20 -10.58 1.77
N GLU A 12 2.20 -10.74 3.07
CA GLU A 12 3.43 -10.70 3.85
C GLU A 12 4.36 -11.85 3.49
N ARG A 13 3.77 -13.01 3.25
CA ARG A 13 4.56 -14.20 2.91
C ARG A 13 5.25 -14.02 1.56
N GLN A 14 4.55 -13.44 0.59
CA GLN A 14 5.12 -13.24 -0.73
C GLN A 14 6.08 -12.06 -0.73
N LEU A 15 5.87 -11.14 0.21
CA LEU A 15 6.70 -9.95 0.31
C LEU A 15 8.05 -10.27 0.96
N LEU A 16 8.11 -11.38 1.68
CA LEU A 16 9.35 -11.77 2.35
C LEU A 16 9.87 -13.11 1.83
N SER A 17 9.18 -13.68 0.84
CA SER A 17 9.57 -14.98 0.28
C SER A 17 10.92 -14.92 -0.45
N PHE A 18 10.89 -14.39 -1.67
CA PHE A 18 12.07 -14.29 -2.51
C PHE A 18 13.01 -13.17 -2.07
N GLY A 19 12.49 -12.27 -1.24
CA GLY A 19 13.31 -11.16 -0.77
C GLY A 19 13.36 -10.04 -1.77
N ASN A 20 12.19 -9.70 -2.29
CA ASN A 20 12.06 -8.64 -3.28
C ASN A 20 12.37 -7.27 -2.66
N PRO A 21 12.81 -6.31 -3.47
CA PRO A 21 13.15 -4.97 -3.00
C PRO A 21 11.92 -4.10 -2.75
N ARG A 22 12.17 -2.86 -2.35
CA ARG A 22 11.08 -1.91 -2.11
C ARG A 22 10.35 -1.64 -3.41
N GLY A 23 9.10 -1.25 -3.32
CA GLY A 23 8.31 -0.99 -4.51
C GLY A 23 7.28 -2.08 -4.71
N THR A 24 7.60 -3.28 -4.25
CA THR A 24 6.69 -4.40 -4.35
C THR A 24 5.48 -4.15 -3.46
N PHE A 25 4.35 -3.90 -4.10
CA PHE A 25 3.12 -3.61 -3.37
C PHE A 25 1.95 -4.39 -3.95
N LEU A 26 0.83 -4.28 -3.27
CA LEU A 26 -0.41 -4.94 -3.68
C LEU A 26 -1.59 -4.33 -2.93
N ILE A 27 -2.78 -4.47 -3.49
CA ILE A 27 -3.98 -3.93 -2.87
C ILE A 27 -4.85 -5.07 -2.33
N ARG A 28 -5.43 -4.85 -1.16
CA ARG A 28 -6.28 -5.86 -0.54
C ARG A 28 -7.58 -5.22 -0.07
N GLU A 29 -8.51 -6.04 0.39
CA GLU A 29 -9.80 -5.56 0.87
C GLU A 29 -9.77 -5.49 2.39
N SER A 30 -10.08 -4.31 2.94
CA SER A 30 -10.09 -4.12 4.38
C SER A 30 -11.15 -4.99 5.03
N GLU A 31 -10.84 -5.53 6.19
CA GLU A 31 -11.76 -6.40 6.92
C GLU A 31 -12.46 -5.64 8.02
N THR A 32 -11.97 -4.45 8.32
CA THR A 32 -12.53 -3.63 9.37
C THR A 32 -13.19 -2.37 8.80
N THR A 33 -13.14 -2.21 7.48
CA THR A 33 -13.74 -1.06 6.83
C THR A 33 -14.08 -1.38 5.38
N LYS A 34 -15.34 -1.68 5.11
CA LYS A 34 -15.77 -1.99 3.75
C LYS A 34 -15.74 -0.72 2.91
N GLY A 35 -15.27 -0.85 1.67
CA GLY A 35 -15.18 0.29 0.80
C GLY A 35 -13.81 0.91 0.84
N ALA A 36 -13.04 0.51 1.85
CA ALA A 36 -11.69 1.00 2.04
C ALA A 36 -10.71 -0.14 1.87
N TYR A 37 -9.43 0.16 1.84
CA TYR A 37 -8.41 -0.87 1.67
C TYR A 37 -7.10 -0.43 2.31
N SER A 38 -6.11 -1.30 2.26
CA SER A 38 -4.82 -1.01 2.84
C SER A 38 -3.70 -1.35 1.86
N LEU A 39 -2.70 -0.49 1.83
CA LEU A 39 -1.56 -0.68 0.94
C LEU A 39 -0.50 -1.55 1.60
N SER A 40 -0.10 -2.61 0.91
CA SER A 40 0.92 -3.51 1.42
C SER A 40 2.21 -3.32 0.63
N ILE A 41 3.13 -2.54 1.19
CA ILE A 41 4.39 -2.26 0.52
C ILE A 41 5.56 -2.86 1.29
N ARG A 42 6.64 -3.13 0.58
CA ARG A 42 7.85 -3.66 1.20
C ARG A 42 8.53 -2.54 1.98
N ASP A 43 8.20 -2.44 3.24
CA ASP A 43 8.76 -1.43 4.10
C ASP A 43 9.12 -2.06 5.42
N TRP A 44 10.32 -1.83 5.88
CA TRP A 44 10.77 -2.42 7.13
C TRP A 44 11.07 -1.37 8.20
N ASP A 45 11.76 -1.81 9.22
CA ASP A 45 12.14 -0.99 10.35
C ASP A 45 13.56 -0.49 10.23
N ASP A 46 14.25 -0.98 9.20
CA ASP A 46 15.64 -0.59 8.93
C ASP A 46 16.61 -1.25 9.92
N MET A 47 16.17 -2.31 10.59
CA MET A 47 17.01 -3.01 11.54
C MET A 47 17.15 -4.45 11.11
N LYS A 48 16.05 -4.98 10.60
CA LYS A 48 16.02 -6.36 10.12
C LYS A 48 16.17 -6.38 8.60
N GLY A 49 15.87 -5.25 7.96
CA GLY A 49 15.98 -5.13 6.52
C GLY A 49 15.10 -6.14 5.79
N ASP A 50 13.92 -6.35 6.32
CA ASP A 50 12.95 -7.30 5.77
C ASP A 50 11.66 -7.22 6.57
N HIS A 51 10.64 -6.60 5.99
CA HIS A 51 9.35 -6.47 6.64
C HIS A 51 8.34 -5.88 5.68
N VAL A 52 7.11 -5.69 6.14
CA VAL A 52 6.05 -5.14 5.30
C VAL A 52 5.08 -4.34 6.16
N LYS A 53 4.69 -3.18 5.66
CA LYS A 53 3.77 -2.30 6.37
C LYS A 53 2.43 -2.23 5.65
N HIS A 54 1.37 -2.00 6.41
CA HIS A 54 0.03 -1.91 5.85
C HIS A 54 -0.57 -0.55 6.14
N TYR A 55 -0.63 0.30 5.13
CA TYR A 55 -1.18 1.64 5.29
C TYR A 55 -2.66 1.66 4.98
N LYS A 56 -3.46 2.13 5.92
CA LYS A 56 -4.90 2.18 5.76
C LYS A 56 -5.31 3.37 4.91
N ILE A 57 -6.12 3.10 3.90
CA ILE A 57 -6.61 4.13 3.00
C ILE A 57 -8.08 4.44 3.32
N ARG A 58 -8.46 5.68 3.13
CA ARG A 58 -9.82 6.10 3.41
C ARG A 58 -10.63 6.27 2.12
N LYS A 59 -11.90 5.92 2.20
CA LYS A 59 -12.82 6.04 1.08
C LYS A 59 -13.35 7.47 1.01
N LEU A 60 -13.32 8.05 -0.16
CA LEU A 60 -13.79 9.42 -0.35
C LEU A 60 -15.29 9.47 -0.41
N ASP A 61 -15.81 10.63 -0.07
CA ASP A 61 -17.24 10.87 -0.07
C ASP A 61 -17.82 10.75 -1.47
N ASN A 62 -16.97 11.02 -2.46
CA ASN A 62 -17.39 10.96 -3.84
C ASN A 62 -17.19 9.55 -4.42
N GLY A 63 -16.63 8.66 -3.59
CA GLY A 63 -16.41 7.29 -4.03
C GLY A 63 -14.96 7.01 -4.33
N GLY A 64 -14.13 8.05 -4.34
CA GLY A 64 -12.72 7.88 -4.63
C GLY A 64 -11.93 7.34 -3.44
N TYR A 65 -10.61 7.41 -3.55
CA TYR A 65 -9.71 6.92 -2.51
C TYR A 65 -8.53 7.86 -2.36
N TYR A 66 -7.96 7.92 -1.16
CA TYR A 66 -6.81 8.78 -0.92
C TYR A 66 -6.08 8.40 0.36
N ILE A 67 -4.76 8.63 0.37
CA ILE A 67 -3.94 8.34 1.55
C ILE A 67 -3.55 9.65 2.23
N THR A 68 -3.87 10.74 1.55
CA THR A 68 -3.58 12.07 2.06
C THR A 68 -4.42 13.08 1.30
N THR A 69 -4.56 14.28 1.85
CA THR A 69 -5.37 15.32 1.23
C THR A 69 -4.65 15.94 0.03
N ARG A 70 -3.36 15.61 -0.11
CA ARG A 70 -2.57 16.15 -1.21
C ARG A 70 -2.47 15.15 -2.36
N ALA A 71 -3.24 14.07 -2.28
CA ALA A 71 -3.26 13.05 -3.32
C ALA A 71 -4.52 12.22 -3.21
N GLN A 72 -5.54 12.61 -3.96
CA GLN A 72 -6.80 11.91 -3.95
C GLN A 72 -7.24 11.59 -5.37
N PHE A 73 -7.75 10.39 -5.56
CA PHE A 73 -8.20 9.95 -6.88
C PHE A 73 -9.54 9.24 -6.75
N GLU A 74 -10.08 8.79 -7.87
CA GLU A 74 -11.36 8.11 -7.86
C GLU A 74 -11.21 6.64 -8.21
N THR A 75 -10.04 6.27 -8.74
CA THR A 75 -9.79 4.89 -9.12
C THR A 75 -8.46 4.42 -8.56
N LEU A 76 -8.36 3.12 -8.32
CA LEU A 76 -7.16 2.50 -7.78
C LEU A 76 -6.00 2.64 -8.76
N GLN A 77 -6.29 2.40 -10.03
CA GLN A 77 -5.32 2.49 -11.09
C GLN A 77 -4.64 3.86 -11.12
N GLN A 78 -5.43 4.92 -10.99
CA GLN A 78 -4.89 6.27 -11.01
C GLN A 78 -4.00 6.51 -9.80
N LEU A 79 -4.42 5.99 -8.65
CA LEU A 79 -3.65 6.11 -7.42
C LEU A 79 -2.28 5.47 -7.58
N VAL A 80 -2.29 4.23 -8.10
CA VAL A 80 -1.06 3.47 -8.32
C VAL A 80 -0.12 4.22 -9.28
N GLN A 81 -0.69 4.75 -10.34
CA GLN A 81 0.07 5.46 -11.36
C GLN A 81 0.76 6.70 -10.79
N HIS A 82 0.06 7.45 -9.94
CA HIS A 82 0.64 8.65 -9.37
C HIS A 82 1.66 8.34 -8.28
N TYR A 83 1.37 7.37 -7.44
CA TYR A 83 2.28 7.01 -6.36
C TYR A 83 3.51 6.32 -6.93
N SER A 84 3.50 6.13 -8.23
CA SER A 84 4.62 5.52 -8.94
C SER A 84 5.63 6.60 -9.29
N GLU A 85 5.12 7.83 -9.42
CA GLU A 85 5.96 8.97 -9.74
C GLU A 85 6.87 9.27 -8.57
N ARG A 86 6.29 9.23 -7.38
CA ARG A 86 7.02 9.49 -6.14
C ARG A 86 6.14 9.12 -4.96
N ALA A 87 6.64 9.37 -3.77
CA ALA A 87 5.90 9.05 -2.55
C ALA A 87 5.11 10.26 -2.10
N ALA A 88 3.79 10.15 -2.18
CA ALA A 88 2.91 11.24 -1.79
C ALA A 88 2.37 11.03 -0.37
N GLY A 89 3.27 10.75 0.56
CA GLY A 89 2.88 10.57 1.95
C GLY A 89 3.28 9.20 2.46
N LEU A 90 3.92 8.42 1.61
CA LEU A 90 4.34 7.08 1.97
C LEU A 90 5.84 7.03 2.18
N CYS A 91 6.31 5.95 2.80
CA CYS A 91 7.74 5.80 3.05
C CYS A 91 8.46 5.37 1.78
N CYS A 92 7.72 4.84 0.82
CA CYS A 92 8.29 4.41 -0.45
C CYS A 92 7.27 4.62 -1.55
N ARG A 93 7.76 4.83 -2.76
CA ARG A 93 6.88 5.03 -3.90
C ARG A 93 6.52 3.67 -4.51
N LEU A 94 5.62 3.68 -5.48
CA LEU A 94 5.18 2.44 -6.12
C LEU A 94 5.97 2.16 -7.39
N VAL A 95 7.16 1.60 -7.23
CA VAL A 95 8.02 1.28 -8.37
C VAL A 95 8.42 -0.19 -8.35
N VAL A 96 7.73 -0.98 -9.16
CA VAL A 96 8.01 -2.40 -9.26
C VAL A 96 7.63 -2.91 -10.65
N PRO A 97 8.52 -3.68 -11.28
CA PRO A 97 8.29 -4.21 -12.64
C PRO A 97 7.20 -5.27 -12.71
N CYS A 98 7.50 -6.48 -12.26
CA CYS A 98 6.56 -7.58 -12.32
C CYS A 98 6.27 -8.15 -10.94
N HIS A 99 5.45 -9.19 -10.89
CA HIS A 99 5.08 -9.84 -9.63
C HIS A 99 4.96 -11.34 -9.83
N LYS A 100 4.60 -12.05 -8.78
CA LYS A 100 4.45 -13.51 -8.86
C LYS A 100 3.04 -13.87 -9.34
N GLU B 1 1.05 -3.79 16.92
CA GLU B 1 0.13 -2.74 16.43
C GLU B 1 0.35 -2.49 14.95
N PRO B 2 -0.73 -2.44 14.16
CA PRO B 2 -0.63 -2.19 12.71
C PRO B 2 -0.28 -0.73 12.42
N GLN B 3 0.17 -0.46 11.20
CA GLN B 3 0.54 0.90 10.81
C GLN B 3 -0.55 1.50 9.95
N PTR B 4 -1.76 1.44 10.45
CA PTR B 4 -2.94 1.97 9.76
C PTR B 4 -3.01 3.50 9.92
O PTR B 4 -3.99 4.03 10.45
CB PTR B 4 -4.22 1.34 10.33
CG PTR B 4 -4.64 0.03 9.69
CD1 PTR B 4 -3.90 -0.59 8.69
CD2 PTR B 4 -5.83 -0.59 10.11
CE1 PTR B 4 -4.32 -1.79 8.12
CE2 PTR B 4 -6.25 -1.78 9.54
CZ PTR B 4 -5.50 -2.38 8.55
OH PTR B 4 -5.91 -3.58 7.98
P PTR B 4 -7.19 -3.62 7.00
O1P PTR B 4 -8.32 -4.43 7.52
O2P PTR B 4 -6.86 -3.92 5.60
O3P PTR B 4 -7.77 -2.13 6.98
H PTR B 4 -1.88 1.02 11.33
HA PTR B 4 -2.86 1.74 8.72
HB2 PTR B 4 -4.07 1.16 11.38
HB3 PTR B 4 -5.03 2.04 10.21
HD1 PTR B 4 -2.98 -0.14 8.37
HD2 PTR B 4 -6.42 -0.12 10.88
HE1 PTR B 4 -3.73 -2.25 7.35
HE2 PTR B 4 -7.17 -2.24 9.88
N GLN B 5 -1.98 4.20 9.46
CA GLN B 5 -1.95 5.65 9.56
C GLN B 5 -1.58 6.28 8.21
N PRO B 6 -2.08 7.51 7.94
CA PRO B 6 -1.81 8.21 6.69
C PRO B 6 -0.61 9.15 6.79
N GLY B 7 -0.38 9.93 5.73
CA GLY B 7 0.73 10.86 5.70
C GLY B 7 0.27 12.29 5.97
N GLU B 8 0.65 12.82 7.12
CA GLU B 8 0.28 14.18 7.48
C GLU B 8 1.18 15.21 6.78
N ASN B 9 0.63 16.38 6.55
CA ASN B 9 1.36 17.45 5.88
C ASN B 9 1.00 18.81 6.47
N LEU B 10 1.99 19.54 6.95
CA LEU B 10 1.78 20.86 7.52
C LEU B 10 2.95 21.78 7.18
N TRP A 1 0.14 -4.27 -10.13
CA TRP A 1 0.26 -3.76 -8.75
C TRP A 1 -0.35 -4.75 -7.76
N TYR A 2 -1.67 -4.90 -7.76
CA TYR A 2 -2.33 -5.82 -6.86
C TYR A 2 -2.31 -7.23 -7.44
N PHE A 3 -2.29 -8.22 -6.57
CA PHE A 3 -2.24 -9.62 -7.00
C PHE A 3 -3.62 -10.27 -6.94
N GLY A 4 -4.56 -9.57 -6.34
CA GLY A 4 -5.91 -10.10 -6.22
C GLY A 4 -6.59 -9.62 -4.97
N LYS A 5 -7.02 -10.55 -4.14
CA LYS A 5 -7.69 -10.22 -2.90
C LYS A 5 -6.89 -10.73 -1.70
N LEU A 6 -5.64 -10.33 -1.69
CA LEU A 6 -4.71 -10.73 -0.64
C LEU A 6 -3.99 -9.50 -0.11
N GLY A 7 -3.67 -9.50 1.18
CA GLY A 7 -3.01 -8.35 1.75
C GLY A 7 -2.66 -8.50 3.22
N ARG A 8 -2.86 -9.67 3.75
CA ARG A 8 -2.56 -9.92 5.15
C ARG A 8 -1.62 -11.09 5.32
N LYS A 9 -2.16 -12.29 5.38
CA LYS A 9 -1.35 -13.49 5.57
C LYS A 9 -0.57 -13.77 4.31
N ASP A 10 -1.32 -13.82 3.23
CA ASP A 10 -0.83 -14.08 1.90
C ASP A 10 0.20 -13.06 1.47
N ALA A 11 -0.15 -11.81 1.64
CA ALA A 11 0.71 -10.71 1.23
C ALA A 11 1.99 -10.66 2.05
N GLU A 12 1.86 -10.66 3.36
CA GLU A 12 3.01 -10.58 4.25
C GLU A 12 3.93 -11.78 4.04
N ARG A 13 3.36 -12.92 3.70
CA ARG A 13 4.15 -14.12 3.48
C ARG A 13 4.88 -14.05 2.14
N GLN A 14 4.20 -13.52 1.12
CA GLN A 14 4.80 -13.45 -0.22
C GLN A 14 5.73 -12.25 -0.36
N LEU A 15 5.43 -11.17 0.35
CA LEU A 15 6.24 -9.96 0.30
C LEU A 15 7.65 -10.20 0.83
N LEU A 16 7.82 -11.30 1.56
CA LEU A 16 9.12 -11.65 2.10
C LEU A 16 9.54 -13.03 1.60
N SER A 17 8.82 -13.56 0.63
CA SER A 17 9.11 -14.89 0.07
C SER A 17 10.25 -14.87 -0.95
N PHE A 18 10.01 -14.20 -2.08
CA PHE A 18 11.00 -14.16 -3.16
C PHE A 18 12.14 -13.19 -2.87
N GLY A 19 11.97 -12.36 -1.85
CA GLY A 19 13.01 -11.42 -1.49
C GLY A 19 12.92 -10.18 -2.34
N ASN A 20 11.69 -9.79 -2.62
CA ASN A 20 11.40 -8.62 -3.42
C ASN A 20 11.76 -7.34 -2.67
N PRO A 21 12.49 -6.43 -3.33
CA PRO A 21 12.93 -5.17 -2.72
C PRO A 21 11.79 -4.17 -2.56
N ARG A 22 12.13 -2.97 -2.09
CA ARG A 22 11.16 -1.92 -1.91
C ARG A 22 10.53 -1.56 -3.24
N GLY A 23 9.25 -1.24 -3.21
CA GLY A 23 8.53 -0.91 -4.42
C GLY A 23 7.47 -1.93 -4.71
N THR A 24 7.56 -3.07 -4.04
CA THR A 24 6.59 -4.13 -4.22
C THR A 24 5.42 -3.88 -3.30
N PHE A 25 4.52 -3.04 -3.78
CA PHE A 25 3.36 -2.64 -3.01
C PHE A 25 2.10 -3.13 -3.71
N LEU A 26 1.18 -3.70 -2.95
CA LEU A 26 -0.05 -4.22 -3.52
C LEU A 26 -1.28 -3.72 -2.79
N ILE A 27 -2.40 -3.75 -3.49
CA ILE A 27 -3.68 -3.33 -2.95
C ILE A 27 -4.51 -4.55 -2.60
N ARG A 28 -5.29 -4.45 -1.53
CA ARG A 28 -6.12 -5.56 -1.09
C ARG A 28 -7.43 -5.07 -0.51
N GLU A 29 -8.14 -5.96 0.15
CA GLU A 29 -9.40 -5.62 0.77
C GLU A 29 -9.21 -5.58 2.29
N SER A 30 -9.68 -4.53 2.93
CA SER A 30 -9.57 -4.43 4.38
C SER A 30 -10.55 -5.41 5.01
N GLU A 31 -10.04 -6.30 5.84
CA GLU A 31 -10.87 -7.31 6.49
C GLU A 31 -11.75 -6.71 7.57
N THR A 32 -11.31 -5.59 8.14
CA THR A 32 -12.06 -4.95 9.21
C THR A 32 -12.77 -3.68 8.74
N THR A 33 -12.58 -3.30 7.49
CA THR A 33 -13.21 -2.10 6.97
C THR A 33 -13.62 -2.29 5.50
N LYS A 34 -14.87 -2.65 5.29
CA LYS A 34 -15.39 -2.85 3.95
C LYS A 34 -15.54 -1.51 3.24
N GLY A 35 -15.34 -1.50 1.93
CA GLY A 35 -15.44 -0.28 1.17
C GLY A 35 -14.15 0.52 1.19
N ALA A 36 -13.20 0.04 1.98
CA ALA A 36 -11.91 0.67 2.13
C ALA A 36 -10.83 -0.40 2.02
N TYR A 37 -9.58 0.02 1.91
CA TYR A 37 -8.48 -0.93 1.81
C TYR A 37 -7.27 -0.43 2.57
N SER A 38 -6.18 -1.18 2.46
CA SER A 38 -4.96 -0.85 3.13
C SER A 38 -3.77 -1.14 2.23
N LEU A 39 -2.85 -0.22 2.15
CA LEU A 39 -1.67 -0.38 1.33
C LEU A 39 -0.70 -1.33 2.02
N SER A 40 -0.39 -2.43 1.35
CA SER A 40 0.54 -3.40 1.89
C SER A 40 1.91 -3.18 1.24
N ILE A 41 2.78 -2.49 1.95
CA ILE A 41 4.10 -2.17 1.43
C ILE A 41 5.20 -2.87 2.22
N ARG A 42 6.25 -3.29 1.52
CA ARG A 42 7.38 -3.92 2.19
C ARG A 42 8.28 -2.84 2.75
N ASP A 43 7.90 -2.33 3.92
CA ASP A 43 8.64 -1.28 4.59
C ASP A 43 9.17 -1.81 5.91
N TRP A 44 10.37 -1.40 6.26
CA TRP A 44 10.99 -1.88 7.48
C TRP A 44 11.63 -0.74 8.27
N ASP A 45 12.44 -1.13 9.23
CA ASP A 45 13.15 -0.19 10.09
C ASP A 45 14.56 0.05 9.59
N ASP A 46 14.95 -0.70 8.55
CA ASP A 46 16.26 -0.58 7.93
C ASP A 46 17.33 -1.29 8.78
N MET A 47 16.90 -2.04 9.78
CA MET A 47 17.83 -2.74 10.64
C MET A 47 17.72 -4.22 10.36
N LYS A 48 16.49 -4.68 10.17
CA LYS A 48 16.22 -6.06 9.88
C LYS A 48 16.08 -6.27 8.38
N GLY A 49 15.71 -5.20 7.68
CA GLY A 49 15.56 -5.24 6.24
C GLY A 49 14.54 -6.26 5.76
N ASP A 50 13.41 -6.34 6.48
CA ASP A 50 12.35 -7.27 6.15
C ASP A 50 11.12 -7.03 7.02
N HIS A 51 10.07 -6.47 6.42
CA HIS A 51 8.84 -6.20 7.14
C HIS A 51 7.76 -5.74 6.18
N VAL A 52 6.51 -5.77 6.63
CA VAL A 52 5.39 -5.35 5.82
C VAL A 52 4.51 -4.39 6.61
N LYS A 53 4.25 -3.23 6.05
CA LYS A 53 3.43 -2.21 6.68
C LYS A 53 2.03 -2.23 6.08
N HIS A 54 1.07 -1.69 6.83
CA HIS A 54 -0.31 -1.64 6.37
C HIS A 54 -0.89 -0.25 6.61
N TYR A 55 -1.07 0.48 5.53
CA TYR A 55 -1.62 1.83 5.61
C TYR A 55 -3.09 1.84 5.22
N LYS A 56 -3.96 1.97 6.23
CA LYS A 56 -5.39 2.00 6.02
C LYS A 56 -5.79 3.24 5.22
N ILE A 57 -6.51 3.02 4.14
CA ILE A 57 -6.97 4.10 3.28
C ILE A 57 -8.45 4.33 3.48
N ARG A 58 -8.88 5.56 3.30
CA ARG A 58 -10.27 5.93 3.45
C ARG A 58 -10.90 6.18 2.09
N LYS A 59 -12.16 5.79 1.95
CA LYS A 59 -12.87 5.98 0.70
C LYS A 59 -13.55 7.34 0.70
N LEU A 60 -13.37 8.07 -0.39
CA LEU A 60 -13.95 9.39 -0.55
C LEU A 60 -15.46 9.28 -0.73
N ASP A 61 -16.17 10.24 -0.18
CA ASP A 61 -17.62 10.26 -0.25
C ASP A 61 -18.11 10.42 -1.68
N ASN A 62 -17.27 10.96 -2.54
CA ASN A 62 -17.66 11.15 -3.94
C ASN A 62 -17.27 9.94 -4.78
N GLY A 63 -16.77 8.90 -4.12
CA GLY A 63 -16.38 7.70 -4.83
C GLY A 63 -14.95 7.73 -5.29
N GLY A 64 -14.04 7.71 -4.33
CA GLY A 64 -12.62 7.73 -4.65
C GLY A 64 -11.80 7.16 -3.52
N TYR A 65 -10.49 7.11 -3.70
CA TYR A 65 -9.60 6.58 -2.68
C TYR A 65 -8.42 7.52 -2.51
N TYR A 66 -7.95 7.66 -1.28
CA TYR A 66 -6.82 8.55 -1.01
C TYR A 66 -6.05 8.12 0.24
N ILE A 67 -4.74 8.31 0.20
CA ILE A 67 -3.89 7.98 1.33
C ILE A 67 -3.62 9.26 2.12
N THR A 68 -3.84 10.37 1.45
CA THR A 68 -3.65 11.69 2.04
C THR A 68 -4.58 12.67 1.35
N THR A 69 -4.92 13.75 2.03
CA THR A 69 -5.82 14.75 1.45
C THR A 69 -5.13 15.57 0.36
N ARG A 70 -3.82 15.37 0.23
CA ARG A 70 -3.04 16.08 -0.76
C ARG A 70 -2.98 15.31 -2.08
N ALA A 71 -3.54 14.11 -2.06
CA ALA A 71 -3.55 13.26 -3.25
C ALA A 71 -4.72 12.28 -3.21
N GLN A 72 -5.74 12.56 -4.00
CA GLN A 72 -6.93 11.72 -4.06
C GLN A 72 -7.26 11.34 -5.49
N PHE A 73 -7.68 10.10 -5.69
CA PHE A 73 -8.02 9.60 -7.01
C PHE A 73 -9.32 8.80 -6.94
N GLU A 74 -9.94 8.59 -8.08
CA GLU A 74 -11.19 7.84 -8.13
C GLU A 74 -10.94 6.39 -8.52
N THR A 75 -9.76 6.11 -9.04
CA THR A 75 -9.41 4.76 -9.44
C THR A 75 -8.11 4.32 -8.78
N LEU A 76 -7.97 3.03 -8.56
CA LEU A 76 -6.78 2.48 -7.93
C LEU A 76 -5.57 2.61 -8.85
N GLN A 77 -5.80 2.44 -10.14
CA GLN A 77 -4.72 2.53 -11.12
C GLN A 77 -4.10 3.93 -11.13
N GLN A 78 -4.96 4.96 -11.10
CA GLN A 78 -4.47 6.33 -11.10
C GLN A 78 -3.66 6.59 -9.84
N LEU A 79 -4.13 6.03 -8.74
CA LEU A 79 -3.44 6.17 -7.47
C LEU A 79 -2.05 5.54 -7.56
N VAL A 80 -1.99 4.31 -8.05
CA VAL A 80 -0.73 3.59 -8.19
C VAL A 80 0.23 4.34 -9.10
N GLN A 81 -0.28 4.88 -10.20
CA GLN A 81 0.52 5.61 -11.17
C GLN A 81 1.16 6.85 -10.54
N HIS A 82 0.38 7.61 -9.77
CA HIS A 82 0.87 8.83 -9.14
C HIS A 82 1.84 8.52 -8.00
N TYR A 83 1.66 7.39 -7.35
CA TYR A 83 2.54 7.03 -6.25
C TYR A 83 3.71 6.22 -6.79
N SER A 84 3.74 6.07 -8.10
CA SER A 84 4.80 5.32 -8.77
C SER A 84 5.92 6.28 -9.17
N GLU A 85 5.52 7.47 -9.59
CA GLU A 85 6.47 8.50 -10.01
C GLU A 85 7.26 9.02 -8.83
N ARG A 86 6.62 9.06 -7.68
CA ARG A 86 7.26 9.53 -6.46
C ARG A 86 6.41 9.16 -5.25
N ALA A 87 6.86 9.59 -4.09
CA ALA A 87 6.18 9.32 -2.85
C ALA A 87 5.32 10.52 -2.48
N ALA A 88 4.02 10.31 -2.36
CA ALA A 88 3.11 11.39 -2.00
C ALA A 88 2.56 11.21 -0.59
N GLY A 89 3.39 10.67 0.30
CA GLY A 89 2.96 10.47 1.67
C GLY A 89 3.26 9.08 2.19
N LEU A 90 4.13 8.37 1.50
CA LEU A 90 4.51 7.01 1.89
C LEU A 90 6.01 6.92 2.09
N CYS A 91 6.46 5.80 2.62
CA CYS A 91 7.88 5.58 2.87
C CYS A 91 8.64 5.42 1.55
N CYS A 92 7.96 4.93 0.54
CA CYS A 92 8.59 4.72 -0.77
C CYS A 92 7.56 4.81 -1.88
N ARG A 93 8.05 4.95 -3.11
CA ARG A 93 7.18 5.03 -4.28
C ARG A 93 6.89 3.64 -4.82
N LEU A 94 5.83 3.53 -5.62
CA LEU A 94 5.43 2.26 -6.20
C LEU A 94 6.19 1.97 -7.49
N VAL A 95 7.39 1.44 -7.35
CA VAL A 95 8.22 1.13 -8.50
C VAL A 95 8.51 -0.37 -8.59
N VAL A 96 7.64 -1.07 -9.30
CA VAL A 96 7.78 -2.50 -9.50
C VAL A 96 6.74 -3.00 -10.50
N PRO A 97 7.14 -3.92 -11.38
CA PRO A 97 6.25 -4.50 -12.38
C PRO A 97 5.26 -5.49 -11.76
N CYS A 98 5.81 -6.57 -11.22
CA CYS A 98 5.02 -7.62 -10.57
C CYS A 98 5.97 -8.72 -10.09
N HIS A 99 5.46 -9.63 -9.27
CA HIS A 99 6.29 -10.72 -8.76
C HIS A 99 5.46 -11.98 -8.56
N LYS A 100 5.06 -12.61 -9.65
CA LYS A 100 4.29 -13.84 -9.58
C LYS A 100 5.22 -15.02 -9.68
N GLU B 1 -7.77 0.22 18.32
CA GLU B 1 -7.24 0.88 17.11
C GLU B 1 -5.96 0.19 16.64
N PRO B 2 -5.95 -0.31 15.38
CA PRO B 2 -4.78 -0.98 14.82
C PRO B 2 -3.67 0.01 14.49
N GLN B 3 -2.49 -0.50 14.15
CA GLN B 3 -1.34 0.34 13.83
C GLN B 3 -1.43 0.91 12.41
N PTR B 4 -2.58 1.49 12.09
CA PTR B 4 -2.80 2.09 10.78
C PTR B 4 -2.53 3.59 10.86
O PTR B 4 -3.33 4.32 11.46
CB PTR B 4 -4.24 1.85 10.30
CG PTR B 4 -4.64 0.39 10.12
CD1 PTR B 4 -3.71 -0.58 9.75
CD2 PTR B 4 -5.96 0.01 10.28
CE1 PTR B 4 -4.10 -1.90 9.55
CE2 PTR B 4 -6.35 -1.31 10.10
CZ PTR B 4 -5.43 -2.25 9.73
OH PTR B 4 -5.84 -3.56 9.53
P PTR B 4 -6.48 -3.98 8.12
O1P PTR B 4 -7.84 -3.47 7.88
O2P PTR B 4 -6.32 -5.42 7.79
O3P PTR B 4 -5.58 -3.24 7.04
H PTR B 4 -3.29 1.52 12.76
HA PTR B 4 -2.10 1.64 10.09
HB2 PTR B 4 -4.91 2.28 11.02
HB3 PTR B 4 -4.36 2.35 9.35
HD1 PTR B 4 -2.68 -0.31 9.62
HD2 PTR B 4 -6.69 0.76 10.57
HE1 PTR B 4 -3.37 -2.63 9.27
HE2 PTR B 4 -7.39 -1.58 10.24
N GLN B 5 -1.45 4.05 10.26
CA GLN B 5 -1.12 5.48 10.28
C GLN B 5 -0.22 5.86 9.10
N PRO B 6 -0.82 6.31 7.98
CA PRO B 6 -0.08 6.72 6.79
C PRO B 6 0.28 8.21 6.82
N GLY B 7 1.29 8.60 6.05
CA GLY B 7 1.70 9.98 6.01
C GLY B 7 3.14 10.19 6.45
N GLU B 8 3.80 11.17 5.86
CA GLU B 8 5.18 11.48 6.20
C GLU B 8 5.22 12.57 7.25
N ASN B 9 6.42 13.05 7.59
CA ASN B 9 6.55 14.10 8.59
C ASN B 9 7.43 15.24 8.06
N LEU B 10 8.65 14.91 7.69
CA LEU B 10 9.58 15.92 7.18
C LEU B 10 10.42 15.34 6.06
N TRP A 1 -0.12 -4.31 -10.19
CA TRP A 1 0.07 -3.82 -8.81
C TRP A 1 -0.51 -4.81 -7.81
N TYR A 2 -1.85 -4.87 -7.73
CA TYR A 2 -2.49 -5.81 -6.83
C TYR A 2 -2.41 -7.22 -7.43
N PHE A 3 -2.39 -8.23 -6.58
CA PHE A 3 -2.30 -9.61 -7.06
C PHE A 3 -3.65 -10.31 -6.98
N GLY A 4 -4.64 -9.60 -6.48
CA GLY A 4 -5.96 -10.14 -6.35
C GLY A 4 -6.62 -9.72 -5.07
N LYS A 5 -6.88 -10.67 -4.19
CA LYS A 5 -7.51 -10.38 -2.92
C LYS A 5 -6.69 -10.96 -1.77
N LEU A 6 -5.54 -10.36 -1.54
CA LEU A 6 -4.63 -10.79 -0.49
C LEU A 6 -3.95 -9.57 0.10
N GLY A 7 -3.55 -9.66 1.36
CA GLY A 7 -2.94 -8.51 2.00
C GLY A 7 -2.63 -8.72 3.47
N ARG A 8 -3.19 -9.78 4.06
CA ARG A 8 -2.96 -10.05 5.46
C ARG A 8 -1.77 -11.00 5.65
N LYS A 9 -2.03 -12.28 5.47
CA LYS A 9 -1.01 -13.30 5.65
C LYS A 9 -0.25 -13.51 4.35
N ASP A 10 -1.04 -13.78 3.34
CA ASP A 10 -0.59 -14.05 1.98
C ASP A 10 0.41 -13.01 1.52
N ALA A 11 0.03 -11.76 1.71
CA ALA A 11 0.88 -10.64 1.28
C ALA A 11 2.18 -10.59 2.06
N GLU A 12 2.08 -10.60 3.37
CA GLU A 12 3.26 -10.53 4.21
C GLU A 12 4.18 -11.72 3.98
N ARG A 13 3.61 -12.87 3.66
CA ARG A 13 4.40 -14.06 3.42
C ARG A 13 5.07 -14.02 2.05
N GLN A 14 4.38 -13.44 1.05
CA GLN A 14 4.93 -13.36 -0.30
C GLN A 14 5.85 -12.16 -0.47
N LEU A 15 5.60 -11.11 0.30
CA LEU A 15 6.40 -9.89 0.24
C LEU A 15 7.82 -10.15 0.72
N LEU A 16 7.99 -11.19 1.52
CA LEU A 16 9.31 -11.54 2.03
C LEU A 16 9.73 -12.90 1.49
N SER A 17 8.98 -13.41 0.52
CA SER A 17 9.25 -14.72 -0.08
C SER A 17 10.48 -14.69 -1.00
N PHE A 18 10.31 -14.11 -2.18
CA PHE A 18 11.37 -14.06 -3.17
C PHE A 18 12.44 -13.04 -2.81
N GLY A 19 12.12 -12.13 -1.91
CA GLY A 19 13.08 -11.12 -1.50
C GLY A 19 12.96 -9.90 -2.37
N ASN A 20 11.73 -9.62 -2.76
CA ASN A 20 11.42 -8.48 -3.59
C ASN A 20 11.72 -7.18 -2.83
N PRO A 21 12.49 -6.29 -3.45
CA PRO A 21 12.88 -5.01 -2.83
C PRO A 21 11.72 -4.03 -2.63
N ARG A 22 12.05 -2.84 -2.17
CA ARG A 22 11.06 -1.80 -1.95
C ARG A 22 10.38 -1.44 -3.26
N GLY A 23 9.12 -1.07 -3.19
CA GLY A 23 8.37 -0.72 -4.37
C GLY A 23 7.31 -1.75 -4.65
N THR A 24 7.44 -2.90 -4.02
CA THR A 24 6.49 -3.98 -4.20
C THR A 24 5.32 -3.75 -3.27
N PHE A 25 4.40 -2.94 -3.74
CA PHE A 25 3.24 -2.57 -2.96
C PHE A 25 1.98 -3.08 -3.65
N LEU A 26 1.11 -3.72 -2.88
CA LEU A 26 -0.11 -4.28 -3.44
C LEU A 26 -1.34 -3.83 -2.67
N ILE A 27 -2.49 -3.93 -3.32
CA ILE A 27 -3.76 -3.53 -2.74
C ILE A 27 -4.53 -4.75 -2.27
N ARG A 28 -5.20 -4.63 -1.12
CA ARG A 28 -5.99 -5.71 -0.58
C ARG A 28 -7.32 -5.17 -0.07
N GLU A 29 -8.16 -6.06 0.44
CA GLU A 29 -9.46 -5.68 0.95
C GLU A 29 -9.41 -5.53 2.47
N SER A 30 -10.12 -4.54 2.98
CA SER A 30 -10.17 -4.33 4.42
C SER A 30 -11.29 -5.18 5.02
N GLU A 31 -10.92 -6.08 5.92
CA GLU A 31 -11.89 -6.97 6.55
C GLU A 31 -12.71 -6.24 7.60
N THR A 32 -12.11 -5.24 8.23
CA THR A 32 -12.80 -4.48 9.26
C THR A 32 -13.42 -3.20 8.70
N THR A 33 -13.25 -2.98 7.40
CA THR A 33 -13.81 -1.81 6.75
C THR A 33 -14.12 -2.10 5.29
N LYS A 34 -15.27 -2.73 5.04
CA LYS A 34 -15.66 -3.04 3.68
C LYS A 34 -15.94 -1.74 2.91
N GLY A 35 -15.49 -1.70 1.67
CA GLY A 35 -15.67 -0.51 0.86
C GLY A 35 -14.39 0.31 0.83
N ALA A 36 -13.50 0.00 1.76
CA ALA A 36 -12.22 0.66 1.88
C ALA A 36 -11.13 -0.40 1.83
N TYR A 37 -9.89 0.03 1.80
CA TYR A 37 -8.79 -0.91 1.75
C TYR A 37 -7.57 -0.34 2.46
N SER A 38 -6.47 -1.05 2.37
CA SER A 38 -5.23 -0.63 2.99
C SER A 38 -4.06 -1.06 2.12
N LEU A 39 -3.05 -0.21 2.05
CA LEU A 39 -1.89 -0.49 1.24
C LEU A 39 -0.91 -1.40 1.96
N SER A 40 -0.48 -2.45 1.27
CA SER A 40 0.49 -3.38 1.82
C SER A 40 1.84 -3.12 1.19
N ILE A 41 2.69 -2.40 1.92
CA ILE A 41 4.00 -2.06 1.41
C ILE A 41 5.10 -2.76 2.19
N ARG A 42 6.15 -3.14 1.48
CA ARG A 42 7.29 -3.78 2.12
C ARG A 42 8.20 -2.71 2.68
N ASP A 43 7.91 -2.31 3.91
CA ASP A 43 8.67 -1.28 4.59
C ASP A 43 9.18 -1.84 5.90
N TRP A 44 10.45 -1.67 6.14
CA TRP A 44 11.05 -2.21 7.33
C TRP A 44 11.60 -1.11 8.24
N ASP A 45 12.39 -1.53 9.19
CA ASP A 45 13.01 -0.66 10.18
C ASP A 45 14.43 -0.30 9.79
N ASP A 46 14.89 -0.86 8.67
CA ASP A 46 16.24 -0.62 8.15
C ASP A 46 17.30 -1.32 9.02
N MET A 47 16.86 -2.19 9.94
CA MET A 47 17.79 -2.88 10.79
C MET A 47 17.84 -4.35 10.40
N LYS A 48 16.67 -4.93 10.23
CA LYS A 48 16.57 -6.34 9.85
C LYS A 48 16.40 -6.46 8.33
N GLY A 49 15.98 -5.38 7.69
CA GLY A 49 15.79 -5.36 6.26
C GLY A 49 14.80 -6.39 5.77
N ASP A 50 13.63 -6.43 6.40
CA ASP A 50 12.56 -7.38 6.04
C ASP A 50 11.34 -7.20 6.94
N HIS A 51 10.36 -6.45 6.45
CA HIS A 51 9.13 -6.21 7.21
C HIS A 51 8.07 -5.66 6.26
N VAL A 52 6.81 -5.72 6.69
CA VAL A 52 5.70 -5.22 5.88
C VAL A 52 4.85 -4.27 6.71
N LYS A 53 4.43 -3.18 6.09
CA LYS A 53 3.60 -2.18 6.76
C LYS A 53 2.29 -2.00 6.02
N HIS A 54 1.25 -1.64 6.75
CA HIS A 54 -0.06 -1.46 6.15
C HIS A 54 -0.61 -0.06 6.41
N TYR A 55 -0.91 0.65 5.33
CA TYR A 55 -1.44 2.00 5.42
C TYR A 55 -2.95 1.98 5.26
N LYS A 56 -3.65 2.58 6.22
CA LYS A 56 -5.11 2.62 6.18
C LYS A 56 -5.59 3.64 5.16
N ILE A 57 -6.44 3.18 4.25
CA ILE A 57 -6.99 4.04 3.23
C ILE A 57 -8.48 4.23 3.44
N ARG A 58 -8.95 5.44 3.15
CA ARG A 58 -10.34 5.77 3.30
C ARG A 58 -10.97 6.09 1.95
N LYS A 59 -12.22 5.68 1.79
CA LYS A 59 -12.95 5.93 0.57
C LYS A 59 -13.50 7.36 0.60
N LEU A 60 -13.29 8.08 -0.49
CA LEU A 60 -13.76 9.45 -0.59
C LEU A 60 -15.27 9.49 -0.68
N ASP A 61 -15.85 10.48 -0.04
CA ASP A 61 -17.30 10.66 -0.04
C ASP A 61 -17.83 10.84 -1.46
N ASN A 62 -16.98 11.37 -2.34
CA ASN A 62 -17.35 11.59 -3.74
C ASN A 62 -17.11 10.34 -4.59
N GLY A 63 -16.74 9.26 -3.94
CA GLY A 63 -16.49 8.02 -4.65
C GLY A 63 -15.08 7.95 -5.18
N GLY A 64 -14.12 8.00 -4.27
CA GLY A 64 -12.73 7.94 -4.66
C GLY A 64 -11.88 7.29 -3.60
N TYR A 65 -10.56 7.33 -3.77
CA TYR A 65 -9.65 6.72 -2.81
C TYR A 65 -8.44 7.62 -2.58
N TYR A 66 -7.94 7.63 -1.36
CA TYR A 66 -6.78 8.45 -1.02
C TYR A 66 -6.09 7.91 0.23
N ILE A 67 -4.76 7.90 0.21
CA ILE A 67 -3.97 7.44 1.34
C ILE A 67 -3.74 8.58 2.31
N THR A 68 -3.76 9.78 1.74
CA THR A 68 -3.57 10.99 2.49
C THR A 68 -4.27 12.13 1.75
N THR A 69 -4.52 13.23 2.44
CA THR A 69 -5.20 14.37 1.84
C THR A 69 -4.26 15.18 0.95
N ARG A 70 -3.11 14.59 0.65
CA ARG A 70 -2.11 15.23 -0.20
C ARG A 70 -2.18 14.66 -1.61
N ALA A 71 -3.07 13.69 -1.81
CA ALA A 71 -3.25 13.04 -3.10
C ALA A 71 -4.50 12.17 -3.10
N GLN A 72 -5.52 12.63 -3.80
CA GLN A 72 -6.78 11.91 -3.88
C GLN A 72 -7.12 11.57 -5.33
N PHE A 73 -7.72 10.40 -5.53
CA PHE A 73 -8.08 9.94 -6.86
C PHE A 73 -9.44 9.25 -6.81
N GLU A 74 -9.89 8.75 -7.93
CA GLU A 74 -11.17 8.08 -8.01
C GLU A 74 -10.99 6.60 -8.37
N THR A 75 -9.84 6.26 -8.91
CA THR A 75 -9.56 4.89 -9.29
C THR A 75 -8.30 4.39 -8.60
N LEU A 76 -8.11 3.07 -8.61
CA LEU A 76 -6.95 2.46 -7.98
C LEU A 76 -5.73 2.55 -8.89
N GLN A 77 -5.94 2.37 -10.19
CA GLN A 77 -4.84 2.42 -11.15
C GLN A 77 -4.20 3.79 -11.17
N GLN A 78 -5.01 4.84 -11.16
CA GLN A 78 -4.48 6.19 -11.19
C GLN A 78 -3.70 6.48 -9.90
N LEU A 79 -4.22 5.95 -8.80
CA LEU A 79 -3.58 6.11 -7.51
C LEU A 79 -2.19 5.48 -7.54
N VAL A 80 -2.12 4.24 -8.03
CA VAL A 80 -0.87 3.50 -8.12
C VAL A 80 0.12 4.23 -9.02
N GLN A 81 -0.35 4.71 -10.16
CA GLN A 81 0.49 5.41 -11.13
C GLN A 81 1.14 6.64 -10.52
N HIS A 82 0.33 7.44 -9.82
CA HIS A 82 0.82 8.67 -9.20
C HIS A 82 1.83 8.38 -8.09
N TYR A 83 1.69 7.24 -7.44
CA TYR A 83 2.62 6.89 -6.39
C TYR A 83 3.77 6.08 -6.95
N SER A 84 3.73 5.83 -8.25
CA SER A 84 4.77 5.06 -8.92
C SER A 84 5.85 6.01 -9.43
N GLU A 85 5.41 7.21 -9.82
CA GLU A 85 6.30 8.24 -10.32
C GLU A 85 7.12 8.82 -9.18
N ARG A 86 6.49 8.91 -8.03
CA ARG A 86 7.11 9.46 -6.84
C ARG A 86 6.29 9.12 -5.61
N ALA A 87 6.74 9.57 -4.47
CA ALA A 87 6.04 9.32 -3.22
C ALA A 87 5.24 10.55 -2.85
N ALA A 88 3.94 10.39 -2.68
CA ALA A 88 3.08 11.51 -2.33
C ALA A 88 2.63 11.42 -0.87
N GLY A 89 3.48 10.87 -0.03
CA GLY A 89 3.17 10.75 1.38
C GLY A 89 3.37 9.36 1.94
N LEU A 90 4.25 8.59 1.31
CA LEU A 90 4.52 7.23 1.76
C LEU A 90 6.02 7.06 2.01
N CYS A 91 6.40 5.90 2.54
CA CYS A 91 7.81 5.62 2.80
C CYS A 91 8.61 5.58 1.51
N CYS A 92 7.99 5.12 0.43
CA CYS A 92 8.66 5.04 -0.85
C CYS A 92 7.64 5.03 -1.98
N ARG A 93 8.12 5.13 -3.20
CA ARG A 93 7.23 5.13 -4.36
C ARG A 93 6.99 3.70 -4.85
N LEU A 94 5.95 3.52 -5.65
CA LEU A 94 5.56 2.22 -6.17
C LEU A 94 6.37 1.86 -7.41
N VAL A 95 7.66 1.61 -7.22
CA VAL A 95 8.54 1.25 -8.32
C VAL A 95 8.73 -0.27 -8.38
N VAL A 96 7.84 -0.95 -9.07
CA VAL A 96 7.92 -2.39 -9.20
C VAL A 96 7.18 -2.87 -10.45
N PRO A 97 7.80 -3.80 -11.18
CA PRO A 97 7.21 -4.39 -12.38
C PRO A 97 6.11 -5.40 -12.03
N CYS A 98 6.52 -6.64 -11.77
CA CYS A 98 5.59 -7.71 -11.41
C CYS A 98 6.37 -8.84 -10.72
N HIS A 99 5.77 -9.41 -9.69
CA HIS A 99 6.41 -10.51 -8.95
C HIS A 99 5.37 -11.52 -8.49
N LYS A 100 4.81 -12.24 -9.44
CA LYS A 100 3.81 -13.25 -9.15
C LYS A 100 4.45 -14.52 -8.66
N GLU B 1 -3.34 2.13 19.21
CA GLU B 1 -3.39 2.57 17.81
C GLU B 1 -2.35 1.83 16.98
N PRO B 2 -2.79 1.04 15.99
CA PRO B 2 -1.89 0.28 15.13
C PRO B 2 -1.15 1.17 14.13
N GLN B 3 -0.12 0.62 13.51
CA GLN B 3 0.66 1.36 12.53
C GLN B 3 -0.05 1.34 11.18
N PTR B 4 -1.17 2.04 11.15
CA PTR B 4 -2.00 2.13 9.96
C PTR B 4 -1.88 3.51 9.32
O PTR B 4 -2.68 3.87 8.45
CB PTR B 4 -3.45 1.87 10.34
CG PTR B 4 -4.05 0.59 9.78
CD1 PTR B 4 -3.84 0.20 8.48
CD2 PTR B 4 -4.87 -0.21 10.58
CE1 PTR B 4 -4.43 -0.95 7.96
CE2 PTR B 4 -5.45 -1.35 10.08
CZ PTR B 4 -5.24 -1.73 8.77
OH PTR B 4 -5.85 -2.85 8.25
P PTR B 4 -7.43 -2.86 8.02
O1P PTR B 4 -8.16 -1.83 8.77
O2P PTR B 4 -8.05 -4.20 8.12
O3P PTR B 4 -7.62 -2.47 6.49
H PTR B 4 -1.45 2.51 11.96
HA PTR B 4 -1.68 1.38 9.25
HB2 PTR B 4 -3.52 1.82 11.41
HB3 PTR B 4 -4.06 2.69 9.99
HD1 PTR B 4 -3.21 0.80 7.84
HD2 PTR B 4 -5.05 0.08 11.61
HE1 PTR B 4 -4.26 -1.23 6.93
HE2 PTR B 4 -6.09 -1.97 10.72
N GLN B 5 -0.90 4.29 9.75
CA GLN B 5 -0.72 5.65 9.22
C GLN B 5 0.54 5.75 8.37
N PRO B 6 0.50 6.60 7.31
CA PRO B 6 1.64 6.80 6.40
C PRO B 6 2.82 7.54 7.04
N GLY B 7 3.99 7.37 6.44
CA GLY B 7 5.18 8.02 6.92
C GLY B 7 6.10 8.43 5.78
N GLU B 8 7.41 8.28 5.98
CA GLU B 8 8.38 8.64 4.96
C GLU B 8 9.72 7.99 5.27
N ASN B 9 10.47 7.65 4.24
CA ASN B 9 11.77 7.01 4.42
C ASN B 9 12.80 7.61 3.47
N LEU B 10 13.89 8.12 4.03
CA LEU B 10 14.95 8.72 3.23
C LEU B 10 16.17 7.81 3.19
N TRP A 1 -1.20 -4.36 -10.47
CA TRP A 1 -0.76 -3.90 -9.14
C TRP A 1 -1.09 -4.94 -8.07
N TYR A 2 -2.37 -5.26 -7.91
CA TYR A 2 -2.77 -6.25 -6.93
C TYR A 2 -2.65 -7.65 -7.51
N PHE A 3 -2.31 -8.61 -6.66
CA PHE A 3 -2.15 -9.99 -7.08
C PHE A 3 -3.50 -10.71 -7.12
N GLY A 4 -4.40 -10.27 -6.25
CA GLY A 4 -5.71 -10.84 -6.18
C GLY A 4 -6.37 -10.49 -4.87
N LYS A 5 -7.07 -11.45 -4.29
CA LYS A 5 -7.76 -11.23 -3.03
C LYS A 5 -6.87 -11.71 -1.89
N LEU A 6 -5.83 -10.94 -1.61
CA LEU A 6 -4.88 -11.28 -0.56
C LEU A 6 -4.24 -10.00 -0.05
N GLY A 7 -3.70 -10.02 1.15
CA GLY A 7 -3.10 -8.82 1.70
C GLY A 7 -2.68 -8.93 3.14
N ARG A 8 -3.13 -9.97 3.83
CA ARG A 8 -2.78 -10.13 5.23
C ARG A 8 -1.64 -11.13 5.43
N LYS A 9 -1.94 -12.40 5.32
CA LYS A 9 -0.94 -13.45 5.50
C LYS A 9 -0.21 -13.70 4.20
N ASP A 10 -1.00 -14.01 3.20
CA ASP A 10 -0.56 -14.30 1.84
C ASP A 10 0.39 -13.23 1.32
N ALA A 11 -0.03 -12.01 1.45
CA ALA A 11 0.75 -10.88 0.95
C ALA A 11 2.06 -10.72 1.70
N GLU A 12 1.97 -10.67 3.02
CA GLU A 12 3.15 -10.50 3.84
C GLU A 12 4.12 -11.66 3.65
N ARG A 13 3.58 -12.85 3.42
CA ARG A 13 4.42 -14.03 3.24
C ARG A 13 5.12 -14.01 1.88
N GLN A 14 4.42 -13.58 0.83
CA GLN A 14 5.00 -13.54 -0.50
C GLN A 14 5.97 -12.36 -0.65
N LEU A 15 5.70 -11.29 0.08
CA LEU A 15 6.53 -10.10 0.03
C LEU A 15 7.91 -10.38 0.61
N LEU A 16 8.01 -11.41 1.44
CA LEU A 16 9.28 -11.78 2.04
C LEU A 16 9.71 -13.16 1.58
N SER A 17 9.01 -13.69 0.57
CA SER A 17 9.32 -15.01 0.04
C SER A 17 10.56 -14.99 -0.86
N PHE A 18 10.40 -14.49 -2.07
CA PHE A 18 11.49 -14.43 -3.05
C PHE A 18 12.50 -13.34 -2.71
N GLY A 19 12.09 -12.39 -1.89
CA GLY A 19 13.00 -11.32 -1.53
C GLY A 19 13.02 -10.23 -2.58
N ASN A 20 11.94 -9.49 -2.64
CA ASN A 20 11.78 -8.41 -3.60
C ASN A 20 12.26 -7.11 -3.00
N PRO A 21 12.75 -6.19 -3.83
CA PRO A 21 13.24 -4.89 -3.38
C PRO A 21 12.10 -3.97 -2.97
N ARG A 22 12.44 -2.76 -2.56
CA ARG A 22 11.43 -1.79 -2.15
C ARG A 22 10.60 -1.35 -3.35
N GLY A 23 9.34 -1.06 -3.11
CA GLY A 23 8.45 -0.66 -4.19
C GLY A 23 7.39 -1.69 -4.44
N THR A 24 7.71 -2.95 -4.13
CA THR A 24 6.78 -4.05 -4.30
C THR A 24 5.57 -3.85 -3.40
N PHE A 25 4.39 -3.90 -4.00
CA PHE A 25 3.15 -3.68 -3.27
C PHE A 25 2.00 -4.46 -3.88
N LEU A 26 0.85 -4.34 -3.24
CA LEU A 26 -0.37 -4.98 -3.70
C LEU A 26 -1.56 -4.39 -2.93
N ILE A 27 -2.74 -4.43 -3.55
CA ILE A 27 -3.93 -3.90 -2.92
C ILE A 27 -4.86 -5.04 -2.51
N ARG A 28 -5.40 -4.95 -1.32
CA ARG A 28 -6.31 -5.96 -0.81
C ARG A 28 -7.59 -5.31 -0.34
N GLU A 29 -8.58 -6.11 0.00
CA GLU A 29 -9.85 -5.59 0.47
C GLU A 29 -9.98 -5.80 1.97
N SER A 30 -10.14 -4.71 2.72
CA SER A 30 -10.27 -4.79 4.17
C SER A 30 -11.57 -5.50 4.55
N GLU A 31 -11.46 -6.52 5.39
CA GLU A 31 -12.62 -7.27 5.83
C GLU A 31 -13.25 -6.64 7.06
N THR A 32 -12.51 -5.73 7.65
CA THR A 32 -12.96 -5.03 8.83
C THR A 32 -13.46 -3.64 8.47
N THR A 33 -13.22 -3.26 7.22
CA THR A 33 -13.63 -1.96 6.73
C THR A 33 -14.01 -2.03 5.25
N LYS A 34 -15.30 -2.12 4.98
CA LYS A 34 -15.74 -2.18 3.60
C LYS A 34 -15.66 -0.80 2.95
N GLY A 35 -15.18 -0.77 1.71
CA GLY A 35 -15.03 0.48 1.00
C GLY A 35 -13.65 1.07 1.20
N ALA A 36 -12.86 0.44 2.06
CA ALA A 36 -11.52 0.88 2.36
C ALA A 36 -10.54 -0.27 2.19
N TYR A 37 -9.25 0.04 2.15
CA TYR A 37 -8.23 -0.98 2.02
C TYR A 37 -6.93 -0.53 2.65
N SER A 38 -5.93 -1.37 2.59
CA SER A 38 -4.63 -1.08 3.17
C SER A 38 -3.53 -1.39 2.18
N LEU A 39 -2.71 -0.40 1.89
CA LEU A 39 -1.61 -0.59 0.96
C LEU A 39 -0.56 -1.50 1.57
N SER A 40 -0.34 -2.64 0.94
CA SER A 40 0.64 -3.60 1.43
C SER A 40 1.96 -3.41 0.70
N ILE A 41 2.86 -2.66 1.32
CA ILE A 41 4.16 -2.40 0.75
C ILE A 41 5.25 -2.95 1.65
N ARG A 42 6.38 -3.33 1.06
CA ARG A 42 7.49 -3.83 1.86
C ARG A 42 8.09 -2.64 2.59
N ASP A 43 7.63 -2.43 3.80
CA ASP A 43 8.04 -1.30 4.62
C ASP A 43 8.67 -1.80 5.90
N TRP A 44 9.90 -1.39 6.13
CA TRP A 44 10.63 -1.80 7.30
C TRP A 44 11.21 -0.57 8.00
N ASP A 45 12.17 -0.82 8.86
CA ASP A 45 12.84 0.23 9.62
C ASP A 45 14.12 0.67 8.95
N ASP A 46 14.45 0.01 7.84
CA ASP A 46 15.66 0.31 7.08
C ASP A 46 16.90 -0.10 7.87
N MET A 47 16.69 -0.82 8.97
CA MET A 47 17.79 -1.28 9.80
C MET A 47 18.18 -2.67 9.37
N LYS A 48 17.19 -3.54 9.33
CA LYS A 48 17.40 -4.90 8.91
C LYS A 48 16.65 -5.18 7.62
N GLY A 49 15.52 -4.51 7.45
CA GLY A 49 14.71 -4.69 6.26
C GLY A 49 14.13 -6.09 6.19
N ASP A 50 12.91 -6.28 6.69
CA ASP A 50 12.33 -7.62 6.70
C ASP A 50 10.83 -7.67 7.04
N HIS A 51 10.07 -6.66 6.67
CA HIS A 51 8.64 -6.70 6.95
C HIS A 51 7.85 -5.79 6.04
N VAL A 52 6.54 -5.84 6.22
CA VAL A 52 5.61 -5.06 5.42
C VAL A 52 4.61 -4.35 6.31
N LYS A 53 4.24 -3.14 5.93
CA LYS A 53 3.28 -2.36 6.72
C LYS A 53 1.96 -2.25 5.96
N HIS A 54 0.92 -1.87 6.67
CA HIS A 54 -0.40 -1.73 6.07
C HIS A 54 -0.98 -0.36 6.30
N TYR A 55 -0.95 0.47 5.28
CA TYR A 55 -1.48 1.83 5.37
C TYR A 55 -2.97 1.83 5.10
N LYS A 56 -3.74 2.14 6.14
CA LYS A 56 -5.20 2.19 6.02
C LYS A 56 -5.62 3.39 5.20
N ILE A 57 -6.25 3.11 4.07
CA ILE A 57 -6.71 4.16 3.18
C ILE A 57 -8.17 4.48 3.45
N ARG A 58 -8.51 5.75 3.33
CA ARG A 58 -9.87 6.20 3.56
C ARG A 58 -10.60 6.40 2.24
N LYS A 59 -11.86 6.00 2.24
CA LYS A 59 -12.71 6.13 1.06
C LYS A 59 -13.24 7.56 0.96
N LEU A 60 -13.08 8.17 -0.20
CA LEU A 60 -13.55 9.52 -0.41
C LEU A 60 -15.06 9.53 -0.50
N ASP A 61 -15.64 10.63 -0.08
CA ASP A 61 -17.08 10.78 -0.07
C ASP A 61 -17.64 10.87 -1.49
N ASN A 62 -16.75 10.91 -2.47
CA ASN A 62 -17.15 10.98 -3.87
C ASN A 62 -16.99 9.61 -4.52
N GLY A 63 -16.38 8.68 -3.79
CA GLY A 63 -16.16 7.35 -4.32
C GLY A 63 -14.70 7.04 -4.54
N GLY A 64 -13.88 8.09 -4.57
CA GLY A 64 -12.45 7.92 -4.78
C GLY A 64 -11.72 7.43 -3.54
N TYR A 65 -10.39 7.49 -3.60
CA TYR A 65 -9.54 7.05 -2.50
C TYR A 65 -8.35 7.97 -2.35
N TYR A 66 -7.80 8.05 -1.14
CA TYR A 66 -6.63 8.89 -0.90
C TYR A 66 -5.98 8.54 0.44
N ILE A 67 -4.66 8.68 0.49
CA ILE A 67 -3.90 8.40 1.70
C ILE A 67 -3.49 9.71 2.37
N THR A 68 -3.72 10.79 1.64
CA THR A 68 -3.37 12.12 2.10
C THR A 68 -4.11 13.16 1.27
N THR A 69 -4.28 14.34 1.83
CA THR A 69 -4.97 15.42 1.14
C THR A 69 -4.11 16.01 0.03
N ARG A 70 -2.90 15.50 -0.09
CA ARG A 70 -1.96 15.96 -1.12
C ARG A 70 -2.12 15.16 -2.39
N ALA A 71 -2.88 14.08 -2.33
CA ALA A 71 -3.08 13.23 -3.48
C ALA A 71 -4.36 12.42 -3.37
N GLN A 72 -5.40 12.87 -4.06
CA GLN A 72 -6.67 12.17 -4.06
C GLN A 72 -7.01 11.73 -5.47
N PHE A 73 -7.51 10.52 -5.59
CA PHE A 73 -7.85 9.96 -6.89
C PHE A 73 -9.24 9.35 -6.85
N GLU A 74 -9.83 9.17 -8.01
CA GLU A 74 -11.16 8.61 -8.10
C GLU A 74 -11.11 7.10 -8.34
N THR A 75 -9.96 6.59 -8.76
CA THR A 75 -9.81 5.16 -9.01
C THR A 75 -8.55 4.61 -8.36
N LEU A 76 -8.52 3.30 -8.18
CA LEU A 76 -7.39 2.61 -7.57
C LEU A 76 -6.18 2.65 -8.48
N GLN A 77 -6.42 2.39 -9.76
CA GLN A 77 -5.36 2.36 -10.76
C GLN A 77 -4.64 3.70 -10.85
N GLN A 78 -5.41 4.78 -10.80
CA GLN A 78 -4.84 6.12 -10.88
C GLN A 78 -3.99 6.43 -9.66
N LEU A 79 -4.46 5.96 -8.50
CA LEU A 79 -3.75 6.14 -7.24
C LEU A 79 -2.37 5.52 -7.34
N VAL A 80 -2.32 4.29 -7.84
CA VAL A 80 -1.07 3.55 -7.99
C VAL A 80 -0.10 4.29 -8.92
N GLN A 81 -0.63 4.74 -10.05
CA GLN A 81 0.17 5.45 -11.06
C GLN A 81 0.95 6.63 -10.50
N HIS A 82 0.40 7.30 -9.49
CA HIS A 82 1.07 8.45 -8.90
C HIS A 82 2.14 8.02 -7.89
N TYR A 83 1.80 7.04 -7.06
CA TYR A 83 2.73 6.57 -6.04
C TYR A 83 3.85 5.72 -6.65
N SER A 84 3.62 5.21 -7.85
CA SER A 84 4.62 4.41 -8.53
C SER A 84 5.76 5.29 -9.03
N GLU A 85 5.50 6.59 -9.12
CA GLU A 85 6.51 7.53 -9.58
C GLU A 85 7.32 8.07 -8.40
N ARG A 86 6.63 8.42 -7.33
CA ARG A 86 7.28 8.96 -6.15
C ARG A 86 6.43 8.73 -4.91
N ALA A 87 6.94 9.17 -3.76
CA ALA A 87 6.24 9.01 -2.51
C ALA A 87 5.46 10.26 -2.18
N ALA A 88 4.16 10.10 -1.96
CA ALA A 88 3.30 11.23 -1.65
C ALA A 88 2.70 11.12 -0.26
N GLY A 89 3.54 10.77 0.70
CA GLY A 89 3.06 10.66 2.08
C GLY A 89 3.22 9.26 2.62
N LEU A 90 4.11 8.49 2.02
CA LEU A 90 4.36 7.12 2.43
C LEU A 90 5.84 6.94 2.75
N CYS A 91 6.16 5.83 3.38
CA CYS A 91 7.55 5.54 3.73
C CYS A 91 8.35 5.18 2.47
N CYS A 92 7.65 4.66 1.47
CA CYS A 92 8.29 4.27 0.22
C CYS A 92 7.32 4.46 -0.94
N ARG A 93 7.88 4.54 -2.13
CA ARG A 93 7.10 4.70 -3.35
C ARG A 93 6.74 3.32 -3.91
N LEU A 94 5.78 3.30 -4.83
CA LEU A 94 5.31 2.05 -5.44
C LEU A 94 6.05 1.78 -6.75
N VAL A 95 7.38 1.88 -6.70
CA VAL A 95 8.21 1.69 -7.89
C VAL A 95 8.62 0.22 -8.07
N VAL A 96 8.11 -0.39 -9.14
CA VAL A 96 8.43 -1.78 -9.45
C VAL A 96 8.51 -1.96 -10.97
N PRO A 97 9.46 -2.80 -11.44
CA PRO A 97 9.65 -3.07 -12.87
C PRO A 97 8.42 -3.74 -13.51
N CYS A 98 8.16 -4.98 -13.12
CA CYS A 98 7.04 -5.74 -13.62
C CYS A 98 6.23 -6.29 -12.46
N HIS A 99 5.12 -6.94 -12.75
CA HIS A 99 4.26 -7.50 -11.72
C HIS A 99 3.66 -8.82 -12.16
N LYS A 100 3.33 -9.66 -11.19
CA LYS A 100 2.73 -10.96 -11.47
C LYS A 100 1.22 -10.82 -11.50
N GLU B 1 -1.56 -3.15 18.40
CA GLU B 1 -2.43 -2.49 17.40
C GLU B 1 -1.67 -2.31 16.08
N PRO B 2 -2.30 -2.66 14.95
CA PRO B 2 -1.67 -2.52 13.63
C PRO B 2 -1.48 -1.05 13.26
N GLN B 3 -0.53 -0.78 12.38
CA GLN B 3 -0.26 0.59 11.96
C GLN B 3 -1.28 1.05 10.91
N PTR B 4 -2.55 0.97 11.27
CA PTR B 4 -3.65 1.38 10.38
C PTR B 4 -3.82 2.89 10.38
O PTR B 4 -4.90 3.41 10.60
CB PTR B 4 -4.95 0.70 10.82
CG PTR B 4 -5.25 -0.61 10.13
CD1 PTR B 4 -4.26 -1.32 9.47
CD2 PTR B 4 -6.55 -1.13 10.12
CE1 PTR B 4 -4.54 -2.52 8.83
CE2 PTR B 4 -6.83 -2.32 9.49
CZ PTR B 4 -5.83 -3.02 8.85
OH PTR B 4 -6.12 -4.21 8.21
P PTR B 4 -6.77 -4.22 6.75
O1P PTR B 4 -6.06 -5.09 5.79
O2P PTR B 4 -7.10 -2.89 6.23
O3P PTR B 4 -8.20 -4.92 6.94
H PTR B 4 -2.77 0.66 12.18
HA PTR B 4 -3.39 1.05 9.39
HB2 PTR B 4 -4.91 0.51 11.89
HB3 PTR B 4 -5.77 1.38 10.62
HD1 PTR B 4 -3.25 -0.93 9.46
HD2 PTR B 4 -7.32 -0.58 10.63
HE1 PTR B 4 -3.76 -3.06 8.33
HE2 PTR B 4 -7.84 -2.71 9.51
N GLN B 5 -2.72 3.60 10.14
CA GLN B 5 -2.73 5.05 10.12
C GLN B 5 -2.13 5.54 8.80
N PRO B 6 -2.85 6.39 8.06
CA PRO B 6 -2.38 6.93 6.77
C PRO B 6 -1.33 8.03 6.94
N GLY B 7 -1.05 8.75 5.86
CA GLY B 7 -0.08 9.82 5.89
C GLY B 7 -0.72 11.17 5.63
N GLU B 8 -1.57 11.60 6.55
CA GLU B 8 -2.27 12.86 6.40
C GLU B 8 -1.39 14.05 6.80
N ASN B 9 -1.90 15.25 6.53
CA ASN B 9 -1.17 16.49 6.84
C ASN B 9 -1.65 17.11 8.14
N LEU B 10 -1.15 18.30 8.40
CA LEU B 10 -1.50 19.05 9.59
C LEU B 10 -1.73 20.50 9.21
N TRP A 1 0.09 -4.06 -9.79
CA TRP A 1 0.07 -3.58 -8.39
C TRP A 1 -0.58 -4.62 -7.48
N TYR A 2 -1.88 -4.83 -7.59
CA TYR A 2 -2.56 -5.81 -6.75
C TYR A 2 -2.37 -7.22 -7.29
N PHE A 3 -2.29 -8.19 -6.38
CA PHE A 3 -2.11 -9.59 -6.77
C PHE A 3 -3.43 -10.34 -6.68
N GLY A 4 -4.47 -9.64 -6.27
CA GLY A 4 -5.78 -10.24 -6.14
C GLY A 4 -6.48 -9.72 -4.91
N LYS A 5 -6.89 -10.61 -4.04
CA LYS A 5 -7.57 -10.22 -2.82
C LYS A 5 -6.80 -10.75 -1.61
N LEU A 6 -5.58 -10.27 -1.48
CA LEU A 6 -4.69 -10.67 -0.40
C LEU A 6 -3.98 -9.44 0.14
N GLY A 7 -3.65 -9.45 1.43
CA GLY A 7 -3.00 -8.29 2.02
C GLY A 7 -2.67 -8.44 3.49
N ARG A 8 -3.05 -9.55 4.09
CA ARG A 8 -2.79 -9.76 5.51
C ARG A 8 -1.71 -10.81 5.72
N LYS A 9 -2.09 -12.07 5.60
CA LYS A 9 -1.18 -13.19 5.80
C LYS A 9 -0.45 -13.48 4.51
N ASP A 10 -1.25 -13.67 3.49
CA ASP A 10 -0.81 -13.96 2.14
C ASP A 10 0.21 -12.97 1.64
N ALA A 11 -0.12 -11.71 1.81
CA ALA A 11 0.74 -10.62 1.36
C ALA A 11 2.07 -10.61 2.09
N GLU A 12 2.02 -10.64 3.41
CA GLU A 12 3.22 -10.61 4.23
C GLU A 12 4.11 -11.82 3.93
N ARG A 13 3.49 -12.94 3.60
CA ARG A 13 4.24 -14.14 3.30
C ARG A 13 4.87 -14.08 1.90
N GLN A 14 4.15 -13.51 0.94
CA GLN A 14 4.65 -13.43 -0.43
C GLN A 14 5.64 -12.28 -0.61
N LEU A 15 5.42 -11.19 0.13
CA LEU A 15 6.28 -10.02 0.03
C LEU A 15 7.71 -10.36 0.45
N LEU A 16 7.84 -11.21 1.45
CA LEU A 16 9.15 -11.60 1.94
C LEU A 16 9.50 -13.02 1.47
N SER A 17 8.72 -13.56 0.54
CA SER A 17 8.94 -14.91 0.04
C SER A 17 10.17 -14.99 -0.87
N PHE A 18 10.14 -14.24 -1.96
CA PHE A 18 11.24 -14.25 -2.92
C PHE A 18 12.25 -13.15 -2.63
N GLY A 19 11.86 -12.20 -1.79
CA GLY A 19 12.74 -11.12 -1.44
C GLY A 19 12.59 -9.97 -2.40
N ASN A 20 11.37 -9.45 -2.47
CA ASN A 20 11.05 -8.33 -3.36
C ASN A 20 11.65 -7.05 -2.82
N PRO A 21 12.29 -6.25 -3.68
CA PRO A 21 12.89 -4.99 -3.26
C PRO A 21 11.83 -3.95 -2.94
N ARG A 22 12.25 -2.76 -2.54
CA ARG A 22 11.32 -1.70 -2.22
C ARG A 22 10.58 -1.28 -3.48
N GLY A 23 9.30 -1.01 -3.33
CA GLY A 23 8.48 -0.65 -4.46
C GLY A 23 7.44 -1.71 -4.76
N THR A 24 7.61 -2.87 -4.11
CA THR A 24 6.68 -3.97 -4.28
C THR A 24 5.52 -3.78 -3.33
N PHE A 25 4.60 -2.97 -3.75
CA PHE A 25 3.44 -2.63 -2.95
C PHE A 25 2.18 -3.11 -3.64
N LEU A 26 1.28 -3.70 -2.88
CA LEU A 26 0.05 -4.23 -3.45
C LEU A 26 -1.18 -3.74 -2.71
N ILE A 27 -2.30 -3.74 -3.42
CA ILE A 27 -3.57 -3.32 -2.87
C ILE A 27 -4.38 -4.54 -2.48
N ARG A 28 -5.10 -4.45 -1.39
CA ARG A 28 -5.91 -5.55 -0.91
C ARG A 28 -7.27 -5.06 -0.46
N GLU A 29 -7.97 -5.88 0.30
CA GLU A 29 -9.28 -5.52 0.83
C GLU A 29 -9.24 -5.54 2.35
N SER A 30 -9.87 -4.55 2.96
CA SER A 30 -9.90 -4.49 4.41
C SER A 30 -10.97 -5.46 4.93
N GLU A 31 -10.52 -6.52 5.56
CA GLU A 31 -11.41 -7.56 6.08
C GLU A 31 -12.32 -7.03 7.18
N THR A 32 -11.92 -5.92 7.79
CA THR A 32 -12.70 -5.31 8.85
C THR A 32 -13.31 -3.99 8.41
N THR A 33 -13.16 -3.67 7.13
CA THR A 33 -13.68 -2.43 6.59
C THR A 33 -14.03 -2.59 5.11
N LYS A 34 -15.28 -2.91 4.84
CA LYS A 34 -15.74 -3.09 3.47
C LYS A 34 -15.78 -1.75 2.73
N GLY A 35 -15.39 -1.77 1.46
CA GLY A 35 -15.40 -0.56 0.66
C GLY A 35 -14.07 0.18 0.73
N ALA A 36 -13.26 -0.16 1.71
CA ALA A 36 -11.96 0.47 1.90
C ALA A 36 -10.87 -0.59 1.82
N TYR A 37 -9.63 -0.15 1.85
CA TYR A 37 -8.51 -1.07 1.78
C TYR A 37 -7.31 -0.54 2.55
N SER A 38 -6.21 -1.28 2.49
CA SER A 38 -5.00 -0.91 3.17
C SER A 38 -3.81 -1.23 2.28
N LEU A 39 -2.84 -0.34 2.25
CA LEU A 39 -1.67 -0.53 1.42
C LEU A 39 -0.68 -1.49 2.08
N SER A 40 -0.34 -2.54 1.36
CA SER A 40 0.61 -3.52 1.84
C SER A 40 1.97 -3.26 1.21
N ILE A 41 2.84 -2.62 1.98
CA ILE A 41 4.16 -2.26 1.48
C ILE A 41 5.27 -2.97 2.23
N ARG A 42 6.30 -3.38 1.50
CA ARG A 42 7.45 -4.04 2.12
C ARG A 42 8.38 -2.97 2.66
N ASP A 43 8.01 -2.42 3.80
CA ASP A 43 8.78 -1.37 4.44
C ASP A 43 9.29 -1.88 5.77
N TRP A 44 10.54 -1.59 6.06
CA TRP A 44 11.14 -2.06 7.29
C TRP A 44 11.68 -0.93 8.15
N ASP A 45 12.44 -1.34 9.15
CA ASP A 45 13.04 -0.44 10.12
C ASP A 45 14.49 -0.15 9.76
N ASP A 46 14.97 -0.82 8.71
CA ASP A 46 16.35 -0.67 8.23
C ASP A 46 17.35 -1.35 9.16
N MET A 47 16.86 -2.20 10.07
CA MET A 47 17.74 -2.91 10.98
C MET A 47 17.71 -4.38 10.63
N LYS A 48 16.51 -4.88 10.39
CA LYS A 48 16.33 -6.27 10.01
C LYS A 48 16.26 -6.39 8.50
N GLY A 49 16.02 -5.26 7.84
CA GLY A 49 15.93 -5.22 6.39
C GLY A 49 14.94 -6.21 5.81
N ASP A 50 13.77 -6.27 6.44
CA ASP A 50 12.72 -7.20 6.00
C ASP A 50 11.48 -7.05 6.87
N HIS A 51 10.46 -6.36 6.36
CA HIS A 51 9.23 -6.16 7.11
C HIS A 51 8.13 -5.70 6.16
N VAL A 52 6.89 -5.72 6.63
CA VAL A 52 5.76 -5.30 5.83
C VAL A 52 4.85 -4.42 6.68
N LYS A 53 4.50 -3.26 6.15
CA LYS A 53 3.65 -2.33 6.86
C LYS A 53 2.33 -2.17 6.11
N HIS A 54 1.30 -1.79 6.84
CA HIS A 54 -0.02 -1.62 6.24
C HIS A 54 -0.61 -0.26 6.58
N TYR A 55 -0.93 0.51 5.56
CA TYR A 55 -1.51 1.82 5.78
C TYR A 55 -3.00 1.78 5.46
N LYS A 56 -3.82 2.13 6.45
CA LYS A 56 -5.27 2.11 6.30
C LYS A 56 -5.73 3.27 5.44
N ILE A 57 -6.57 2.97 4.47
CA ILE A 57 -7.10 3.97 3.57
C ILE A 57 -8.60 4.12 3.75
N ARG A 58 -9.10 5.30 3.46
CA ARG A 58 -10.52 5.58 3.57
C ARG A 58 -11.10 5.92 2.19
N LYS A 59 -12.25 5.36 1.91
CA LYS A 59 -12.91 5.60 0.63
C LYS A 59 -13.50 7.00 0.62
N LEU A 60 -13.21 7.74 -0.44
CA LEU A 60 -13.71 9.10 -0.57
C LEU A 60 -15.22 9.09 -0.71
N ASP A 61 -15.86 10.01 -0.02
CA ASP A 61 -17.32 10.11 -0.04
C ASP A 61 -17.83 10.47 -1.43
N ASN A 62 -16.94 11.01 -2.26
CA ASN A 62 -17.33 11.39 -3.61
C ASN A 62 -17.07 10.25 -4.59
N GLY A 63 -16.68 9.11 -4.06
CA GLY A 63 -16.42 7.95 -4.90
C GLY A 63 -14.99 7.92 -5.39
N GLY A 64 -14.05 7.81 -4.46
CA GLY A 64 -12.65 7.78 -4.82
C GLY A 64 -11.80 7.18 -3.73
N TYR A 65 -10.49 7.30 -3.87
CA TYR A 65 -9.55 6.75 -2.88
C TYR A 65 -8.43 7.75 -2.66
N TYR A 66 -7.89 7.78 -1.45
CA TYR A 66 -6.81 8.69 -1.13
C TYR A 66 -6.07 8.24 0.13
N ILE A 67 -4.75 8.46 0.15
CA ILE A 67 -3.93 8.11 1.30
C ILE A 67 -3.62 9.38 2.08
N THR A 68 -3.80 10.50 1.41
CA THR A 68 -3.56 11.81 1.98
C THR A 68 -4.47 12.82 1.31
N THR A 69 -4.76 13.91 2.00
CA THR A 69 -5.64 14.95 1.47
C THR A 69 -4.98 15.72 0.33
N ARG A 70 -3.66 15.54 0.20
CA ARG A 70 -2.91 16.23 -0.85
C ARG A 70 -2.82 15.36 -2.11
N ALA A 71 -3.45 14.19 -2.07
CA ALA A 71 -3.43 13.28 -3.21
C ALA A 71 -4.67 12.40 -3.21
N GLN A 72 -5.67 12.79 -3.99
CA GLN A 72 -6.91 12.05 -4.08
C GLN A 72 -7.19 11.64 -5.52
N PHE A 73 -7.78 10.47 -5.68
CA PHE A 73 -8.09 9.92 -6.99
C PHE A 73 -9.45 9.24 -6.94
N GLU A 74 -9.94 8.82 -8.08
CA GLU A 74 -11.24 8.15 -8.14
C GLU A 74 -11.09 6.67 -8.42
N THR A 75 -9.94 6.29 -8.97
CA THR A 75 -9.68 4.89 -9.29
C THR A 75 -8.37 4.43 -8.68
N LEU A 76 -8.26 3.14 -8.42
CA LEU A 76 -7.07 2.56 -7.82
C LEU A 76 -5.88 2.65 -8.77
N GLN A 77 -6.11 2.36 -10.04
CA GLN A 77 -5.07 2.39 -11.05
C GLN A 77 -4.42 3.78 -11.14
N GLN A 78 -5.24 4.82 -11.08
CA GLN A 78 -4.74 6.19 -11.14
C GLN A 78 -3.89 6.50 -9.90
N LEU A 79 -4.35 6.03 -8.75
CA LEU A 79 -3.65 6.24 -7.50
C LEU A 79 -2.26 5.61 -7.56
N VAL A 80 -2.21 4.36 -7.99
CA VAL A 80 -0.95 3.63 -8.10
C VAL A 80 0.02 4.31 -9.06
N GLN A 81 -0.51 4.74 -10.21
CA GLN A 81 0.29 5.39 -11.23
C GLN A 81 0.99 6.64 -10.70
N HIS A 82 0.30 7.42 -9.89
CA HIS A 82 0.89 8.65 -9.34
C HIS A 82 1.99 8.32 -8.33
N TYR A 83 1.78 7.29 -7.53
CA TYR A 83 2.75 6.91 -6.53
C TYR A 83 3.92 6.15 -7.15
N SER A 84 3.79 5.81 -8.42
CA SER A 84 4.83 5.11 -9.15
C SER A 84 5.89 6.10 -9.61
N GLU A 85 5.49 7.35 -9.72
CA GLU A 85 6.40 8.41 -10.16
C GLU A 85 7.20 8.95 -8.99
N ARG A 86 6.57 9.01 -7.82
CA ARG A 86 7.22 9.51 -6.62
C ARG A 86 6.39 9.16 -5.39
N ALA A 87 6.89 9.53 -4.23
CA ALA A 87 6.21 9.27 -2.98
C ALA A 87 5.42 10.50 -2.56
N ALA A 88 4.10 10.38 -2.56
CA ALA A 88 3.23 11.48 -2.20
C ALA A 88 3.04 11.56 -0.69
N GLY A 89 3.32 10.46 -0.01
CA GLY A 89 3.16 10.43 1.43
C GLY A 89 3.36 9.05 2.01
N LEU A 90 4.35 8.33 1.50
CA LEU A 90 4.65 6.99 1.97
C LEU A 90 6.14 6.85 2.17
N CYS A 91 6.55 5.71 2.71
CA CYS A 91 7.96 5.45 2.95
C CYS A 91 8.74 5.36 1.65
N CYS A 92 8.10 4.85 0.61
CA CYS A 92 8.73 4.71 -0.70
C CYS A 92 7.70 4.80 -1.81
N ARG A 93 8.16 4.98 -3.03
CA ARG A 93 7.28 5.07 -4.18
C ARG A 93 6.98 3.67 -4.72
N LEU A 94 5.94 3.57 -5.55
CA LEU A 94 5.52 2.30 -6.10
C LEU A 94 6.26 1.99 -7.41
N VAL A 95 7.54 1.66 -7.29
CA VAL A 95 8.36 1.35 -8.45
C VAL A 95 8.67 -0.14 -8.53
N VAL A 96 7.76 -0.90 -9.14
CA VAL A 96 7.92 -2.33 -9.32
C VAL A 96 6.77 -2.87 -10.17
N PRO A 97 7.04 -3.92 -10.95
CA PRO A 97 6.04 -4.56 -11.81
C PRO A 97 5.12 -5.50 -11.02
N CYS A 98 5.49 -6.78 -10.93
CA CYS A 98 4.71 -7.77 -10.22
C CYS A 98 5.45 -9.10 -10.15
N HIS A 99 5.67 -9.59 -8.94
CA HIS A 99 6.38 -10.86 -8.74
C HIS A 99 5.39 -11.97 -8.40
N LYS A 100 4.68 -12.44 -9.42
CA LYS A 100 3.71 -13.52 -9.23
C LYS A 100 4.42 -14.85 -9.11
N GLU B 1 -2.78 2.74 19.27
CA GLU B 1 -3.30 2.66 17.89
C GLU B 1 -2.32 1.91 17.01
N PRO B 2 -2.82 0.96 16.20
CA PRO B 2 -1.98 0.17 15.29
C PRO B 2 -1.32 1.04 14.24
N GLN B 3 -0.23 0.54 13.66
CA GLN B 3 0.49 1.27 12.63
C GLN B 3 -0.25 1.17 11.31
N PTR B 4 -1.39 1.83 11.27
CA PTR B 4 -2.25 1.84 10.08
C PTR B 4 -2.31 3.23 9.47
O PTR B 4 -3.17 3.52 8.65
CB PTR B 4 -3.66 1.39 10.47
CG PTR B 4 -4.10 0.04 9.93
CD1 PTR B 4 -3.76 -0.37 8.66
CD2 PTR B 4 -4.88 -0.81 10.71
CE1 PTR B 4 -4.18 -1.60 8.16
CE2 PTR B 4 -5.30 -2.03 10.23
CZ PTR B 4 -4.95 -2.43 8.96
OH PTR B 4 -5.37 -3.66 8.47
P PTR B 4 -6.90 -3.91 8.02
O1P PTR B 4 -7.21 -5.33 7.76
O2P PTR B 4 -7.38 -3.00 6.96
O3P PTR B 4 -7.77 -3.54 9.30
H PTR B 4 -1.68 2.33 12.06
HA PTR B 4 -1.84 1.15 9.36
HB2 PTR B 4 -3.74 1.36 11.54
HB3 PTR B 4 -4.36 2.13 10.10
HD1 PTR B 4 -3.16 0.27 8.03
HD2 PTR B 4 -5.16 -0.50 11.71
HE1 PTR B 4 -3.91 -1.90 7.17
HE2 PTR B 4 -5.91 -2.68 10.85
N GLN B 5 -1.39 4.10 9.87
CA GLN B 5 -1.39 5.47 9.36
C GLN B 5 -0.01 5.91 8.89
N PRO B 6 0.08 6.49 7.67
CA PRO B 6 1.33 6.97 7.10
C PRO B 6 1.68 8.39 7.59
N GLY B 7 2.51 9.09 6.83
CA GLY B 7 2.89 10.43 7.19
C GLY B 7 2.92 11.35 5.98
N GLU B 8 2.80 12.65 6.22
CA GLU B 8 2.80 13.61 5.12
C GLU B 8 3.62 14.85 5.47
N ASN B 9 3.91 15.67 4.47
CA ASN B 9 4.68 16.88 4.66
C ASN B 9 3.84 18.11 4.30
N LEU B 10 4.23 19.26 4.81
CA LEU B 10 3.51 20.49 4.54
C LEU B 10 3.78 20.96 3.12
N TRP A 1 -1.01 -4.29 -10.61
CA TRP A 1 -0.72 -3.79 -9.23
C TRP A 1 -1.15 -4.83 -8.18
N TYR A 2 -2.45 -5.05 -8.01
CA TYR A 2 -2.91 -6.03 -7.05
C TYR A 2 -2.94 -7.41 -7.68
N PHE A 3 -2.79 -8.43 -6.85
CA PHE A 3 -2.80 -9.81 -7.33
C PHE A 3 -4.23 -10.31 -7.49
N GLY A 4 -5.02 -10.12 -6.45
CA GLY A 4 -6.40 -10.54 -6.47
C GLY A 4 -7.05 -10.31 -5.13
N LYS A 5 -7.11 -11.36 -4.31
CA LYS A 5 -7.73 -11.26 -3.00
C LYS A 5 -6.74 -11.73 -1.93
N LEU A 6 -5.81 -10.85 -1.58
CA LEU A 6 -4.79 -11.15 -0.59
C LEU A 6 -4.23 -9.85 -0.06
N GLY A 7 -3.69 -9.87 1.15
CA GLY A 7 -3.15 -8.65 1.74
C GLY A 7 -2.79 -8.78 3.20
N ARG A 8 -2.80 -9.98 3.71
CA ARG A 8 -2.46 -10.21 5.11
C ARG A 8 -1.39 -11.28 5.24
N LYS A 9 -1.82 -12.52 5.30
CA LYS A 9 -0.91 -13.65 5.46
C LYS A 9 -0.17 -13.87 4.16
N ASP A 10 -0.95 -14.00 3.12
CA ASP A 10 -0.49 -14.21 1.77
C ASP A 10 0.48 -13.14 1.32
N ALA A 11 0.08 -11.91 1.53
CA ALA A 11 0.87 -10.76 1.13
C ALA A 11 2.15 -10.64 1.92
N GLU A 12 2.05 -10.67 3.24
CA GLU A 12 3.21 -10.56 4.10
C GLU A 12 4.19 -11.69 3.86
N ARG A 13 3.66 -12.88 3.57
CA ARG A 13 4.50 -14.04 3.33
C ARG A 13 5.27 -13.91 2.01
N GLN A 14 4.60 -13.47 0.94
CA GLN A 14 5.23 -13.33 -0.36
C GLN A 14 6.18 -12.14 -0.39
N LEU A 15 5.89 -11.14 0.44
CA LEU A 15 6.70 -9.94 0.50
C LEU A 15 8.07 -10.24 1.11
N LEU A 16 8.16 -11.33 1.84
CA LEU A 16 9.40 -11.72 2.48
C LEU A 16 9.89 -13.08 1.96
N SER A 17 9.21 -13.58 0.94
CA SER A 17 9.55 -14.87 0.35
C SER A 17 10.90 -14.83 -0.40
N PHE A 18 10.85 -14.33 -1.62
CA PHE A 18 12.04 -14.26 -2.47
C PHE A 18 12.99 -13.14 -2.04
N GLY A 19 12.50 -12.24 -1.21
CA GLY A 19 13.33 -11.14 -0.76
C GLY A 19 13.44 -10.06 -1.81
N ASN A 20 12.27 -9.64 -2.28
CA ASN A 20 12.17 -8.61 -3.30
C ASN A 20 12.60 -7.25 -2.75
N PRO A 21 12.98 -6.31 -3.63
CA PRO A 21 13.41 -4.97 -3.20
C PRO A 21 12.20 -4.08 -2.87
N ARG A 22 12.46 -2.82 -2.55
CA ARG A 22 11.38 -1.90 -2.24
C ARG A 22 10.62 -1.56 -3.51
N GLY A 23 9.30 -1.53 -3.41
CA GLY A 23 8.48 -1.23 -4.56
C GLY A 23 7.38 -2.24 -4.73
N THR A 24 7.63 -3.47 -4.29
CA THR A 24 6.66 -4.54 -4.37
C THR A 24 5.44 -4.21 -3.52
N PHE A 25 4.35 -3.87 -4.18
CA PHE A 25 3.12 -3.51 -3.51
C PHE A 25 1.94 -4.30 -4.06
N LEU A 26 0.82 -4.22 -3.35
CA LEU A 26 -0.41 -4.90 -3.76
C LEU A 26 -1.58 -4.27 -3.02
N ILE A 27 -2.79 -4.50 -3.53
CA ILE A 27 -4.01 -3.95 -2.93
C ILE A 27 -4.94 -5.08 -2.51
N ARG A 28 -5.52 -4.94 -1.32
CA ARG A 28 -6.45 -5.93 -0.81
C ARG A 28 -7.76 -5.28 -0.45
N GLU A 29 -8.74 -6.08 -0.04
CA GLU A 29 -10.03 -5.56 0.36
C GLU A 29 -10.12 -5.56 1.88
N SER A 30 -10.30 -4.39 2.47
CA SER A 30 -10.39 -4.27 3.92
C SER A 30 -11.55 -5.10 4.47
N GLU A 31 -11.33 -5.72 5.61
CA GLU A 31 -12.34 -6.56 6.23
C GLU A 31 -13.03 -5.82 7.37
N THR A 32 -12.31 -4.86 7.96
CA THR A 32 -12.85 -4.09 9.07
C THR A 32 -13.42 -2.75 8.57
N THR A 33 -13.44 -2.57 7.25
CA THR A 33 -13.95 -1.34 6.64
C THR A 33 -14.27 -1.58 5.18
N LYS A 34 -15.54 -1.71 4.86
CA LYS A 34 -15.95 -1.91 3.47
C LYS A 34 -15.79 -0.62 2.68
N GLY A 35 -15.40 -0.75 1.42
CA GLY A 35 -15.21 0.43 0.58
C GLY A 35 -13.82 1.01 0.70
N ALA A 36 -13.07 0.54 1.70
CA ALA A 36 -11.73 1.01 1.93
C ALA A 36 -10.77 -0.17 1.81
N TYR A 37 -9.47 0.10 1.89
CA TYR A 37 -8.48 -0.95 1.81
C TYR A 37 -7.20 -0.53 2.50
N SER A 38 -6.17 -1.35 2.33
CA SER A 38 -4.90 -1.09 2.94
C SER A 38 -3.77 -1.39 1.96
N LEU A 39 -2.81 -0.50 1.89
CA LEU A 39 -1.67 -0.66 1.01
C LEU A 39 -0.62 -1.55 1.65
N SER A 40 -0.33 -2.67 1.00
CA SER A 40 0.66 -3.61 1.50
C SER A 40 1.97 -3.42 0.72
N ILE A 41 2.88 -2.65 1.28
CA ILE A 41 4.17 -2.39 0.65
C ILE A 41 5.31 -2.92 1.51
N ARG A 42 6.42 -3.25 0.87
CA ARG A 42 7.58 -3.73 1.59
C ARG A 42 8.24 -2.56 2.30
N ASP A 43 7.79 -2.33 3.53
CA ASP A 43 8.30 -1.24 4.34
C ASP A 43 8.79 -1.78 5.66
N TRP A 44 10.06 -1.56 5.94
CA TRP A 44 10.67 -2.06 7.16
C TRP A 44 11.05 -0.92 8.11
N ASP A 45 11.89 -1.26 9.07
CA ASP A 45 12.37 -0.32 10.07
C ASP A 45 13.79 0.15 9.75
N ASP A 46 14.35 -0.43 8.69
CA ASP A 46 15.70 -0.09 8.22
C ASP A 46 16.77 -0.71 9.13
N MET A 47 16.37 -1.61 10.02
CA MET A 47 17.33 -2.25 10.91
C MET A 47 17.43 -3.70 10.53
N LYS A 48 16.30 -4.24 10.12
CA LYS A 48 16.21 -5.63 9.71
C LYS A 48 16.22 -5.72 8.19
N GLY A 49 15.77 -4.65 7.54
CA GLY A 49 15.72 -4.62 6.09
C GLY A 49 14.86 -5.73 5.51
N ASP A 50 13.71 -5.96 6.14
CA ASP A 50 12.79 -7.02 5.72
C ASP A 50 11.52 -6.98 6.55
N HIS A 51 10.48 -6.35 6.03
CA HIS A 51 9.19 -6.25 6.72
C HIS A 51 8.15 -5.65 5.78
N VAL A 52 6.93 -5.50 6.28
CA VAL A 52 5.84 -4.97 5.48
C VAL A 52 4.85 -4.22 6.37
N LYS A 53 4.37 -3.08 5.90
CA LYS A 53 3.41 -2.26 6.63
C LYS A 53 2.06 -2.26 5.92
N HIS A 54 1.00 -1.94 6.65
CA HIS A 54 -0.34 -1.90 6.07
C HIS A 54 -0.96 -0.53 6.26
N TYR A 55 -0.79 0.33 5.27
CA TYR A 55 -1.33 1.68 5.34
C TYR A 55 -2.82 1.68 5.03
N LYS A 56 -3.62 2.09 5.99
CA LYS A 56 -5.07 2.14 5.82
C LYS A 56 -5.48 3.32 4.95
N ILE A 57 -6.28 3.02 3.94
CA ILE A 57 -6.77 4.03 3.03
C ILE A 57 -8.23 4.36 3.35
N ARG A 58 -8.61 5.61 3.13
CA ARG A 58 -9.98 6.02 3.41
C ARG A 58 -10.76 6.23 2.13
N LYS A 59 -12.02 5.82 2.16
CA LYS A 59 -12.91 5.96 1.03
C LYS A 59 -13.43 7.40 0.97
N LEU A 60 -13.20 8.05 -0.15
CA LEU A 60 -13.64 9.43 -0.33
C LEU A 60 -15.15 9.48 -0.44
N ASP A 61 -15.71 10.58 0.00
CA ASP A 61 -17.15 10.77 -0.04
C ASP A 61 -17.67 10.77 -1.47
N ASN A 62 -16.78 11.08 -2.41
CA ASN A 62 -17.16 11.10 -3.82
C ASN A 62 -17.00 9.74 -4.45
N GLY A 63 -16.48 8.78 -3.68
CA GLY A 63 -16.31 7.43 -4.18
C GLY A 63 -14.85 7.07 -4.42
N GLY A 64 -13.98 8.07 -4.38
CA GLY A 64 -12.56 7.84 -4.60
C GLY A 64 -11.86 7.25 -3.40
N TYR A 65 -10.54 7.25 -3.44
CA TYR A 65 -9.71 6.71 -2.36
C TYR A 65 -8.50 7.61 -2.15
N TYR A 66 -7.95 7.58 -0.93
CA TYR A 66 -6.78 8.38 -0.62
C TYR A 66 -6.17 7.94 0.71
N ILE A 67 -4.86 8.12 0.82
CA ILE A 67 -4.13 7.77 2.04
C ILE A 67 -3.88 9.03 2.84
N THR A 68 -3.73 10.12 2.13
CA THR A 68 -3.45 11.41 2.73
C THR A 68 -4.13 12.50 1.91
N THR A 69 -4.32 13.67 2.52
CA THR A 69 -4.97 14.78 1.86
C THR A 69 -4.05 15.42 0.80
N ARG A 70 -2.83 14.92 0.72
CA ARG A 70 -1.86 15.42 -0.24
C ARG A 70 -2.03 14.72 -1.58
N ALA A 71 -2.72 13.58 -1.56
CA ALA A 71 -2.93 12.81 -2.76
C ALA A 71 -4.24 12.04 -2.68
N GLN A 72 -5.20 12.45 -3.48
CA GLN A 72 -6.51 11.80 -3.53
C GLN A 72 -6.89 11.50 -4.96
N PHE A 73 -7.48 10.34 -5.18
CA PHE A 73 -7.88 9.92 -6.52
C PHE A 73 -9.26 9.29 -6.49
N GLU A 74 -9.82 9.05 -7.67
CA GLU A 74 -11.14 8.46 -7.78
C GLU A 74 -11.06 7.00 -8.23
N THR A 75 -9.88 6.57 -8.64
CA THR A 75 -9.68 5.20 -9.08
C THR A 75 -8.39 4.62 -8.51
N LEU A 76 -8.39 3.31 -8.32
CA LEU A 76 -7.24 2.58 -7.78
C LEU A 76 -6.04 2.67 -8.72
N GLN A 77 -6.30 2.48 -10.01
CA GLN A 77 -5.26 2.53 -11.02
C GLN A 77 -4.53 3.87 -11.01
N GLN A 78 -5.28 4.95 -10.89
CA GLN A 78 -4.69 6.29 -10.86
C GLN A 78 -3.83 6.48 -9.63
N LEU A 79 -4.31 5.94 -8.51
CA LEU A 79 -3.57 6.03 -7.25
C LEU A 79 -2.20 5.39 -7.44
N VAL A 80 -2.20 4.18 -8.00
CA VAL A 80 -0.97 3.44 -8.24
C VAL A 80 -0.06 4.19 -9.22
N GLN A 81 -0.65 4.71 -10.29
CA GLN A 81 0.10 5.43 -11.31
C GLN A 81 0.80 6.67 -10.75
N HIS A 82 0.10 7.42 -9.91
CA HIS A 82 0.69 8.63 -9.32
C HIS A 82 1.77 8.28 -8.30
N TYR A 83 1.52 7.26 -7.49
CA TYR A 83 2.50 6.85 -6.49
C TYR A 83 3.68 6.16 -7.16
N SER A 84 3.53 5.82 -8.43
CA SER A 84 4.58 5.20 -9.20
C SER A 84 5.59 6.27 -9.63
N GLU A 85 5.11 7.50 -9.67
CA GLU A 85 5.94 8.63 -10.06
C GLU A 85 6.82 9.03 -8.89
N ARG A 86 6.24 8.98 -7.70
CA ARG A 86 6.95 9.33 -6.48
C ARG A 86 6.10 9.01 -5.27
N ALA A 87 6.66 9.23 -4.10
CA ALA A 87 5.97 8.97 -2.85
C ALA A 87 5.24 10.22 -2.39
N ALA A 88 3.92 10.15 -2.40
CA ALA A 88 3.10 11.28 -2.00
C ALA A 88 2.63 11.17 -0.55
N GLY A 89 3.54 10.81 0.32
CA GLY A 89 3.21 10.69 1.74
C GLY A 89 3.41 9.30 2.28
N LEU A 90 4.24 8.52 1.60
CA LEU A 90 4.52 7.16 2.01
C LEU A 90 6.00 6.98 2.27
N CYS A 91 6.36 5.86 2.90
CA CYS A 91 7.75 5.55 3.19
C CYS A 91 8.51 5.35 1.89
N CYS A 92 7.83 4.81 0.89
CA CYS A 92 8.43 4.57 -0.42
C CYS A 92 7.37 4.68 -1.51
N ARG A 93 7.81 4.94 -2.73
CA ARG A 93 6.89 5.04 -3.86
C ARG A 93 6.52 3.66 -4.37
N LEU A 94 5.63 3.62 -5.35
CA LEU A 94 5.16 2.37 -5.92
C LEU A 94 5.89 2.07 -7.23
N VAL A 95 7.07 1.45 -7.13
CA VAL A 95 7.84 1.11 -8.31
C VAL A 95 8.36 -0.32 -8.24
N VAL A 96 7.78 -1.19 -9.05
CA VAL A 96 8.18 -2.57 -9.07
C VAL A 96 8.08 -3.10 -10.50
N PRO A 97 9.13 -3.80 -10.96
CA PRO A 97 9.19 -4.34 -12.33
C PRO A 97 8.08 -5.33 -12.66
N CYS A 98 8.04 -6.47 -11.97
CA CYS A 98 7.04 -7.48 -12.24
C CYS A 98 6.45 -8.00 -10.94
N HIS A 99 5.58 -9.00 -11.05
CA HIS A 99 4.94 -9.60 -9.89
C HIS A 99 4.90 -11.12 -10.03
N LYS A 100 4.50 -11.80 -8.96
CA LYS A 100 4.42 -13.24 -8.97
C LYS A 100 2.99 -13.70 -9.23
N GLU B 1 -1.20 -0.63 19.47
CA GLU B 1 -1.82 -0.19 18.20
C GLU B 1 -1.21 -0.95 17.03
N PRO B 2 -2.06 -1.41 16.09
CA PRO B 2 -1.61 -2.13 14.91
C PRO B 2 -0.97 -1.19 13.88
N GLN B 3 -0.21 -1.75 12.95
CA GLN B 3 0.44 -0.96 11.91
C GLN B 3 -0.54 -0.68 10.79
N PTR B 4 -1.54 0.13 11.09
CA PTR B 4 -2.58 0.48 10.12
C PTR B 4 -2.47 1.94 9.69
O PTR B 4 -3.09 2.36 8.71
CB PTR B 4 -3.96 0.21 10.76
CG PTR B 4 -5.00 -0.42 9.85
CD1 PTR B 4 -4.66 -1.20 8.75
CD2 PTR B 4 -6.35 -0.24 10.12
CE1 PTR B 4 -5.63 -1.75 7.93
CE2 PTR B 4 -7.33 -0.80 9.31
CZ PTR B 4 -6.96 -1.55 8.22
OH PTR B 4 -7.95 -2.08 7.41
P PTR B 4 -8.01 -3.65 7.06
O1P PTR B 4 -7.09 -4.06 5.98
O2P PTR B 4 -9.38 -4.17 6.89
O3P PTR B 4 -7.46 -4.38 8.37
H PTR B 4 -1.59 0.52 11.99
HA PTR B 4 -2.46 -0.16 9.25
HB2 PTR B 4 -3.82 -0.45 11.60
HB3 PTR B 4 -4.36 1.15 11.12
HD1 PTR B 4 -3.61 -1.35 8.51
HD2 PTR B 4 -6.64 0.35 10.97
HE1 PTR B 4 -5.34 -2.36 7.08
HE2 PTR B 4 -8.37 -0.64 9.54
N GLN B 5 -1.66 2.72 10.39
CA GLN B 5 -1.49 4.13 10.07
C GLN B 5 -0.19 4.37 9.32
N PRO B 6 -0.17 5.37 8.40
CA PRO B 6 1.03 5.71 7.64
C PRO B 6 2.13 6.28 8.53
N GLY B 7 3.38 6.05 8.14
CA GLY B 7 4.50 6.52 8.92
C GLY B 7 4.93 7.93 8.59
N GLU B 8 4.12 8.91 8.98
CA GLU B 8 4.44 10.31 8.72
C GLU B 8 4.72 11.02 10.04
N ASN B 9 5.99 11.27 10.33
CA ASN B 9 6.38 11.94 11.57
C ASN B 9 7.53 12.91 11.32
N LEU B 10 7.80 13.79 12.27
CA LEU B 10 8.88 14.77 12.14
C LEU B 10 10.13 14.27 12.87
N TRP A 1 -1.00 -4.31 -10.65
CA TRP A 1 -0.75 -3.86 -9.27
C TRP A 1 -1.27 -4.88 -8.27
N TYR A 2 -2.58 -5.00 -8.13
CA TYR A 2 -3.16 -5.95 -7.22
C TYR A 2 -3.39 -7.28 -7.93
N PHE A 3 -3.19 -8.37 -7.22
CA PHE A 3 -3.37 -9.69 -7.80
C PHE A 3 -4.74 -10.25 -7.46
N GLY A 4 -5.17 -10.05 -6.23
CA GLY A 4 -6.46 -10.53 -5.81
C GLY A 4 -6.77 -10.05 -4.41
N LYS A 5 -7.56 -10.81 -3.69
CA LYS A 5 -7.94 -10.47 -2.34
C LYS A 5 -6.90 -10.98 -1.34
N LEU A 6 -5.68 -10.53 -1.52
CA LEU A 6 -4.59 -10.93 -0.66
C LEU A 6 -3.92 -9.69 -0.11
N GLY A 7 -3.52 -9.74 1.14
CA GLY A 7 -2.90 -8.59 1.75
C GLY A 7 -2.55 -8.80 3.21
N ARG A 8 -3.12 -9.83 3.82
CA ARG A 8 -2.87 -10.10 5.22
C ARG A 8 -1.73 -11.11 5.38
N LYS A 9 -1.96 -12.32 4.93
CA LYS A 9 -0.96 -13.37 5.05
C LYS A 9 -0.20 -13.57 3.75
N ASP A 10 -0.95 -13.82 2.68
CA ASP A 10 -0.36 -14.06 1.36
C ASP A 10 0.55 -12.93 0.91
N ALA A 11 0.21 -11.71 1.28
CA ALA A 11 1.00 -10.56 0.87
C ALA A 11 2.34 -10.52 1.60
N GLU A 12 2.29 -10.71 2.91
CA GLU A 12 3.49 -10.69 3.72
C GLU A 12 4.38 -11.90 3.41
N ARG A 13 3.74 -13.03 3.14
CA ARG A 13 4.47 -14.26 2.85
C ARG A 13 5.17 -14.17 1.50
N GLN A 14 4.60 -13.42 0.57
CA GLN A 14 5.19 -13.29 -0.75
C GLN A 14 6.21 -12.15 -0.79
N LEU A 15 5.93 -11.10 -0.03
CA LEU A 15 6.81 -9.94 0.03
C LEU A 15 8.16 -10.31 0.64
N LEU A 16 8.11 -11.10 1.69
CA LEU A 16 9.31 -11.53 2.38
C LEU A 16 9.80 -12.88 1.85
N SER A 17 9.15 -13.35 0.79
CA SER A 17 9.50 -14.64 0.20
C SER A 17 10.77 -14.54 -0.63
N PHE A 18 10.78 -13.63 -1.60
CA PHE A 18 11.92 -13.46 -2.48
C PHE A 18 12.88 -12.40 -1.95
N GLY A 19 12.37 -11.50 -1.14
CA GLY A 19 13.20 -10.45 -0.58
C GLY A 19 13.31 -9.30 -1.56
N ASN A 20 12.16 -8.85 -2.03
CA ASN A 20 12.08 -7.76 -2.97
C ASN A 20 12.32 -6.43 -2.27
N PRO A 21 13.01 -5.49 -2.94
CA PRO A 21 13.32 -4.18 -2.37
C PRO A 21 12.10 -3.25 -2.36
N ARG A 22 12.34 -1.99 -2.04
CA ARG A 22 11.28 -0.99 -2.01
C ARG A 22 10.64 -0.87 -3.38
N GLY A 23 9.37 -0.51 -3.43
CA GLY A 23 8.69 -0.39 -4.69
C GLY A 23 7.66 -1.48 -4.86
N THR A 24 7.97 -2.64 -4.33
CA THR A 24 7.08 -3.78 -4.40
C THR A 24 5.82 -3.51 -3.59
N PHE A 25 4.68 -3.60 -4.25
CA PHE A 25 3.41 -3.33 -3.60
C PHE A 25 2.30 -4.19 -4.18
N LEU A 26 1.13 -4.06 -3.58
CA LEU A 26 -0.07 -4.76 -4.00
C LEU A 26 -1.26 -4.20 -3.24
N ILE A 27 -2.43 -4.22 -3.84
CA ILE A 27 -3.61 -3.70 -3.19
C ILE A 27 -4.52 -4.85 -2.77
N ARG A 28 -5.07 -4.73 -1.59
CA ARG A 28 -5.96 -5.74 -1.06
C ARG A 28 -7.25 -5.09 -0.58
N GLU A 29 -8.11 -5.86 0.03
CA GLU A 29 -9.36 -5.34 0.55
C GLU A 29 -9.40 -5.44 2.06
N SER A 30 -10.03 -4.48 2.71
CA SER A 30 -10.17 -4.50 4.14
C SER A 30 -11.41 -5.29 4.50
N GLU A 31 -11.33 -6.07 5.56
CA GLU A 31 -12.44 -6.89 5.97
C GLU A 31 -13.22 -6.23 7.09
N THR A 32 -12.52 -5.48 7.93
CA THR A 32 -13.17 -4.78 9.04
C THR A 32 -13.75 -3.45 8.56
N THR A 33 -13.24 -2.97 7.43
CA THR A 33 -13.71 -1.73 6.84
C THR A 33 -14.07 -1.93 5.37
N LYS A 34 -15.33 -2.22 5.11
CA LYS A 34 -15.78 -2.44 3.74
C LYS A 34 -15.94 -1.12 3.01
N GLY A 35 -15.07 -0.90 2.04
CA GLY A 35 -15.08 0.34 1.28
C GLY A 35 -13.70 0.96 1.27
N ALA A 36 -12.85 0.44 2.15
CA ALA A 36 -11.48 0.92 2.27
C ALA A 36 -10.51 -0.26 2.14
N TYR A 37 -9.23 0.03 2.03
CA TYR A 37 -8.23 -1.01 1.93
C TYR A 37 -6.93 -0.60 2.62
N SER A 38 -5.87 -1.33 2.35
CA SER A 38 -4.58 -1.04 2.93
C SER A 38 -3.47 -1.42 1.95
N LEU A 39 -2.55 -0.51 1.73
CA LEU A 39 -1.45 -0.75 0.81
C LEU A 39 -0.41 -1.64 1.47
N SER A 40 0.08 -2.62 0.73
CA SER A 40 1.09 -3.55 1.24
C SER A 40 2.41 -3.35 0.51
N ILE A 41 3.36 -2.71 1.16
CA ILE A 41 4.67 -2.47 0.57
C ILE A 41 5.78 -2.98 1.47
N ARG A 42 6.96 -3.17 0.89
CA ARG A 42 8.10 -3.63 1.65
C ARG A 42 8.75 -2.45 2.37
N ASP A 43 8.40 -2.28 3.63
CA ASP A 43 8.91 -1.21 4.45
C ASP A 43 9.14 -1.73 5.86
N TRP A 44 10.32 -1.48 6.38
CA TRP A 44 10.68 -1.97 7.69
C TRP A 44 11.27 -0.87 8.58
N ASP A 45 11.89 -1.32 9.67
CA ASP A 45 12.51 -0.45 10.65
C ASP A 45 13.99 -0.24 10.35
N ASP A 46 14.48 -0.94 9.33
CA ASP A 46 15.89 -0.85 8.92
C ASP A 46 16.79 -1.47 9.98
N MET A 47 16.21 -2.25 10.89
CA MET A 47 17.00 -2.88 11.94
C MET A 47 17.27 -4.32 11.57
N LYS A 48 16.23 -5.00 11.09
CA LYS A 48 16.35 -6.39 10.69
C LYS A 48 16.11 -6.53 9.19
N GLY A 49 15.69 -5.43 8.57
CA GLY A 49 15.43 -5.45 7.13
C GLY A 49 14.38 -6.48 6.76
N ASP A 50 13.27 -6.45 7.47
CA ASP A 50 12.18 -7.39 7.25
C ASP A 50 10.89 -6.87 7.88
N HIS A 51 9.92 -6.52 7.03
CA HIS A 51 8.61 -6.05 7.48
C HIS A 51 7.78 -5.59 6.31
N VAL A 52 6.48 -5.56 6.51
CA VAL A 52 5.54 -5.13 5.50
C VAL A 52 4.66 -4.02 6.07
N LYS A 53 4.70 -2.85 5.45
CA LYS A 53 3.91 -1.74 5.92
C LYS A 53 2.50 -1.82 5.34
N HIS A 54 1.53 -1.46 6.17
CA HIS A 54 0.14 -1.51 5.76
C HIS A 54 -0.54 -0.18 6.09
N TYR A 55 -0.71 0.65 5.07
CA TYR A 55 -1.34 1.94 5.24
C TYR A 55 -2.86 1.79 5.16
N LYS A 56 -3.55 2.00 6.27
CA LYS A 56 -5.00 1.90 6.28
C LYS A 56 -5.59 3.12 5.58
N ILE A 57 -6.10 2.90 4.39
CA ILE A 57 -6.67 3.96 3.58
C ILE A 57 -8.12 4.23 3.95
N ARG A 58 -8.61 5.39 3.55
CA ARG A 58 -9.98 5.79 3.81
C ARG A 58 -10.72 6.02 2.50
N LYS A 59 -12.04 6.06 2.59
CA LYS A 59 -12.86 6.27 1.41
C LYS A 59 -13.23 7.75 1.28
N LEU A 60 -13.08 8.28 0.09
CA LEU A 60 -13.40 9.67 -0.17
C LEU A 60 -14.90 9.89 -0.23
N ASP A 61 -15.33 11.09 0.07
CA ASP A 61 -16.74 11.42 0.05
C ASP A 61 -17.29 11.42 -1.37
N ASN A 62 -16.39 11.49 -2.35
CA ASN A 62 -16.80 11.48 -3.74
C ASN A 62 -16.77 10.06 -4.31
N GLY A 63 -16.34 9.11 -3.49
CA GLY A 63 -16.28 7.72 -3.92
C GLY A 63 -14.88 7.28 -4.29
N GLY A 64 -13.93 8.20 -4.22
CA GLY A 64 -12.56 7.88 -4.55
C GLY A 64 -11.77 7.34 -3.38
N TYR A 65 -10.46 7.27 -3.56
CA TYR A 65 -9.56 6.76 -2.52
C TYR A 65 -8.42 7.75 -2.31
N TYR A 66 -7.89 7.79 -1.09
CA TYR A 66 -6.79 8.69 -0.78
C TYR A 66 -6.03 8.21 0.45
N ILE A 67 -4.70 8.21 0.35
CA ILE A 67 -3.87 7.80 1.48
C ILE A 67 -3.53 9.03 2.31
N THR A 68 -3.52 10.16 1.63
CA THR A 68 -3.22 11.43 2.25
C THR A 68 -4.06 12.51 1.62
N THR A 69 -4.22 13.62 2.32
CA THR A 69 -4.99 14.75 1.84
C THR A 69 -4.20 15.53 0.79
N ARG A 70 -2.96 15.12 0.57
CA ARG A 70 -2.08 15.76 -0.40
C ARG A 70 -2.18 15.05 -1.74
N ALA A 71 -2.79 13.86 -1.75
CA ALA A 71 -2.92 13.08 -2.97
C ALA A 71 -4.17 12.21 -2.91
N GLN A 72 -5.21 12.64 -3.60
CA GLN A 72 -6.47 11.91 -3.64
C GLN A 72 -6.86 11.59 -5.07
N PHE A 73 -7.50 10.44 -5.26
CA PHE A 73 -7.93 10.01 -6.58
C PHE A 73 -9.34 9.47 -6.53
N GLU A 74 -9.85 9.07 -7.68
CA GLU A 74 -11.20 8.54 -7.77
C GLU A 74 -11.17 7.03 -8.04
N THR A 75 -10.11 6.57 -8.70
CA THR A 75 -9.97 5.17 -9.01
C THR A 75 -8.65 4.63 -8.48
N LEU A 76 -8.62 3.35 -8.19
CA LEU A 76 -7.43 2.70 -7.68
C LEU A 76 -6.32 2.67 -8.72
N GLN A 77 -6.70 2.46 -9.97
CA GLN A 77 -5.74 2.41 -11.06
C GLN A 77 -4.99 3.74 -11.18
N GLN A 78 -5.72 4.84 -11.06
CA GLN A 78 -5.10 6.16 -11.15
C GLN A 78 -4.19 6.40 -9.96
N LEU A 79 -4.63 5.92 -8.80
CA LEU A 79 -3.85 6.05 -7.57
C LEU A 79 -2.49 5.40 -7.73
N VAL A 80 -2.50 4.16 -8.22
CA VAL A 80 -1.27 3.41 -8.42
C VAL A 80 -0.37 4.11 -9.43
N GLN A 81 -0.96 4.50 -10.54
CA GLN A 81 -0.24 5.17 -11.63
C GLN A 81 0.56 6.38 -11.15
N HIS A 82 -0.04 7.21 -10.32
CA HIS A 82 0.65 8.40 -9.82
C HIS A 82 1.67 8.05 -8.74
N TYR A 83 1.34 7.09 -7.89
CA TYR A 83 2.25 6.69 -6.82
C TYR A 83 3.44 5.95 -7.41
N SER A 84 3.38 5.70 -8.71
CA SER A 84 4.45 5.03 -9.42
C SER A 84 5.55 6.02 -9.76
N GLU A 85 5.18 7.30 -9.80
CA GLU A 85 6.13 8.36 -10.11
C GLU A 85 7.06 8.58 -8.94
N ARG A 86 6.46 8.68 -7.75
CA ARG A 86 7.19 8.90 -6.52
C ARG A 86 6.29 8.58 -5.34
N ALA A 87 6.81 8.77 -4.14
CA ALA A 87 6.04 8.51 -2.94
C ALA A 87 5.29 9.76 -2.53
N ALA A 88 3.98 9.70 -2.60
CA ALA A 88 3.15 10.84 -2.25
C ALA A 88 2.47 10.63 -0.90
N GLY A 89 3.27 10.30 0.11
CA GLY A 89 2.74 10.10 1.44
C GLY A 89 3.15 8.75 2.00
N LEU A 90 3.85 7.98 1.18
CA LEU A 90 4.29 6.65 1.57
C LEU A 90 5.78 6.64 1.81
N CYS A 91 6.28 5.59 2.44
CA CYS A 91 7.70 5.46 2.71
C CYS A 91 8.45 5.14 1.43
N CYS A 92 7.74 4.57 0.46
CA CYS A 92 8.35 4.20 -0.81
C CYS A 92 7.36 4.44 -1.95
N ARG A 93 7.89 4.44 -3.18
CA ARG A 93 7.06 4.66 -4.35
C ARG A 93 6.61 3.32 -4.94
N LEU A 94 5.61 3.37 -5.80
CA LEU A 94 5.05 2.19 -6.44
C LEU A 94 5.69 1.99 -7.80
N VAL A 95 7.01 1.84 -7.80
CA VAL A 95 7.76 1.69 -9.04
C VAL A 95 7.90 0.22 -9.46
N VAL A 96 7.79 -0.68 -8.50
CA VAL A 96 7.91 -2.11 -8.78
C VAL A 96 6.52 -2.72 -9.00
N PRO A 97 6.41 -3.55 -10.04
CA PRO A 97 5.15 -4.20 -10.42
C PRO A 97 4.79 -5.40 -9.55
N CYS A 98 5.78 -6.25 -9.28
CA CYS A 98 5.59 -7.47 -8.47
C CYS A 98 4.81 -8.53 -9.26
N HIS A 99 5.01 -9.79 -8.90
CA HIS A 99 4.33 -10.88 -9.58
C HIS A 99 4.16 -12.07 -8.66
N LYS A 100 3.05 -12.77 -8.81
CA LYS A 100 2.76 -13.95 -8.01
C LYS A 100 3.33 -15.19 -8.67
N GLU B 1 1.63 -5.40 17.82
CA GLU B 1 1.11 -4.15 17.24
C GLU B 1 0.46 -4.42 15.89
N PRO B 2 -0.81 -4.00 15.71
CA PRO B 2 -1.53 -4.20 14.45
C PRO B 2 -0.95 -3.35 13.33
N GLN B 3 -0.85 -3.93 12.14
CA GLN B 3 -0.30 -3.21 10.99
C GLN B 3 -1.39 -2.42 10.31
N PTR B 4 -1.72 -1.33 10.95
CA PTR B 4 -2.74 -0.40 10.47
C PTR B 4 -2.28 1.02 10.74
O PTR B 4 -2.76 1.69 11.65
CB PTR B 4 -4.06 -0.66 11.20
CG PTR B 4 -5.12 -1.41 10.40
CD1 PTR B 4 -4.92 -1.83 9.09
CD2 PTR B 4 -6.36 -1.67 10.97
CE1 PTR B 4 -5.91 -2.49 8.38
CE2 PTR B 4 -7.34 -2.33 10.29
CZ PTR B 4 -7.12 -2.74 8.99
OH PTR B 4 -8.13 -3.37 8.29
P PTR B 4 -8.04 -4.94 7.98
O1P PTR B 4 -6.66 -5.43 7.82
O2P PTR B 4 -8.96 -5.39 6.91
O3P PTR B 4 -8.57 -5.67 9.29
H PTR B 4 -1.25 -1.13 11.79
HA PTR B 4 -2.86 -0.54 9.41
HB2 PTR B 4 -3.87 -1.24 12.08
HB3 PTR B 4 -4.50 0.29 11.49
HD1 PTR B 4 -3.97 -1.63 8.60
HD2 PTR B 4 -6.53 -1.35 12.00
HE1 PTR B 4 -5.73 -2.81 7.37
HE2 PTR B 4 -8.29 -2.54 10.76
N GLN B 5 -1.30 1.48 9.96
CA GLN B 5 -0.75 2.81 10.12
C GLN B 5 -0.65 3.51 8.77
N PRO B 6 -1.50 4.54 8.54
CA PRO B 6 -1.50 5.29 7.28
C PRO B 6 -0.30 6.21 7.15
N GLY B 7 -0.18 6.87 6.01
CA GLY B 7 0.92 7.77 5.76
C GLY B 7 0.46 9.18 5.48
N GLU B 8 0.45 10.01 6.50
CA GLU B 8 0.03 11.40 6.37
C GLU B 8 1.16 12.32 6.80
N ASN B 9 0.82 13.59 7.01
CA ASN B 9 1.79 14.58 7.43
C ASN B 9 1.91 14.58 8.95
N LEU B 10 2.86 15.33 9.46
CA LEU B 10 3.07 15.42 10.89
C LEU B 10 3.25 16.87 11.32
N TRP A 1 -0.91 -4.24 -10.80
CA TRP A 1 -0.68 -3.89 -9.38
C TRP A 1 -1.15 -5.00 -8.46
N TYR A 2 -2.42 -4.97 -8.07
CA TYR A 2 -2.97 -6.00 -7.20
C TYR A 2 -3.15 -7.29 -7.99
N PHE A 3 -3.13 -8.42 -7.30
CA PHE A 3 -3.29 -9.70 -7.95
C PHE A 3 -4.67 -10.28 -7.68
N GLY A 4 -5.34 -9.78 -6.65
CA GLY A 4 -6.66 -10.24 -6.31
C GLY A 4 -7.02 -9.88 -4.89
N LYS A 5 -7.47 -10.88 -4.14
CA LYS A 5 -7.87 -10.67 -2.76
C LYS A 5 -6.82 -11.25 -1.82
N LEU A 6 -5.70 -10.55 -1.68
CA LEU A 6 -4.63 -10.99 -0.80
C LEU A 6 -3.95 -9.77 -0.22
N GLY A 7 -3.48 -9.89 1.01
CA GLY A 7 -2.83 -8.77 1.66
C GLY A 7 -2.44 -9.04 3.09
N ARG A 8 -2.97 -10.11 3.66
CA ARG A 8 -2.67 -10.45 5.04
C ARG A 8 -1.66 -11.58 5.14
N LYS A 9 -2.02 -12.73 4.61
CA LYS A 9 -1.13 -13.89 4.65
C LYS A 9 -0.31 -14.00 3.37
N ASP A 10 -1.00 -14.16 2.25
CA ASP A 10 -0.36 -14.33 0.94
C ASP A 10 0.57 -13.16 0.59
N ALA A 11 0.16 -11.95 0.92
CA ALA A 11 0.96 -10.78 0.59
C ALA A 11 2.21 -10.71 1.45
N GLU A 12 2.04 -10.78 2.76
CA GLU A 12 3.15 -10.70 3.68
C GLU A 12 4.14 -11.83 3.44
N ARG A 13 3.61 -13.00 3.08
CA ARG A 13 4.46 -14.15 2.83
C ARG A 13 5.24 -13.98 1.52
N GLN A 14 4.61 -13.41 0.48
CA GLN A 14 5.28 -13.24 -0.81
C GLN A 14 6.25 -12.07 -0.77
N LEU A 15 5.91 -11.06 0.01
CA LEU A 15 6.73 -9.87 0.14
C LEU A 15 8.07 -10.21 0.79
N LEU A 16 8.06 -11.22 1.65
CA LEU A 16 9.26 -11.63 2.33
C LEU A 16 9.79 -12.95 1.76
N SER A 17 9.11 -13.46 0.74
CA SER A 17 9.52 -14.72 0.10
C SER A 17 10.81 -14.56 -0.69
N PHE A 18 10.80 -13.67 -1.67
CA PHE A 18 11.97 -13.44 -2.50
C PHE A 18 12.89 -12.39 -1.88
N GLY A 19 12.32 -11.57 -1.02
CA GLY A 19 13.11 -10.52 -0.39
C GLY A 19 13.32 -9.37 -1.33
N ASN A 20 12.24 -9.02 -2.02
CA ASN A 20 12.26 -7.94 -2.99
C ASN A 20 12.57 -6.60 -2.32
N PRO A 21 13.21 -5.69 -3.06
CA PRO A 21 13.56 -4.37 -2.54
C PRO A 21 12.36 -3.42 -2.48
N ARG A 22 12.62 -2.18 -2.10
CA ARG A 22 11.56 -1.18 -2.01
C ARG A 22 10.94 -0.95 -3.39
N GLY A 23 9.72 -0.44 -3.40
CA GLY A 23 9.03 -0.23 -4.64
C GLY A 23 7.90 -1.22 -4.81
N THR A 24 8.18 -2.48 -4.44
CA THR A 24 7.21 -3.57 -4.53
C THR A 24 5.94 -3.23 -3.75
N PHE A 25 4.79 -3.39 -4.40
CA PHE A 25 3.51 -3.08 -3.77
C PHE A 25 2.37 -3.93 -4.31
N LEU A 26 1.26 -3.89 -3.61
CA LEU A 26 0.04 -4.59 -3.98
C LEU A 26 -1.11 -4.02 -3.18
N ILE A 27 -2.33 -4.28 -3.61
CA ILE A 27 -3.51 -3.77 -2.93
C ILE A 27 -4.35 -4.90 -2.37
N ARG A 28 -4.83 -4.72 -1.15
CA ARG A 28 -5.67 -5.70 -0.49
C ARG A 28 -6.87 -5.01 0.12
N GLU A 29 -7.92 -5.76 0.37
CA GLU A 29 -9.13 -5.21 0.93
C GLU A 29 -9.07 -5.24 2.44
N SER A 30 -9.63 -4.22 3.06
CA SER A 30 -9.66 -4.14 4.51
C SER A 30 -10.65 -5.14 5.07
N GLU A 31 -10.37 -5.66 6.26
CA GLU A 31 -11.25 -6.64 6.87
C GLU A 31 -12.19 -5.98 7.86
N THR A 32 -11.71 -4.95 8.52
CA THR A 32 -12.51 -4.23 9.49
C THR A 32 -13.25 -3.06 8.85
N THR A 33 -12.71 -2.54 7.75
CA THR A 33 -13.33 -1.42 7.06
C THR A 33 -13.73 -1.81 5.64
N LYS A 34 -14.95 -2.32 5.50
CA LYS A 34 -15.43 -2.73 4.18
C LYS A 34 -15.81 -1.51 3.36
N GLY A 35 -15.14 -1.36 2.23
CA GLY A 35 -15.37 -0.22 1.37
C GLY A 35 -14.07 0.51 1.13
N ALA A 36 -13.11 0.24 2.00
CA ALA A 36 -11.79 0.83 1.92
C ALA A 36 -10.77 -0.29 1.86
N TYR A 37 -9.51 0.05 1.73
CA TYR A 37 -8.47 -0.96 1.65
C TYR A 37 -7.19 -0.51 2.31
N SER A 38 -6.13 -1.26 2.10
CA SER A 38 -4.85 -0.96 2.67
C SER A 38 -3.72 -1.32 1.71
N LEU A 39 -2.70 -0.47 1.69
CA LEU A 39 -1.55 -0.70 0.84
C LEU A 39 -0.58 -1.67 1.48
N SER A 40 0.04 -2.52 0.68
CA SER A 40 1.01 -3.48 1.19
C SER A 40 2.36 -3.32 0.48
N ILE A 41 3.27 -2.60 1.13
CA ILE A 41 4.59 -2.38 0.59
C ILE A 41 5.65 -2.89 1.56
N ARG A 42 6.80 -3.29 1.05
CA ARG A 42 7.86 -3.81 1.90
C ARG A 42 8.66 -2.67 2.52
N ASP A 43 8.31 -2.35 3.76
CA ASP A 43 8.98 -1.30 4.52
C ASP A 43 9.28 -1.82 5.91
N TRP A 44 10.47 -1.54 6.40
CA TRP A 44 10.88 -2.03 7.71
C TRP A 44 11.52 -0.93 8.56
N ASP A 45 12.18 -1.37 9.61
CA ASP A 45 12.87 -0.48 10.55
C ASP A 45 14.33 -0.30 10.17
N ASP A 46 14.76 -1.03 9.16
CA ASP A 46 16.14 -0.98 8.66
C ASP A 46 17.11 -1.63 9.64
N MET A 47 16.59 -2.40 10.59
CA MET A 47 17.45 -3.08 11.55
C MET A 47 17.51 -4.56 11.22
N LYS A 48 16.34 -5.13 10.96
CA LYS A 48 16.25 -6.54 10.63
C LYS A 48 16.01 -6.70 9.14
N GLY A 49 15.65 -5.59 8.49
CA GLY A 49 15.41 -5.58 7.06
C GLY A 49 14.42 -6.63 6.60
N ASP A 50 13.23 -6.62 7.20
CA ASP A 50 12.20 -7.59 6.85
C ASP A 50 10.89 -7.24 7.55
N HIS A 51 9.98 -6.60 6.83
CA HIS A 51 8.69 -6.21 7.38
C HIS A 51 7.77 -5.72 6.27
N VAL A 52 6.49 -5.67 6.56
CA VAL A 52 5.50 -5.21 5.60
C VAL A 52 4.68 -4.08 6.21
N LYS A 53 4.53 -2.98 5.48
CA LYS A 53 3.76 -1.84 5.95
C LYS A 53 2.38 -1.87 5.33
N HIS A 54 1.39 -1.51 6.13
CA HIS A 54 0.01 -1.51 5.66
C HIS A 54 -0.61 -0.14 5.88
N TYR A 55 -0.62 0.66 4.82
CA TYR A 55 -1.19 2.00 4.89
C TYR A 55 -2.70 1.92 4.76
N LYS A 56 -3.39 2.65 5.62
CA LYS A 56 -4.85 2.66 5.60
C LYS A 56 -5.35 3.69 4.61
N ILE A 57 -6.30 3.28 3.82
CA ILE A 57 -6.89 4.16 2.83
C ILE A 57 -8.36 4.34 3.15
N ARG A 58 -8.87 5.54 2.93
CA ARG A 58 -10.26 5.83 3.21
C ARG A 58 -11.04 6.12 1.94
N LYS A 59 -12.34 6.02 2.05
CA LYS A 59 -13.23 6.27 0.93
C LYS A 59 -13.61 7.74 0.89
N LEU A 60 -13.29 8.39 -0.22
CA LEU A 60 -13.59 9.81 -0.38
C LEU A 60 -15.08 10.04 -0.47
N ASP A 61 -15.50 11.24 -0.11
CA ASP A 61 -16.91 11.59 -0.16
C ASP A 61 -17.36 11.71 -1.60
N ASN A 62 -16.40 11.96 -2.49
CA ASN A 62 -16.71 12.10 -3.91
C ASN A 62 -16.72 10.73 -4.59
N GLY A 63 -16.45 9.69 -3.82
CA GLY A 63 -16.44 8.34 -4.36
C GLY A 63 -15.07 7.96 -4.89
N GLY A 64 -14.06 8.11 -4.06
CA GLY A 64 -12.71 7.77 -4.46
C GLY A 64 -11.90 7.21 -3.32
N TYR A 65 -10.59 7.13 -3.50
CA TYR A 65 -9.69 6.59 -2.49
C TYR A 65 -8.52 7.54 -2.27
N TYR A 66 -8.08 7.65 -1.03
CA TYR A 66 -6.97 8.54 -0.71
C TYR A 66 -6.22 8.06 0.54
N ILE A 67 -4.90 8.19 0.49
CA ILE A 67 -4.04 7.79 1.62
C ILE A 67 -3.64 9.02 2.41
N THR A 68 -3.88 10.17 1.81
CA THR A 68 -3.57 11.45 2.40
C THR A 68 -4.36 12.53 1.66
N THR A 69 -4.43 13.72 2.23
CA THR A 69 -5.17 14.80 1.59
C THR A 69 -4.32 15.51 0.54
N ARG A 70 -3.08 15.05 0.40
CA ARG A 70 -2.17 15.63 -0.59
C ARG A 70 -2.23 14.85 -1.88
N ALA A 71 -2.95 13.73 -1.85
CA ALA A 71 -3.10 12.88 -3.03
C ALA A 71 -4.38 12.05 -2.91
N GLN A 72 -5.37 12.40 -3.70
CA GLN A 72 -6.64 11.71 -3.69
C GLN A 72 -7.07 11.40 -5.12
N PHE A 73 -7.69 10.24 -5.31
CA PHE A 73 -8.13 9.81 -6.62
C PHE A 73 -9.52 9.21 -6.54
N GLU A 74 -10.08 8.89 -7.68
CA GLU A 74 -11.42 8.32 -7.75
C GLU A 74 -11.36 6.81 -8.00
N THR A 75 -10.29 6.36 -8.63
CA THR A 75 -10.10 4.95 -8.92
C THR A 75 -8.73 4.49 -8.44
N LEU A 76 -8.64 3.22 -8.09
CA LEU A 76 -7.41 2.63 -7.60
C LEU A 76 -6.31 2.64 -8.66
N GLN A 77 -6.71 2.39 -9.90
CA GLN A 77 -5.77 2.36 -11.01
C GLN A 77 -5.06 3.72 -11.15
N GLN A 78 -5.83 4.79 -11.02
CA GLN A 78 -5.27 6.14 -11.13
C GLN A 78 -4.34 6.43 -9.96
N LEU A 79 -4.71 5.94 -8.79
CA LEU A 79 -3.91 6.12 -7.58
C LEU A 79 -2.51 5.55 -7.78
N VAL A 80 -2.47 4.32 -8.27
CA VAL A 80 -1.22 3.62 -8.52
C VAL A 80 -0.35 4.36 -9.52
N GLN A 81 -0.96 4.75 -10.64
CA GLN A 81 -0.27 5.45 -11.72
C GLN A 81 0.50 6.69 -11.24
N HIS A 82 -0.05 7.39 -10.25
CA HIS A 82 0.59 8.59 -9.73
C HIS A 82 1.64 8.27 -8.67
N TYR A 83 1.37 7.28 -7.83
CA TYR A 83 2.30 6.91 -6.78
C TYR A 83 3.50 6.15 -7.34
N SER A 84 3.44 5.81 -8.62
CA SER A 84 4.53 5.11 -9.28
C SER A 84 5.64 6.09 -9.64
N GLU A 85 5.27 7.36 -9.79
CA GLU A 85 6.22 8.39 -10.14
C GLU A 85 7.05 8.81 -8.94
N ARG A 86 6.41 8.87 -7.78
CA ARG A 86 7.08 9.26 -6.55
C ARG A 86 6.19 8.93 -5.36
N ALA A 87 6.69 9.23 -4.16
CA ALA A 87 5.95 8.96 -2.94
C ALA A 87 5.14 10.19 -2.55
N ALA A 88 3.83 10.04 -2.55
CA ALA A 88 2.95 11.14 -2.21
C ALA A 88 2.30 10.96 -0.84
N GLY A 89 3.12 10.67 0.16
CA GLY A 89 2.61 10.52 1.50
C GLY A 89 2.88 9.15 2.08
N LEU A 90 3.86 8.46 1.50
CA LEU A 90 4.22 7.12 1.96
C LEU A 90 5.72 7.03 2.19
N CYS A 91 6.16 5.94 2.80
CA CYS A 91 7.58 5.72 3.06
C CYS A 91 8.31 5.36 1.78
N CYS A 92 7.59 4.80 0.83
CA CYS A 92 8.16 4.39 -0.44
C CYS A 92 7.15 4.60 -1.56
N ARG A 93 7.63 4.63 -2.80
CA ARG A 93 6.76 4.82 -3.95
C ARG A 93 6.30 3.48 -4.51
N LEU A 94 5.43 3.54 -5.50
CA LEU A 94 4.89 2.36 -6.14
C LEU A 94 5.54 2.18 -7.50
N VAL A 95 6.86 2.07 -7.51
CA VAL A 95 7.61 1.96 -8.76
C VAL A 95 7.73 0.51 -9.23
N VAL A 96 7.66 -0.43 -8.32
CA VAL A 96 7.78 -1.84 -8.67
C VAL A 96 6.52 -2.59 -8.29
N PRO A 97 6.04 -3.41 -9.21
CA PRO A 97 4.84 -4.22 -9.01
C PRO A 97 5.13 -5.47 -8.16
N CYS A 98 5.28 -6.61 -8.84
CA CYS A 98 5.56 -7.90 -8.22
C CYS A 98 5.23 -8.99 -9.24
N HIS A 99 5.45 -10.24 -8.86
CA HIS A 99 5.16 -11.36 -9.76
C HIS A 99 4.91 -12.62 -8.95
N LYS A 100 3.82 -13.31 -9.27
CA LYS A 100 3.47 -14.55 -8.58
C LYS A 100 4.00 -15.74 -9.38
N GLU B 1 2.41 -5.24 14.64
CA GLU B 1 1.10 -4.60 14.42
C GLU B 1 1.12 -3.80 13.12
N PRO B 2 0.07 -3.91 12.30
CA PRO B 2 -0.02 -3.16 11.05
C PRO B 2 -0.11 -1.67 11.30
N GLN B 3 0.94 -0.97 10.91
CA GLN B 3 0.98 0.48 11.10
C GLN B 3 0.15 1.18 10.04
N PTR B 4 -1.15 1.22 10.30
CA PTR B 4 -2.10 1.86 9.41
C PTR B 4 -1.85 3.38 9.33
O PTR B 4 -1.06 3.94 10.10
CB PTR B 4 -3.54 1.60 9.88
CG PTR B 4 -4.13 0.28 9.41
CD1 PTR B 4 -3.82 -0.25 8.16
CD2 PTR B 4 -5.01 -0.44 10.20
CE1 PTR B 4 -4.37 -1.44 7.72
CE2 PTR B 4 -5.57 -1.63 9.78
CZ PTR B 4 -5.24 -2.13 8.54
OH PTR B 4 -5.79 -3.32 8.10
P PTR B 4 -7.04 -3.34 7.09
O1P PTR B 4 -7.15 -4.57 6.30
O2P PTR B 4 -7.17 -2.11 6.29
O3P PTR B 4 -8.33 -3.35 8.02
H PTR B 4 -1.46 0.81 11.12
HA PTR B 4 -1.96 1.45 8.43
HB2 PTR B 4 -3.55 1.57 10.96
HB3 PTR B 4 -4.18 2.39 9.54
HD1 PTR B 4 -3.13 0.29 7.52
HD2 PTR B 4 -5.28 -0.04 11.18
HE1 PTR B 4 -4.10 -1.82 6.75
HE2 PTR B 4 -6.26 -2.17 10.42
N GLN B 5 -2.53 4.03 8.40
CA GLN B 5 -2.41 5.48 8.19
C GLN B 5 -3.80 6.11 8.11
N PRO B 6 -4.43 6.36 9.26
CA PRO B 6 -5.76 6.95 9.31
C PRO B 6 -5.73 8.48 9.37
N GLY B 7 -6.91 9.08 9.39
CA GLY B 7 -7.02 10.52 9.45
C GLY B 7 -8.32 10.95 10.11
N GLU B 8 -8.58 12.25 10.11
CA GLU B 8 -9.79 12.78 10.72
C GLU B 8 -11.00 12.42 9.87
N ASN B 9 -12.18 12.43 10.49
CA ASN B 9 -13.42 12.11 9.80
C ASN B 9 -14.59 12.72 10.55
N LEU B 10 -15.53 13.29 9.81
CA LEU B 10 -16.70 13.91 10.42
C LEU B 10 -17.93 13.06 10.16
N TRP A 1 -1.15 -4.45 -10.99
CA TRP A 1 -0.77 -4.10 -9.61
C TRP A 1 -1.24 -5.18 -8.66
N TYR A 2 -2.48 -5.11 -8.20
CA TYR A 2 -3.01 -6.12 -7.32
C TYR A 2 -3.39 -7.34 -8.14
N PHE A 3 -3.29 -8.50 -7.54
CA PHE A 3 -3.62 -9.73 -8.24
C PHE A 3 -5.01 -10.20 -7.87
N GLY A 4 -5.24 -10.33 -6.57
CA GLY A 4 -6.54 -10.76 -6.10
C GLY A 4 -6.75 -10.35 -4.66
N LYS A 5 -7.53 -11.13 -3.94
CA LYS A 5 -7.81 -10.85 -2.55
C LYS A 5 -6.69 -11.38 -1.66
N LEU A 6 -5.64 -10.60 -1.53
CA LEU A 6 -4.53 -11.00 -0.70
C LEU A 6 -3.87 -9.77 -0.11
N GLY A 7 -3.52 -9.87 1.15
CA GLY A 7 -2.91 -8.75 1.85
C GLY A 7 -2.53 -9.08 3.28
N ARG A 8 -3.11 -10.14 3.82
CA ARG A 8 -2.82 -10.53 5.19
C ARG A 8 -1.75 -11.60 5.24
N LYS A 9 -2.07 -12.80 4.79
CA LYS A 9 -1.09 -13.89 4.83
C LYS A 9 -0.28 -13.98 3.55
N ASP A 10 -0.97 -14.16 2.43
CA ASP A 10 -0.34 -14.32 1.12
C ASP A 10 0.57 -13.14 0.78
N ALA A 11 0.18 -11.95 1.19
CA ALA A 11 0.98 -10.77 0.91
C ALA A 11 2.28 -10.78 1.70
N GLU A 12 2.17 -10.99 3.01
CA GLU A 12 3.34 -11.02 3.87
C GLU A 12 4.29 -12.14 3.47
N ARG A 13 3.73 -13.26 3.05
CA ARG A 13 4.51 -14.42 2.67
C ARG A 13 5.25 -14.18 1.35
N GLN A 14 4.65 -13.41 0.44
CA GLN A 14 5.27 -13.16 -0.85
C GLN A 14 6.22 -11.97 -0.78
N LEU A 15 5.90 -11.03 0.08
CA LEU A 15 6.70 -9.83 0.25
C LEU A 15 8.06 -10.15 0.86
N LEU A 16 8.08 -11.14 1.74
CA LEU A 16 9.31 -11.54 2.41
C LEU A 16 9.87 -12.82 1.81
N SER A 17 9.28 -13.25 0.69
CA SER A 17 9.73 -14.46 0.01
C SER A 17 11.07 -14.27 -0.68
N PHE A 18 11.04 -13.57 -1.80
CA PHE A 18 12.25 -13.33 -2.60
C PHE A 18 13.13 -12.25 -1.97
N GLY A 19 12.53 -11.44 -1.11
CA GLY A 19 13.29 -10.37 -0.47
C GLY A 19 13.41 -9.18 -1.38
N ASN A 20 12.28 -8.81 -1.97
CA ASN A 20 12.21 -7.68 -2.88
C ASN A 20 12.56 -6.37 -2.19
N PRO A 21 13.14 -5.42 -2.93
CA PRO A 21 13.51 -4.12 -2.39
C PRO A 21 12.29 -3.19 -2.26
N ARG A 22 12.56 -1.91 -2.06
CA ARG A 22 11.48 -0.93 -1.94
C ARG A 22 10.78 -0.74 -3.27
N GLY A 23 9.52 -0.38 -3.23
CA GLY A 23 8.76 -0.20 -4.45
C GLY A 23 7.68 -1.24 -4.59
N THR A 24 8.02 -2.47 -4.23
CA THR A 24 7.10 -3.60 -4.32
C THR A 24 5.82 -3.32 -3.55
N PHE A 25 4.68 -3.52 -4.21
CA PHE A 25 3.40 -3.26 -3.58
C PHE A 25 2.30 -4.16 -4.14
N LEU A 26 1.15 -4.10 -3.48
CA LEU A 26 -0.03 -4.83 -3.87
C LEU A 26 -1.23 -4.22 -3.15
N ILE A 27 -2.43 -4.38 -3.72
CA ILE A 27 -3.62 -3.82 -3.10
C ILE A 27 -4.55 -4.92 -2.63
N ARG A 28 -5.05 -4.75 -1.42
CA ARG A 28 -5.97 -5.68 -0.82
C ARG A 28 -7.05 -4.90 -0.12
N GLU A 29 -8.21 -5.48 0.00
CA GLU A 29 -9.32 -4.80 0.65
C GLU A 29 -9.32 -5.12 2.13
N SER A 30 -9.85 -4.20 2.90
CA SER A 30 -9.93 -4.37 4.33
C SER A 30 -11.15 -5.21 4.68
N GLU A 31 -11.03 -6.02 5.71
CA GLU A 31 -12.14 -6.87 6.12
C GLU A 31 -12.92 -6.18 7.22
N THR A 32 -12.22 -5.41 8.03
CA THR A 32 -12.85 -4.68 9.12
C THR A 32 -13.43 -3.36 8.62
N THR A 33 -12.94 -2.89 7.48
CA THR A 33 -13.41 -1.64 6.90
C THR A 33 -13.72 -1.82 5.41
N LYS A 34 -14.95 -2.17 5.08
CA LYS A 34 -15.32 -2.32 3.69
C LYS A 34 -15.46 -0.95 3.05
N GLY A 35 -15.06 -0.86 1.79
CA GLY A 35 -15.09 0.40 1.09
C GLY A 35 -13.73 1.06 1.16
N ALA A 36 -12.88 0.49 2.02
CA ALA A 36 -11.53 0.97 2.21
C ALA A 36 -10.57 -0.21 2.08
N TYR A 37 -9.31 0.10 1.82
CA TYR A 37 -8.30 -0.94 1.67
C TYR A 37 -7.00 -0.52 2.38
N SER A 38 -5.93 -1.24 2.09
CA SER A 38 -4.64 -0.93 2.70
C SER A 38 -3.52 -1.27 1.74
N LEU A 39 -2.62 -0.31 1.55
CA LEU A 39 -1.50 -0.52 0.66
C LEU A 39 -0.43 -1.36 1.35
N SER A 40 -0.15 -2.51 0.78
CA SER A 40 0.83 -3.41 1.35
C SER A 40 2.16 -3.31 0.63
N ILE A 41 3.09 -2.58 1.23
CA ILE A 41 4.42 -2.40 0.65
C ILE A 41 5.46 -2.94 1.61
N ARG A 42 6.69 -3.08 1.14
CA ARG A 42 7.76 -3.59 1.99
C ARG A 42 8.50 -2.44 2.66
N ASP A 43 8.17 -2.19 3.91
CA ASP A 43 8.79 -1.15 4.71
C ASP A 43 9.11 -1.73 6.08
N TRP A 44 10.26 -1.36 6.61
CA TRP A 44 10.69 -1.88 7.90
C TRP A 44 11.31 -0.80 8.77
N ASP A 45 11.99 -1.26 9.81
CA ASP A 45 12.67 -0.40 10.77
C ASP A 45 14.13 -0.21 10.40
N ASP A 46 14.54 -0.93 9.35
CA ASP A 46 15.91 -0.88 8.84
C ASP A 46 16.88 -1.55 9.80
N MET A 47 16.35 -2.27 10.79
CA MET A 47 17.20 -2.96 11.74
C MET A 47 17.35 -4.41 11.33
N LYS A 48 16.24 -5.04 11.00
CA LYS A 48 16.25 -6.43 10.57
C LYS A 48 16.06 -6.50 9.05
N GLY A 49 15.62 -5.39 8.47
CA GLY A 49 15.41 -5.32 7.03
C GLY A 49 14.42 -6.35 6.52
N ASP A 50 13.28 -6.43 7.19
CA ASP A 50 12.25 -7.39 6.82
C ASP A 50 10.95 -7.10 7.57
N HIS A 51 9.99 -6.52 6.86
CA HIS A 51 8.70 -6.18 7.45
C HIS A 51 7.73 -5.76 6.36
N VAL A 52 6.45 -5.73 6.68
CA VAL A 52 5.42 -5.34 5.73
C VAL A 52 4.60 -4.19 6.29
N LYS A 53 4.29 -3.22 5.43
CA LYS A 53 3.51 -2.07 5.82
C LYS A 53 2.08 -2.22 5.32
N HIS A 54 1.13 -1.68 6.09
CA HIS A 54 -0.27 -1.77 5.71
C HIS A 54 -0.95 -0.42 5.93
N TYR A 55 -0.82 0.45 4.94
CA TYR A 55 -1.41 1.79 5.02
C TYR A 55 -2.94 1.71 4.98
N LYS A 56 -3.57 1.94 6.12
CA LYS A 56 -5.02 1.91 6.21
C LYS A 56 -5.60 3.13 5.51
N ILE A 57 -6.07 2.93 4.29
CA ILE A 57 -6.62 4.00 3.49
C ILE A 57 -8.07 4.28 3.87
N ARG A 58 -8.55 5.47 3.50
CA ARG A 58 -9.91 5.87 3.78
C ARG A 58 -10.67 6.10 2.49
N LYS A 59 -11.99 6.09 2.60
CA LYS A 59 -12.85 6.30 1.45
C LYS A 59 -13.20 7.78 1.34
N LEU A 60 -13.03 8.33 0.16
CA LEU A 60 -13.34 9.74 -0.06
C LEU A 60 -14.83 9.94 -0.09
N ASP A 61 -15.27 11.13 0.31
CA ASP A 61 -16.69 11.45 0.33
C ASP A 61 -17.25 11.52 -1.08
N ASN A 62 -16.36 11.67 -2.05
CA ASN A 62 -16.77 11.74 -3.45
C ASN A 62 -16.80 10.34 -4.08
N GLY A 63 -16.45 9.34 -3.30
CA GLY A 63 -16.45 7.97 -3.79
C GLY A 63 -15.07 7.48 -4.18
N GLY A 64 -14.07 8.33 -4.03
CA GLY A 64 -12.72 7.95 -4.39
C GLY A 64 -11.91 7.39 -3.24
N TYR A 65 -10.60 7.33 -3.42
CA TYR A 65 -9.69 6.81 -2.41
C TYR A 65 -8.54 7.79 -2.21
N TYR A 66 -7.96 7.80 -1.02
CA TYR A 66 -6.84 8.70 -0.71
C TYR A 66 -6.06 8.24 0.51
N ILE A 67 -4.74 8.23 0.39
CA ILE A 67 -3.88 7.82 1.50
C ILE A 67 -3.43 9.05 2.28
N THR A 68 -3.52 10.19 1.62
CA THR A 68 -3.13 11.46 2.21
C THR A 68 -3.94 12.56 1.56
N THR A 69 -4.09 13.69 2.24
CA THR A 69 -4.87 14.80 1.71
C THR A 69 -4.06 15.56 0.65
N ARG A 70 -2.94 14.98 0.27
CA ARG A 70 -2.08 15.57 -0.75
C ARG A 70 -2.20 14.80 -2.05
N ALA A 71 -2.97 13.72 -2.02
CA ALA A 71 -3.18 12.89 -3.21
C ALA A 71 -4.49 12.13 -3.11
N GLN A 72 -5.47 12.56 -3.90
CA GLN A 72 -6.78 11.92 -3.91
C GLN A 72 -7.19 11.56 -5.32
N PHE A 73 -7.76 10.37 -5.48
CA PHE A 73 -8.19 9.89 -6.78
C PHE A 73 -9.53 9.19 -6.66
N GLU A 74 -10.19 8.97 -7.78
CA GLU A 74 -11.48 8.31 -7.79
C GLU A 74 -11.35 6.83 -8.15
N THR A 75 -10.22 6.47 -8.72
CA THR A 75 -9.98 5.09 -9.11
C THR A 75 -8.62 4.62 -8.60
N LEU A 76 -8.57 3.34 -8.22
CA LEU A 76 -7.35 2.75 -7.70
C LEU A 76 -6.26 2.67 -8.75
N GLN A 77 -6.67 2.43 -9.99
CA GLN A 77 -5.73 2.33 -11.10
C GLN A 77 -4.95 3.65 -11.25
N GLN A 78 -5.67 4.76 -11.16
CA GLN A 78 -5.06 6.07 -11.27
C GLN A 78 -4.17 6.34 -10.08
N LEU A 79 -4.62 5.89 -8.91
CA LEU A 79 -3.87 6.06 -7.68
C LEU A 79 -2.49 5.41 -7.82
N VAL A 80 -2.47 4.16 -8.29
CA VAL A 80 -1.23 3.42 -8.48
C VAL A 80 -0.31 4.14 -9.47
N GLN A 81 -0.90 4.58 -10.58
CA GLN A 81 -0.17 5.27 -11.63
C GLN A 81 0.57 6.51 -11.12
N HIS A 82 -0.10 7.28 -10.26
CA HIS A 82 0.51 8.50 -9.73
C HIS A 82 1.57 8.19 -8.69
N TYR A 83 1.31 7.22 -7.83
CA TYR A 83 2.27 6.86 -6.79
C TYR A 83 3.48 6.17 -7.39
N SER A 84 3.40 5.88 -8.68
CA SER A 84 4.49 5.26 -9.41
C SER A 84 5.51 6.32 -9.80
N GLU A 85 5.04 7.56 -9.92
CA GLU A 85 5.88 8.69 -10.30
C GLU A 85 6.78 9.08 -9.13
N ARG A 86 6.24 8.95 -7.93
CA ARG A 86 6.97 9.28 -6.71
C ARG A 86 6.11 8.98 -5.50
N ALA A 87 6.65 9.27 -4.33
CA ALA A 87 5.94 9.04 -3.09
C ALA A 87 5.14 10.28 -2.72
N ALA A 88 3.82 10.15 -2.77
CA ALA A 88 2.94 11.27 -2.45
C ALA A 88 2.62 11.34 -0.96
N GLY A 89 3.19 10.42 -0.20
CA GLY A 89 2.95 10.38 1.23
C GLY A 89 3.13 9.00 1.83
N LEU A 90 4.11 8.27 1.34
CA LEU A 90 4.38 6.92 1.82
C LEU A 90 5.87 6.75 2.06
N CYS A 91 6.26 5.65 2.69
CA CYS A 91 7.66 5.39 2.96
C CYS A 91 8.44 5.21 1.65
N CYS A 92 7.77 4.66 0.65
CA CYS A 92 8.37 4.43 -0.65
C CYS A 92 7.33 4.63 -1.75
N ARG A 93 7.78 4.78 -2.98
CA ARG A 93 6.89 4.96 -4.11
C ARG A 93 6.46 3.61 -4.67
N LEU A 94 5.60 3.64 -5.66
CA LEU A 94 5.10 2.41 -6.29
C LEU A 94 5.83 2.21 -7.61
N VAL A 95 7.14 2.07 -7.52
CA VAL A 95 7.98 1.91 -8.70
C VAL A 95 8.11 0.45 -9.10
N VAL A 96 8.00 -0.44 -8.13
CA VAL A 96 8.12 -1.85 -8.38
C VAL A 96 6.78 -2.54 -8.19
N PRO A 97 6.42 -3.41 -9.12
CA PRO A 97 5.18 -4.16 -9.06
C PRO A 97 5.31 -5.41 -8.18
N CYS A 98 5.41 -6.57 -8.84
CA CYS A 98 5.54 -7.87 -8.19
C CYS A 98 5.07 -8.94 -9.17
N HIS A 99 5.33 -10.21 -8.88
CA HIS A 99 4.90 -11.29 -9.77
C HIS A 99 4.54 -12.53 -8.95
N LYS A 100 3.37 -13.07 -9.21
CA LYS A 100 2.90 -14.26 -8.50
C LYS A 100 2.89 -15.46 -9.46
N GLU B 1 3.48 -7.52 15.00
CA GLU B 1 2.41 -6.50 15.03
C GLU B 1 2.27 -5.85 13.65
N PRO B 2 1.05 -5.85 13.08
CA PRO B 2 0.80 -5.25 11.78
C PRO B 2 0.79 -3.72 11.85
N GLN B 3 1.44 -3.08 10.89
CA GLN B 3 1.50 -1.63 10.86
C GLN B 3 0.30 -1.05 10.14
N PTR B 4 -0.82 -1.06 10.86
CA PTR B 4 -2.10 -0.52 10.36
C PTR B 4 -2.11 1.00 10.50
O PTR B 4 -2.82 1.55 11.34
CB PTR B 4 -3.23 -1.13 11.18
CG PTR B 4 -4.39 -1.72 10.38
CD1 PTR B 4 -4.26 -2.11 9.06
CD2 PTR B 4 -5.62 -1.90 11.00
CE1 PTR B 4 -5.33 -2.66 8.36
CE2 PTR B 4 -6.70 -2.44 10.32
CZ PTR B 4 -6.55 -2.82 9.01
OH PTR B 4 -7.62 -3.36 8.34
P PTR B 4 -7.70 -4.96 8.13
O1P PTR B 4 -6.40 -5.56 7.83
O2P PTR B 4 -8.79 -5.40 7.23
O3P PTR B 4 -8.09 -5.55 9.55
H PTR B 4 -0.80 -1.43 11.76
HA PTR B 4 -2.19 -0.80 9.33
HB2 PTR B 4 -2.83 -1.93 11.79
HB3 PTR B 4 -3.64 -0.38 11.83
HD1 PTR B 4 -3.31 -1.99 8.55
HD2 PTR B 4 -5.74 -1.60 12.03
HE1 PTR B 4 -5.21 -2.96 7.33
HE2 PTR B 4 -7.64 -2.56 10.82
N GLN B 5 -1.33 1.68 9.66
CA GLN B 5 -1.24 3.14 9.71
C GLN B 5 -1.16 3.74 8.31
N PRO B 6 -1.95 4.79 8.04
CA PRO B 6 -1.95 5.48 6.75
C PRO B 6 -0.77 6.45 6.61
N GLY B 7 -0.69 7.11 5.47
CA GLY B 7 0.39 8.05 5.23
C GLY B 7 -0.10 9.48 5.07
N GLU B 8 -0.91 9.92 6.03
CA GLU B 8 -1.45 11.28 5.98
C GLU B 8 -0.38 12.28 6.38
N ASN B 9 -0.51 13.50 5.86
CA ASN B 9 0.46 14.55 6.14
C ASN B 9 0.02 15.37 7.36
N LEU B 10 0.98 15.64 8.24
CA LEU B 10 0.69 16.41 9.44
C LEU B 10 1.06 17.87 9.24
N TRP A 1 -1.64 -4.40 -11.32
CA TRP A 1 -1.21 -4.24 -9.91
C TRP A 1 -1.67 -5.44 -9.06
N TYR A 2 -2.79 -5.28 -8.35
CA TYR A 2 -3.30 -6.35 -7.50
C TYR A 2 -3.56 -7.64 -8.29
N PHE A 3 -3.39 -8.77 -7.63
CA PHE A 3 -3.60 -10.06 -8.27
C PHE A 3 -5.00 -10.61 -8.01
N GLY A 4 -5.58 -10.18 -6.90
CA GLY A 4 -6.90 -10.63 -6.53
C GLY A 4 -7.27 -10.18 -5.14
N LYS A 5 -7.53 -11.13 -4.25
CA LYS A 5 -7.88 -10.79 -2.89
C LYS A 5 -6.89 -11.40 -1.89
N LEU A 6 -5.83 -10.66 -1.64
CA LEU A 6 -4.79 -11.08 -0.72
C LEU A 6 -4.15 -9.83 -0.14
N GLY A 7 -3.73 -9.91 1.11
CA GLY A 7 -3.13 -8.75 1.75
C GLY A 7 -2.60 -9.05 3.13
N ARG A 8 -3.01 -10.17 3.70
CA ARG A 8 -2.55 -10.55 5.02
C ARG A 8 -1.47 -11.62 4.94
N LYS A 9 -1.90 -12.88 4.92
CA LYS A 9 -0.96 -13.99 4.89
C LYS A 9 -0.21 -14.08 3.58
N ASP A 10 -0.96 -14.21 2.48
CA ASP A 10 -0.35 -14.34 1.15
C ASP A 10 0.56 -13.16 0.83
N ALA A 11 0.10 -11.98 1.14
CA ALA A 11 0.86 -10.76 0.84
C ALA A 11 2.16 -10.70 1.64
N GLU A 12 2.05 -10.87 2.95
CA GLU A 12 3.22 -10.82 3.82
C GLU A 12 4.19 -11.93 3.49
N ARG A 13 3.65 -13.10 3.15
CA ARG A 13 4.48 -14.24 2.82
C ARG A 13 5.17 -14.07 1.46
N GLN A 14 4.48 -13.49 0.49
CA GLN A 14 5.07 -13.32 -0.83
C GLN A 14 6.07 -12.17 -0.86
N LEU A 15 5.82 -11.16 -0.06
CA LEU A 15 6.70 -9.99 -0.01
C LEU A 15 8.09 -10.39 0.50
N LEU A 16 8.11 -11.26 1.50
CA LEU A 16 9.37 -11.70 2.08
C LEU A 16 9.77 -13.09 1.57
N SER A 17 9.06 -13.58 0.56
CA SER A 17 9.36 -14.90 0.02
C SER A 17 10.56 -14.86 -0.93
N PHE A 18 10.43 -14.10 -2.02
CA PHE A 18 11.49 -14.00 -3.00
C PHE A 18 12.53 -12.98 -2.57
N GLY A 19 12.09 -11.98 -1.83
CA GLY A 19 12.99 -10.94 -1.38
C GLY A 19 13.02 -9.77 -2.33
N ASN A 20 11.84 -9.31 -2.70
CA ASN A 20 11.71 -8.17 -3.61
C ASN A 20 12.09 -6.88 -2.90
N PRO A 21 12.65 -5.90 -3.62
CA PRO A 21 13.05 -4.63 -3.04
C PRO A 21 11.86 -3.71 -2.77
N ARG A 22 12.15 -2.49 -2.33
CA ARG A 22 11.12 -1.51 -2.06
C ARG A 22 10.37 -1.17 -3.35
N GLY A 23 9.13 -0.77 -3.22
CA GLY A 23 8.34 -0.45 -4.37
C GLY A 23 7.23 -1.46 -4.59
N THR A 24 7.52 -2.71 -4.25
CA THR A 24 6.56 -3.79 -4.39
C THR A 24 5.34 -3.54 -3.51
N PHE A 25 4.17 -3.60 -4.13
CA PHE A 25 2.93 -3.35 -3.42
C PHE A 25 1.80 -4.22 -3.96
N LEU A 26 0.62 -4.04 -3.39
CA LEU A 26 -0.59 -4.74 -3.79
C LEU A 26 -1.77 -4.17 -3.01
N ILE A 27 -2.96 -4.25 -3.59
CA ILE A 27 -4.15 -3.74 -2.95
C ILE A 27 -5.04 -4.89 -2.49
N ARG A 28 -5.48 -4.82 -1.25
CA ARG A 28 -6.33 -5.85 -0.67
C ARG A 28 -7.56 -5.20 -0.05
N GLU A 29 -8.56 -6.00 0.28
CA GLU A 29 -9.78 -5.48 0.86
C GLU A 29 -9.68 -5.50 2.38
N SER A 30 -10.12 -4.42 3.00
CA SER A 30 -10.10 -4.33 4.45
C SER A 30 -11.21 -5.19 5.04
N GLU A 31 -10.97 -5.71 6.23
CA GLU A 31 -11.92 -6.59 6.89
C GLU A 31 -12.93 -5.82 7.72
N THR A 32 -12.43 -4.95 8.60
CA THR A 32 -13.32 -4.19 9.46
C THR A 32 -13.74 -2.87 8.81
N THR A 33 -13.35 -2.68 7.55
CA THR A 33 -13.71 -1.48 6.83
C THR A 33 -14.04 -1.79 5.38
N LYS A 34 -15.33 -1.98 5.10
CA LYS A 34 -15.76 -2.29 3.74
C LYS A 34 -15.78 -1.02 2.91
N GLY A 35 -15.31 -1.13 1.67
CA GLY A 35 -15.26 0.02 0.78
C GLY A 35 -13.89 0.67 0.79
N ALA A 36 -13.09 0.31 1.79
CA ALA A 36 -11.75 0.83 1.94
C ALA A 36 -10.76 -0.30 1.80
N TYR A 37 -9.49 -0.02 2.08
CA TYR A 37 -8.45 -1.02 1.97
C TYR A 37 -7.21 -0.61 2.76
N SER A 38 -6.10 -1.29 2.50
CA SER A 38 -4.84 -1.01 3.14
C SER A 38 -3.71 -1.36 2.18
N LEU A 39 -2.77 -0.46 2.01
CA LEU A 39 -1.65 -0.68 1.12
C LEU A 39 -0.62 -1.62 1.75
N SER A 40 -0.33 -2.71 1.07
CA SER A 40 0.63 -3.67 1.56
C SER A 40 1.96 -3.48 0.82
N ILE A 41 2.82 -2.67 1.41
CA ILE A 41 4.13 -2.38 0.82
C ILE A 41 5.23 -2.94 1.70
N ARG A 42 6.38 -3.22 1.10
CA ARG A 42 7.50 -3.74 1.86
C ARG A 42 8.21 -2.59 2.55
N ASP A 43 7.82 -2.33 3.79
CA ASP A 43 8.39 -1.27 4.58
C ASP A 43 8.86 -1.81 5.92
N TRP A 44 9.96 -1.29 6.42
CA TRP A 44 10.52 -1.76 7.67
C TRP A 44 10.80 -0.59 8.61
N ASP A 45 11.56 -0.84 9.65
CA ASP A 45 11.91 0.20 10.62
C ASP A 45 13.33 0.68 10.39
N ASP A 46 13.87 0.36 9.21
CA ASP A 46 15.22 0.75 8.82
C ASP A 46 16.27 0.10 9.72
N MET A 47 15.87 -1.02 10.32
CA MET A 47 16.78 -1.77 11.20
C MET A 47 16.83 -3.22 10.78
N LYS A 48 15.65 -3.83 10.63
CA LYS A 48 15.57 -5.24 10.23
C LYS A 48 15.87 -5.40 8.74
N GLY A 49 15.59 -4.35 7.98
CA GLY A 49 15.85 -4.38 6.54
C GLY A 49 14.99 -5.40 5.81
N ASP A 50 13.86 -5.76 6.41
CA ASP A 50 12.94 -6.73 5.81
C ASP A 50 11.66 -6.78 6.62
N HIS A 51 10.57 -6.29 6.04
CA HIS A 51 9.28 -6.30 6.71
C HIS A 51 8.19 -5.84 5.76
N VAL A 52 6.95 -5.93 6.21
CA VAL A 52 5.81 -5.52 5.41
C VAL A 52 4.80 -4.79 6.29
N LYS A 53 4.34 -3.64 5.82
CA LYS A 53 3.39 -2.85 6.58
C LYS A 53 2.07 -2.73 5.83
N HIS A 54 0.99 -2.60 6.58
CA HIS A 54 -0.34 -2.48 5.99
C HIS A 54 -0.91 -1.10 6.32
N TYR A 55 -0.70 -0.16 5.41
CA TYR A 55 -1.16 1.22 5.59
C TYR A 55 -2.69 1.29 5.55
N LYS A 56 -3.29 1.62 6.69
CA LYS A 56 -4.74 1.73 6.77
C LYS A 56 -5.25 2.97 6.04
N ILE A 57 -6.19 2.75 5.14
CA ILE A 57 -6.76 3.83 4.37
C ILE A 57 -8.25 3.95 4.61
N ARG A 58 -8.84 4.98 4.04
CA ARG A 58 -10.25 5.22 4.20
C ARG A 58 -10.90 5.45 2.84
N LYS A 59 -12.05 6.08 2.86
CA LYS A 59 -12.80 6.34 1.63
C LYS A 59 -13.15 7.82 1.51
N LEU A 60 -13.09 8.33 0.29
CA LEU A 60 -13.41 9.72 0.02
C LEU A 60 -14.92 9.91 -0.04
N ASP A 61 -15.36 11.11 0.29
CA ASP A 61 -16.78 11.43 0.26
C ASP A 61 -17.29 11.47 -1.17
N ASN A 62 -16.37 11.57 -2.12
CA ASN A 62 -16.73 11.61 -3.53
C ASN A 62 -16.69 10.21 -4.14
N GLY A 63 -16.41 9.22 -3.31
CA GLY A 63 -16.37 7.85 -3.79
C GLY A 63 -14.99 7.42 -4.26
N GLY A 64 -13.98 8.23 -3.97
CA GLY A 64 -12.64 7.91 -4.39
C GLY A 64 -11.80 7.35 -3.26
N TYR A 65 -10.51 7.23 -3.50
CA TYR A 65 -9.58 6.71 -2.51
C TYR A 65 -8.42 7.67 -2.35
N TYR A 66 -7.84 7.73 -1.16
CA TYR A 66 -6.73 8.63 -0.92
C TYR A 66 -5.94 8.21 0.31
N ILE A 67 -4.62 8.15 0.17
CA ILE A 67 -3.76 7.81 1.28
C ILE A 67 -3.45 9.08 2.05
N THR A 68 -3.35 10.16 1.31
CA THR A 68 -3.06 11.46 1.85
C THR A 68 -3.99 12.49 1.20
N THR A 69 -4.08 13.67 1.79
CA THR A 69 -4.95 14.71 1.24
C THR A 69 -4.24 15.46 0.13
N ARG A 70 -2.96 15.15 -0.05
CA ARG A 70 -2.16 15.79 -1.07
C ARG A 70 -2.23 15.00 -2.38
N ALA A 71 -2.91 13.85 -2.33
CA ALA A 71 -3.05 12.98 -3.49
C ALA A 71 -4.28 12.09 -3.34
N GLN A 72 -5.30 12.36 -4.14
CA GLN A 72 -6.53 11.60 -4.11
C GLN A 72 -6.97 11.22 -5.52
N PHE A 73 -7.57 10.06 -5.65
CA PHE A 73 -8.02 9.56 -6.94
C PHE A 73 -9.35 8.85 -6.80
N GLU A 74 -9.88 8.41 -7.92
CA GLU A 74 -11.16 7.71 -7.94
C GLU A 74 -10.96 6.20 -7.91
N THR A 75 -9.80 5.77 -8.37
CA THR A 75 -9.48 4.35 -8.40
C THR A 75 -8.00 4.13 -8.10
N LEU A 76 -7.69 2.93 -7.63
CA LEU A 76 -6.31 2.57 -7.30
C LEU A 76 -5.47 2.47 -8.56
N GLN A 77 -6.12 2.20 -9.68
CA GLN A 77 -5.47 2.08 -10.96
C GLN A 77 -4.60 3.31 -11.24
N GLN A 78 -5.18 4.48 -11.10
CA GLN A 78 -4.48 5.72 -11.36
C GLN A 78 -3.65 6.13 -10.14
N LEU A 79 -4.11 5.75 -8.96
CA LEU A 79 -3.39 6.05 -7.72
C LEU A 79 -2.01 5.40 -7.77
N VAL A 80 -2.00 4.14 -8.20
CA VAL A 80 -0.78 3.36 -8.32
C VAL A 80 0.22 4.07 -9.22
N GLN A 81 -0.26 4.51 -10.37
CA GLN A 81 0.56 5.19 -11.36
C GLN A 81 1.14 6.50 -10.84
N HIS A 82 0.45 7.12 -9.88
CA HIS A 82 0.90 8.38 -9.31
C HIS A 82 2.05 8.17 -8.33
N TYR A 83 1.96 7.12 -7.52
CA TYR A 83 3.00 6.83 -6.54
C TYR A 83 4.12 6.06 -7.19
N SER A 84 3.90 5.65 -8.43
CA SER A 84 4.89 4.91 -9.20
C SER A 84 5.99 5.88 -9.65
N GLU A 85 5.64 7.15 -9.69
CA GLU A 85 6.58 8.20 -10.09
C GLU A 85 7.45 8.62 -8.90
N ARG A 86 6.81 8.83 -7.76
CA ARG A 86 7.51 9.25 -6.56
C ARG A 86 6.66 8.97 -5.32
N ALA A 87 7.19 9.37 -4.18
CA ALA A 87 6.52 9.17 -2.91
C ALA A 87 5.69 10.39 -2.58
N ALA A 88 4.38 10.21 -2.49
CA ALA A 88 3.49 11.31 -2.19
C ALA A 88 2.98 11.24 -0.75
N GLY A 89 3.81 10.75 0.15
CA GLY A 89 3.40 10.66 1.55
C GLY A 89 3.72 9.32 2.17
N LEU A 90 4.14 8.37 1.35
CA LEU A 90 4.45 7.04 1.81
C LEU A 90 5.94 6.95 2.11
N CYS A 91 6.34 5.84 2.70
CA CYS A 91 7.74 5.63 3.03
C CYS A 91 8.57 5.43 1.75
N CYS A 92 7.95 4.85 0.73
CA CYS A 92 8.64 4.61 -0.52
C CYS A 92 7.70 4.82 -1.69
N ARG A 93 8.25 4.84 -2.89
CA ARG A 93 7.44 5.02 -4.09
C ARG A 93 7.21 3.67 -4.75
N LEU A 94 6.17 3.59 -5.56
CA LEU A 94 5.81 2.36 -6.24
C LEU A 94 6.60 2.23 -7.53
N VAL A 95 7.92 2.11 -7.41
CA VAL A 95 8.81 2.00 -8.58
C VAL A 95 8.54 0.73 -9.36
N VAL A 96 8.31 -0.37 -8.66
CA VAL A 96 8.01 -1.62 -9.30
C VAL A 96 6.51 -1.88 -9.21
N PRO A 97 5.96 -2.77 -10.05
CA PRO A 97 4.54 -3.05 -10.03
C PRO A 97 4.21 -4.22 -9.10
N CYS A 98 3.80 -5.34 -9.68
CA CYS A 98 3.42 -6.52 -8.91
C CYS A 98 3.62 -7.77 -9.75
N HIS A 99 4.54 -8.64 -9.34
CA HIS A 99 4.81 -9.88 -10.08
C HIS A 99 4.98 -11.06 -9.13
N LYS A 100 4.16 -12.08 -9.32
CA LYS A 100 4.22 -13.28 -8.49
C LYS A 100 4.95 -14.40 -9.22
N GLU B 1 5.59 -3.72 13.56
CA GLU B 1 4.17 -3.38 13.81
C GLU B 1 3.55 -2.76 12.55
N PRO B 2 2.37 -3.24 12.14
CA PRO B 2 1.66 -2.73 10.96
C PRO B 2 1.03 -1.36 11.22
N GLN B 3 1.17 -0.47 10.26
CA GLN B 3 0.63 0.87 10.36
C GLN B 3 -0.88 0.88 10.08
N PTR B 4 -1.66 0.36 11.01
CA PTR B 4 -3.11 0.34 10.88
C PTR B 4 -3.68 1.71 11.23
O PTR B 4 -4.75 1.82 11.83
CB PTR B 4 -3.71 -0.74 11.78
CG PTR B 4 -4.59 -1.74 11.06
CD1 PTR B 4 -5.94 -1.84 11.36
CD2 PTR B 4 -4.06 -2.61 10.11
CE1 PTR B 4 -6.75 -2.78 10.73
CE2 PTR B 4 -4.87 -3.54 9.47
CZ PTR B 4 -6.21 -3.62 9.78
OH PTR B 4 -7.00 -4.57 9.18
P PTR B 4 -8.22 -4.17 8.22
O1P PTR B 4 -8.70 -5.30 7.40
O2P PTR B 4 -8.02 -2.93 7.47
O3P PTR B 4 -9.44 -3.85 9.19
H PTR B 4 -1.25 -0.02 11.82
HA PTR B 4 -3.35 0.12 9.85
HB2 PTR B 4 -2.90 -1.28 12.25
HB3 PTR B 4 -4.30 -0.26 12.54
HD1 PTR B 4 -6.37 -1.18 12.10
HD2 PTR B 4 -3.01 -2.55 9.86
HE1 PTR B 4 -7.80 -2.84 10.98
HE2 PTR B 4 -4.44 -4.20 8.72
N GLN B 5 -2.95 2.74 10.86
CA GLN B 5 -3.33 4.12 11.13
C GLN B 5 -3.47 4.86 9.81
N PRO B 6 -4.26 5.96 9.77
CA PRO B 6 -4.45 6.75 8.56
C PRO B 6 -3.15 7.39 8.06
N GLY B 7 -3.20 7.98 6.87
CA GLY B 7 -2.04 8.61 6.30
C GLY B 7 -1.75 9.97 6.91
N GLU B 8 -0.85 10.71 6.27
CA GLU B 8 -0.46 12.04 6.75
C GLU B 8 -1.39 13.11 6.19
N ASN B 9 -1.12 14.36 6.53
CA ASN B 9 -1.94 15.48 6.06
C ASN B 9 -1.07 16.66 5.67
N LEU B 10 -0.92 17.62 6.57
CA LEU B 10 -0.11 18.80 6.30
C LEU B 10 0.22 19.51 7.61
N TRP A 1 -1.15 -4.51 -11.26
CA TRP A 1 -0.83 -4.33 -9.83
C TRP A 1 -1.33 -5.52 -9.00
N TYR A 2 -2.39 -5.33 -8.20
CA TYR A 2 -2.91 -6.40 -7.36
C TYR A 2 -3.18 -7.68 -8.17
N PHE A 3 -2.97 -8.83 -7.55
CA PHE A 3 -3.17 -10.10 -8.22
C PHE A 3 -4.55 -10.66 -7.89
N GLY A 4 -5.08 -10.26 -6.75
CA GLY A 4 -6.38 -10.71 -6.34
C GLY A 4 -6.72 -10.26 -4.94
N LYS A 5 -7.38 -11.11 -4.20
CA LYS A 5 -7.78 -10.79 -2.84
C LYS A 5 -6.80 -11.39 -1.86
N LEU A 6 -5.77 -10.65 -1.52
CA LEU A 6 -4.76 -11.09 -0.57
C LEU A 6 -4.13 -9.88 0.10
N GLY A 7 -3.81 -10.03 1.38
CA GLY A 7 -3.23 -8.94 2.13
C GLY A 7 -2.87 -9.29 3.55
N ARG A 8 -3.36 -10.42 4.04
CA ARG A 8 -3.06 -10.85 5.41
C ARG A 8 -1.86 -11.80 5.45
N LYS A 9 -2.08 -13.03 4.98
CA LYS A 9 -1.03 -14.03 5.01
C LYS A 9 -0.25 -14.06 3.70
N ASP A 10 -0.98 -14.24 2.60
CA ASP A 10 -0.38 -14.33 1.27
C ASP A 10 0.50 -13.12 0.96
N ALA A 11 0.05 -11.94 1.37
CA ALA A 11 0.79 -10.72 1.08
C ALA A 11 2.10 -10.66 1.84
N GLU A 12 2.03 -10.85 3.15
CA GLU A 12 3.20 -10.80 4.00
C GLU A 12 4.15 -11.96 3.71
N ARG A 13 3.62 -13.08 3.23
CA ARG A 13 4.44 -14.24 2.93
C ARG A 13 5.16 -14.07 1.59
N GLN A 14 4.55 -13.33 0.66
CA GLN A 14 5.12 -13.13 -0.66
C GLN A 14 6.04 -11.91 -0.70
N LEU A 15 5.83 -10.97 0.22
CA LEU A 15 6.64 -9.76 0.27
C LEU A 15 7.97 -10.03 0.96
N LEU A 16 8.06 -11.16 1.64
CA LEU A 16 9.28 -11.54 2.34
C LEU A 16 9.68 -12.95 1.92
N SER A 17 9.12 -13.42 0.82
CA SER A 17 9.38 -14.76 0.33
C SER A 17 10.76 -14.89 -0.33
N PHE A 18 11.05 -14.05 -1.31
CA PHE A 18 12.31 -14.14 -2.04
C PHE A 18 13.23 -12.95 -1.79
N GLY A 19 12.79 -12.00 -0.97
CA GLY A 19 13.62 -10.84 -0.71
C GLY A 19 13.31 -9.75 -1.71
N ASN A 20 12.03 -9.47 -1.81
CA ASN A 20 11.49 -8.47 -2.71
C ASN A 20 12.24 -7.15 -2.62
N PRO A 21 12.37 -6.43 -3.74
CA PRO A 21 13.06 -5.14 -3.77
C PRO A 21 12.15 -3.99 -3.36
N ARG A 22 12.57 -2.79 -3.72
CA ARG A 22 11.83 -1.59 -3.39
C ARG A 22 10.68 -1.35 -4.36
N GLY A 23 9.61 -0.77 -3.85
CA GLY A 23 8.46 -0.47 -4.68
C GLY A 23 7.44 -1.58 -4.73
N THR A 24 7.87 -2.81 -4.45
CA THR A 24 6.97 -3.97 -4.47
C THR A 24 5.76 -3.74 -3.58
N PHE A 25 4.58 -3.83 -4.18
CA PHE A 25 3.34 -3.62 -3.45
C PHE A 25 2.22 -4.50 -3.99
N LEU A 26 1.05 -4.36 -3.38
CA LEU A 26 -0.16 -5.06 -3.78
C LEU A 26 -1.35 -4.45 -3.06
N ILE A 27 -2.55 -4.71 -3.57
CA ILE A 27 -3.77 -4.16 -2.97
C ILE A 27 -4.75 -5.28 -2.62
N ARG A 28 -5.48 -5.07 -1.54
CA ARG A 28 -6.48 -6.04 -1.08
C ARG A 28 -7.74 -5.30 -0.65
N GLU A 29 -8.59 -5.97 0.14
CA GLU A 29 -9.81 -5.36 0.64
C GLU A 29 -9.79 -5.37 2.16
N SER A 30 -10.32 -4.31 2.75
CA SER A 30 -10.38 -4.21 4.20
C SER A 30 -11.59 -4.99 4.71
N GLU A 31 -11.40 -5.70 5.81
CA GLU A 31 -12.46 -6.52 6.37
C GLU A 31 -13.32 -5.70 7.31
N THR A 32 -12.67 -4.84 8.10
CA THR A 32 -13.38 -4.01 9.06
C THR A 32 -13.93 -2.73 8.43
N THR A 33 -13.34 -2.30 7.32
CA THR A 33 -13.78 -1.08 6.65
C THR A 33 -14.16 -1.35 5.20
N LYS A 34 -15.44 -1.24 4.90
CA LYS A 34 -15.92 -1.47 3.55
C LYS A 34 -15.70 -0.21 2.71
N GLY A 35 -15.13 -0.40 1.54
CA GLY A 35 -14.86 0.72 0.66
C GLY A 35 -13.43 1.20 0.82
N ALA A 36 -12.70 0.59 1.74
CA ALA A 36 -11.33 0.96 2.01
C ALA A 36 -10.45 -0.28 1.95
N TYR A 37 -9.14 -0.07 2.04
CA TYR A 37 -8.19 -1.16 2.01
C TYR A 37 -6.90 -0.73 2.70
N SER A 38 -5.87 -1.55 2.60
CA SER A 38 -4.60 -1.26 3.22
C SER A 38 -3.48 -1.63 2.25
N LEU A 39 -2.63 -0.67 1.96
CA LEU A 39 -1.53 -0.88 1.04
C LEU A 39 -0.48 -1.78 1.66
N SER A 40 -0.03 -2.77 0.91
CA SER A 40 0.97 -3.69 1.39
C SER A 40 2.28 -3.47 0.65
N ILE A 41 3.16 -2.69 1.26
CA ILE A 41 4.46 -2.40 0.67
C ILE A 41 5.57 -2.91 1.57
N ARG A 42 6.71 -3.21 0.97
CA ARG A 42 7.85 -3.68 1.74
C ARG A 42 8.50 -2.50 2.43
N ASP A 43 8.03 -2.21 3.63
CA ASP A 43 8.52 -1.09 4.42
C ASP A 43 8.87 -1.56 5.82
N TRP A 44 10.11 -1.33 6.21
CA TRP A 44 10.57 -1.74 7.52
C TRP A 44 11.03 -0.54 8.34
N ASP A 45 11.66 -0.81 9.47
CA ASP A 45 12.14 0.26 10.34
C ASP A 45 13.64 0.45 10.18
N ASP A 46 14.17 -0.08 9.08
CA ASP A 46 15.59 0.02 8.73
C ASP A 46 16.50 -0.77 9.68
N MET A 47 15.92 -1.46 10.65
CA MET A 47 16.69 -2.26 11.58
C MET A 47 16.45 -3.72 11.31
N LYS A 48 15.21 -4.03 11.00
CA LYS A 48 14.82 -5.40 10.69
C LYS A 48 15.25 -5.74 9.27
N GLY A 49 15.20 -4.73 8.40
CA GLY A 49 15.59 -4.89 7.01
C GLY A 49 14.73 -5.90 6.27
N ASP A 50 13.57 -6.23 6.85
CA ASP A 50 12.67 -7.19 6.24
C ASP A 50 11.32 -7.16 6.94
N HIS A 51 10.37 -6.45 6.36
CA HIS A 51 9.02 -6.35 6.92
C HIS A 51 8.11 -5.65 5.93
N VAL A 52 6.82 -5.84 6.12
CA VAL A 52 5.82 -5.24 5.26
C VAL A 52 4.88 -4.38 6.10
N LYS A 53 4.70 -3.14 5.70
CA LYS A 53 3.83 -2.24 6.43
C LYS A 53 2.52 -2.07 5.67
N HIS A 54 1.43 -2.02 6.43
CA HIS A 54 0.11 -1.88 5.85
C HIS A 54 -0.46 -0.51 6.16
N TYR A 55 -0.55 0.32 5.13
CA TYR A 55 -1.09 1.66 5.28
C TYR A 55 -2.60 1.66 5.07
N LYS A 56 -3.32 2.07 6.10
CA LYS A 56 -4.77 2.12 6.06
C LYS A 56 -5.26 3.25 5.15
N ILE A 57 -5.97 2.90 4.10
CA ILE A 57 -6.49 3.88 3.16
C ILE A 57 -7.91 4.27 3.56
N ARG A 58 -8.33 5.46 3.14
CA ARG A 58 -9.66 5.94 3.46
C ARG A 58 -10.47 6.19 2.19
N LYS A 59 -11.74 5.80 2.23
CA LYS A 59 -12.64 6.00 1.11
C LYS A 59 -13.23 7.40 1.17
N LEU A 60 -13.09 8.14 0.08
CA LEU A 60 -13.60 9.50 0.01
C LEU A 60 -15.12 9.49 -0.12
N ASP A 61 -15.75 10.57 0.31
CA ASP A 61 -17.19 10.67 0.24
C ASP A 61 -17.65 10.75 -1.22
N ASN A 62 -16.75 11.19 -2.08
CA ASN A 62 -17.08 11.31 -3.50
C ASN A 62 -16.91 9.96 -4.19
N GLY A 63 -16.39 8.99 -3.45
CA GLY A 63 -16.21 7.65 -4.00
C GLY A 63 -14.76 7.33 -4.29
N GLY A 64 -13.90 8.33 -4.21
CA GLY A 64 -12.49 8.11 -4.48
C GLY A 64 -11.75 7.47 -3.33
N TYR A 65 -10.45 7.36 -3.47
CA TYR A 65 -9.60 6.75 -2.46
C TYR A 65 -8.37 7.63 -2.22
N TYR A 66 -7.89 7.68 -0.99
CA TYR A 66 -6.73 8.50 -0.67
C TYR A 66 -6.05 8.02 0.61
N ILE A 67 -4.73 8.17 0.65
CA ILE A 67 -3.94 7.79 1.82
C ILE A 67 -3.52 9.07 2.54
N THR A 68 -3.60 10.17 1.82
CA THR A 68 -3.23 11.46 2.32
C THR A 68 -4.13 12.52 1.73
N THR A 69 -4.21 13.67 2.39
CA THR A 69 -5.03 14.76 1.93
C THR A 69 -4.31 15.53 0.83
N ARG A 70 -3.05 15.15 0.59
CA ARG A 70 -2.23 15.80 -0.44
C ARG A 70 -2.27 15.02 -1.75
N ALA A 71 -2.96 13.89 -1.74
CA ALA A 71 -3.05 13.05 -2.92
C ALA A 71 -4.33 12.23 -2.88
N GLN A 72 -5.35 12.70 -3.58
CA GLN A 72 -6.62 12.00 -3.64
C GLN A 72 -6.91 11.56 -5.06
N PHE A 73 -7.50 10.38 -5.19
CA PHE A 73 -7.81 9.82 -6.49
C PHE A 73 -9.23 9.30 -6.51
N GLU A 74 -9.72 8.99 -7.69
CA GLU A 74 -11.08 8.48 -7.86
C GLU A 74 -11.08 6.98 -8.16
N THR A 75 -9.98 6.51 -8.73
CA THR A 75 -9.87 5.09 -9.07
C THR A 75 -8.59 4.50 -8.51
N LEU A 76 -8.63 3.20 -8.24
CA LEU A 76 -7.48 2.48 -7.70
C LEU A 76 -6.29 2.54 -8.65
N GLN A 77 -6.58 2.40 -9.94
CA GLN A 77 -5.55 2.43 -10.96
C GLN A 77 -4.79 3.75 -10.95
N GLN A 78 -5.53 4.85 -10.80
CA GLN A 78 -4.93 6.18 -10.79
C GLN A 78 -4.02 6.33 -9.58
N LEU A 79 -4.44 5.73 -8.47
CA LEU A 79 -3.66 5.77 -7.23
C LEU A 79 -2.27 5.17 -7.48
N VAL A 80 -2.25 3.99 -8.09
CA VAL A 80 -1.01 3.30 -8.39
C VAL A 80 -0.17 4.11 -9.38
N GLN A 81 -0.83 4.61 -10.41
CA GLN A 81 -0.18 5.39 -11.47
C GLN A 81 0.57 6.61 -10.92
N HIS A 82 0.09 7.18 -9.83
CA HIS A 82 0.72 8.36 -9.24
C HIS A 82 1.84 7.96 -8.27
N TYR A 83 1.62 6.92 -7.49
CA TYR A 83 2.61 6.50 -6.50
C TYR A 83 3.76 5.76 -7.17
N SER A 84 3.54 5.28 -8.38
CA SER A 84 4.57 4.57 -9.12
C SER A 84 5.61 5.54 -9.65
N GLU A 85 5.28 6.83 -9.68
CA GLU A 85 6.20 7.85 -10.15
C GLU A 85 7.00 8.41 -9.00
N ARG A 86 6.36 8.56 -7.85
CA ARG A 86 7.02 9.09 -6.66
C ARG A 86 6.18 8.82 -5.42
N ALA A 87 6.71 9.17 -4.27
CA ALA A 87 6.03 8.95 -3.01
C ALA A 87 5.22 10.17 -2.64
N ALA A 88 3.93 9.99 -2.46
CA ALA A 88 3.05 11.09 -2.11
C ALA A 88 2.50 10.94 -0.71
N GLY A 89 3.39 10.75 0.26
CA GLY A 89 2.97 10.63 1.64
C GLY A 89 3.27 9.25 2.20
N LEU A 90 4.06 8.50 1.48
CA LEU A 90 4.43 7.16 1.89
C LEU A 90 5.91 7.07 2.14
N CYS A 91 6.33 6.03 2.84
CA CYS A 91 7.73 5.82 3.14
C CYS A 91 8.51 5.46 1.88
N CYS A 92 7.82 4.85 0.92
CA CYS A 92 8.44 4.43 -0.32
C CYS A 92 7.45 4.61 -1.47
N ARG A 93 7.96 4.79 -2.67
CA ARG A 93 7.11 4.94 -3.84
C ARG A 93 6.88 3.57 -4.47
N LEU A 94 5.96 3.50 -5.41
CA LEU A 94 5.64 2.24 -6.07
C LEU A 94 6.51 2.10 -7.31
N VAL A 95 7.83 2.03 -7.10
CA VAL A 95 8.82 1.90 -8.17
C VAL A 95 8.42 0.80 -9.15
N VAL A 96 8.54 -0.43 -8.70
CA VAL A 96 8.18 -1.56 -9.52
C VAL A 96 6.68 -1.79 -9.38
N PRO A 97 6.07 -2.54 -10.30
CA PRO A 97 4.65 -2.81 -10.23
C PRO A 97 4.36 -4.03 -9.36
N CYS A 98 4.01 -5.13 -9.98
CA CYS A 98 3.69 -6.35 -9.27
C CYS A 98 3.98 -7.55 -10.14
N HIS A 99 4.67 -8.54 -9.59
CA HIS A 99 5.01 -9.74 -10.35
C HIS A 99 5.35 -10.87 -9.40
N LYS A 100 4.84 -12.06 -9.69
CA LYS A 100 5.10 -13.23 -8.86
C LYS A 100 5.79 -14.30 -9.69
N GLU B 1 3.07 -4.53 15.01
CA GLU B 1 1.69 -4.02 14.86
C GLU B 1 1.55 -3.29 13.52
N PRO B 2 0.48 -3.59 12.76
CA PRO B 2 0.23 -2.94 11.47
C PRO B 2 -0.03 -1.45 11.62
N GLN B 3 0.27 -0.69 10.58
CA GLN B 3 0.08 0.75 10.60
C GLN B 3 -1.39 1.11 10.35
N PTR B 4 -2.24 0.74 11.29
CA PTR B 4 -3.67 1.01 11.18
C PTR B 4 -3.96 2.41 11.74
O PTR B 4 -4.88 2.59 12.54
CB PTR B 4 -4.47 -0.04 11.94
CG PTR B 4 -5.49 -0.75 11.08
CD1 PTR B 4 -5.14 -1.20 9.82
CD2 PTR B 4 -6.78 -0.97 11.52
CE1 PTR B 4 -6.06 -1.85 9.02
CE2 PTR B 4 -7.71 -1.62 10.73
CZ PTR B 4 -7.35 -2.05 9.48
OH PTR B 4 -8.28 -2.68 8.66
P PTR B 4 -7.79 -3.70 7.54
O1P PTR B 4 -6.76 -4.64 7.99
O2P PTR B 4 -7.50 -3.06 6.24
O3P PTR B 4 -9.07 -4.62 7.22
H PTR B 4 -1.91 0.25 12.08
HA PTR B 4 -3.94 0.99 10.14
HB2 PTR B 4 -3.80 -0.79 12.33
HB3 PTR B 4 -5.00 0.43 12.76
HD1 PTR B 4 -4.14 -1.05 9.45
HD2 PTR B 4 -7.07 -0.62 12.51
HE1 PTR B 4 -5.77 -2.19 8.03
HE2 PTR B 4 -8.71 -1.78 11.09
N GLN B 5 -3.18 3.38 11.29
CA GLN B 5 -3.33 4.76 11.73
C GLN B 5 -3.32 5.69 10.52
N PRO B 6 -4.13 6.77 10.54
CA PRO B 6 -4.19 7.73 9.44
C PRO B 6 -2.89 8.54 9.33
N GLY B 7 -2.44 8.75 8.10
CA GLY B 7 -1.21 9.50 7.89
C GLY B 7 -1.42 10.99 7.85
N GLU B 8 -1.30 11.57 6.66
CA GLU B 8 -1.46 13.00 6.48
C GLU B 8 -2.93 13.37 6.27
N ASN B 9 -3.65 13.50 7.38
CA ASN B 9 -5.06 13.85 7.32
C ASN B 9 -5.37 14.98 8.29
N LEU B 10 -5.87 16.10 7.76
CA LEU B 10 -6.20 17.24 8.58
C LEU B 10 -7.57 17.79 8.19
N TRP A 1 -1.42 -4.40 -11.30
CA TRP A 1 -1.02 -4.32 -9.89
C TRP A 1 -1.47 -5.55 -9.11
N TYR A 2 -2.48 -5.40 -8.26
CA TYR A 2 -2.98 -6.52 -7.45
C TYR A 2 -3.32 -7.75 -8.30
N PHE A 3 -3.15 -8.93 -7.73
CA PHE A 3 -3.45 -10.17 -8.43
C PHE A 3 -4.84 -10.65 -8.04
N GLY A 4 -5.20 -10.40 -6.78
CA GLY A 4 -6.49 -10.80 -6.28
C GLY A 4 -6.80 -10.14 -4.96
N LYS A 5 -7.41 -10.89 -4.07
CA LYS A 5 -7.78 -10.37 -2.77
C LYS A 5 -6.94 -11.01 -1.67
N LEU A 6 -5.83 -10.38 -1.36
CA LEU A 6 -4.91 -10.85 -0.33
C LEU A 6 -4.21 -9.66 0.30
N GLY A 7 -3.92 -9.74 1.59
CA GLY A 7 -3.28 -8.61 2.24
C GLY A 7 -2.64 -8.96 3.57
N ARG A 8 -3.03 -10.07 4.17
CA ARG A 8 -2.48 -10.45 5.45
C ARG A 8 -1.53 -11.64 5.31
N LYS A 9 -2.07 -12.80 4.98
CA LYS A 9 -1.27 -14.01 4.89
C LYS A 9 -0.43 -14.05 3.60
N ASP A 10 -1.10 -14.08 2.46
CA ASP A 10 -0.40 -14.18 1.17
C ASP A 10 0.51 -12.99 0.92
N ALA A 11 0.03 -11.81 1.28
CA ALA A 11 0.79 -10.59 1.05
C ALA A 11 2.09 -10.55 1.83
N GLU A 12 2.00 -10.76 3.13
CA GLU A 12 3.17 -10.71 3.99
C GLU A 12 4.12 -11.88 3.70
N ARG A 13 3.57 -12.98 3.24
CA ARG A 13 4.39 -14.16 2.93
C ARG A 13 5.12 -13.98 1.60
N GLN A 14 4.47 -13.33 0.63
CA GLN A 14 5.06 -13.14 -0.69
C GLN A 14 6.02 -11.96 -0.73
N LEU A 15 5.78 -10.99 0.14
CA LEU A 15 6.62 -9.79 0.19
C LEU A 15 7.95 -10.06 0.88
N LEU A 16 8.02 -11.16 1.61
CA LEU A 16 9.23 -11.53 2.33
C LEU A 16 9.68 -12.94 1.93
N SER A 17 9.06 -13.47 0.88
CA SER A 17 9.38 -14.82 0.40
C SER A 17 10.80 -14.91 -0.18
N PHE A 18 11.11 -14.04 -1.12
CA PHE A 18 12.42 -14.06 -1.78
C PHE A 18 13.26 -12.85 -1.41
N GLY A 19 12.64 -11.70 -1.30
CA GLY A 19 13.36 -10.49 -0.98
C GLY A 19 13.14 -9.46 -2.05
N ASN A 20 11.88 -9.11 -2.20
CA ASN A 20 11.44 -8.15 -3.19
C ASN A 20 12.15 -6.81 -3.00
N PRO A 21 12.35 -6.05 -4.09
CA PRO A 21 13.01 -4.75 -4.01
C PRO A 21 12.03 -3.65 -3.60
N ARG A 22 12.39 -2.41 -3.91
CA ARG A 22 11.55 -1.27 -3.58
C ARG A 22 10.40 -1.13 -4.55
N GLY A 23 9.28 -0.66 -4.05
CA GLY A 23 8.12 -0.46 -4.88
C GLY A 23 7.16 -1.63 -4.89
N THR A 24 7.61 -2.79 -4.43
CA THR A 24 6.75 -3.96 -4.40
C THR A 24 5.54 -3.72 -3.51
N PHE A 25 4.36 -3.81 -4.11
CA PHE A 25 3.12 -3.57 -3.41
C PHE A 25 2.02 -4.51 -3.90
N LEU A 26 0.82 -4.30 -3.36
CA LEU A 26 -0.38 -5.05 -3.73
C LEU A 26 -1.58 -4.42 -3.03
N ILE A 27 -2.77 -4.66 -3.55
CA ILE A 27 -3.98 -4.10 -2.96
C ILE A 27 -4.92 -5.22 -2.52
N ARG A 28 -5.62 -4.98 -1.41
CA ARG A 28 -6.56 -5.95 -0.85
C ARG A 28 -7.85 -5.24 -0.46
N GLU A 29 -8.69 -5.94 0.28
CA GLU A 29 -9.95 -5.37 0.74
C GLU A 29 -9.99 -5.41 2.27
N SER A 30 -10.41 -4.33 2.88
CA SER A 30 -10.49 -4.29 4.34
C SER A 30 -11.75 -5.01 4.82
N GLU A 31 -11.64 -5.64 5.97
CA GLU A 31 -12.75 -6.40 6.54
C GLU A 31 -13.54 -5.55 7.52
N THR A 32 -12.84 -4.91 8.44
CA THR A 32 -13.49 -4.08 9.46
C THR A 32 -13.98 -2.75 8.87
N THR A 33 -13.49 -2.42 7.69
CA THR A 33 -13.89 -1.19 7.02
C THR A 33 -14.19 -1.44 5.55
N LYS A 34 -15.44 -1.70 5.23
CA LYS A 34 -15.82 -1.94 3.84
C LYS A 34 -15.78 -0.65 3.06
N GLY A 35 -15.23 -0.71 1.86
CA GLY A 35 -15.10 0.47 1.04
C GLY A 35 -13.69 1.01 1.09
N ALA A 36 -12.91 0.50 2.03
CA ALA A 36 -11.53 0.92 2.20
C ALA A 36 -10.61 -0.29 2.12
N TYR A 37 -9.32 -0.05 2.07
CA TYR A 37 -8.33 -1.10 1.99
C TYR A 37 -7.03 -0.67 2.66
N SER A 38 -5.97 -1.40 2.39
CA SER A 38 -4.67 -1.08 2.96
C SER A 38 -3.58 -1.39 1.95
N LEU A 39 -2.64 -0.47 1.80
CA LEU A 39 -1.54 -0.67 0.87
C LEU A 39 -0.47 -1.53 1.52
N SER A 40 -0.21 -2.68 0.93
CA SER A 40 0.79 -3.58 1.44
C SER A 40 2.09 -3.43 0.66
N ILE A 41 2.99 -2.61 1.20
CA ILE A 41 4.27 -2.38 0.54
C ILE A 41 5.40 -2.96 1.37
N ARG A 42 6.50 -3.32 0.72
CA ARG A 42 7.65 -3.85 1.44
C ARG A 42 8.40 -2.70 2.08
N ASP A 43 7.88 -2.29 3.22
CA ASP A 43 8.43 -1.19 3.98
C ASP A 43 8.75 -1.68 5.38
N TRP A 44 9.83 -1.18 5.94
CA TRP A 44 10.25 -1.62 7.26
C TRP A 44 10.46 -0.46 8.21
N ASP A 45 11.06 -0.77 9.35
CA ASP A 45 11.34 0.24 10.37
C ASP A 45 12.81 0.63 10.33
N ASP A 46 13.43 0.30 9.21
CA ASP A 46 14.84 0.59 8.93
C ASP A 46 15.80 -0.06 9.92
N MET A 47 15.35 -1.12 10.58
CA MET A 47 16.19 -1.83 11.52
C MET A 47 16.22 -3.30 11.15
N LYS A 48 15.06 -3.83 10.83
CA LYS A 48 14.93 -5.22 10.43
C LYS A 48 15.38 -5.40 8.99
N GLY A 49 15.19 -4.36 8.18
CA GLY A 49 15.58 -4.41 6.78
C GLY A 49 14.75 -5.42 5.98
N ASP A 50 13.58 -5.73 6.50
CA ASP A 50 12.67 -6.69 5.88
C ASP A 50 11.35 -6.69 6.64
N HIS A 51 10.31 -6.15 6.02
CA HIS A 51 8.99 -6.11 6.63
C HIS A 51 7.96 -5.64 5.62
N VAL A 52 6.74 -5.43 6.09
CA VAL A 52 5.66 -5.00 5.26
C VAL A 52 4.68 -4.20 6.08
N LYS A 53 4.51 -2.93 5.73
CA LYS A 53 3.61 -2.06 6.44
C LYS A 53 2.25 -2.04 5.76
N HIS A 54 1.20 -1.96 6.55
CA HIS A 54 -0.15 -1.93 6.00
C HIS A 54 -0.78 -0.56 6.21
N TYR A 55 -0.66 0.29 5.22
CA TYR A 55 -1.21 1.64 5.31
C TYR A 55 -2.72 1.61 5.07
N LYS A 56 -3.49 1.95 6.11
CA LYS A 56 -4.94 1.96 5.99
C LYS A 56 -5.41 3.18 5.22
N ILE A 57 -6.19 2.95 4.18
CA ILE A 57 -6.72 4.02 3.35
C ILE A 57 -8.14 4.38 3.75
N ARG A 58 -8.60 5.54 3.31
CA ARG A 58 -9.94 5.98 3.62
C ARG A 58 -10.69 6.31 2.33
N LYS A 59 -11.98 6.00 2.33
CA LYS A 59 -12.82 6.26 1.17
C LYS A 59 -13.24 7.73 1.16
N LEU A 60 -13.09 8.37 0.01
CA LEU A 60 -13.45 9.76 -0.13
C LEU A 60 -14.95 9.92 -0.21
N ASP A 61 -15.43 11.10 0.12
CA ASP A 61 -16.86 11.39 0.08
C ASP A 61 -17.42 11.19 -1.33
N ASN A 62 -16.57 11.42 -2.33
CA ASN A 62 -16.97 11.28 -3.73
C ASN A 62 -16.87 9.83 -4.18
N GLY A 63 -16.32 8.98 -3.33
CA GLY A 63 -16.17 7.58 -3.68
C GLY A 63 -14.75 7.23 -4.05
N GLY A 64 -13.90 8.25 -4.14
CA GLY A 64 -12.51 8.05 -4.48
C GLY A 64 -11.70 7.46 -3.33
N TYR A 65 -10.39 7.45 -3.50
CA TYR A 65 -9.49 6.90 -2.50
C TYR A 65 -8.31 7.83 -2.29
N TYR A 66 -7.83 7.91 -1.06
CA TYR A 66 -6.70 8.77 -0.74
C TYR A 66 -6.03 8.32 0.55
N ILE A 67 -4.70 8.30 0.54
CA ILE A 67 -3.93 7.92 1.72
C ILE A 67 -3.58 9.17 2.50
N THR A 68 -3.47 10.26 1.77
CA THR A 68 -3.13 11.55 2.34
C THR A 68 -3.92 12.64 1.62
N THR A 69 -4.08 13.78 2.26
CA THR A 69 -4.82 14.88 1.67
C THR A 69 -4.05 15.51 0.51
N ARG A 70 -2.75 15.25 0.47
CA ARG A 70 -1.90 15.79 -0.58
C ARG A 70 -1.92 14.90 -1.80
N ALA A 71 -2.65 13.80 -1.72
CA ALA A 71 -2.75 12.87 -2.83
C ALA A 71 -4.07 12.11 -2.79
N GLN A 72 -5.07 12.64 -3.48
CA GLN A 72 -6.38 12.02 -3.54
C GLN A 72 -6.73 11.69 -4.98
N PHE A 73 -7.36 10.56 -5.18
CA PHE A 73 -7.74 10.09 -6.51
C PHE A 73 -9.15 9.54 -6.48
N GLU A 74 -9.67 9.19 -7.64
CA GLU A 74 -11.01 8.64 -7.75
C GLU A 74 -10.98 7.16 -8.08
N THR A 75 -9.86 6.70 -8.62
CA THR A 75 -9.73 5.30 -8.99
C THR A 75 -8.49 4.68 -8.36
N LEU A 76 -8.55 3.37 -8.16
CA LEU A 76 -7.45 2.61 -7.58
C LEU A 76 -6.24 2.61 -8.50
N GLN A 77 -6.51 2.45 -9.79
CA GLN A 77 -5.47 2.39 -10.80
C GLN A 77 -4.67 3.69 -10.83
N GLN A 78 -5.36 4.82 -10.78
CA GLN A 78 -4.69 6.12 -10.82
C GLN A 78 -3.83 6.31 -9.58
N LEU A 79 -4.35 5.87 -8.44
CA LEU A 79 -3.62 5.95 -7.18
C LEU A 79 -2.28 5.24 -7.32
N VAL A 80 -2.32 4.02 -7.85
CA VAL A 80 -1.13 3.22 -8.04
C VAL A 80 -0.15 3.93 -8.97
N GLN A 81 -0.65 4.37 -10.12
CA GLN A 81 0.15 5.04 -11.12
C GLN A 81 0.92 6.24 -10.56
N HIS A 82 0.24 7.09 -9.81
CA HIS A 82 0.88 8.28 -9.24
C HIS A 82 1.97 7.90 -8.24
N TYR A 83 1.73 6.88 -7.43
CA TYR A 83 2.71 6.46 -6.44
C TYR A 83 3.84 5.69 -7.12
N SER A 84 3.59 5.24 -8.33
CA SER A 84 4.58 4.51 -9.10
C SER A 84 5.60 5.48 -9.70
N GLU A 85 5.27 6.76 -9.68
CA GLU A 85 6.15 7.79 -10.21
C GLU A 85 7.03 8.34 -9.10
N ARG A 86 6.44 8.48 -7.91
CA ARG A 86 7.16 9.00 -6.76
C ARG A 86 6.34 8.77 -5.48
N ALA A 87 6.92 9.12 -4.36
CA ALA A 87 6.27 8.96 -3.08
C ALA A 87 5.52 10.24 -2.71
N ALA A 88 4.20 10.12 -2.61
CA ALA A 88 3.37 11.27 -2.28
C ALA A 88 3.07 11.33 -0.78
N GLY A 89 3.92 10.72 0.02
CA GLY A 89 3.73 10.72 1.45
C GLY A 89 4.01 9.38 2.10
N LEU A 90 4.22 8.37 1.27
CA LEU A 90 4.48 7.04 1.78
C LEU A 90 5.97 6.89 2.04
N CYS A 91 6.33 5.88 2.81
CA CYS A 91 7.72 5.65 3.12
C CYS A 91 8.48 5.16 1.88
N CYS A 92 7.75 4.61 0.93
CA CYS A 92 8.35 4.13 -0.30
C CYS A 92 7.39 4.33 -1.46
N ARG A 93 7.95 4.54 -2.64
CA ARG A 93 7.15 4.72 -3.84
C ARG A 93 6.89 3.37 -4.48
N LEU A 94 6.02 3.34 -5.47
CA LEU A 94 5.68 2.10 -6.15
C LEU A 94 6.56 1.95 -7.40
N VAL A 95 7.85 1.73 -7.16
CA VAL A 95 8.83 1.58 -8.25
C VAL A 95 8.42 0.47 -9.21
N VAL A 96 8.42 -0.76 -8.72
CA VAL A 96 8.06 -1.91 -9.53
C VAL A 96 6.55 -2.08 -9.51
N PRO A 97 5.99 -2.91 -10.40
CA PRO A 97 4.56 -3.15 -10.44
C PRO A 97 4.18 -4.29 -9.48
N CYS A 98 3.83 -5.44 -10.04
CA CYS A 98 3.43 -6.59 -9.23
C CYS A 98 3.59 -7.87 -10.03
N HIS A 99 4.19 -8.88 -9.42
CA HIS A 99 4.37 -10.17 -10.07
C HIS A 99 4.81 -11.21 -9.05
N LYS A 100 4.60 -12.48 -9.37
CA LYS A 100 4.99 -13.58 -8.48
C LYS A 100 5.78 -14.62 -9.25
N GLU B 1 -7.59 -4.82 17.79
CA GLU B 1 -6.63 -3.94 17.10
C GLU B 1 -6.15 -4.60 15.81
N PRO B 2 -6.60 -4.09 14.65
CA PRO B 2 -6.21 -4.63 13.34
C PRO B 2 -4.78 -4.26 12.97
N GLN B 3 -4.29 -4.86 11.88
CA GLN B 3 -2.92 -4.63 11.43
C GLN B 3 -2.81 -3.36 10.57
N PTR B 4 -3.12 -2.21 11.16
CA PTR B 4 -3.04 -0.95 10.43
C PTR B 4 -1.87 -0.12 10.91
O PTR B 4 -1.69 0.08 12.12
CB PTR B 4 -4.35 -0.17 10.57
CG PTR B 4 -5.55 -0.90 10.00
CD1 PTR B 4 -5.46 -1.59 8.80
CD2 PTR B 4 -6.75 -0.92 10.69
CE1 PTR B 4 -6.54 -2.27 8.30
CE2 PTR B 4 -7.84 -1.60 10.19
CZ PTR B 4 -7.73 -2.28 9.00
OH PTR B 4 -8.81 -2.95 8.50
P PTR B 4 -8.73 -4.55 8.33
O1P PTR B 4 -7.38 -5.09 8.58
O2P PTR B 4 -9.34 -5.05 7.09
O3P PTR B 4 -9.63 -5.15 9.50
H PTR B 4 -3.38 -2.21 12.11
HA PTR B 4 -2.89 -1.19 9.39
HB2 PTR B 4 -4.55 0.03 11.60
HB3 PTR B 4 -4.26 0.76 10.02
HD1 PTR B 4 -4.53 -1.58 8.26
HD2 PTR B 4 -6.83 -0.39 11.62
HE1 PTR B 4 -6.45 -2.80 7.36
HE2 PTR B 4 -8.77 -1.60 10.73
N GLN B 5 -1.09 0.38 9.98
CA GLN B 5 0.08 1.19 10.30
C GLN B 5 0.00 2.53 9.59
N PRO B 6 0.39 3.62 10.28
CA PRO B 6 0.36 4.97 9.71
C PRO B 6 1.53 5.22 8.75
N GLY B 7 1.42 6.28 7.96
CA GLY B 7 2.47 6.63 7.02
C GLY B 7 1.95 7.47 5.88
N GLU B 8 1.15 8.48 6.21
CA GLU B 8 0.59 9.39 5.22
C GLU B 8 1.54 10.54 4.91
N ASN B 9 2.57 10.66 5.74
CA ASN B 9 3.56 11.70 5.58
C ASN B 9 4.97 11.13 5.77
N LEU B 10 5.92 11.65 4.99
CA LEU B 10 7.29 11.19 5.07
C LEU B 10 8.07 12.00 6.09
N TRP A 1 -0.95 -4.47 -10.10
CA TRP A 1 -0.77 -4.07 -8.68
C TRP A 1 -1.31 -5.16 -7.76
N TYR A 2 -2.61 -5.38 -7.79
CA TYR A 2 -3.21 -6.41 -6.97
C TYR A 2 -3.49 -7.65 -7.81
N PHE A 3 -3.43 -8.82 -7.19
CA PHE A 3 -3.67 -10.06 -7.91
C PHE A 3 -4.98 -10.70 -7.49
N GLY A 4 -5.63 -10.12 -6.49
CA GLY A 4 -6.89 -10.62 -6.01
C GLY A 4 -7.10 -10.23 -4.57
N LYS A 5 -7.78 -11.10 -3.84
CA LYS A 5 -8.06 -10.84 -2.44
C LYS A 5 -6.92 -11.36 -1.57
N LEU A 6 -5.83 -10.62 -1.56
CA LEU A 6 -4.68 -11.00 -0.77
C LEU A 6 -4.05 -9.76 -0.17
N GLY A 7 -3.56 -9.87 1.05
CA GLY A 7 -2.96 -8.74 1.71
C GLY A 7 -2.55 -9.05 3.13
N ARG A 8 -3.06 -10.14 3.67
CA ARG A 8 -2.73 -10.52 5.03
C ARG A 8 -1.59 -11.55 5.04
N LYS A 9 -1.92 -12.79 4.76
CA LYS A 9 -0.92 -13.86 4.77
C LYS A 9 -0.21 -13.97 3.42
N ASP A 10 -0.99 -14.13 2.37
CA ASP A 10 -0.45 -14.30 1.02
C ASP A 10 0.46 -13.15 0.62
N ALA A 11 0.14 -11.95 1.09
CA ALA A 11 0.94 -10.78 0.77
C ALA A 11 2.25 -10.77 1.55
N GLU A 12 2.16 -10.91 2.86
CA GLU A 12 3.36 -10.92 3.70
C GLU A 12 4.28 -12.07 3.34
N ARG A 13 3.69 -13.22 3.06
CA ARG A 13 4.46 -14.41 2.73
C ARG A 13 5.20 -14.24 1.41
N GLN A 14 4.61 -13.52 0.45
CA GLN A 14 5.24 -13.31 -0.84
C GLN A 14 6.24 -12.16 -0.79
N LEU A 15 5.92 -11.14 -0.01
CA LEU A 15 6.77 -9.97 0.12
C LEU A 15 8.10 -10.34 0.76
N LEU A 16 8.05 -11.21 1.75
CA LEU A 16 9.24 -11.64 2.46
C LEU A 16 9.72 -13.00 1.95
N SER A 17 9.18 -13.41 0.81
CA SER A 17 9.55 -14.70 0.22
C SER A 17 10.86 -14.61 -0.55
N PHE A 18 10.87 -13.81 -1.60
CA PHE A 18 12.05 -13.66 -2.44
C PHE A 18 12.99 -12.58 -1.89
N GLY A 19 12.43 -11.67 -1.13
CA GLY A 19 13.23 -10.60 -0.57
C GLY A 19 13.35 -9.45 -1.55
N ASN A 20 12.22 -9.08 -2.11
CA ASN A 20 12.15 -8.01 -3.09
C ASN A 20 12.48 -6.66 -2.43
N PRO A 21 13.14 -5.77 -3.17
CA PRO A 21 13.53 -4.45 -2.65
C PRO A 21 12.34 -3.51 -2.49
N ARG A 22 12.64 -2.27 -2.14
CA ARG A 22 11.61 -1.25 -1.96
C ARG A 22 10.89 -1.00 -3.28
N GLY A 23 9.63 -0.63 -3.21
CA GLY A 23 8.86 -0.39 -4.40
C GLY A 23 7.77 -1.42 -4.57
N THR A 24 8.09 -2.68 -4.24
CA THR A 24 7.15 -3.78 -4.36
C THR A 24 5.89 -3.50 -3.55
N PHE A 25 4.74 -3.63 -4.20
CA PHE A 25 3.48 -3.35 -3.54
C PHE A 25 2.33 -4.18 -4.11
N LEU A 26 1.19 -4.04 -3.46
CA LEU A 26 -0.04 -4.71 -3.84
C LEU A 26 -1.19 -4.08 -3.07
N ILE A 27 -2.42 -4.33 -3.49
CA ILE A 27 -3.58 -3.76 -2.82
C ILE A 27 -4.53 -4.85 -2.35
N ARG A 28 -5.00 -4.71 -1.12
CA ARG A 28 -5.94 -5.65 -0.55
C ARG A 28 -7.14 -4.88 -0.04
N GLU A 29 -8.29 -5.49 -0.10
CA GLU A 29 -9.49 -4.83 0.37
C GLU A 29 -9.66 -5.07 1.86
N SER A 30 -9.97 -4.02 2.56
CA SER A 30 -10.17 -4.08 3.99
C SER A 30 -11.36 -4.97 4.31
N GLU A 31 -11.16 -5.92 5.21
CA GLU A 31 -12.23 -6.83 5.59
C GLU A 31 -13.06 -6.23 6.71
N THR A 32 -12.39 -5.56 7.65
CA THR A 32 -13.08 -4.93 8.76
C THR A 32 -13.69 -3.59 8.34
N THR A 33 -13.07 -2.94 7.38
CA THR A 33 -13.54 -1.66 6.88
C THR A 33 -13.88 -1.74 5.40
N LYS A 34 -15.03 -2.30 5.08
CA LYS A 34 -15.43 -2.42 3.69
C LYS A 34 -15.67 -1.05 3.09
N GLY A 35 -15.09 -0.83 1.91
CA GLY A 35 -15.19 0.45 1.25
C GLY A 35 -13.84 1.12 1.21
N ALA A 36 -12.93 0.60 2.03
CA ALA A 36 -11.58 1.10 2.13
C ALA A 36 -10.61 -0.06 1.93
N TYR A 37 -9.32 0.23 1.94
CA TYR A 37 -8.31 -0.79 1.76
C TYR A 37 -7.03 -0.39 2.50
N SER A 38 -5.99 -1.19 2.32
CA SER A 38 -4.72 -0.93 2.97
C SER A 38 -3.58 -1.29 2.02
N LEU A 39 -2.68 -0.35 1.81
CA LEU A 39 -1.56 -0.58 0.91
C LEU A 39 -0.53 -1.49 1.59
N SER A 40 -0.03 -2.46 0.83
CA SER A 40 0.94 -3.40 1.36
C SER A 40 2.29 -3.25 0.66
N ILE A 41 3.22 -2.57 1.33
CA ILE A 41 4.56 -2.38 0.78
C ILE A 41 5.59 -2.96 1.73
N ARG A 42 6.76 -3.30 1.22
CA ARG A 42 7.80 -3.86 2.06
C ARG A 42 8.54 -2.75 2.79
N ASP A 43 8.03 -2.42 3.97
CA ASP A 43 8.61 -1.38 4.81
C ASP A 43 8.94 -1.97 6.16
N TRP A 44 10.14 -1.72 6.63
CA TRP A 44 10.59 -2.28 7.90
C TRP A 44 11.16 -1.22 8.84
N ASP A 45 11.84 -1.69 9.86
CA ASP A 45 12.47 -0.85 10.87
C ASP A 45 13.93 -0.58 10.54
N ASP A 46 14.40 -1.23 9.48
CA ASP A 46 15.80 -1.09 9.02
C ASP A 46 16.76 -1.73 10.00
N MET A 47 16.23 -2.53 10.93
CA MET A 47 17.07 -3.20 11.92
C MET A 47 17.32 -4.63 11.50
N LYS A 48 16.25 -5.29 11.06
CA LYS A 48 16.36 -6.67 10.62
C LYS A 48 16.01 -6.80 9.15
N GLY A 49 15.49 -5.70 8.58
CA GLY A 49 15.15 -5.66 7.16
C GLY A 49 14.19 -6.74 6.70
N ASP A 50 12.98 -6.74 7.23
CA ASP A 50 11.97 -7.73 6.85
C ASP A 50 10.65 -7.47 7.55
N HIS A 51 9.81 -6.66 6.94
CA HIS A 51 8.50 -6.34 7.49
C HIS A 51 7.61 -5.77 6.39
N VAL A 52 6.32 -5.74 6.66
CA VAL A 52 5.35 -5.22 5.71
C VAL A 52 4.49 -4.16 6.37
N LYS A 53 4.42 -2.99 5.75
CA LYS A 53 3.63 -1.90 6.28
C LYS A 53 2.27 -1.88 5.59
N HIS A 54 1.25 -1.51 6.35
CA HIS A 54 -0.10 -1.46 5.83
C HIS A 54 -0.73 -0.11 6.15
N TYR A 55 -0.77 0.75 5.14
CA TYR A 55 -1.36 2.07 5.32
C TYR A 55 -2.87 1.97 5.24
N LYS A 56 -3.53 2.15 6.39
CA LYS A 56 -4.99 2.09 6.44
C LYS A 56 -5.57 3.28 5.69
N ILE A 57 -6.09 3.02 4.51
CA ILE A 57 -6.65 4.06 3.66
C ILE A 57 -8.12 4.29 3.98
N ARG A 58 -8.58 5.51 3.67
CA ARG A 58 -9.96 5.89 3.90
C ARG A 58 -10.68 6.13 2.59
N LYS A 59 -11.99 5.94 2.59
CA LYS A 59 -12.80 6.16 1.41
C LYS A 59 -13.19 7.62 1.32
N LEU A 60 -13.02 8.21 0.15
CA LEU A 60 -13.37 9.60 -0.04
C LEU A 60 -14.87 9.77 -0.11
N ASP A 61 -15.35 10.92 0.33
CA ASP A 61 -16.77 11.22 0.32
C ASP A 61 -17.30 11.28 -1.10
N ASN A 62 -16.41 11.51 -2.06
CA ASN A 62 -16.79 11.58 -3.47
C ASN A 62 -16.77 10.18 -4.10
N GLY A 63 -16.42 9.19 -3.30
CA GLY A 63 -16.37 7.84 -3.79
C GLY A 63 -15.02 7.46 -4.34
N GLY A 64 -13.99 8.17 -3.90
CA GLY A 64 -12.65 7.89 -4.36
C GLY A 64 -11.78 7.33 -3.26
N TYR A 65 -10.48 7.27 -3.50
CA TYR A 65 -9.55 6.74 -2.53
C TYR A 65 -8.39 7.70 -2.35
N TYR A 66 -7.86 7.79 -1.14
CA TYR A 66 -6.73 8.67 -0.87
C TYR A 66 -5.99 8.26 0.39
N ILE A 67 -4.68 8.42 0.37
CA ILE A 67 -3.84 8.09 1.52
C ILE A 67 -3.54 9.37 2.31
N THR A 68 -3.71 10.48 1.62
CA THR A 68 -3.47 11.79 2.19
C THR A 68 -4.18 12.83 1.33
N THR A 69 -4.37 14.02 1.88
CA THR A 69 -5.04 15.08 1.16
C THR A 69 -4.15 15.65 0.07
N ARG A 70 -2.93 15.15 0.00
CA ARG A 70 -1.96 15.61 -0.99
C ARG A 70 -2.14 14.86 -2.30
N ALA A 71 -2.82 13.72 -2.21
CA ALA A 71 -3.05 12.88 -3.38
C ALA A 71 -4.35 12.10 -3.24
N GLN A 72 -5.35 12.49 -4.01
CA GLN A 72 -6.65 11.82 -3.99
C GLN A 72 -7.08 11.47 -5.39
N PHE A 73 -7.70 10.31 -5.54
CA PHE A 73 -8.15 9.84 -6.83
C PHE A 73 -9.52 9.18 -6.70
N GLU A 74 -10.13 8.87 -7.84
CA GLU A 74 -11.44 8.24 -7.85
C GLU A 74 -11.33 6.75 -8.11
N THR A 75 -10.21 6.32 -8.67
CA THR A 75 -9.99 4.92 -8.96
C THR A 75 -8.64 4.49 -8.41
N LEU A 76 -8.55 3.24 -8.01
CA LEU A 76 -7.33 2.68 -7.45
C LEU A 76 -6.22 2.61 -8.48
N GLN A 77 -6.59 2.35 -9.74
CA GLN A 77 -5.61 2.26 -10.81
C GLN A 77 -4.90 3.60 -11.01
N GLN A 78 -5.66 4.68 -10.91
CA GLN A 78 -5.09 6.01 -11.08
C GLN A 78 -4.20 6.37 -9.92
N LEU A 79 -4.60 5.94 -8.74
CA LEU A 79 -3.84 6.18 -7.52
C LEU A 79 -2.46 5.53 -7.65
N VAL A 80 -2.45 4.28 -8.10
CA VAL A 80 -1.22 3.53 -8.26
C VAL A 80 -0.27 4.22 -9.25
N GLN A 81 -0.83 4.68 -10.35
CA GLN A 81 -0.06 5.34 -11.40
C GLN A 81 0.72 6.54 -10.86
N HIS A 82 0.07 7.35 -10.05
CA HIS A 82 0.71 8.54 -9.49
C HIS A 82 1.77 8.19 -8.45
N TYR A 83 1.49 7.18 -7.63
CA TYR A 83 2.44 6.78 -6.60
C TYR A 83 3.57 5.96 -7.21
N SER A 84 3.41 5.60 -8.47
CA SER A 84 4.41 4.85 -9.19
C SER A 84 5.53 5.78 -9.64
N GLU A 85 5.21 7.06 -9.74
CA GLU A 85 6.19 8.06 -10.15
C GLU A 85 7.09 8.42 -8.98
N ARG A 86 6.46 8.69 -7.83
CA ARG A 86 7.18 9.07 -6.63
C ARG A 86 6.34 8.79 -5.41
N ALA A 87 6.89 9.11 -4.26
CA ALA A 87 6.19 8.90 -3.01
C ALA A 87 5.38 10.14 -2.65
N ALA A 88 4.06 10.02 -2.72
CA ALA A 88 3.18 11.14 -2.43
C ALA A 88 2.67 11.07 -0.99
N GLY A 89 3.51 10.55 -0.10
CA GLY A 89 3.12 10.46 1.30
C GLY A 89 3.59 9.18 1.94
N LEU A 90 3.85 8.19 1.12
CA LEU A 90 4.29 6.90 1.62
C LEU A 90 5.77 6.92 1.86
N CYS A 91 6.27 5.94 2.60
CA CYS A 91 7.68 5.87 2.88
C CYS A 91 8.45 5.39 1.65
N CYS A 92 7.75 4.78 0.71
CA CYS A 92 8.35 4.28 -0.51
C CYS A 92 7.41 4.52 -1.69
N ARG A 93 7.96 4.61 -2.89
CA ARG A 93 7.15 4.82 -4.08
C ARG A 93 6.77 3.47 -4.69
N LEU A 94 5.83 3.50 -5.61
CA LEU A 94 5.36 2.29 -6.27
C LEU A 94 6.12 2.10 -7.57
N VAL A 95 7.44 1.97 -7.45
CA VAL A 95 8.31 1.82 -8.62
C VAL A 95 8.38 0.36 -9.05
N VAL A 96 8.24 -0.55 -8.10
CA VAL A 96 8.30 -1.97 -8.38
C VAL A 96 6.91 -2.58 -8.26
N PRO A 97 6.56 -3.45 -9.19
CA PRO A 97 5.27 -4.13 -9.20
C PRO A 97 5.29 -5.35 -8.28
N CYS A 98 5.38 -6.53 -8.89
CA CYS A 98 5.41 -7.82 -8.18
C CYS A 98 5.12 -8.94 -9.16
N HIS A 99 5.20 -10.18 -8.70
CA HIS A 99 4.92 -11.33 -9.54
C HIS A 99 4.53 -12.53 -8.69
N LYS A 100 3.38 -13.10 -9.00
CA LYS A 100 2.88 -14.25 -8.25
C LYS A 100 3.12 -15.53 -9.05
N GLU B 1 1.47 -4.64 18.46
CA GLU B 1 0.41 -3.80 17.85
C GLU B 1 0.32 -4.10 16.35
N PRO B 2 -0.91 -4.25 15.83
CA PRO B 2 -1.12 -4.54 14.40
C PRO B 2 -0.67 -3.39 13.51
N GLN B 3 -0.19 -3.73 12.33
CA GLN B 3 0.27 -2.73 11.38
C GLN B 3 -0.89 -2.15 10.60
N PTR B 4 -1.61 -1.29 11.28
CA PTR B 4 -2.78 -0.62 10.71
C PTR B 4 -2.66 0.88 10.87
O PTR B 4 -3.66 1.59 11.04
CB PTR B 4 -4.05 -1.12 11.40
CG PTR B 4 -4.82 -2.15 10.60
CD1 PTR B 4 -6.14 -1.93 10.25
CD2 PTR B 4 -4.22 -3.33 10.18
CE1 PTR B 4 -6.84 -2.85 9.50
CE2 PTR B 4 -4.91 -4.26 9.44
CZ PTR B 4 -6.22 -4.01 9.10
OH PTR B 4 -6.92 -4.94 8.35
P PTR B 4 -7.65 -4.48 7.00
O1P PTR B 4 -8.24 -5.60 6.23
O2P PTR B 4 -6.87 -3.54 6.18
O3P PTR B 4 -8.92 -3.66 7.49
H PTR B 4 -1.34 -1.09 12.20
HA PTR B 4 -2.82 -0.87 9.66
HB2 PTR B 4 -3.79 -1.58 12.35
HB3 PTR B 4 -4.70 -0.29 11.59
HD1 PTR B 4 -6.62 -1.01 10.56
HD2 PTR B 4 -3.19 -3.52 10.45
HE1 PTR B 4 -7.87 -2.66 9.24
HE2 PTR B 4 -4.43 -5.17 9.13
N GLN B 5 -1.44 1.39 10.81
CA GLN B 5 -1.19 2.81 10.95
C GLN B 5 -0.63 3.40 9.66
N PRO B 6 -1.34 4.38 9.09
CA PRO B 6 -0.91 5.05 7.86
C PRO B 6 0.08 6.18 8.13
N GLY B 7 0.43 6.92 7.08
CA GLY B 7 1.35 8.02 7.22
C GLY B 7 1.53 8.78 5.94
N GLU B 8 1.99 10.02 6.03
CA GLU B 8 2.21 10.85 4.86
C GLU B 8 3.54 11.57 4.96
N ASN B 9 3.81 12.42 3.98
CA ASN B 9 5.06 13.16 3.94
C ASN B 9 4.83 14.61 4.35
N LEU B 10 4.12 15.35 3.52
CA LEU B 10 3.85 16.76 3.78
C LEU B 10 2.72 17.22 2.89
N TRP A 1 -0.56 -4.65 -10.29
CA TRP A 1 -0.45 -4.18 -8.89
C TRP A 1 -1.08 -5.18 -7.94
N TYR A 2 -2.39 -5.34 -7.96
CA TYR A 2 -3.06 -6.28 -7.09
C TYR A 2 -3.17 -7.64 -7.78
N PHE A 3 -3.19 -8.70 -7.00
CA PHE A 3 -3.28 -10.04 -7.54
C PHE A 3 -4.60 -10.71 -7.18
N GLY A 4 -5.41 -9.99 -6.41
CA GLY A 4 -6.70 -10.50 -6.00
C GLY A 4 -7.12 -9.91 -4.68
N LYS A 5 -7.48 -10.77 -3.75
CA LYS A 5 -7.90 -10.31 -2.43
C LYS A 5 -7.02 -10.92 -1.35
N LEU A 6 -5.76 -10.55 -1.37
CA LEU A 6 -4.78 -11.02 -0.41
C LEU A 6 -4.04 -9.81 0.14
N GLY A 7 -3.74 -9.81 1.42
CA GLY A 7 -3.05 -8.68 1.98
C GLY A 7 -2.48 -8.94 3.36
N ARG A 8 -3.04 -9.91 4.06
CA ARG A 8 -2.54 -10.22 5.39
C ARG A 8 -1.63 -11.43 5.38
N LYS A 9 -2.15 -12.55 4.93
CA LYS A 9 -1.38 -13.79 4.92
C LYS A 9 -0.51 -13.92 3.68
N ASP A 10 -1.13 -14.03 2.52
CA ASP A 10 -0.41 -14.23 1.26
C ASP A 10 0.49 -13.06 0.93
N ALA A 11 0.02 -11.85 1.18
CA ALA A 11 0.79 -10.66 0.84
C ALA A 11 2.06 -10.55 1.66
N GLU A 12 1.93 -10.70 2.97
CA GLU A 12 3.07 -10.60 3.87
C GLU A 12 4.05 -11.73 3.60
N ARG A 13 3.52 -12.90 3.26
CA ARG A 13 4.36 -14.05 2.99
C ARG A 13 5.10 -13.89 1.67
N GLN A 14 4.42 -13.40 0.63
CA GLN A 14 5.03 -13.25 -0.68
C GLN A 14 5.99 -12.08 -0.74
N LEU A 15 5.75 -11.08 0.08
CA LEU A 15 6.60 -9.90 0.10
C LEU A 15 7.96 -10.22 0.72
N LEU A 16 7.99 -11.24 1.56
CA LEU A 16 9.23 -11.65 2.23
C LEU A 16 9.66 -13.05 1.79
N SER A 17 8.97 -13.61 0.79
CA SER A 17 9.28 -14.95 0.30
C SER A 17 10.61 -15.00 -0.45
N PHE A 18 10.66 -14.36 -1.61
CA PHE A 18 11.86 -14.36 -2.44
C PHE A 18 12.73 -13.16 -2.14
N GLY A 19 12.27 -12.31 -1.23
CA GLY A 19 13.03 -11.14 -0.86
C GLY A 19 12.76 -9.98 -1.80
N ASN A 20 11.52 -9.50 -1.76
CA ASN A 20 11.11 -8.38 -2.60
C ASN A 20 11.74 -7.09 -2.12
N PRO A 21 12.35 -6.32 -3.02
CA PRO A 21 13.00 -5.06 -2.68
C PRO A 21 11.98 -3.94 -2.45
N ARG A 22 12.48 -2.74 -2.19
CA ARG A 22 11.61 -1.59 -1.97
C ARG A 22 10.85 -1.27 -3.26
N GLY A 23 9.61 -0.85 -3.14
CA GLY A 23 8.82 -0.54 -4.30
C GLY A 23 7.75 -1.56 -4.57
N THR A 24 7.98 -2.80 -4.13
CA THR A 24 7.03 -3.87 -4.31
C THR A 24 5.76 -3.59 -3.51
N PHE A 25 4.60 -3.79 -4.13
CA PHE A 25 3.33 -3.49 -3.49
C PHE A 25 2.18 -4.31 -4.08
N LEU A 26 1.02 -4.16 -3.45
CA LEU A 26 -0.21 -4.82 -3.88
C LEU A 26 -1.38 -4.25 -3.08
N ILE A 27 -2.59 -4.37 -3.63
CA ILE A 27 -3.78 -3.86 -2.96
C ILE A 27 -4.62 -5.01 -2.45
N ARG A 28 -5.10 -4.89 -1.22
CA ARG A 28 -5.94 -5.91 -0.64
C ARG A 28 -7.25 -5.33 -0.17
N GLU A 29 -8.27 -6.15 -0.14
CA GLU A 29 -9.57 -5.72 0.31
C GLU A 29 -9.61 -5.81 1.83
N SER A 30 -10.09 -4.75 2.45
CA SER A 30 -10.16 -4.71 3.90
C SER A 30 -11.04 -5.84 4.44
N GLU A 31 -10.57 -6.48 5.50
CA GLU A 31 -11.28 -7.60 6.08
C GLU A 31 -12.22 -7.15 7.19
N THR A 32 -11.93 -6.00 7.78
CA THR A 32 -12.77 -5.48 8.86
C THR A 32 -13.35 -4.11 8.51
N THR A 33 -12.76 -3.44 7.53
CA THR A 33 -13.22 -2.13 7.12
C THR A 33 -14.01 -2.21 5.83
N LYS A 34 -15.30 -1.95 5.93
CA LYS A 34 -16.16 -2.01 4.76
C LYS A 34 -16.12 -0.70 3.98
N GLY A 35 -15.69 -0.79 2.73
CA GLY A 35 -15.62 0.38 1.86
C GLY A 35 -14.23 0.96 1.80
N ALA A 36 -13.25 0.23 2.30
CA ALA A 36 -11.88 0.68 2.30
C ALA A 36 -10.94 -0.48 2.00
N TYR A 37 -9.65 -0.20 1.94
CA TYR A 37 -8.66 -1.22 1.69
C TYR A 37 -7.34 -0.81 2.32
N SER A 38 -6.33 -1.65 2.20
CA SER A 38 -5.04 -1.35 2.79
C SER A 38 -3.93 -1.63 1.80
N LEU A 39 -2.97 -0.73 1.76
CA LEU A 39 -1.84 -0.87 0.86
C LEU A 39 -0.76 -1.74 1.48
N SER A 40 -0.38 -2.79 0.77
CA SER A 40 0.66 -3.69 1.24
C SER A 40 1.94 -3.40 0.50
N ILE A 41 2.82 -2.65 1.15
CA ILE A 41 4.09 -2.28 0.54
C ILE A 41 5.26 -2.74 1.38
N ARG A 42 6.40 -2.94 0.74
CA ARG A 42 7.61 -3.35 1.44
C ARG A 42 8.15 -2.17 2.23
N ASP A 43 7.76 -2.09 3.48
CA ASP A 43 8.19 -1.01 4.37
C ASP A 43 8.63 -1.62 5.68
N TRP A 44 9.74 -1.12 6.20
CA TRP A 44 10.30 -1.66 7.43
C TRP A 44 10.76 -0.56 8.39
N ASP A 45 11.56 -0.99 9.34
CA ASP A 45 12.12 -0.13 10.37
C ASP A 45 13.47 0.43 9.93
N ASP A 46 13.99 -0.13 8.84
CA ASP A 46 15.28 0.27 8.27
C ASP A 46 16.43 -0.23 9.14
N MET A 47 16.16 -1.22 9.98
CA MET A 47 17.18 -1.79 10.83
C MET A 47 17.56 -3.18 10.32
N LYS A 48 16.56 -3.97 9.95
CA LYS A 48 16.82 -5.31 9.42
C LYS A 48 16.46 -5.39 7.94
N GLY A 49 15.80 -4.34 7.44
CA GLY A 49 15.42 -4.29 6.04
C GLY A 49 14.57 -5.48 5.61
N ASP A 50 13.50 -5.71 6.35
CA ASP A 50 12.62 -6.85 6.07
C ASP A 50 11.31 -6.69 6.81
N HIS A 51 10.29 -6.20 6.12
CA HIS A 51 8.98 -6.01 6.72
C HIS A 51 7.99 -5.52 5.67
N VAL A 52 6.72 -5.51 6.02
CA VAL A 52 5.67 -5.06 5.14
C VAL A 52 4.70 -4.19 5.93
N LYS A 53 4.37 -3.02 5.38
CA LYS A 53 3.47 -2.10 6.06
C LYS A 53 2.12 -2.11 5.39
N HIS A 54 1.09 -1.83 6.19
CA HIS A 54 -0.27 -1.79 5.69
C HIS A 54 -0.87 -0.42 5.96
N TYR A 55 -0.94 0.39 4.91
CA TYR A 55 -1.49 1.74 5.01
C TYR A 55 -3.00 1.71 4.88
N LYS A 56 -3.69 2.12 5.93
CA LYS A 56 -5.14 2.17 5.93
C LYS A 56 -5.64 3.32 5.07
N ILE A 57 -6.17 2.99 3.92
CA ILE A 57 -6.69 3.99 3.00
C ILE A 57 -8.15 4.31 3.37
N ARG A 58 -8.58 5.52 3.09
CA ARG A 58 -9.93 5.92 3.40
C ARG A 58 -10.72 6.24 2.14
N LYS A 59 -12.04 6.17 2.26
CA LYS A 59 -12.93 6.46 1.16
C LYS A 59 -13.20 7.96 1.10
N LEU A 60 -13.07 8.53 -0.08
CA LEU A 60 -13.30 9.95 -0.27
C LEU A 60 -14.78 10.25 -0.25
N ASP A 61 -15.15 11.45 0.17
CA ASP A 61 -16.55 11.84 0.22
C ASP A 61 -17.14 11.93 -1.18
N ASN A 62 -16.26 12.08 -2.17
CA ASN A 62 -16.69 12.16 -3.56
C ASN A 62 -16.80 10.76 -4.17
N GLY A 63 -16.36 9.76 -3.42
CA GLY A 63 -16.43 8.39 -3.90
C GLY A 63 -15.07 7.80 -4.23
N GLY A 64 -14.06 8.65 -4.33
CA GLY A 64 -12.72 8.17 -4.64
C GLY A 64 -12.00 7.56 -3.45
N TYR A 65 -10.69 7.43 -3.55
CA TYR A 65 -9.86 6.87 -2.50
C TYR A 65 -8.63 7.73 -2.27
N TYR A 66 -8.10 7.73 -1.06
CA TYR A 66 -6.93 8.53 -0.74
C TYR A 66 -6.24 8.06 0.54
N ILE A 67 -4.94 8.29 0.61
CA ILE A 67 -4.14 7.94 1.78
C ILE A 67 -3.81 9.20 2.54
N THR A 68 -3.80 10.30 1.81
CA THR A 68 -3.50 11.61 2.37
C THR A 68 -4.27 12.67 1.61
N THR A 69 -4.47 13.83 2.22
CA THR A 69 -5.19 14.91 1.59
C THR A 69 -4.31 15.60 0.55
N ARG A 70 -3.06 15.16 0.46
CA ARG A 70 -2.11 15.71 -0.50
C ARG A 70 -2.11 14.89 -1.78
N ALA A 71 -2.82 13.77 -1.77
CA ALA A 71 -2.90 12.90 -2.93
C ALA A 71 -4.16 12.04 -2.89
N GLN A 72 -5.14 12.41 -3.70
CA GLN A 72 -6.39 11.67 -3.74
C GLN A 72 -6.78 11.35 -5.18
N PHE A 73 -7.43 10.21 -5.37
CA PHE A 73 -7.85 9.76 -6.69
C PHE A 73 -9.24 9.15 -6.60
N GLU A 74 -9.72 8.64 -7.73
CA GLU A 74 -11.04 8.02 -7.76
C GLU A 74 -10.95 6.56 -8.16
N THR A 75 -9.83 6.18 -8.75
CA THR A 75 -9.61 4.81 -9.18
C THR A 75 -8.29 4.28 -8.65
N LEU A 76 -8.25 2.98 -8.39
CA LEU A 76 -7.06 2.32 -7.86
C LEU A 76 -5.90 2.38 -8.85
N GLN A 77 -6.20 2.18 -10.12
CA GLN A 77 -5.17 2.19 -11.16
C GLN A 77 -4.44 3.53 -11.20
N GLN A 78 -5.19 4.61 -11.07
CA GLN A 78 -4.61 5.96 -11.11
C GLN A 78 -3.76 6.20 -9.87
N LEU A 79 -4.23 5.70 -8.74
CA LEU A 79 -3.52 5.82 -7.48
C LEU A 79 -2.14 5.17 -7.58
N VAL A 80 -2.13 3.95 -8.11
CA VAL A 80 -0.89 3.19 -8.27
C VAL A 80 0.09 3.91 -9.19
N GLN A 81 -0.40 4.31 -10.36
CA GLN A 81 0.41 4.99 -11.36
C GLN A 81 1.14 6.22 -10.80
N HIS A 82 0.43 7.03 -10.02
CA HIS A 82 1.03 8.24 -9.46
C HIS A 82 2.06 7.91 -8.39
N TYR A 83 1.78 6.94 -7.55
CA TYR A 83 2.71 6.58 -6.48
C TYR A 83 3.89 5.78 -7.04
N SER A 84 3.78 5.36 -8.28
CA SER A 84 4.83 4.61 -8.95
C SER A 84 5.91 5.57 -9.45
N GLU A 85 5.56 6.84 -9.56
CA GLU A 85 6.49 7.85 -10.04
C GLU A 85 7.31 8.42 -8.89
N ARG A 86 6.67 8.59 -7.75
CA ARG A 86 7.32 9.12 -6.56
C ARG A 86 6.45 8.90 -5.34
N ALA A 87 6.94 9.30 -4.19
CA ALA A 87 6.21 9.14 -2.95
C ALA A 87 5.41 10.39 -2.65
N ALA A 88 4.09 10.23 -2.59
CA ALA A 88 3.20 11.36 -2.33
C ALA A 88 2.73 11.38 -0.88
N GLY A 89 3.53 10.83 0.02
CA GLY A 89 3.15 10.81 1.42
C GLY A 89 3.37 9.46 2.07
N LEU A 90 3.99 8.54 1.35
CA LEU A 90 4.26 7.22 1.87
C LEU A 90 5.74 7.07 2.20
N CYS A 91 6.09 6.03 2.95
CA CYS A 91 7.47 5.80 3.34
C CYS A 91 8.30 5.40 2.12
N CYS A 92 7.63 4.84 1.12
CA CYS A 92 8.27 4.41 -0.10
C CYS A 92 7.30 4.57 -1.26
N ARG A 93 7.84 4.65 -2.45
CA ARG A 93 7.02 4.78 -3.65
C ARG A 93 6.77 3.41 -4.26
N LEU A 94 5.85 3.36 -5.20
CA LEU A 94 5.46 2.11 -5.84
C LEU A 94 6.26 1.89 -7.13
N VAL A 95 7.58 1.97 -7.02
CA VAL A 95 8.43 1.80 -8.19
C VAL A 95 9.03 0.40 -8.26
N VAL A 96 8.31 -0.51 -8.91
CA VAL A 96 8.76 -1.90 -9.08
C VAL A 96 7.80 -2.64 -10.01
N PRO A 97 8.32 -3.62 -10.77
CA PRO A 97 7.55 -4.43 -11.74
C PRO A 97 6.81 -5.59 -11.09
N CYS A 98 6.44 -5.39 -9.85
CA CYS A 98 5.71 -6.36 -9.00
C CYS A 98 4.84 -7.33 -9.80
N HIS A 99 5.21 -8.61 -9.70
CA HIS A 99 4.48 -9.69 -10.36
C HIS A 99 4.85 -10.99 -9.67
N LYS A 100 4.05 -12.03 -9.88
CA LYS A 100 4.32 -13.31 -9.27
C LYS A 100 4.72 -14.33 -10.32
N GLU B 1 -11.50 -1.65 15.48
CA GLU B 1 -10.56 -0.66 14.92
C GLU B 1 -9.35 -1.37 14.31
N PRO B 2 -9.03 -1.06 13.03
CA PRO B 2 -7.89 -1.66 12.32
C PRO B 2 -6.55 -1.12 12.82
N GLN B 3 -5.74 -2.00 13.37
CA GLN B 3 -4.45 -1.62 13.91
C GLN B 3 -3.36 -1.57 12.83
N PTR B 4 -3.59 -0.73 11.82
CA PTR B 4 -2.64 -0.54 10.73
C PTR B 4 -2.90 0.81 10.07
O PTR B 4 -3.46 0.89 8.98
CB PTR B 4 -2.68 -1.68 9.70
CG PTR B 4 -4.06 -2.28 9.42
CD1 PTR B 4 -4.50 -3.38 10.13
CD2 PTR B 4 -4.89 -1.72 8.47
CE1 PTR B 4 -5.76 -3.92 9.88
CE2 PTR B 4 -6.13 -2.27 8.21
CZ PTR B 4 -6.56 -3.36 8.92
OH PTR B 4 -7.83 -3.89 8.70
P PTR B 4 -8.46 -4.04 7.23
O1P PTR B 4 -7.70 -3.39 6.15
O2P PTR B 4 -9.91 -3.76 7.20
O3P PTR B 4 -8.35 -5.60 6.90
H PTR B 4 -4.42 -0.21 11.82
HA PTR B 4 -1.65 -0.51 11.17
HB2 PTR B 4 -2.30 -1.32 8.76
HB3 PTR B 4 -2.05 -2.49 10.05
HD1 PTR B 4 -3.87 -3.82 10.88
HD2 PTR B 4 -4.55 -0.86 7.91
HE1 PTR B 4 -6.09 -4.79 10.44
HE2 PTR B 4 -6.76 -1.81 7.46
N GLN B 5 -2.48 1.87 10.75
CA GLN B 5 -2.68 3.22 10.26
C GLN B 5 -1.44 3.73 9.51
N PRO B 6 -1.64 4.63 8.54
CA PRO B 6 -0.55 5.20 7.76
C PRO B 6 0.13 6.36 8.50
N GLY B 7 1.05 7.01 7.82
CA GLY B 7 1.74 8.14 8.42
C GLY B 7 2.05 9.21 7.39
N GLU B 8 1.89 10.47 7.77
CA GLU B 8 2.14 11.59 6.89
C GLU B 8 3.63 11.77 6.65
N ASN B 9 4.12 11.17 5.59
CA ASN B 9 5.54 11.28 5.24
C ASN B 9 5.82 12.62 4.59
N LEU B 10 6.61 13.44 5.28
CA LEU B 10 6.98 14.76 4.80
C LEU B 10 8.14 15.28 5.62
N TRP A 1 -0.67 -4.58 -10.40
CA TRP A 1 -0.49 -4.06 -9.02
C TRP A 1 -1.05 -5.05 -8.01
N TYR A 2 -2.37 -5.16 -7.94
CA TYR A 2 -2.98 -6.10 -7.02
C TYR A 2 -2.96 -7.49 -7.64
N PHE A 3 -3.09 -8.51 -6.82
CA PHE A 3 -3.05 -9.88 -7.31
C PHE A 3 -4.30 -10.65 -6.91
N GLY A 4 -5.40 -9.92 -6.79
CA GLY A 4 -6.66 -10.52 -6.42
C GLY A 4 -7.20 -9.93 -5.14
N LYS A 5 -7.25 -10.74 -4.11
CA LYS A 5 -7.73 -10.32 -2.82
C LYS A 5 -6.89 -10.96 -1.71
N LEU A 6 -5.69 -10.42 -1.56
CA LEU A 6 -4.75 -10.90 -0.56
C LEU A 6 -4.02 -9.71 0.03
N GLY A 7 -3.65 -9.79 1.29
CA GLY A 7 -2.97 -8.68 1.91
C GLY A 7 -2.43 -8.98 3.30
N ARG A 8 -2.96 -10.02 3.93
CA ARG A 8 -2.52 -10.37 5.27
C ARG A 8 -1.43 -11.44 5.24
N LYS A 9 -1.80 -12.67 4.95
CA LYS A 9 -0.83 -13.77 4.93
C LYS A 9 -0.09 -13.85 3.60
N ASP A 10 -0.86 -14.01 2.53
CA ASP A 10 -0.29 -14.16 1.19
C ASP A 10 0.62 -13.00 0.82
N ALA A 11 0.16 -11.79 1.12
CA ALA A 11 0.93 -10.60 0.79
C ALA A 11 2.23 -10.53 1.56
N GLU A 12 2.14 -10.73 2.86
CA GLU A 12 3.32 -10.68 3.71
C GLU A 12 4.29 -11.78 3.34
N ARG A 13 3.76 -12.95 3.03
CA ARG A 13 4.60 -14.08 2.67
C ARG A 13 5.30 -13.85 1.32
N GLN A 14 4.56 -13.33 0.33
CA GLN A 14 5.14 -13.10 -0.99
C GLN A 14 6.09 -11.91 -0.98
N LEU A 15 5.97 -11.06 0.03
CA LEU A 15 6.82 -9.89 0.13
C LEU A 15 8.15 -10.25 0.79
N LEU A 16 8.16 -11.32 1.57
CA LEU A 16 9.38 -11.74 2.27
C LEU A 16 9.94 -13.05 1.71
N SER A 17 9.21 -13.71 0.81
CA SER A 17 9.63 -14.98 0.23
C SER A 17 10.97 -14.87 -0.52
N PHE A 18 10.95 -14.17 -1.64
CA PHE A 18 12.14 -14.01 -2.47
C PHE A 18 12.88 -12.73 -2.11
N GLY A 19 12.37 -12.04 -1.10
CA GLY A 19 12.99 -10.80 -0.67
C GLY A 19 12.74 -9.69 -1.65
N ASN A 20 11.48 -9.31 -1.76
CA ASN A 20 11.09 -8.25 -2.68
C ASN A 20 11.56 -6.90 -2.15
N PRO A 21 12.36 -6.17 -2.93
CA PRO A 21 12.91 -4.88 -2.53
C PRO A 21 11.86 -3.76 -2.51
N ARG A 22 12.31 -2.54 -2.25
CA ARG A 22 11.42 -1.39 -2.20
C ARG A 22 10.73 -1.20 -3.55
N GLY A 23 9.49 -0.76 -3.50
CA GLY A 23 8.72 -0.55 -4.71
C GLY A 23 7.65 -1.60 -4.90
N THR A 24 7.90 -2.80 -4.37
CA THR A 24 6.94 -3.90 -4.49
C THR A 24 5.71 -3.62 -3.63
N PHE A 25 4.55 -3.59 -4.28
CA PHE A 25 3.30 -3.30 -3.61
C PHE A 25 2.15 -4.14 -4.17
N LEU A 26 0.99 -4.01 -3.53
CA LEU A 26 -0.22 -4.69 -3.93
C LEU A 26 -1.40 -4.11 -3.15
N ILE A 27 -2.60 -4.32 -3.66
CA ILE A 27 -3.81 -3.80 -3.02
C ILE A 27 -4.61 -4.94 -2.40
N ARG A 28 -5.12 -4.72 -1.20
CA ARG A 28 -5.92 -5.71 -0.52
C ARG A 28 -7.10 -5.06 0.16
N GLU A 29 -8.14 -5.84 0.44
CA GLU A 29 -9.34 -5.34 1.08
C GLU A 29 -9.17 -5.37 2.60
N SER A 30 -9.83 -4.45 3.27
CA SER A 30 -9.75 -4.37 4.72
C SER A 30 -10.60 -5.45 5.39
N GLU A 31 -10.23 -5.83 6.59
CA GLU A 31 -10.96 -6.85 7.32
C GLU A 31 -12.06 -6.23 8.14
N THR A 32 -11.71 -5.20 8.89
CA THR A 32 -12.64 -4.52 9.76
C THR A 32 -13.29 -3.30 9.08
N THR A 33 -12.50 -2.55 8.33
CA THR A 33 -12.99 -1.36 7.65
C THR A 33 -13.73 -1.71 6.38
N LYS A 34 -15.05 -1.67 6.44
CA LYS A 34 -15.87 -1.96 5.29
C LYS A 34 -15.95 -0.77 4.35
N GLY A 35 -15.74 -1.01 3.07
CA GLY A 35 -15.79 0.05 2.08
C GLY A 35 -14.43 0.69 1.86
N ALA A 36 -13.42 0.16 2.54
CA ALA A 36 -12.06 0.67 2.44
C ALA A 36 -11.10 -0.49 2.25
N TYR A 37 -9.91 -0.19 1.76
CA TYR A 37 -8.92 -1.23 1.55
C TYR A 37 -7.58 -0.81 2.16
N SER A 38 -6.52 -1.53 1.85
CA SER A 38 -5.21 -1.23 2.40
C SER A 38 -4.11 -1.56 1.41
N LEU A 39 -3.02 -0.82 1.49
CA LEU A 39 -1.88 -1.04 0.62
C LEU A 39 -0.81 -1.84 1.33
N SER A 40 -0.24 -2.79 0.63
CA SER A 40 0.82 -3.62 1.18
C SER A 40 2.11 -3.37 0.43
N ILE A 41 3.03 -2.70 1.08
CA ILE A 41 4.31 -2.36 0.47
C ILE A 41 5.46 -2.74 1.37
N ARG A 42 6.65 -2.86 0.79
CA ARG A 42 7.86 -3.20 1.53
C ARG A 42 8.27 -2.02 2.40
N ASP A 43 7.98 -2.12 3.68
CA ASP A 43 8.32 -1.08 4.63
C ASP A 43 8.73 -1.72 5.95
N TRP A 44 9.90 -1.35 6.43
CA TRP A 44 10.42 -1.93 7.66
C TRP A 44 10.91 -0.86 8.63
N ASP A 45 11.64 -1.31 9.64
CA ASP A 45 12.19 -0.44 10.67
C ASP A 45 13.60 0.00 10.32
N ASP A 46 14.12 -0.56 9.23
CA ASP A 46 15.45 -0.24 8.73
C ASP A 46 16.53 -0.78 9.67
N MET A 47 16.17 -1.76 10.51
CA MET A 47 17.12 -2.33 11.44
C MET A 47 17.41 -3.78 11.06
N LYS A 48 16.38 -4.50 10.63
CA LYS A 48 16.56 -5.89 10.19
C LYS A 48 16.38 -5.99 8.68
N GLY A 49 15.83 -4.93 8.09
CA GLY A 49 15.62 -4.88 6.65
C GLY A 49 14.81 -6.03 6.09
N ASP A 50 13.59 -6.20 6.60
CA ASP A 50 12.69 -7.25 6.14
C ASP A 50 11.34 -7.14 6.83
N HIS A 51 10.40 -6.44 6.19
CA HIS A 51 9.07 -6.23 6.75
C HIS A 51 8.14 -5.65 5.70
N VAL A 52 6.87 -5.65 6.00
CA VAL A 52 5.85 -5.11 5.11
C VAL A 52 4.85 -4.30 5.92
N LYS A 53 4.49 -3.12 5.42
CA LYS A 53 3.56 -2.25 6.13
C LYS A 53 2.21 -2.26 5.43
N HIS A 54 1.15 -2.04 6.21
CA HIS A 54 -0.21 -2.01 5.68
C HIS A 54 -0.79 -0.62 5.89
N TYR A 55 -0.93 0.12 4.82
CA TYR A 55 -1.46 1.47 4.86
C TYR A 55 -2.96 1.46 4.64
N LYS A 56 -3.71 2.07 5.55
CA LYS A 56 -5.16 2.12 5.42
C LYS A 56 -5.60 3.29 4.56
N ILE A 57 -6.42 2.99 3.57
CA ILE A 57 -6.93 4.00 2.66
C ILE A 57 -8.35 4.37 3.09
N ARG A 58 -8.79 5.56 2.70
CA ARG A 58 -10.13 5.99 3.07
C ARG A 58 -10.97 6.28 1.84
N LYS A 59 -12.26 6.44 2.09
CA LYS A 59 -13.21 6.72 1.03
C LYS A 59 -13.45 8.21 0.92
N LEU A 60 -13.33 8.74 -0.29
CA LEU A 60 -13.54 10.16 -0.53
C LEU A 60 -15.02 10.49 -0.57
N ASP A 61 -15.35 11.74 -0.28
CA ASP A 61 -16.74 12.18 -0.31
C ASP A 61 -17.29 12.14 -1.73
N ASN A 62 -16.37 12.13 -2.69
CA ASN A 62 -16.76 12.09 -4.10
C ASN A 62 -16.86 10.65 -4.59
N GLY A 63 -16.50 9.71 -3.73
CA GLY A 63 -16.55 8.31 -4.10
C GLY A 63 -15.17 7.72 -4.37
N GLY A 64 -14.18 8.59 -4.51
CA GLY A 64 -12.82 8.13 -4.78
C GLY A 64 -12.14 7.56 -3.55
N TYR A 65 -10.82 7.41 -3.64
CA TYR A 65 -10.02 6.86 -2.54
C TYR A 65 -8.76 7.69 -2.34
N TYR A 66 -8.25 7.71 -1.12
CA TYR A 66 -7.05 8.47 -0.82
C TYR A 66 -6.37 7.98 0.46
N ILE A 67 -5.05 8.04 0.47
CA ILE A 67 -4.26 7.61 1.63
C ILE A 67 -3.86 8.83 2.44
N THR A 68 -3.89 9.98 1.78
CA THR A 68 -3.53 11.24 2.38
C THR A 68 -4.24 12.37 1.65
N THR A 69 -4.37 13.52 2.29
CA THR A 69 -5.03 14.66 1.68
C THR A 69 -4.12 15.31 0.64
N ARG A 70 -2.90 14.81 0.56
CA ARG A 70 -1.90 15.33 -0.37
C ARG A 70 -2.03 14.65 -1.73
N ALA A 71 -2.81 13.56 -1.76
CA ALA A 71 -3.00 12.79 -2.97
C ALA A 71 -4.30 12.00 -2.92
N GLN A 72 -5.25 12.38 -3.76
CA GLN A 72 -6.55 11.71 -3.81
C GLN A 72 -6.89 11.33 -5.25
N PHE A 73 -7.51 10.17 -5.40
CA PHE A 73 -7.89 9.67 -6.71
C PHE A 73 -9.27 9.06 -6.67
N GLU A 74 -9.74 8.57 -7.81
CA GLU A 74 -11.06 7.95 -7.88
C GLU A 74 -10.98 6.49 -8.29
N THR A 75 -9.83 6.10 -8.82
CA THR A 75 -9.63 4.73 -9.26
C THR A 75 -8.29 4.19 -8.77
N LEU A 76 -8.26 2.90 -8.46
CA LEU A 76 -7.05 2.24 -7.97
C LEU A 76 -5.91 2.32 -8.98
N GLN A 77 -6.23 2.09 -10.25
CA GLN A 77 -5.25 2.12 -11.31
C GLN A 77 -4.53 3.48 -11.38
N GLN A 78 -5.31 4.56 -11.28
CA GLN A 78 -4.73 5.90 -11.34
C GLN A 78 -3.92 6.21 -10.09
N LEU A 79 -4.39 5.69 -8.96
CA LEU A 79 -3.71 5.88 -7.69
C LEU A 79 -2.31 5.30 -7.76
N VAL A 80 -2.22 4.09 -8.30
CA VAL A 80 -0.95 3.39 -8.43
C VAL A 80 0.01 4.15 -9.34
N GLN A 81 -0.49 4.53 -10.51
CA GLN A 81 0.31 5.23 -11.52
C GLN A 81 1.02 6.47 -10.96
N HIS A 82 0.34 7.24 -10.13
CA HIS A 82 0.94 8.44 -9.57
C HIS A 82 2.00 8.10 -8.53
N TYR A 83 1.71 7.13 -7.67
CA TYR A 83 2.64 6.74 -6.62
C TYR A 83 3.86 6.02 -7.21
N SER A 84 3.77 5.67 -8.48
CA SER A 84 4.85 5.00 -9.18
C SER A 84 5.94 6.00 -9.56
N GLU A 85 5.65 7.28 -9.41
CA GLU A 85 6.60 8.32 -9.73
C GLU A 85 7.40 8.70 -8.49
N ARG A 86 6.70 8.78 -7.36
CA ARG A 86 7.32 9.13 -6.09
C ARG A 86 6.35 8.87 -4.96
N ALA A 87 6.80 9.13 -3.74
CA ALA A 87 5.96 8.92 -2.57
C ALA A 87 5.17 10.17 -2.26
N ALA A 88 3.86 10.11 -2.49
CA ALA A 88 2.99 11.26 -2.25
C ALA A 88 2.61 11.37 -0.77
N GLY A 89 2.93 10.33 -0.02
CA GLY A 89 2.61 10.32 1.40
C GLY A 89 2.80 8.95 2.02
N LEU A 90 3.76 8.20 1.50
CA LEU A 90 4.04 6.86 2.00
C LEU A 90 5.52 6.74 2.32
N CYS A 91 5.91 5.65 2.97
CA CYS A 91 7.31 5.42 3.33
C CYS A 91 8.14 4.98 2.13
N CYS A 92 7.47 4.80 1.00
CA CYS A 92 8.13 4.40 -0.23
C CYS A 92 7.20 4.64 -1.42
N ARG A 93 7.77 4.68 -2.60
CA ARG A 93 7.00 4.88 -3.81
C ARG A 93 6.65 3.52 -4.41
N LEU A 94 5.77 3.52 -5.40
CA LEU A 94 5.31 2.29 -6.02
C LEU A 94 6.02 2.06 -7.35
N VAL A 95 7.34 1.90 -7.29
CA VAL A 95 8.12 1.67 -8.50
C VAL A 95 8.78 0.29 -8.48
N VAL A 96 8.17 -0.64 -9.22
CA VAL A 96 8.65 -2.01 -9.33
C VAL A 96 7.77 -2.78 -10.33
N PRO A 97 8.31 -3.83 -10.96
CA PRO A 97 7.60 -4.63 -11.98
C PRO A 97 6.64 -5.66 -11.39
N CYS A 98 6.13 -5.34 -10.20
CA CYS A 98 5.18 -6.14 -9.42
C CYS A 98 4.59 -7.33 -10.18
N HIS A 99 5.06 -8.52 -9.84
CA HIS A 99 4.59 -9.75 -10.45
C HIS A 99 4.85 -10.93 -9.51
N LYS A 100 4.20 -12.04 -9.76
CA LYS A 100 4.38 -13.22 -8.95
C LYS A 100 4.78 -14.39 -9.83
N GLU B 1 -8.54 3.09 16.74
CA GLU B 1 -7.94 3.28 15.40
C GLU B 1 -6.73 2.36 15.23
N PRO B 2 -6.80 1.45 14.24
CA PRO B 2 -5.70 0.51 13.98
C PRO B 2 -4.43 1.21 13.51
N GLN B 3 -3.30 0.56 13.74
CA GLN B 3 -2.00 1.11 13.37
C GLN B 3 -1.69 0.96 11.87
N PTR B 4 -2.43 1.67 11.06
CA PTR B 4 -2.23 1.64 9.61
C PTR B 4 -1.75 3.01 9.12
O PTR B 4 -2.09 3.44 8.01
CB PTR B 4 -3.54 1.31 8.89
CG PTR B 4 -3.97 -0.14 8.93
CD1 PTR B 4 -4.24 -0.79 10.12
CD2 PTR B 4 -4.18 -0.84 7.74
CE1 PTR B 4 -4.70 -2.10 10.13
CE2 PTR B 4 -4.63 -2.13 7.74
CZ PTR B 4 -4.89 -2.76 8.94
OH PTR B 4 -5.38 -4.06 8.93
P PTR B 4 -6.94 -4.34 9.16
O1P PTR B 4 -7.73 -3.12 9.46
O2P PTR B 4 -7.23 -5.46 10.07
O3P PTR B 4 -7.49 -4.82 7.74
H PTR B 4 -3.16 2.23 11.43
HA PTR B 4 -1.49 0.89 9.37
HB2 PTR B 4 -4.33 1.90 9.34
HB3 PTR B 4 -3.44 1.60 7.86
HD1 PTR B 4 -4.07 -0.27 11.05
HD2 PTR B 4 -3.97 -0.34 6.80
HE1 PTR B 4 -4.91 -2.59 11.08
HE2 PTR B 4 -4.77 -2.66 6.81
N GLN B 5 -0.97 3.69 9.95
CA GLN B 5 -0.46 5.02 9.62
C GLN B 5 0.64 4.96 8.55
N PRO B 6 0.65 5.94 7.62
CA PRO B 6 1.65 6.03 6.55
C PRO B 6 2.94 6.72 7.01
N GLY B 7 3.65 7.34 6.08
CA GLY B 7 4.89 8.01 6.42
C GLY B 7 5.36 8.93 5.31
N GLU B 8 6.67 8.98 5.10
CA GLU B 8 7.27 9.82 4.07
C GLU B 8 8.66 9.29 3.71
N ASN B 9 9.15 9.61 2.52
CA ASN B 9 10.45 9.16 2.07
C ASN B 9 10.94 9.96 0.86
N LEU B 10 12.25 10.20 0.81
CA LEU B 10 12.84 10.93 -0.29
C LEU B 10 14.06 10.17 -0.80
#